data_2L5G
#
_entry.id   2L5G
#
loop_
_entity.id
_entity.type
_entity.pdbx_description
1 polymer 'G protein pathway suppressor 2'
2 polymer 'Putative uncharacterized protein NCOR2'
#
loop_
_entity_poly.entity_id
_entity_poly.type
_entity_poly.pdbx_seq_one_letter_code
_entity_poly.pdbx_strand_id
1 'polypeptide(L)' KKEMEERMSLEETKEQILKLEEKLLALQEEKHQLFLQL A
2 'polypeptide(L)' GLSKEELIQNMDRVDREITMVEQQISKLKKKQQQLEEEAAKP B
#
# COMPACT_ATOMS: atom_id res chain seq x y z
N LYS A 1 -28.99 9.36 -16.29
CA LYS A 1 -28.49 8.71 -17.53
C LYS A 1 -28.30 7.22 -17.32
N LYS A 2 -27.63 6.56 -18.22
CA LYS A 2 -27.41 5.08 -18.08
C LYS A 2 -25.92 4.79 -17.86
N GLU A 3 -25.54 3.53 -17.86
CA GLU A 3 -24.11 3.16 -17.64
C GLU A 3 -23.56 3.81 -16.36
N MET A 4 -24.39 3.94 -15.36
CA MET A 4 -23.94 4.57 -14.08
C MET A 4 -23.84 3.51 -12.97
N GLU A 5 -24.62 2.47 -13.07
CA GLU A 5 -24.59 1.40 -12.03
C GLU A 5 -23.19 0.80 -11.93
N GLU A 6 -22.48 0.74 -13.02
CA GLU A 6 -21.10 0.17 -13.01
C GLU A 6 -20.14 1.15 -12.33
N ARG A 7 -20.43 2.42 -12.43
CA ARG A 7 -19.54 3.44 -11.80
C ARG A 7 -19.69 3.40 -10.28
N MET A 8 -20.84 2.99 -9.80
CA MET A 8 -21.06 2.92 -8.33
C MET A 8 -20.24 1.78 -7.72
N SER A 9 -20.06 0.71 -8.46
CA SER A 9 -19.27 -0.44 -7.94
C SER A 9 -17.78 -0.08 -7.92
N LEU A 10 -17.36 0.76 -8.83
CA LEU A 10 -15.92 1.17 -8.88
C LEU A 10 -15.61 2.08 -7.69
N GLU A 11 -16.59 2.80 -7.20
CA GLU A 11 -16.35 3.71 -6.04
C GLU A 11 -16.07 2.89 -4.78
N GLU A 12 -16.62 1.70 -4.70
CA GLU A 12 -16.39 0.84 -3.51
C GLU A 12 -14.98 0.25 -3.57
N THR A 13 -14.52 -0.08 -4.75
CA THR A 13 -13.15 -0.66 -4.88
C THR A 13 -12.09 0.42 -4.62
N LYS A 14 -12.42 1.65 -4.93
CA LYS A 14 -11.45 2.77 -4.68
C LYS A 14 -11.28 2.99 -3.17
N GLU A 15 -12.29 2.69 -2.41
CA GLU A 15 -12.20 2.88 -0.93
C GLU A 15 -11.18 1.91 -0.34
N GLN A 16 -11.06 0.74 -0.93
CA GLN A 16 -10.08 -0.26 -0.41
C GLN A 16 -8.66 0.12 -0.87
N ILE A 17 -8.56 0.73 -2.03
CA ILE A 17 -7.22 1.14 -2.55
C ILE A 17 -6.76 2.40 -1.82
N LEU A 18 -7.68 3.22 -1.40
CA LEU A 18 -7.30 4.47 -0.67
C LEU A 18 -6.84 4.12 0.75
N LYS A 19 -7.42 3.10 1.33
CA LYS A 19 -7.01 2.69 2.71
C LYS A 19 -5.57 2.17 2.68
N LEU A 20 -5.16 1.59 1.59
CA LEU A 20 -3.77 1.06 1.49
C LEU A 20 -2.76 2.22 1.62
N GLU A 21 -3.15 3.39 1.18
CA GLU A 21 -2.22 4.56 1.29
C GLU A 21 -1.94 4.87 2.76
N GLU A 22 -2.92 4.71 3.60
CA GLU A 22 -2.72 4.97 5.06
C GLU A 22 -1.95 3.82 5.69
N LYS A 23 -2.14 2.63 5.17
CA LYS A 23 -1.41 1.45 5.73
C LYS A 23 0.04 1.45 5.23
N LEU A 24 0.27 1.99 4.05
CA LEU A 24 1.65 2.03 3.51
C LEU A 24 2.43 3.17 4.17
N LEU A 25 1.74 4.23 4.51
CA LEU A 25 2.42 5.39 5.18
C LEU A 25 2.70 5.04 6.64
N ALA A 26 1.86 4.23 7.24
CA ALA A 26 2.08 3.83 8.66
C ALA A 26 3.28 2.89 8.75
N LEU A 27 3.52 2.12 7.72
CA LEU A 27 4.68 1.18 7.73
C LEU A 27 5.99 1.97 7.70
N GLN A 28 6.04 3.00 6.89
CA GLN A 28 7.29 3.83 6.83
C GLN A 28 7.49 4.59 8.14
N GLU A 29 6.41 4.93 8.79
CA GLU A 29 6.52 5.66 10.10
C GLU A 29 7.13 4.72 11.15
N GLU A 30 6.89 3.44 11.03
CA GLU A 30 7.44 2.48 12.03
C GLU A 30 8.97 2.46 11.92
N LYS A 31 9.50 2.41 10.73
CA LYS A 31 10.97 2.40 10.55
C LYS A 31 11.55 3.72 11.05
N HIS A 32 10.80 4.79 10.91
CA HIS A 32 11.28 6.13 11.38
C HIS A 32 11.45 6.11 12.90
N GLN A 33 10.65 5.33 13.58
CA GLN A 33 10.76 5.27 15.07
C GLN A 33 12.10 4.65 15.46
N LEU A 34 12.59 3.73 14.67
CA LEU A 34 13.91 3.09 14.99
C LEU A 34 15.03 4.13 14.89
N PHE A 35 14.87 5.09 14.01
CA PHE A 35 15.92 6.15 13.85
C PHE A 35 16.07 6.92 15.17
N LEU A 36 14.98 7.12 15.87
CA LEU A 36 15.05 7.87 17.16
C LEU A 36 15.92 7.11 18.16
N GLN A 37 15.97 5.80 18.04
CA GLN A 37 16.80 4.99 18.96
C GLN A 37 18.11 4.56 18.27
N LEU A 38 18.16 4.59 16.96
CA LEU A 38 19.40 4.19 16.24
C LEU A 38 20.60 5.01 16.72
N GLY B 1 21.14 3.26 23.39
CA GLY B 1 21.25 2.25 22.30
C GLY B 1 21.63 0.90 22.89
N LEU B 2 22.39 0.11 22.16
CA LEU B 2 22.80 -1.22 22.67
C LEU B 2 24.22 -1.57 22.19
N SER B 3 24.40 -1.79 20.92
CA SER B 3 25.77 -2.13 20.40
C SER B 3 25.99 -1.53 19.00
N LYS B 4 25.18 -0.57 18.60
CA LYS B 4 25.34 0.05 17.25
C LYS B 4 25.41 -1.03 16.16
N GLU B 5 24.85 -2.18 16.42
CA GLU B 5 24.87 -3.28 15.42
C GLU B 5 23.61 -4.12 15.56
N GLU B 6 23.26 -4.48 16.77
CA GLU B 6 22.03 -5.29 16.98
C GLU B 6 20.80 -4.44 16.66
N LEU B 7 20.88 -3.16 16.93
CA LEU B 7 19.74 -2.25 16.63
C LEU B 7 19.72 -1.94 15.13
N ILE B 8 20.87 -1.98 14.50
CA ILE B 8 20.94 -1.70 13.03
C ILE B 8 20.29 -2.86 12.27
N GLN B 9 20.40 -4.06 12.80
CA GLN B 9 19.80 -5.24 12.11
C GLN B 9 18.28 -5.17 12.17
N ASN B 10 17.74 -4.57 13.21
CA ASN B 10 16.26 -4.45 13.33
C ASN B 10 15.70 -3.50 12.27
N MET B 11 16.50 -2.53 11.85
CA MET B 11 16.04 -1.57 10.81
C MET B 11 15.94 -2.27 9.45
N ASP B 12 16.76 -3.25 9.23
CA ASP B 12 16.74 -3.98 7.92
C ASP B 12 15.53 -4.91 7.86
N ARG B 13 15.10 -5.41 8.99
CA ARG B 13 13.92 -6.32 9.02
C ARG B 13 12.63 -5.52 8.84
N VAL B 14 12.62 -4.31 9.33
CA VAL B 14 11.39 -3.46 9.20
C VAL B 14 11.27 -2.96 7.76
N ASP B 15 12.38 -2.79 7.08
CA ASP B 15 12.33 -2.32 5.67
C ASP B 15 11.81 -3.43 4.75
N ARG B 16 12.02 -4.67 5.12
CA ARG B 16 11.53 -5.80 4.29
C ARG B 16 10.01 -5.94 4.44
N GLU B 17 9.47 -5.56 5.56
CA GLU B 17 8.00 -5.66 5.77
C GLU B 17 7.27 -4.59 4.96
N ILE B 18 7.91 -3.47 4.72
CA ILE B 18 7.27 -2.37 3.93
C ILE B 18 7.20 -2.77 2.46
N THR B 19 8.12 -3.60 2.01
CA THR B 19 8.11 -4.03 0.58
C THR B 19 6.94 -4.98 0.32
N MET B 20 6.55 -5.74 1.32
CA MET B 20 5.41 -6.69 1.14
C MET B 20 4.10 -5.91 1.07
N VAL B 21 3.92 -4.93 1.93
CA VAL B 21 2.66 -4.13 1.90
C VAL B 21 2.66 -3.23 0.66
N GLU B 22 3.82 -2.81 0.23
CA GLU B 22 3.90 -1.93 -0.99
C GLU B 22 3.67 -2.77 -2.25
N GLN B 23 4.03 -4.04 -2.20
CA GLN B 23 3.83 -4.92 -3.39
C GLN B 23 2.35 -5.24 -3.56
N GLN B 24 1.60 -5.26 -2.48
CA GLN B 24 0.15 -5.57 -2.56
C GLN B 24 -0.61 -4.38 -3.17
N ILE B 25 -0.14 -3.18 -2.92
CA ILE B 25 -0.82 -1.97 -3.47
C ILE B 25 -0.54 -1.87 -4.96
N SER B 26 0.61 -2.32 -5.40
CA SER B 26 0.96 -2.25 -6.85
C SER B 26 0.09 -3.25 -7.62
N LYS B 27 -0.19 -4.38 -7.03
CA LYS B 27 -1.04 -5.39 -7.72
C LYS B 27 -2.51 -4.96 -7.65
N LEU B 28 -2.88 -4.29 -6.59
CA LEU B 28 -4.29 -3.82 -6.47
C LEU B 28 -4.52 -2.64 -7.42
N LYS B 29 -3.48 -1.86 -7.66
CA LYS B 29 -3.63 -0.69 -8.58
C LYS B 29 -3.86 -1.19 -10.00
N LYS B 30 -3.17 -2.23 -10.40
CA LYS B 30 -3.36 -2.78 -11.77
C LYS B 30 -4.74 -3.41 -11.88
N LYS B 31 -5.23 -3.97 -10.80
CA LYS B 31 -6.59 -4.59 -10.82
C LYS B 31 -7.63 -3.50 -11.09
N GLN B 32 -7.39 -2.32 -10.57
CA GLN B 32 -8.34 -1.20 -10.80
C GLN B 32 -8.42 -0.88 -12.30
N GLN B 33 -7.35 -1.11 -13.01
CA GLN B 33 -7.35 -0.84 -14.47
C GLN B 33 -8.41 -1.69 -15.16
N GLN B 34 -8.43 -2.96 -14.86
CA GLN B 34 -9.44 -3.87 -15.49
C GLN B 34 -10.85 -3.43 -15.09
N LEU B 35 -11.05 -3.06 -13.86
CA LEU B 35 -12.40 -2.60 -13.41
C LEU B 35 -12.70 -1.22 -13.99
N GLU B 36 -11.70 -0.38 -14.08
CA GLU B 36 -11.91 0.99 -14.65
C GLU B 36 -12.02 0.91 -16.17
N GLU B 37 -11.37 -0.06 -16.77
CA GLU B 37 -11.44 -0.21 -18.25
C GLU B 37 -12.74 -0.91 -18.64
N GLU B 38 -13.26 -1.75 -17.78
CA GLU B 38 -14.54 -2.46 -18.09
C GLU B 38 -15.73 -1.52 -17.83
N ALA B 39 -15.57 -0.59 -16.91
CA ALA B 39 -16.68 0.36 -16.60
C ALA B 39 -16.73 1.46 -17.65
N ALA B 40 -15.63 1.74 -18.29
CA ALA B 40 -15.61 2.81 -19.34
C ALA B 40 -16.06 2.25 -20.68
N LYS B 41 -15.89 0.96 -20.90
CA LYS B 41 -16.30 0.34 -22.19
C LYS B 41 -17.82 0.54 -22.41
N PRO B 42 -18.22 0.64 -23.65
CA PRO B 42 -19.67 0.83 -23.95
C PRO B 42 -20.44 -0.47 -23.71
N LYS A 1 -28.16 -7.03 -16.29
CA LYS A 1 -27.19 -6.10 -15.66
C LYS A 1 -27.43 -4.67 -16.16
N LYS A 2 -26.82 -3.70 -15.54
CA LYS A 2 -27.01 -2.29 -15.97
C LYS A 2 -25.67 -1.67 -16.36
N GLU A 3 -25.69 -0.50 -16.97
CA GLU A 3 -24.41 0.16 -17.37
C GLU A 3 -23.96 1.13 -16.28
N MET A 4 -24.89 1.69 -15.54
CA MET A 4 -24.52 2.64 -14.45
C MET A 4 -23.97 1.89 -13.25
N GLU A 5 -24.39 0.67 -13.06
CA GLU A 5 -23.89 -0.14 -11.90
C GLU A 5 -22.37 -0.31 -11.98
N GLU A 6 -21.82 -0.27 -13.17
CA GLU A 6 -20.35 -0.44 -13.33
C GLU A 6 -19.63 0.81 -12.81
N ARG A 7 -20.24 1.96 -12.94
CA ARG A 7 -19.60 3.22 -12.46
C ARG A 7 -19.69 3.29 -10.94
N MET A 8 -20.72 2.73 -10.37
CA MET A 8 -20.87 2.75 -8.88
C MET A 8 -19.88 1.78 -8.25
N SER A 9 -19.54 0.73 -8.95
CA SER A 9 -18.58 -0.27 -8.39
C SER A 9 -17.17 0.35 -8.34
N LEU A 10 -16.88 1.27 -9.23
CA LEU A 10 -15.54 1.91 -9.23
C LEU A 10 -15.36 2.79 -7.98
N GLU A 11 -16.44 3.32 -7.47
CA GLU A 11 -16.35 4.17 -6.26
C GLU A 11 -16.16 3.30 -5.01
N GLU A 12 -16.73 2.13 -5.02
CA GLU A 12 -16.58 1.22 -3.84
C GLU A 12 -15.19 0.57 -3.85
N THR A 13 -14.66 0.36 -5.02
CA THR A 13 -13.29 -0.25 -5.12
C THR A 13 -12.23 0.78 -4.72
N LYS A 14 -12.51 2.04 -4.96
CA LYS A 14 -11.51 3.10 -4.60
C LYS A 14 -11.44 3.24 -3.08
N GLU A 15 -12.51 2.91 -2.38
CA GLU A 15 -12.51 3.03 -0.89
C GLU A 15 -11.57 1.98 -0.29
N GLN A 16 -11.48 0.82 -0.90
CA GLN A 16 -10.58 -0.24 -0.37
C GLN A 16 -9.13 0.09 -0.68
N ILE A 17 -8.89 0.68 -1.83
CA ILE A 17 -7.50 1.05 -2.21
C ILE A 17 -7.03 2.24 -1.36
N LEU A 18 -7.97 3.05 -0.91
CA LEU A 18 -7.59 4.23 -0.07
C LEU A 18 -7.10 3.74 1.30
N LYS A 19 -7.70 2.71 1.82
CA LYS A 19 -7.27 2.18 3.15
C LYS A 19 -5.91 1.49 3.01
N LEU A 20 -5.64 0.93 1.87
CA LEU A 20 -4.33 0.24 1.66
C LEU A 20 -3.20 1.27 1.54
N GLU A 21 -3.52 2.48 1.10
CA GLU A 21 -2.47 3.53 0.98
C GLU A 21 -2.11 4.05 2.36
N GLU A 22 -3.06 4.07 3.27
CA GLU A 22 -2.76 4.55 4.66
C GLU A 22 -1.95 3.49 5.40
N LYS A 23 -2.18 2.24 5.08
CA LYS A 23 -1.43 1.14 5.76
C LYS A 23 0.04 1.19 5.36
N LEU A 24 0.32 1.66 4.16
CA LEU A 24 1.74 1.74 3.69
C LEU A 24 2.43 2.92 4.37
N LEU A 25 1.68 3.94 4.71
CA LEU A 25 2.29 5.13 5.39
C LEU A 25 2.58 4.79 6.85
N ALA A 26 1.76 3.97 7.44
CA ALA A 26 1.98 3.58 8.87
C ALA A 26 3.21 2.67 8.98
N LEU A 27 3.49 1.93 7.94
CA LEU A 27 4.68 1.02 7.97
C LEU A 27 5.96 1.85 7.88
N GLN A 28 5.98 2.84 7.03
CA GLN A 28 7.20 3.69 6.89
C GLN A 28 7.41 4.49 8.18
N GLU A 29 6.35 4.82 8.87
CA GLU A 29 6.49 5.59 10.14
C GLU A 29 7.17 4.73 11.20
N GLU A 30 6.99 3.43 11.12
CA GLU A 30 7.64 2.52 12.12
C GLU A 30 9.16 2.56 11.95
N LYS A 31 9.64 2.44 10.73
CA LYS A 31 11.11 2.48 10.50
C LYS A 31 11.66 3.85 10.91
N HIS A 32 10.84 4.87 10.82
CA HIS A 32 11.30 6.24 11.21
C HIS A 32 11.60 6.28 12.71
N GLN A 33 10.91 5.48 13.49
CA GLN A 33 11.16 5.45 14.96
C GLN A 33 12.58 4.96 15.24
N LEU A 34 13.01 3.94 14.54
CA LEU A 34 14.38 3.39 14.74
C LEU A 34 15.42 4.46 14.43
N PHE A 35 15.11 5.37 13.53
CA PHE A 35 16.08 6.45 13.18
C PHE A 35 16.35 7.31 14.41
N LEU A 36 15.36 7.51 15.24
CA LEU A 36 15.56 8.33 16.47
C LEU A 36 16.28 7.50 17.53
N GLN A 37 16.08 6.21 17.52
CA GLN A 37 16.76 5.32 18.51
C GLN A 37 18.11 4.84 18.00
N LEU A 38 18.38 4.99 16.71
CA LEU A 38 19.68 4.53 16.14
C LEU A 38 20.85 5.17 16.91
N GLY B 1 22.13 4.32 22.23
CA GLY B 1 22.17 3.23 21.22
C GLY B 1 22.64 1.93 21.89
N LEU B 2 23.33 1.09 21.17
CA LEU B 2 23.82 -0.19 21.76
C LEU B 2 25.18 -0.59 21.16
N SER B 3 25.22 -1.07 19.95
CA SER B 3 26.53 -1.45 19.33
C SER B 3 26.58 -1.01 17.86
N LYS B 4 25.76 -0.05 17.48
CA LYS B 4 25.77 0.43 16.05
C LYS B 4 25.68 -0.75 15.08
N GLU B 5 25.11 -1.83 15.51
CA GLU B 5 24.97 -3.04 14.63
C GLU B 5 23.74 -3.83 15.03
N GLU B 6 23.55 -4.05 16.30
CA GLU B 6 22.36 -4.82 16.75
C GLU B 6 21.09 -4.00 16.50
N LEU B 7 21.20 -2.69 16.54
CA LEU B 7 20.02 -1.82 16.29
C LEU B 7 19.81 -1.67 14.78
N ILE B 8 20.87 -1.73 14.03
CA ILE B 8 20.76 -1.60 12.54
C ILE B 8 20.19 -2.92 11.99
N GLN B 9 20.47 -4.02 12.64
CA GLN B 9 19.92 -5.32 12.16
C GLN B 9 18.40 -5.29 12.27
N ASN B 10 17.89 -4.60 13.26
CA ASN B 10 16.41 -4.49 13.42
C ASN B 10 15.86 -3.51 12.39
N MET B 11 16.64 -2.52 12.02
CA MET B 11 16.18 -1.53 11.01
C MET B 11 16.08 -2.20 9.63
N ASP B 12 16.88 -3.20 9.39
CA ASP B 12 16.84 -3.91 8.07
C ASP B 12 15.60 -4.80 7.99
N ARG B 13 15.16 -5.31 9.12
CA ARG B 13 13.96 -6.20 9.12
C ARG B 13 12.69 -5.37 8.93
N VAL B 14 12.71 -4.14 9.37
CA VAL B 14 11.51 -3.26 9.22
C VAL B 14 11.41 -2.77 7.77
N ASP B 15 12.52 -2.65 7.11
CA ASP B 15 12.49 -2.18 5.68
C ASP B 15 12.02 -3.30 4.77
N ARG B 16 12.25 -4.54 5.15
CA ARG B 16 11.82 -5.69 4.30
C ARG B 16 10.30 -5.89 4.43
N GLU B 17 9.74 -5.52 5.56
CA GLU B 17 8.27 -5.68 5.76
C GLU B 17 7.51 -4.61 4.97
N ILE B 18 8.10 -3.47 4.79
CA ILE B 18 7.41 -2.37 4.02
C ILE B 18 7.43 -2.71 2.53
N THR B 19 8.43 -3.43 2.08
CA THR B 19 8.49 -3.80 0.63
C THR B 19 7.41 -4.84 0.32
N MET B 20 7.10 -5.69 1.27
CA MET B 20 6.06 -6.73 1.04
C MET B 20 4.68 -6.06 1.00
N VAL B 21 4.40 -5.19 1.93
CA VAL B 21 3.08 -4.50 1.95
C VAL B 21 2.97 -3.58 0.73
N GLU B 22 4.09 -3.05 0.29
CA GLU B 22 4.08 -2.14 -0.90
C GLU B 22 3.68 -2.92 -2.15
N GLN B 23 4.08 -4.17 -2.22
CA GLN B 23 3.73 -5.00 -3.42
C GLN B 23 2.22 -5.22 -3.47
N GLN B 24 1.56 -5.22 -2.34
CA GLN B 24 0.09 -5.42 -2.31
C GLN B 24 -0.64 -4.17 -2.80
N ILE B 25 -0.01 -3.03 -2.71
CA ILE B 25 -0.68 -1.76 -3.17
C ILE B 25 -0.58 -1.67 -4.70
N SER B 26 0.54 -2.09 -5.25
CA SER B 26 0.71 -2.03 -6.73
C SER B 26 -0.16 -3.10 -7.40
N LYS B 27 -0.38 -4.20 -6.72
CA LYS B 27 -1.22 -5.28 -7.31
C LYS B 27 -2.69 -4.89 -7.24
N LEU B 28 -3.11 -4.25 -6.17
CA LEU B 28 -4.53 -3.82 -6.07
C LEU B 28 -4.78 -2.65 -7.02
N LYS B 29 -3.77 -1.85 -7.27
CA LYS B 29 -3.94 -0.70 -8.20
C LYS B 29 -4.18 -1.22 -9.62
N LYS B 30 -3.51 -2.30 -9.98
CA LYS B 30 -3.70 -2.88 -11.34
C LYS B 30 -5.12 -3.43 -11.46
N LYS B 31 -5.67 -3.90 -10.37
CA LYS B 31 -7.07 -4.44 -10.39
C LYS B 31 -8.04 -3.33 -10.79
N GLN B 32 -7.80 -2.14 -10.32
CA GLN B 32 -8.70 -0.99 -10.67
C GLN B 32 -8.67 -0.75 -12.18
N GLN B 33 -7.55 -1.04 -12.81
CA GLN B 33 -7.45 -0.84 -14.28
C GLN B 33 -8.47 -1.72 -15.00
N GLN B 34 -8.63 -2.93 -14.55
CA GLN B 34 -9.61 -3.86 -15.21
C GLN B 34 -11.03 -3.30 -15.05
N LEU B 35 -11.34 -2.74 -13.91
CA LEU B 35 -12.70 -2.16 -13.69
C LEU B 35 -12.84 -0.86 -14.47
N GLU B 36 -11.76 -0.15 -14.65
CA GLU B 36 -11.82 1.13 -15.42
C GLU B 36 -11.89 0.84 -16.92
N GLU B 37 -11.31 -0.25 -17.34
CA GLU B 37 -11.34 -0.60 -18.79
C GLU B 37 -12.70 -1.20 -19.15
N GLU B 38 -13.35 -1.83 -18.21
CA GLU B 38 -14.69 -2.43 -18.48
C GLU B 38 -15.76 -1.33 -18.46
N ALA B 39 -15.54 -0.30 -17.70
CA ALA B 39 -16.54 0.81 -17.63
C ALA B 39 -16.42 1.72 -18.87
N ALA B 40 -15.24 1.75 -19.47
CA ALA B 40 -15.05 2.61 -20.68
C ALA B 40 -15.52 1.86 -21.94
N LYS B 41 -15.56 0.56 -21.90
CA LYS B 41 -15.99 -0.22 -23.09
C LYS B 41 -17.42 0.18 -23.50
N PRO B 42 -17.74 0.01 -24.77
CA PRO B 42 -19.10 0.38 -25.26
C PRO B 42 -20.13 -0.64 -24.76
N LYS A 1 -33.09 3.65 -13.30
CA LYS A 1 -31.80 3.65 -14.05
C LYS A 1 -30.99 2.40 -13.70
N LYS A 2 -31.27 1.30 -14.35
CA LYS A 2 -30.51 0.04 -14.06
C LYS A 2 -29.25 -0.02 -14.93
N GLU A 3 -28.67 -1.20 -15.06
CA GLU A 3 -27.43 -1.34 -15.88
C GLU A 3 -26.36 -0.34 -15.45
N MET A 4 -26.42 0.11 -14.22
CA MET A 4 -25.41 1.09 -13.73
C MET A 4 -24.88 0.66 -12.35
N GLU A 5 -25.00 -0.59 -12.01
CA GLU A 5 -24.51 -1.06 -10.69
C GLU A 5 -23.02 -1.39 -10.77
N GLU A 6 -22.55 -1.79 -11.92
CA GLU A 6 -21.10 -2.12 -12.07
C GLU A 6 -20.25 -0.85 -11.90
N ARG A 7 -20.78 0.28 -12.30
CA ARG A 7 -20.02 1.55 -12.16
C ARG A 7 -19.98 1.98 -10.70
N MET A 8 -21.05 1.75 -9.98
CA MET A 8 -21.09 2.13 -8.54
C MET A 8 -20.15 1.22 -7.74
N SER A 9 -19.98 0.01 -8.18
CA SER A 9 -19.07 -0.94 -7.46
C SER A 9 -17.63 -0.43 -7.56
N LEU A 10 -17.31 0.25 -8.63
CA LEU A 10 -15.92 0.78 -8.79
C LEU A 10 -15.61 1.78 -7.68
N GLU A 11 -16.61 2.46 -7.18
CA GLU A 11 -16.39 3.45 -6.09
C GLU A 11 -16.07 2.73 -4.78
N GLU A 12 -16.60 1.55 -4.61
CA GLU A 12 -16.35 0.77 -3.35
C GLU A 12 -14.93 0.20 -3.39
N THR A 13 -14.45 -0.17 -4.55
CA THR A 13 -13.08 -0.72 -4.66
C THR A 13 -12.04 0.38 -4.42
N LYS A 14 -12.37 1.59 -4.77
CA LYS A 14 -11.42 2.73 -4.56
C LYS A 14 -11.25 2.99 -3.06
N GLU A 15 -12.27 2.71 -2.28
CA GLU A 15 -12.16 2.94 -0.80
C GLU A 15 -11.13 1.99 -0.19
N GLN A 16 -11.00 0.82 -0.75
CA GLN A 16 -10.01 -0.16 -0.21
C GLN A 16 -8.60 0.23 -0.66
N ILE A 17 -8.48 0.81 -1.83
CA ILE A 17 -7.14 1.23 -2.33
C ILE A 17 -6.70 2.51 -1.62
N LEU A 18 -7.64 3.32 -1.19
CA LEU A 18 -7.29 4.58 -0.48
C LEU A 18 -6.83 4.25 0.95
N LYS A 19 -7.40 3.24 1.54
CA LYS A 19 -7.00 2.86 2.93
C LYS A 19 -5.60 2.24 2.92
N LEU A 20 -5.28 1.50 1.89
CA LEU A 20 -3.93 0.86 1.81
C LEU A 20 -2.87 1.94 1.60
N GLU A 21 -3.23 3.05 0.99
CA GLU A 21 -2.24 4.14 0.76
C GLU A 21 -1.84 4.75 2.11
N GLU A 22 -2.78 4.82 3.02
CA GLU A 22 -2.46 5.40 4.37
C GLU A 22 -1.67 4.37 5.18
N LYS A 23 -1.91 3.11 4.95
CA LYS A 23 -1.17 2.05 5.68
C LYS A 23 0.28 2.00 5.20
N LEU A 24 0.51 2.33 3.96
CA LEU A 24 1.90 2.31 3.42
C LEU A 24 2.69 3.48 4.00
N LEU A 25 2.02 4.57 4.28
CA LEU A 25 2.72 5.75 4.86
C LEU A 25 3.00 5.52 6.35
N ALA A 26 2.12 4.81 7.00
CA ALA A 26 2.33 4.52 8.46
C ALA A 26 3.44 3.48 8.61
N LEU A 27 3.58 2.60 7.66
CA LEU A 27 4.65 1.56 7.73
C LEU A 27 6.01 2.24 7.66
N GLN A 28 6.12 3.32 6.92
CA GLN A 28 7.41 4.05 6.83
C GLN A 28 7.70 4.77 8.14
N GLU A 29 6.66 5.20 8.82
CA GLU A 29 6.85 5.91 10.13
C GLU A 29 7.39 4.94 11.17
N GLU A 30 7.05 3.68 11.04
CA GLU A 30 7.54 2.66 12.02
C GLU A 30 9.05 2.51 11.89
N LYS A 31 9.56 2.42 10.69
CA LYS A 31 11.02 2.28 10.50
C LYS A 31 11.74 3.55 10.95
N HIS A 32 11.08 4.68 10.82
CA HIS A 32 11.70 5.97 11.25
C HIS A 32 11.81 6.03 12.77
N GLN A 33 10.91 5.36 13.46
CA GLN A 33 10.97 5.37 14.96
C GLN A 33 12.20 4.61 15.43
N LEU A 34 12.62 3.60 14.70
CA LEU A 34 13.84 2.83 15.10
C LEU A 34 15.08 3.70 14.96
N PHE A 35 15.08 4.62 14.04
CA PHE A 35 16.26 5.51 13.85
C PHE A 35 16.40 6.46 15.04
N LEU A 36 15.32 6.77 15.69
CA LEU A 36 15.38 7.70 16.87
C LEU A 36 16.04 6.98 18.05
N GLN A 37 15.91 5.68 18.12
CA GLN A 37 16.53 4.92 19.25
C GLN A 37 17.57 3.94 18.73
N LEU A 38 18.15 4.21 17.59
CA LEU A 38 19.18 3.30 17.02
C LEU A 38 20.51 3.48 17.76
N GLY B 1 19.33 1.44 23.79
CA GLY B 1 20.36 0.70 23.01
C GLY B 1 20.52 -0.71 23.58
N LEU B 2 21.10 -1.61 22.82
CA LEU B 2 21.29 -3.01 23.32
C LEU B 2 22.68 -3.54 22.90
N SER B 3 22.82 -4.03 21.70
CA SER B 3 24.14 -4.56 21.25
C SER B 3 24.53 -3.99 19.89
N LYS B 4 23.95 -2.86 19.51
CA LYS B 4 24.29 -2.24 18.18
C LYS B 4 24.17 -3.27 17.05
N GLU B 5 23.36 -4.28 17.25
CA GLU B 5 23.19 -5.32 16.19
C GLU B 5 21.78 -5.92 16.29
N GLU B 6 21.35 -6.24 17.49
CA GLU B 6 19.98 -6.81 17.65
C GLU B 6 18.94 -5.75 17.29
N LEU B 7 19.26 -4.50 17.50
CA LEU B 7 18.31 -3.41 17.16
C LEU B 7 18.40 -3.10 15.66
N ILE B 8 19.57 -3.24 15.10
CA ILE B 8 19.75 -2.99 13.65
C ILE B 8 19.14 -4.17 12.86
N GLN B 9 19.19 -5.34 13.43
CA GLN B 9 18.59 -6.53 12.74
C GLN B 9 17.07 -6.31 12.61
N ASN B 10 16.49 -5.63 13.56
CA ASN B 10 15.02 -5.35 13.49
C ASN B 10 14.77 -4.25 12.46
N MET B 11 15.70 -3.34 12.33
CA MET B 11 15.53 -2.23 11.33
C MET B 11 15.56 -2.82 9.92
N ASP B 12 16.33 -3.85 9.72
CA ASP B 12 16.40 -4.49 8.37
C ASP B 12 15.15 -5.32 8.11
N ARG B 13 14.59 -5.88 9.15
CA ARG B 13 13.35 -6.71 8.99
C ARG B 13 12.14 -5.80 8.74
N VAL B 14 12.18 -4.60 9.26
CA VAL B 14 11.05 -3.65 9.07
C VAL B 14 11.06 -3.12 7.63
N ASP B 15 12.22 -3.03 7.04
CA ASP B 15 12.31 -2.52 5.63
C ASP B 15 11.84 -3.60 4.66
N ARG B 16 12.07 -4.85 4.98
CA ARG B 16 11.62 -5.96 4.08
C ARG B 16 10.10 -6.11 4.16
N GLU B 17 9.52 -5.78 5.28
CA GLU B 17 8.04 -5.90 5.43
C GLU B 17 7.35 -4.78 4.65
N ILE B 18 7.90 -3.60 4.68
CA ILE B 18 7.29 -2.46 3.93
C ILE B 18 7.39 -2.72 2.42
N THR B 19 8.38 -3.45 2.00
CA THR B 19 8.53 -3.75 0.54
C THR B 19 7.40 -4.67 0.09
N MET B 20 6.99 -5.59 0.93
CA MET B 20 5.88 -6.51 0.56
C MET B 20 4.56 -5.73 0.54
N VAL B 21 4.34 -4.91 1.54
CA VAL B 21 3.08 -4.11 1.58
C VAL B 21 3.10 -3.09 0.44
N GLU B 22 4.25 -2.57 0.13
CA GLU B 22 4.35 -1.56 -0.98
C GLU B 22 3.96 -2.23 -2.30
N GLN B 23 4.29 -3.49 -2.47
CA GLN B 23 3.93 -4.20 -3.72
C GLN B 23 2.42 -4.44 -3.79
N GLN B 24 1.76 -4.47 -2.65
CA GLN B 24 0.29 -4.69 -2.65
C GLN B 24 -0.46 -3.42 -3.07
N ILE B 25 0.16 -2.27 -2.90
CA ILE B 25 -0.52 -1.00 -3.31
C ILE B 25 -0.39 -0.81 -4.81
N SER B 26 0.71 -1.23 -5.38
CA SER B 26 0.90 -1.08 -6.86
C SER B 26 0.07 -2.14 -7.59
N LYS B 27 -0.12 -3.28 -6.98
CA LYS B 27 -0.93 -4.36 -7.63
C LYS B 27 -2.41 -3.98 -7.57
N LEU B 28 -2.82 -3.30 -6.54
CA LEU B 28 -4.26 -2.89 -6.42
C LEU B 28 -4.56 -1.79 -7.44
N LYS B 29 -3.62 -0.92 -7.67
CA LYS B 29 -3.83 0.18 -8.66
C LYS B 29 -3.99 -0.43 -10.06
N LYS B 30 -3.20 -1.42 -10.38
CA LYS B 30 -3.31 -2.06 -11.71
C LYS B 30 -4.61 -2.88 -11.78
N LYS B 31 -5.03 -3.41 -10.67
CA LYS B 31 -6.30 -4.21 -10.64
C LYS B 31 -7.48 -3.27 -10.90
N GLN B 32 -7.37 -2.04 -10.46
CA GLN B 32 -8.48 -1.07 -10.68
C GLN B 32 -8.64 -0.80 -12.18
N GLN B 33 -7.57 -0.87 -12.92
CA GLN B 33 -7.64 -0.63 -14.39
C GLN B 33 -8.55 -1.68 -15.04
N GLN B 34 -8.41 -2.91 -14.65
CA GLN B 34 -9.26 -4.00 -15.23
C GLN B 34 -10.73 -3.72 -14.92
N LEU B 35 -11.02 -3.27 -13.72
CA LEU B 35 -12.43 -2.97 -13.34
C LEU B 35 -12.87 -1.67 -14.02
N GLU B 36 -11.96 -0.75 -14.21
CA GLU B 36 -12.31 0.54 -14.88
C GLU B 36 -12.42 0.31 -16.38
N GLU B 37 -11.66 -0.60 -16.91
CA GLU B 37 -11.71 -0.88 -18.38
C GLU B 37 -12.97 -1.68 -18.71
N GLU B 38 -13.44 -2.48 -17.78
CA GLU B 38 -14.67 -3.29 -18.03
C GLU B 38 -15.91 -2.40 -17.96
N ALA B 39 -15.85 -1.36 -17.17
CA ALA B 39 -17.02 -0.44 -17.05
C ALA B 39 -17.16 0.40 -18.33
N ALA B 40 -16.06 0.66 -18.99
CA ALA B 40 -16.11 1.46 -20.25
C ALA B 40 -15.61 0.63 -21.44
N LYS B 41 -15.76 -0.67 -21.36
CA LYS B 41 -15.29 -1.55 -22.47
C LYS B 41 -16.14 -1.30 -23.73
N PRO B 42 -15.52 -1.33 -24.89
CA PRO B 42 -16.27 -1.09 -26.16
C PRO B 42 -17.14 -2.32 -26.49
N LYS A 1 -30.86 -0.06 -19.33
CA LYS A 1 -30.07 0.35 -18.13
C LYS A 1 -29.01 -0.70 -17.82
N LYS A 2 -27.91 -0.69 -18.52
CA LYS A 2 -26.82 -1.68 -18.27
C LYS A 2 -25.52 -0.96 -17.90
N GLU A 3 -24.47 -1.71 -17.65
CA GLU A 3 -23.16 -1.09 -17.28
C GLU A 3 -23.33 -0.11 -16.10
N MET A 4 -24.33 -0.31 -15.29
CA MET A 4 -24.55 0.60 -14.12
C MET A 4 -24.08 -0.06 -12.83
N GLU A 5 -24.24 -1.36 -12.74
CA GLU A 5 -23.80 -2.08 -11.50
C GLU A 5 -22.27 -2.18 -11.47
N GLU A 6 -21.65 -2.20 -12.63
CA GLU A 6 -20.16 -2.29 -12.68
C GLU A 6 -19.53 -0.94 -12.32
N ARG A 7 -20.24 0.13 -12.58
CA ARG A 7 -19.70 1.48 -12.25
C ARG A 7 -19.79 1.73 -10.74
N MET A 8 -20.77 1.16 -10.10
CA MET A 8 -20.91 1.34 -8.63
C MET A 8 -19.83 0.57 -7.89
N SER A 9 -19.39 -0.53 -8.46
CA SER A 9 -18.31 -1.34 -7.81
C SER A 9 -16.99 -0.56 -7.82
N LEU A 10 -16.81 0.28 -8.81
CA LEU A 10 -15.55 1.08 -8.89
C LEU A 10 -15.46 2.04 -7.70
N GLU A 11 -16.58 2.51 -7.21
CA GLU A 11 -16.58 3.44 -6.05
C GLU A 11 -16.28 2.67 -4.77
N GLU A 12 -16.81 1.48 -4.65
CA GLU A 12 -16.55 0.66 -3.43
C GLU A 12 -15.12 0.13 -3.45
N THR A 13 -14.59 -0.11 -4.62
CA THR A 13 -13.19 -0.63 -4.73
C THR A 13 -12.20 0.49 -4.38
N LYS A 14 -12.57 1.72 -4.65
CA LYS A 14 -11.66 2.87 -4.34
C LYS A 14 -11.54 3.04 -2.81
N GLU A 15 -12.55 2.64 -2.09
CA GLU A 15 -12.49 2.78 -0.60
C GLU A 15 -11.45 1.82 -0.02
N GLN A 16 -11.29 0.68 -0.62
CA GLN A 16 -10.28 -0.30 -0.11
C GLN A 16 -8.87 0.16 -0.49
N ILE A 17 -8.73 0.79 -1.63
CA ILE A 17 -7.39 1.28 -2.05
C ILE A 17 -6.99 2.49 -1.19
N LEU A 18 -7.95 3.22 -0.69
CA LEU A 18 -7.63 4.40 0.17
C LEU A 18 -7.06 3.93 1.51
N LYS A 19 -7.58 2.85 2.04
CA LYS A 19 -7.06 2.33 3.34
C LYS A 19 -5.65 1.77 3.14
N LEU A 20 -5.35 1.29 1.98
CA LEU A 20 -3.99 0.73 1.71
C LEU A 20 -2.96 1.87 1.71
N GLU A 21 -3.36 3.04 1.28
CA GLU A 21 -2.40 4.19 1.25
C GLU A 21 -2.05 4.60 2.68
N GLU A 22 -2.98 4.47 3.59
CA GLU A 22 -2.70 4.85 5.01
C GLU A 22 -1.83 3.78 5.67
N LYS A 23 -1.97 2.55 5.24
CA LYS A 23 -1.16 1.44 5.83
C LYS A 23 0.29 1.54 5.32
N LEU A 24 0.48 2.04 4.14
CA LEU A 24 1.87 2.17 3.58
C LEU A 24 2.59 3.33 4.25
N LEU A 25 1.88 4.37 4.59
CA LEU A 25 2.51 5.54 5.27
C LEU A 25 2.81 5.20 6.72
N ALA A 26 1.99 4.38 7.32
CA ALA A 26 2.23 3.98 8.75
C ALA A 26 3.41 3.01 8.83
N LEU A 27 3.61 2.23 7.79
CA LEU A 27 4.75 1.26 7.80
C LEU A 27 6.06 2.01 7.57
N GLN A 28 6.06 2.97 6.67
CA GLN A 28 7.31 3.75 6.41
C GLN A 28 7.61 4.65 7.59
N GLU A 29 6.59 5.08 8.30
CA GLU A 29 6.80 5.96 9.48
C GLU A 29 7.44 5.16 10.62
N GLU A 30 7.16 3.88 10.69
CA GLU A 30 7.74 3.03 11.77
C GLU A 30 9.25 2.90 11.55
N LYS A 31 9.68 2.71 10.34
CA LYS A 31 11.15 2.57 10.07
C LYS A 31 11.85 3.90 10.34
N HIS A 32 11.14 5.00 10.17
CA HIS A 32 11.76 6.33 10.43
C HIS A 32 12.02 6.51 11.92
N GLN A 33 11.21 5.90 12.75
CA GLN A 33 11.42 6.03 14.23
C GLN A 33 12.74 5.37 14.63
N LEU A 34 13.07 4.26 14.01
CA LEU A 34 14.34 3.56 14.34
C LEU A 34 15.53 4.48 14.04
N PHE A 35 15.42 5.30 13.03
CA PHE A 35 16.55 6.22 12.68
C PHE A 35 16.78 7.20 13.83
N LEU A 36 15.73 7.77 14.35
CA LEU A 36 15.88 8.74 15.47
C LEU A 36 16.32 8.00 16.74
N GLN A 37 15.96 6.75 16.86
CA GLN A 37 16.35 5.96 18.06
C GLN A 37 17.56 5.06 17.76
N LEU A 38 18.16 5.20 16.60
CA LEU A 38 19.34 4.35 16.26
C LEU A 38 20.46 4.53 17.29
N GLY B 1 18.91 4.01 21.08
CA GLY B 1 20.34 3.61 21.12
C GLY B 1 20.51 2.41 22.06
N LEU B 2 21.17 1.38 21.61
CA LEU B 2 21.37 0.17 22.47
C LEU B 2 22.77 -0.42 22.25
N SER B 3 22.96 -1.23 21.25
CA SER B 3 24.31 -1.82 21.00
C SER B 3 24.75 -1.60 19.55
N LYS B 4 24.15 -0.64 18.87
CA LYS B 4 24.52 -0.37 17.44
C LYS B 4 24.51 -1.66 16.62
N GLU B 5 23.73 -2.63 17.04
CA GLU B 5 23.65 -3.91 16.30
C GLU B 5 22.25 -4.51 16.46
N GLU B 6 21.73 -4.53 17.66
CA GLU B 6 20.37 -5.08 17.89
C GLU B 6 19.35 -4.18 17.19
N LEU B 7 19.59 -2.90 17.18
CA LEU B 7 18.66 -1.96 16.50
C LEU B 7 18.88 -2.03 14.98
N ILE B 8 20.08 -2.34 14.58
CA ILE B 8 20.38 -2.45 13.12
C ILE B 8 19.65 -3.67 12.54
N GLN B 9 19.47 -4.69 13.33
CA GLN B 9 18.76 -5.90 12.85
C GLN B 9 17.26 -5.64 12.78
N ASN B 10 16.76 -4.79 13.65
CA ASN B 10 15.30 -4.47 13.65
C ASN B 10 14.98 -3.55 12.48
N MET B 11 15.91 -2.73 12.07
CA MET B 11 15.67 -1.80 10.93
C MET B 11 15.63 -2.59 9.62
N ASP B 12 16.37 -3.67 9.55
CA ASP B 12 16.38 -4.49 8.30
C ASP B 12 15.11 -5.34 8.23
N ARG B 13 14.57 -5.71 9.36
CA ARG B 13 13.32 -6.53 9.37
C ARG B 13 12.12 -5.64 9.06
N VAL B 14 12.18 -4.39 9.43
CA VAL B 14 11.04 -3.45 9.15
C VAL B 14 11.03 -3.09 7.67
N ASP B 15 12.18 -3.09 7.03
CA ASP B 15 12.23 -2.74 5.58
C ASP B 15 11.64 -3.88 4.75
N ARG B 16 11.72 -5.10 5.24
CA ARG B 16 11.17 -6.26 4.49
C ARG B 16 9.63 -6.26 4.59
N GLU B 17 9.11 -5.74 5.68
CA GLU B 17 7.62 -5.71 5.85
C GLU B 17 7.02 -4.62 4.96
N ILE B 18 7.72 -3.54 4.78
CA ILE B 18 7.19 -2.43 3.92
C ILE B 18 7.22 -2.87 2.45
N THR B 19 8.14 -3.74 2.09
CA THR B 19 8.22 -4.20 0.68
C THR B 19 7.05 -5.13 0.37
N MET B 20 6.62 -5.90 1.34
CA MET B 20 5.48 -6.82 1.12
C MET B 20 4.17 -6.03 1.10
N VAL B 21 4.06 -5.02 1.91
CA VAL B 21 2.82 -4.18 1.93
C VAL B 21 2.79 -3.29 0.69
N GLU B 22 3.95 -2.89 0.22
CA GLU B 22 3.99 -2.01 -1.00
C GLU B 22 3.70 -2.83 -2.25
N GLN B 23 4.02 -4.11 -2.22
CA GLN B 23 3.75 -4.96 -3.41
C GLN B 23 2.26 -5.28 -3.51
N GLN B 24 1.57 -5.30 -2.40
CA GLN B 24 0.11 -5.60 -2.41
C GLN B 24 -0.65 -4.38 -2.94
N ILE B 25 -0.21 -3.20 -2.59
CA ILE B 25 -0.91 -1.97 -3.09
C ILE B 25 -0.64 -1.77 -4.58
N SER B 26 0.52 -2.19 -5.04
CA SER B 26 0.84 -2.06 -6.49
C SER B 26 0.01 -3.04 -7.31
N LYS B 27 -0.25 -4.21 -6.76
CA LYS B 27 -1.07 -5.21 -7.50
C LYS B 27 -2.54 -4.81 -7.42
N LEU B 28 -2.94 -4.19 -6.34
CA LEU B 28 -4.36 -3.74 -6.21
C LEU B 28 -4.62 -2.49 -7.04
N LYS B 29 -3.58 -1.78 -7.44
CA LYS B 29 -3.77 -0.56 -8.26
C LYS B 29 -3.86 -0.94 -9.74
N LYS B 30 -3.25 -2.04 -10.11
CA LYS B 30 -3.31 -2.48 -11.53
C LYS B 30 -4.68 -3.10 -11.83
N LYS B 31 -5.28 -3.75 -10.87
CA LYS B 31 -6.63 -4.36 -11.11
C LYS B 31 -7.68 -3.26 -11.25
N GLN B 32 -7.44 -2.10 -10.67
CA GLN B 32 -8.42 -0.98 -10.78
C GLN B 32 -8.43 -0.45 -12.21
N GLN B 33 -7.31 -0.53 -12.88
CA GLN B 33 -7.25 -0.04 -14.30
C GLN B 33 -8.21 -0.85 -15.17
N GLN B 34 -8.17 -2.15 -15.03
CA GLN B 34 -9.09 -3.01 -15.85
C GLN B 34 -10.55 -2.69 -15.51
N LEU B 35 -10.83 -2.40 -14.27
CA LEU B 35 -12.23 -2.06 -13.87
C LEU B 35 -12.56 -0.64 -14.33
N GLU B 36 -11.59 0.24 -14.29
CA GLU B 36 -11.85 1.65 -14.73
C GLU B 36 -11.85 1.71 -16.27
N GLU B 37 -11.09 0.86 -16.90
CA GLU B 37 -11.05 0.85 -18.39
C GLU B 37 -12.28 0.13 -18.93
N GLU B 38 -12.83 -0.79 -18.19
CA GLU B 38 -14.05 -1.52 -18.66
C GLU B 38 -15.28 -0.63 -18.47
N ALA B 39 -15.24 0.27 -17.53
CA ALA B 39 -16.42 1.16 -17.30
C ALA B 39 -16.45 2.28 -18.35
N ALA B 40 -15.31 2.60 -18.92
CA ALA B 40 -15.27 3.68 -19.95
C ALA B 40 -15.63 3.11 -21.33
N LYS B 41 -15.40 1.83 -21.53
CA LYS B 41 -15.73 1.21 -22.85
C LYS B 41 -17.23 1.36 -23.16
N PRO B 42 -17.60 1.10 -24.39
CA PRO B 42 -19.03 1.21 -24.79
C PRO B 42 -19.85 0.07 -24.18
N LYS A 1 -28.81 2.54 -18.12
CA LYS A 1 -28.85 1.06 -18.32
C LYS A 1 -27.44 0.47 -18.19
N LYS A 2 -26.57 0.79 -19.12
CA LYS A 2 -25.18 0.25 -19.06
C LYS A 2 -24.18 1.40 -18.91
N GLU A 3 -22.90 1.09 -18.89
CA GLU A 3 -21.85 2.15 -18.74
C GLU A 3 -22.13 3.03 -17.52
N MET A 4 -22.81 2.49 -16.54
CA MET A 4 -23.12 3.29 -15.30
C MET A 4 -23.02 2.41 -14.06
N GLU A 5 -23.57 1.23 -14.12
CA GLU A 5 -23.51 0.31 -12.94
C GLU A 5 -22.07 -0.10 -12.67
N GLU A 6 -21.25 -0.13 -13.70
CA GLU A 6 -19.82 -0.52 -13.50
C GLU A 6 -19.07 0.60 -12.77
N ARG A 7 -19.51 1.82 -12.93
CA ARG A 7 -18.82 2.97 -12.25
C ARG A 7 -19.08 2.90 -10.74
N MET A 8 -20.20 2.35 -10.35
CA MET A 8 -20.51 2.25 -8.89
C MET A 8 -19.66 1.15 -8.25
N SER A 9 -19.32 0.13 -9.00
CA SER A 9 -18.49 -0.98 -8.46
C SER A 9 -17.05 -0.49 -8.24
N LEU A 10 -16.62 0.44 -9.04
CA LEU A 10 -15.22 0.97 -8.89
C LEU A 10 -15.10 1.77 -7.60
N GLU A 11 -16.18 2.36 -7.15
CA GLU A 11 -16.14 3.16 -5.90
C GLU A 11 -15.90 2.23 -4.70
N GLU A 12 -16.36 1.02 -4.78
CA GLU A 12 -16.16 0.05 -3.66
C GLU A 12 -14.71 -0.43 -3.64
N THR A 13 -14.16 -0.67 -4.81
CA THR A 13 -12.74 -1.14 -4.88
C THR A 13 -11.80 0.01 -4.52
N LYS A 14 -12.19 1.22 -4.82
CA LYS A 14 -11.33 2.39 -4.48
C LYS A 14 -11.33 2.63 -2.97
N GLU A 15 -12.38 2.24 -2.30
CA GLU A 15 -12.44 2.44 -0.83
C GLU A 15 -11.45 1.51 -0.13
N GLN A 16 -11.26 0.33 -0.65
CA GLN A 16 -10.30 -0.62 -0.03
C GLN A 16 -8.86 -0.20 -0.35
N ILE A 17 -8.65 0.34 -1.52
CA ILE A 17 -7.29 0.80 -1.91
C ILE A 17 -6.94 2.07 -1.14
N LEU A 18 -7.93 2.84 -0.77
CA LEU A 18 -7.66 4.10 0.00
C LEU A 18 -7.20 3.76 1.42
N LYS A 19 -7.79 2.75 2.02
CA LYS A 19 -7.38 2.36 3.41
C LYS A 19 -5.95 1.83 3.39
N LEU A 20 -5.56 1.16 2.34
CA LEU A 20 -4.18 0.63 2.25
C LEU A 20 -3.18 1.78 2.26
N GLU A 21 -3.56 2.92 1.74
CA GLU A 21 -2.63 4.09 1.72
C GLU A 21 -2.33 4.55 3.15
N GLU A 22 -3.30 4.46 4.01
CA GLU A 22 -3.08 4.87 5.43
C GLU A 22 -2.27 3.80 6.17
N LYS A 23 -2.45 2.56 5.77
CA LYS A 23 -1.69 1.45 6.43
C LYS A 23 -0.25 1.43 5.91
N LEU A 24 -0.05 1.82 4.68
CA LEU A 24 1.32 1.84 4.11
C LEU A 24 2.08 3.06 4.62
N LEU A 25 1.38 4.13 4.89
CA LEU A 25 2.05 5.37 5.40
C LEU A 25 2.38 5.19 6.88
N ALA A 26 1.58 4.44 7.59
CA ALA A 26 1.85 4.22 9.05
C ALA A 26 3.03 3.26 9.22
N LEU A 27 3.22 2.36 8.29
CA LEU A 27 4.36 1.40 8.38
C LEU A 27 5.66 2.11 8.01
N GLN A 28 5.62 2.98 7.04
CA GLN A 28 6.85 3.72 6.63
C GLN A 28 7.22 4.75 7.70
N GLU A 29 6.24 5.24 8.41
CA GLU A 29 6.52 6.25 9.49
C GLU A 29 7.21 5.55 10.67
N GLU A 30 6.92 4.29 10.88
CA GLU A 30 7.57 3.56 12.01
C GLU A 30 9.04 3.33 11.71
N LYS A 31 9.37 2.94 10.50
CA LYS A 31 10.79 2.71 10.14
C LYS A 31 11.57 4.02 10.25
N HIS A 32 10.92 5.13 10.04
CA HIS A 32 11.61 6.46 10.14
C HIS A 32 12.10 6.68 11.57
N GLN A 33 11.39 6.14 12.53
CA GLN A 33 11.81 6.31 13.96
C GLN A 33 13.18 5.65 14.18
N LEU A 34 13.45 4.58 13.46
CA LEU A 34 14.76 3.89 13.62
C LEU A 34 15.89 4.77 13.07
N PHE A 35 15.61 5.50 12.02
CA PHE A 35 16.65 6.39 11.43
C PHE A 35 17.03 7.49 12.42
N LEU A 36 16.11 7.87 13.26
CA LEU A 36 16.41 8.94 14.27
C LEU A 36 17.46 8.44 15.26
N GLN A 37 17.49 7.17 15.52
CA GLN A 37 18.50 6.61 16.47
C GLN A 37 19.44 5.64 15.74
N LEU A 38 19.65 5.84 14.47
CA LEU A 38 20.57 4.95 13.70
C LEU A 38 21.99 5.04 14.26
N GLY B 1 20.75 5.14 19.25
CA GLY B 1 22.01 4.66 18.62
C GLY B 1 22.61 3.54 19.48
N LEU B 2 23.27 2.60 18.86
CA LEU B 2 23.90 1.48 19.64
C LEU B 2 25.27 1.11 19.05
N SER B 3 25.30 0.28 18.04
CA SER B 3 26.61 -0.12 17.43
C SER B 3 26.60 0.08 15.91
N LYS B 4 25.69 0.90 15.40
CA LYS B 4 25.62 1.13 13.92
C LYS B 4 25.58 -0.20 13.16
N GLU B 5 25.10 -1.24 13.80
CA GLU B 5 25.04 -2.56 13.14
C GLU B 5 23.85 -3.35 13.69
N GLU B 6 23.69 -3.37 14.99
CA GLU B 6 22.53 -4.11 15.59
C GLU B 6 21.23 -3.43 15.17
N LEU B 7 21.24 -2.13 15.09
CA LEU B 7 20.01 -1.40 14.66
C LEU B 7 19.84 -1.53 13.15
N ILE B 8 20.92 -1.68 12.44
CA ILE B 8 20.84 -1.84 10.95
C ILE B 8 20.15 -3.17 10.63
N GLN B 9 20.33 -4.15 11.48
CA GLN B 9 19.69 -5.48 11.23
C GLN B 9 18.19 -5.40 11.55
N ASN B 10 17.83 -4.56 12.49
CA ASN B 10 16.39 -4.41 12.86
C ASN B 10 15.67 -3.60 11.77
N MET B 11 16.35 -2.65 11.19
CA MET B 11 15.71 -1.82 10.12
C MET B 11 15.52 -2.67 8.87
N ASP B 12 16.38 -3.63 8.65
CA ASP B 12 16.24 -4.50 7.44
C ASP B 12 14.98 -5.35 7.57
N ARG B 13 14.65 -5.77 8.77
CA ARG B 13 13.43 -6.61 8.97
C ARG B 13 12.19 -5.72 8.89
N VAL B 14 12.31 -4.48 9.27
CA VAL B 14 11.14 -3.55 9.21
C VAL B 14 10.91 -3.11 7.75
N ASP B 15 11.97 -3.02 6.99
CA ASP B 15 11.83 -2.60 5.56
C ASP B 15 11.25 -3.76 4.74
N ARG B 16 11.52 -4.97 5.13
CA ARG B 16 10.98 -6.15 4.38
C ARG B 16 9.48 -6.29 4.65
N GLU B 17 9.03 -5.89 5.81
CA GLU B 17 7.57 -6.00 6.14
C GLU B 17 6.79 -4.95 5.36
N ILE B 18 7.35 -3.78 5.18
CA ILE B 18 6.65 -2.71 4.41
C ILE B 18 6.60 -3.09 2.93
N THR B 19 7.58 -3.82 2.46
CA THR B 19 7.57 -4.24 1.03
C THR B 19 6.44 -5.24 0.78
N MET B 20 6.17 -6.08 1.75
CA MET B 20 5.07 -7.08 1.58
C MET B 20 3.73 -6.36 1.50
N VAL B 21 3.49 -5.43 2.38
CA VAL B 21 2.19 -4.68 2.35
C VAL B 21 2.18 -3.75 1.15
N GLU B 22 3.32 -3.24 0.77
CA GLU B 22 3.39 -2.34 -0.42
C GLU B 22 3.21 -3.16 -1.71
N GLN B 23 3.62 -4.40 -1.68
CA GLN B 23 3.46 -5.27 -2.89
C GLN B 23 1.98 -5.57 -3.13
N GLN B 24 1.20 -5.61 -2.08
CA GLN B 24 -0.25 -5.89 -2.24
C GLN B 24 -0.96 -4.65 -2.78
N ILE B 25 -0.54 -3.49 -2.37
CA ILE B 25 -1.18 -2.23 -2.87
C ILE B 25 -0.82 -2.03 -4.35
N SER B 26 0.33 -2.49 -4.75
CA SER B 26 0.74 -2.34 -6.18
C SER B 26 -0.17 -3.19 -7.06
N LYS B 27 -0.51 -4.38 -6.62
CA LYS B 27 -1.42 -5.26 -7.43
C LYS B 27 -2.84 -4.69 -7.39
N LEU B 28 -3.20 -4.07 -6.30
CA LEU B 28 -4.56 -3.49 -6.19
C LEU B 28 -4.67 -2.25 -7.09
N LYS B 29 -3.60 -1.50 -7.18
CA LYS B 29 -3.61 -0.28 -8.05
C LYS B 29 -3.71 -0.70 -9.51
N LYS B 30 -2.97 -1.70 -9.90
CA LYS B 30 -3.02 -2.16 -11.32
C LYS B 30 -4.39 -2.78 -11.59
N LYS B 31 -4.98 -3.39 -10.59
CA LYS B 31 -6.33 -4.00 -10.77
C LYS B 31 -7.35 -2.90 -11.08
N GLN B 32 -7.17 -1.75 -10.50
CA GLN B 32 -8.12 -0.62 -10.75
C GLN B 32 -8.05 -0.23 -12.24
N GLN B 33 -6.91 -0.40 -12.84
CA GLN B 33 -6.77 -0.05 -14.30
C GLN B 33 -7.72 -0.90 -15.13
N GLN B 34 -7.76 -2.18 -14.87
CA GLN B 34 -8.68 -3.08 -15.64
C GLN B 34 -10.14 -2.66 -15.40
N LEU B 35 -10.50 -2.42 -14.17
CA LEU B 35 -11.90 -2.00 -13.85
C LEU B 35 -12.14 -0.58 -14.39
N GLU B 36 -11.13 0.25 -14.35
CA GLU B 36 -11.29 1.64 -14.86
C GLU B 36 -11.27 1.64 -16.39
N GLU B 37 -10.56 0.71 -16.97
CA GLU B 37 -10.48 0.64 -18.47
C GLU B 37 -11.77 0.02 -19.02
N GLU B 38 -12.40 -0.84 -18.25
CA GLU B 38 -13.67 -1.48 -18.72
C GLU B 38 -14.82 -0.48 -18.60
N ALA B 39 -14.74 0.43 -17.68
CA ALA B 39 -15.83 1.43 -17.50
C ALA B 39 -15.73 2.52 -18.57
N ALA B 40 -14.54 2.78 -19.06
CA ALA B 40 -14.37 3.82 -20.11
C ALA B 40 -14.55 3.21 -21.50
N LYS B 41 -14.26 1.95 -21.64
CA LYS B 41 -14.41 1.28 -22.97
C LYS B 41 -15.89 1.30 -23.41
N PRO B 42 -16.12 1.28 -24.70
CA PRO B 42 -17.51 1.29 -25.21
C PRO B 42 -18.19 -0.07 -24.98
N LYS A 1 -25.27 -9.39 -11.31
CA LYS A 1 -26.55 -9.13 -10.58
C LYS A 1 -27.31 -7.98 -11.23
N LYS A 2 -26.60 -6.94 -11.61
CA LYS A 2 -27.27 -5.77 -12.26
C LYS A 2 -26.34 -5.13 -13.29
N GLU A 3 -26.80 -4.10 -13.96
CA GLU A 3 -25.94 -3.42 -14.98
C GLU A 3 -25.33 -2.15 -14.38
N MET A 4 -26.00 -1.53 -13.45
CA MET A 4 -25.46 -0.30 -12.82
C MET A 4 -24.60 -0.64 -11.59
N GLU A 5 -24.84 -1.78 -11.00
CA GLU A 5 -24.04 -2.19 -9.79
C GLU A 5 -22.55 -2.23 -10.14
N GLU A 6 -22.21 -2.46 -11.38
CA GLU A 6 -20.78 -2.50 -11.78
C GLU A 6 -20.11 -1.16 -11.50
N ARG A 7 -20.78 -0.08 -11.80
CA ARG A 7 -20.20 1.27 -11.54
C ARG A 7 -20.12 1.53 -10.03
N MET A 8 -21.02 0.96 -9.28
CA MET A 8 -21.01 1.16 -7.81
C MET A 8 -19.83 0.39 -7.19
N SER A 9 -19.45 -0.70 -7.80
CA SER A 9 -18.32 -1.51 -7.26
C SER A 9 -17.01 -0.72 -7.41
N LEU A 10 -16.93 0.14 -8.40
CA LEU A 10 -15.69 0.95 -8.61
C LEU A 10 -15.49 1.92 -7.44
N GLU A 11 -16.56 2.35 -6.82
CA GLU A 11 -16.45 3.29 -5.68
C GLU A 11 -15.99 2.54 -4.42
N GLU A 12 -16.36 1.29 -4.29
CA GLU A 12 -15.95 0.49 -3.10
C GLU A 12 -14.49 0.06 -3.25
N THR A 13 -14.05 -0.15 -4.47
CA THR A 13 -12.64 -0.56 -4.69
C THR A 13 -11.71 0.64 -4.50
N LYS A 14 -12.19 1.83 -4.77
CA LYS A 14 -11.34 3.04 -4.60
C LYS A 14 -11.16 3.35 -3.11
N GLU A 15 -12.09 2.94 -2.29
CA GLU A 15 -11.98 3.21 -0.82
C GLU A 15 -10.92 2.29 -0.21
N GLN A 16 -10.81 1.08 -0.70
CA GLN A 16 -9.78 0.14 -0.15
C GLN A 16 -8.40 0.52 -0.67
N ILE A 17 -8.33 0.98 -1.89
CA ILE A 17 -7.01 1.39 -2.47
C ILE A 17 -6.58 2.73 -1.86
N LEU A 18 -7.53 3.55 -1.48
CA LEU A 18 -7.18 4.87 -0.87
C LEU A 18 -6.69 4.66 0.57
N LYS A 19 -7.28 3.72 1.27
CA LYS A 19 -6.84 3.46 2.67
C LYS A 19 -5.42 2.90 2.66
N LEU A 20 -5.05 2.21 1.61
CA LEU A 20 -3.68 1.64 1.52
C LEU A 20 -2.64 2.76 1.53
N GLU A 21 -2.97 3.90 0.97
CA GLU A 21 -2.01 5.04 0.97
C GLU A 21 -1.69 5.46 2.40
N GLU A 22 -2.66 5.40 3.28
CA GLU A 22 -2.40 5.78 4.69
C GLU A 22 -1.66 4.65 5.40
N LYS A 23 -1.91 3.43 4.99
CA LYS A 23 -1.23 2.26 5.63
C LYS A 23 0.22 2.20 5.15
N LEU A 24 0.47 2.65 3.94
CA LEU A 24 1.88 2.63 3.41
C LEU A 24 2.70 3.72 4.10
N LEU A 25 2.08 4.84 4.39
CA LEU A 25 2.80 5.95 5.06
C LEU A 25 3.08 5.57 6.52
N ALA A 26 2.16 4.89 7.15
CA ALA A 26 2.37 4.47 8.57
C ALA A 26 3.52 3.46 8.64
N LEU A 27 3.72 2.70 7.59
CA LEU A 27 4.83 1.71 7.58
C LEU A 27 6.18 2.43 7.70
N GLN A 28 6.34 3.54 7.02
CA GLN A 28 7.62 4.29 7.10
C GLN A 28 7.78 4.89 8.50
N GLU A 29 6.68 5.20 9.15
CA GLU A 29 6.76 5.78 10.52
C GLU A 29 7.27 4.72 11.50
N GLU A 30 6.99 3.47 11.23
CA GLU A 30 7.46 2.38 12.14
C GLU A 30 8.98 2.25 12.03
N LYS A 31 9.50 2.18 10.84
CA LYS A 31 10.98 2.06 10.66
C LYS A 31 11.65 3.36 11.13
N HIS A 32 10.97 4.47 10.98
CA HIS A 32 11.56 5.77 11.42
C HIS A 32 11.61 5.82 12.95
N GLN A 33 10.70 5.16 13.61
CA GLN A 33 10.69 5.16 15.10
C GLN A 33 11.92 4.41 15.63
N LEU A 34 12.39 3.44 14.88
CA LEU A 34 13.59 2.67 15.33
C LEU A 34 14.83 3.58 15.35
N PHE A 35 14.95 4.44 14.37
CA PHE A 35 16.13 5.37 14.32
C PHE A 35 16.14 6.27 15.56
N LEU A 36 14.99 6.56 16.10
CA LEU A 36 14.93 7.42 17.32
C LEU A 36 15.49 6.68 18.54
N GLN A 37 15.40 5.37 18.53
CA GLN A 37 15.93 4.57 19.68
C GLN A 37 17.03 3.61 19.21
N LEU A 38 17.71 3.95 18.15
CA LEU A 38 18.80 3.06 17.64
C LEU A 38 19.91 2.94 18.68
N GLY B 1 18.35 1.54 22.42
CA GLY B 1 19.82 1.29 22.54
C GLY B 1 20.06 -0.06 23.21
N LEU B 2 20.78 -0.93 22.55
CA LEU B 2 21.06 -2.28 23.15
C LEU B 2 22.50 -2.73 22.82
N SER B 3 22.74 -3.18 21.61
CA SER B 3 24.12 -3.64 21.26
C SER B 3 24.52 -3.12 19.87
N LYS B 4 23.84 -2.12 19.35
CA LYS B 4 24.16 -1.58 18.00
C LYS B 4 24.23 -2.72 16.97
N GLU B 5 23.53 -3.79 17.22
CA GLU B 5 23.53 -4.94 16.27
C GLU B 5 22.17 -5.64 16.33
N GLU B 6 21.68 -5.90 17.51
CA GLU B 6 20.35 -6.57 17.63
C GLU B 6 19.26 -5.61 17.14
N LEU B 7 19.45 -4.33 17.34
CA LEU B 7 18.46 -3.34 16.86
C LEU B 7 18.64 -3.12 15.36
N ILE B 8 19.85 -3.29 14.87
CA ILE B 8 20.10 -3.10 13.41
C ILE B 8 19.42 -4.23 12.64
N GLN B 9 19.30 -5.39 13.23
CA GLN B 9 18.65 -6.54 12.54
C GLN B 9 17.14 -6.30 12.47
N ASN B 10 16.59 -5.61 13.44
CA ASN B 10 15.12 -5.33 13.44
C ASN B 10 14.81 -4.24 12.40
N MET B 11 15.74 -3.34 12.19
CA MET B 11 15.51 -2.26 11.19
C MET B 11 15.52 -2.84 9.77
N ASP B 12 16.28 -3.88 9.57
CA ASP B 12 16.35 -4.52 8.21
C ASP B 12 15.10 -5.36 7.97
N ARG B 13 14.55 -5.91 9.01
CA ARG B 13 13.31 -6.75 8.85
C ARG B 13 12.10 -5.84 8.65
N VAL B 14 12.13 -4.66 9.20
CA VAL B 14 10.99 -3.72 9.04
C VAL B 14 10.99 -3.13 7.62
N ASP B 15 12.15 -3.04 7.02
CA ASP B 15 12.22 -2.48 5.64
C ASP B 15 11.71 -3.51 4.63
N ARG B 16 11.99 -4.76 4.86
CA ARG B 16 11.52 -5.82 3.92
C ARG B 16 10.00 -5.97 4.03
N GLU B 17 9.43 -5.63 5.17
CA GLU B 17 7.96 -5.75 5.34
C GLU B 17 7.24 -4.66 4.54
N ILE B 18 7.82 -3.49 4.48
CA ILE B 18 7.19 -2.37 3.71
C ILE B 18 7.20 -2.70 2.21
N THR B 19 8.16 -3.47 1.77
CA THR B 19 8.23 -3.83 0.32
C THR B 19 7.05 -4.73 -0.05
N MET B 20 6.64 -5.58 0.86
CA MET B 20 5.49 -6.49 0.57
C MET B 20 4.19 -5.68 0.59
N VAL B 21 4.07 -4.74 1.49
CA VAL B 21 2.83 -3.91 1.57
C VAL B 21 2.79 -2.94 0.39
N GLU B 22 3.95 -2.52 -0.08
CA GLU B 22 4.00 -1.57 -1.23
C GLU B 22 3.66 -2.30 -2.53
N GLN B 23 3.97 -3.58 -2.59
CA GLN B 23 3.67 -4.36 -3.83
C GLN B 23 2.16 -4.63 -3.93
N GLN B 24 1.50 -4.75 -2.80
CA GLN B 24 0.03 -5.00 -2.83
C GLN B 24 -0.71 -3.75 -3.30
N ILE B 25 -0.19 -2.59 -2.99
CA ILE B 25 -0.86 -1.32 -3.42
C ILE B 25 -0.62 -1.10 -4.92
N SER B 26 0.50 -1.55 -5.41
CA SER B 26 0.80 -1.37 -6.86
C SER B 26 -0.03 -2.36 -7.68
N LYS B 27 -0.23 -3.55 -7.17
CA LYS B 27 -1.04 -4.56 -7.90
C LYS B 27 -2.51 -4.17 -7.84
N LEU B 28 -2.94 -3.59 -6.75
CA LEU B 28 -4.37 -3.16 -6.64
C LEU B 28 -4.63 -2.00 -7.59
N LYS B 29 -3.66 -1.14 -7.77
CA LYS B 29 -3.83 0.02 -8.70
C LYS B 29 -4.00 -0.51 -10.12
N LYS B 30 -3.16 -1.43 -10.53
CA LYS B 30 -3.28 -2.01 -11.90
C LYS B 30 -4.56 -2.83 -11.98
N LYS B 31 -4.96 -3.43 -10.88
CA LYS B 31 -6.21 -4.24 -10.88
C LYS B 31 -7.40 -3.32 -11.13
N GLN B 32 -7.33 -2.11 -10.65
CA GLN B 32 -8.45 -1.15 -10.86
C GLN B 32 -8.61 -0.86 -12.36
N GLN B 33 -7.53 -0.92 -13.09
CA GLN B 33 -7.59 -0.66 -14.56
C GLN B 33 -8.50 -1.70 -15.23
N GLN B 34 -8.32 -2.94 -14.89
CA GLN B 34 -9.17 -4.01 -15.49
C GLN B 34 -10.65 -3.77 -15.12
N LEU B 35 -10.90 -3.36 -13.90
CA LEU B 35 -12.30 -3.08 -13.48
C LEU B 35 -12.78 -1.78 -14.10
N GLU B 36 -11.89 -0.86 -14.32
CA GLU B 36 -12.27 0.45 -14.94
C GLU B 36 -12.45 0.28 -16.45
N GLU B 37 -11.69 -0.62 -17.04
CA GLU B 37 -11.81 -0.86 -18.51
C GLU B 37 -13.05 -1.71 -18.80
N GLU B 38 -13.44 -2.54 -17.87
CA GLU B 38 -14.64 -3.39 -18.09
C GLU B 38 -15.92 -2.58 -17.85
N ALA B 39 -15.84 -1.60 -16.97
CA ALA B 39 -17.04 -0.77 -16.68
C ALA B 39 -17.20 0.31 -17.77
N ALA B 40 -16.12 0.71 -18.38
CA ALA B 40 -16.20 1.75 -19.46
C ALA B 40 -16.34 1.08 -20.83
N LYS B 41 -15.84 -0.13 -20.98
CA LYS B 41 -15.93 -0.85 -22.28
C LYS B 41 -15.37 0.03 -23.43
N PRO B 42 -14.06 0.10 -23.51
CA PRO B 42 -13.41 0.91 -24.57
C PRO B 42 -13.56 0.23 -25.93
N LYS A 1 -32.08 7.62 -14.94
CA LYS A 1 -30.67 7.27 -15.32
C LYS A 1 -30.43 5.77 -15.13
N LYS A 2 -29.71 5.16 -16.03
CA LYS A 2 -29.43 3.70 -15.91
C LYS A 2 -28.05 3.38 -16.47
N GLU A 3 -27.77 2.12 -16.70
CA GLU A 3 -26.43 1.70 -17.26
C GLU A 3 -25.29 2.29 -16.43
N MET A 4 -25.54 2.59 -15.18
CA MET A 4 -24.48 3.16 -14.30
C MET A 4 -24.44 2.43 -12.96
N GLU A 5 -24.94 1.22 -12.91
CA GLU A 5 -24.94 0.45 -11.64
C GLU A 5 -23.58 -0.25 -11.45
N GLU A 6 -22.94 -0.58 -12.54
CA GLU A 6 -21.61 -1.27 -12.45
C GLU A 6 -20.55 -0.27 -11.98
N ARG A 7 -20.72 0.98 -12.31
CA ARG A 7 -19.73 2.02 -11.89
C ARG A 7 -19.79 2.21 -10.37
N MET A 8 -20.94 1.99 -9.78
CA MET A 8 -21.08 2.15 -8.30
C MET A 8 -20.20 1.12 -7.59
N SER A 9 -20.06 -0.05 -8.17
CA SER A 9 -19.22 -1.11 -7.53
C SER A 9 -17.75 -0.67 -7.53
N LEU A 10 -17.36 0.13 -8.48
CA LEU A 10 -15.94 0.60 -8.54
C LEU A 10 -15.64 1.50 -7.33
N GLU A 11 -16.64 2.19 -6.84
CA GLU A 11 -16.42 3.09 -5.66
C GLU A 11 -16.02 2.27 -4.43
N GLU A 12 -16.51 1.06 -4.35
CA GLU A 12 -16.16 0.19 -3.18
C GLU A 12 -14.71 -0.28 -3.29
N THR A 13 -14.24 -0.49 -4.49
CA THR A 13 -12.83 -0.94 -4.68
C THR A 13 -11.88 0.20 -4.33
N LYS A 14 -12.23 1.41 -4.69
CA LYS A 14 -11.35 2.57 -4.38
C LYS A 14 -11.23 2.75 -2.87
N GLU A 15 -12.23 2.32 -2.13
CA GLU A 15 -12.18 2.46 -0.64
C GLU A 15 -11.07 1.57 -0.06
N GLN A 16 -10.92 0.38 -0.59
CA GLN A 16 -9.86 -0.54 -0.08
C GLN A 16 -8.50 -0.08 -0.60
N ILE A 17 -8.47 0.50 -1.77
CA ILE A 17 -7.18 0.98 -2.34
C ILE A 17 -6.78 2.29 -1.66
N LEU A 18 -7.75 3.05 -1.21
CA LEU A 18 -7.43 4.35 -0.53
C LEU A 18 -6.91 4.06 0.88
N LYS A 19 -7.47 3.08 1.54
CA LYS A 19 -7.00 2.75 2.92
C LYS A 19 -5.55 2.23 2.86
N LEU A 20 -5.20 1.59 1.77
CA LEU A 20 -3.81 1.07 1.63
C LEU A 20 -2.81 2.22 1.65
N GLU A 21 -3.17 3.34 1.08
CA GLU A 21 -2.24 4.51 1.05
C GLU A 21 -1.94 4.97 2.48
N GLU A 22 -2.90 4.88 3.35
CA GLU A 22 -2.68 5.29 4.77
C GLU A 22 -1.87 4.22 5.51
N LYS A 23 -2.04 2.98 5.11
CA LYS A 23 -1.27 1.88 5.76
C LYS A 23 0.18 1.89 5.28
N LEU A 24 0.41 2.34 4.08
CA LEU A 24 1.81 2.38 3.54
C LEU A 24 2.57 3.56 4.16
N LEU A 25 1.88 4.63 4.46
CA LEU A 25 2.55 5.82 5.07
C LEU A 25 2.81 5.55 6.55
N ALA A 26 1.96 4.79 7.18
CA ALA A 26 2.16 4.48 8.63
C ALA A 26 3.29 3.45 8.79
N LEU A 27 3.50 2.62 7.80
CA LEU A 27 4.59 1.59 7.90
C LEU A 27 5.95 2.25 7.66
N GLN A 28 6.00 3.28 6.87
CA GLN A 28 7.30 3.97 6.61
C GLN A 28 7.68 4.82 7.82
N GLU A 29 6.70 5.32 8.53
CA GLU A 29 7.00 6.15 9.74
C GLU A 29 7.53 5.26 10.87
N GLU A 30 7.14 4.02 10.88
CA GLU A 30 7.62 3.10 11.96
C GLU A 30 9.12 2.82 11.77
N LYS A 31 9.57 2.70 10.55
CA LYS A 31 11.02 2.45 10.31
C LYS A 31 11.84 3.70 10.66
N HIS A 32 11.26 4.85 10.52
CA HIS A 32 11.99 6.10 10.85
C HIS A 32 12.19 6.20 12.36
N GLN A 33 11.29 5.64 13.12
CA GLN A 33 11.42 5.69 14.61
C GLN A 33 12.66 4.90 15.05
N LEU A 34 12.97 3.84 14.35
CA LEU A 34 14.17 3.03 14.72
C LEU A 34 15.44 3.87 14.54
N PHE A 35 15.49 4.68 13.51
CA PHE A 35 16.71 5.52 13.28
C PHE A 35 16.92 6.48 14.47
N LEU A 36 15.85 6.84 15.15
CA LEU A 36 15.99 7.76 16.31
C LEU A 36 16.62 7.02 17.50
N GLN A 37 16.41 5.73 17.58
CA GLN A 37 16.99 4.94 18.70
C GLN A 37 17.98 3.90 18.17
N LEU A 38 18.57 4.15 17.04
CA LEU A 38 19.56 3.18 16.46
C LEU A 38 20.88 3.29 17.20
N GLY B 1 21.24 2.31 23.43
CA GLY B 1 20.93 1.25 22.43
C GLY B 1 21.08 -0.13 23.07
N LEU B 2 21.80 -1.02 22.45
CA LEU B 2 21.98 -2.39 23.02
C LEU B 2 23.34 -2.97 22.61
N SER B 3 23.46 -3.49 21.41
CA SER B 3 24.76 -4.06 20.97
C SER B 3 25.12 -3.60 19.56
N LYS B 4 24.52 -2.52 19.09
CA LYS B 4 24.81 -2.01 17.71
C LYS B 4 24.69 -3.15 16.68
N GLU B 5 23.90 -4.14 16.99
CA GLU B 5 23.72 -5.29 16.05
C GLU B 5 22.31 -5.84 16.19
N GLU B 6 21.86 -6.05 17.40
CA GLU B 6 20.48 -6.58 17.61
C GLU B 6 19.46 -5.52 17.18
N LEU B 7 19.81 -4.27 17.34
CA LEU B 7 18.88 -3.18 16.93
C LEU B 7 18.97 -2.99 15.41
N ILE B 8 20.11 -3.30 14.85
CA ILE B 8 20.28 -3.15 13.36
C ILE B 8 19.45 -4.22 12.65
N GLN B 9 19.29 -5.36 13.26
CA GLN B 9 18.48 -6.45 12.63
C GLN B 9 16.99 -6.08 12.64
N ASN B 10 16.58 -5.29 13.61
CA ASN B 10 15.15 -4.88 13.68
C ASN B 10 14.81 -3.91 12.54
N MET B 11 15.78 -3.16 12.08
CA MET B 11 15.54 -2.21 10.96
C MET B 11 15.42 -2.96 9.64
N ASP B 12 16.13 -4.04 9.50
CA ASP B 12 16.06 -4.84 8.24
C ASP B 12 14.74 -5.58 8.16
N ARG B 13 14.18 -5.94 9.29
CA ARG B 13 12.87 -6.66 9.28
C ARG B 13 11.73 -5.68 9.02
N VAL B 14 11.89 -4.46 9.45
CA VAL B 14 10.83 -3.42 9.24
C VAL B 14 10.85 -2.95 7.78
N ASP B 15 12.01 -2.96 7.16
CA ASP B 15 12.10 -2.52 5.74
C ASP B 15 11.59 -3.62 4.82
N ARG B 16 11.71 -4.85 5.22
CA ARG B 16 11.22 -5.98 4.38
C ARG B 16 9.69 -6.06 4.46
N GLU B 17 9.12 -5.63 5.56
CA GLU B 17 7.63 -5.68 5.70
C GLU B 17 6.99 -4.58 4.87
N ILE B 18 7.65 -3.45 4.76
CA ILE B 18 7.08 -2.32 3.95
C ILE B 18 7.15 -2.67 2.46
N THR B 19 8.09 -3.48 2.07
CA THR B 19 8.21 -3.86 0.63
C THR B 19 7.08 -4.80 0.25
N MET B 20 6.66 -5.65 1.16
CA MET B 20 5.55 -6.60 0.85
C MET B 20 4.22 -5.84 0.84
N VAL B 21 4.04 -4.91 1.75
CA VAL B 21 2.78 -4.13 1.80
C VAL B 21 2.76 -3.12 0.65
N GLU B 22 3.92 -2.65 0.23
CA GLU B 22 3.97 -1.67 -0.89
C GLU B 22 3.75 -2.40 -2.22
N GLN B 23 4.11 -3.65 -2.29
CA GLN B 23 3.93 -4.41 -3.57
C GLN B 23 2.45 -4.77 -3.75
N GLN B 24 1.72 -4.90 -2.67
CA GLN B 24 0.28 -5.25 -2.77
C GLN B 24 -0.52 -4.03 -3.24
N ILE B 25 -0.05 -2.85 -2.93
CA ILE B 25 -0.77 -1.62 -3.36
C ILE B 25 -0.52 -1.36 -4.86
N SER B 26 0.65 -1.70 -5.32
CA SER B 26 0.98 -1.50 -6.77
C SER B 26 0.19 -2.50 -7.61
N LYS B 27 -0.07 -3.66 -7.06
CA LYS B 27 -0.85 -4.69 -7.82
C LYS B 27 -2.33 -4.32 -7.80
N LEU B 28 -2.80 -3.74 -6.73
CA LEU B 28 -4.23 -3.34 -6.64
C LEU B 28 -4.47 -2.13 -7.56
N LYS B 29 -3.48 -1.29 -7.72
CA LYS B 29 -3.64 -0.10 -8.61
C LYS B 29 -3.79 -0.56 -10.06
N LYS B 30 -3.02 -1.54 -10.46
CA LYS B 30 -3.12 -2.05 -11.86
C LYS B 30 -4.43 -2.82 -12.03
N LYS B 31 -4.88 -3.45 -10.97
CA LYS B 31 -6.17 -4.21 -11.04
C LYS B 31 -7.32 -3.23 -11.21
N GLN B 32 -7.19 -2.06 -10.65
CA GLN B 32 -8.28 -1.03 -10.78
C GLN B 32 -8.41 -0.62 -12.25
N GLN B 33 -7.33 -0.67 -12.98
CA GLN B 33 -7.37 -0.28 -14.43
C GLN B 33 -8.32 -1.23 -15.18
N GLN B 34 -8.19 -2.50 -14.94
CA GLN B 34 -9.09 -3.49 -15.63
C GLN B 34 -10.54 -3.22 -15.25
N LEU B 35 -10.78 -2.87 -14.01
CA LEU B 35 -12.18 -2.58 -13.57
C LEU B 35 -12.64 -1.24 -14.15
N GLU B 36 -11.74 -0.31 -14.29
CA GLU B 36 -12.11 1.02 -14.85
C GLU B 36 -12.26 0.92 -16.37
N GLU B 37 -11.47 0.08 -16.99
CA GLU B 37 -11.56 -0.09 -18.47
C GLU B 37 -12.76 -0.97 -18.80
N GLU B 38 -13.11 -1.88 -17.92
CA GLU B 38 -14.27 -2.78 -18.18
C GLU B 38 -15.58 -2.01 -17.92
N ALA B 39 -15.53 -1.03 -17.05
CA ALA B 39 -16.77 -0.25 -16.73
C ALA B 39 -17.06 0.75 -17.86
N ALA B 40 -16.04 1.13 -18.61
CA ALA B 40 -16.26 2.10 -19.73
C ALA B 40 -16.79 1.37 -20.97
N LYS B 41 -16.52 0.10 -21.08
CA LYS B 41 -16.99 -0.68 -22.27
C LYS B 41 -18.53 -0.62 -22.36
N PRO B 42 -19.06 -0.99 -23.50
CA PRO B 42 -20.54 -0.97 -23.68
C PRO B 42 -21.19 -2.10 -22.89
N LYS A 1 -27.44 -5.47 -14.41
CA LYS A 1 -26.37 -5.96 -15.33
C LYS A 1 -26.20 -5.01 -16.51
N LYS A 2 -25.46 -3.94 -16.32
CA LYS A 2 -25.26 -2.96 -17.43
C LYS A 2 -23.94 -2.21 -17.22
N GLU A 3 -23.72 -1.15 -17.97
CA GLU A 3 -22.46 -0.37 -17.82
C GLU A 3 -22.57 0.62 -16.66
N MET A 4 -23.77 1.05 -16.35
CA MET A 4 -23.96 2.02 -15.23
C MET A 4 -23.78 1.31 -13.89
N GLU A 5 -24.10 0.04 -13.84
CA GLU A 5 -23.94 -0.73 -12.56
C GLU A 5 -22.46 -1.00 -12.29
N GLU A 6 -21.68 -1.11 -13.33
CA GLU A 6 -20.22 -1.38 -13.15
C GLU A 6 -19.52 -0.12 -12.61
N ARG A 7 -20.05 1.04 -12.90
CA ARG A 7 -19.43 2.30 -12.41
C ARG A 7 -19.64 2.44 -10.90
N MET A 8 -20.71 1.88 -10.39
CA MET A 8 -20.97 1.97 -8.91
C MET A 8 -19.99 1.09 -8.15
N SER A 9 -19.72 -0.08 -8.67
CA SER A 9 -18.75 -1.00 -7.99
C SER A 9 -17.36 -0.35 -7.94
N LEU A 10 -17.07 0.50 -8.89
CA LEU A 10 -15.73 1.19 -8.91
C LEU A 10 -15.60 2.10 -7.68
N GLU A 11 -16.69 2.63 -7.20
CA GLU A 11 -16.63 3.52 -6.00
C GLU A 11 -16.34 2.69 -4.75
N GLU A 12 -16.84 1.49 -4.69
CA GLU A 12 -16.59 0.63 -3.50
C GLU A 12 -15.16 0.09 -3.55
N THR A 13 -14.63 -0.11 -4.72
CA THR A 13 -13.23 -0.62 -4.84
C THR A 13 -12.24 0.48 -4.47
N LYS A 14 -12.61 1.72 -4.69
CA LYS A 14 -11.70 2.86 -4.35
C LYS A 14 -11.58 2.99 -2.82
N GLU A 15 -12.58 2.56 -2.10
CA GLU A 15 -12.52 2.66 -0.61
C GLU A 15 -11.50 1.67 -0.05
N GLN A 16 -11.33 0.54 -0.70
CA GLN A 16 -10.35 -0.47 -0.21
C GLN A 16 -8.94 -0.04 -0.59
N ILE A 17 -8.78 0.60 -1.72
CA ILE A 17 -7.43 1.07 -2.16
C ILE A 17 -7.02 2.29 -1.32
N LEU A 18 -7.98 3.04 -0.83
CA LEU A 18 -7.65 4.23 0.00
C LEU A 18 -7.14 3.79 1.38
N LYS A 19 -7.70 2.73 1.92
CA LYS A 19 -7.24 2.25 3.25
C LYS A 19 -5.79 1.75 3.15
N LEU A 20 -5.42 1.24 2.01
CA LEU A 20 -4.02 0.74 1.83
C LEU A 20 -3.03 1.90 1.86
N GLU A 21 -3.47 3.07 1.44
CA GLU A 21 -2.55 4.26 1.43
C GLU A 21 -2.26 4.69 2.86
N GLU A 22 -3.21 4.54 3.74
CA GLU A 22 -2.99 4.94 5.17
C GLU A 22 -2.11 3.90 5.88
N LYS A 23 -2.21 2.67 5.45
CA LYS A 23 -1.38 1.60 6.08
C LYS A 23 0.07 1.69 5.60
N LEU A 24 0.27 2.18 4.40
CA LEU A 24 1.66 2.31 3.86
C LEU A 24 2.35 3.51 4.49
N LEU A 25 1.59 4.54 4.80
CA LEU A 25 2.19 5.75 5.43
C LEU A 25 2.49 5.49 6.91
N ALA A 26 1.68 4.67 7.53
CA ALA A 26 1.91 4.35 8.98
C ALA A 26 3.09 3.40 9.11
N LEU A 27 3.33 2.59 8.10
CA LEU A 27 4.48 1.63 8.17
C LEU A 27 5.80 2.39 7.98
N GLN A 28 5.80 3.39 7.14
CA GLN A 28 7.05 4.18 6.91
C GLN A 28 7.39 5.00 8.15
N GLU A 29 6.40 5.36 8.92
CA GLU A 29 6.66 6.17 10.16
C GLU A 29 7.33 5.28 11.21
N GLU A 30 7.09 3.99 11.18
CA GLU A 30 7.71 3.08 12.17
C GLU A 30 9.21 2.93 11.88
N LYS A 31 9.57 2.76 10.63
CA LYS A 31 11.01 2.62 10.26
C LYS A 31 11.76 3.91 10.63
N HIS A 32 11.06 5.02 10.62
CA HIS A 32 11.72 6.32 10.96
C HIS A 32 12.21 6.29 12.41
N GLN A 33 11.49 5.61 13.27
CA GLN A 33 11.91 5.54 14.71
C GLN A 33 13.25 4.80 14.82
N LEU A 34 13.46 3.83 13.98
CA LEU A 34 14.76 3.07 14.02
C LEU A 34 15.92 4.01 13.68
N PHE A 35 15.70 4.94 12.78
CA PHE A 35 16.79 5.89 12.39
C PHE A 35 17.25 6.69 13.61
N LEU A 36 16.33 7.01 14.50
CA LEU A 36 16.70 7.79 15.71
C LEU A 36 17.67 6.97 16.57
N GLN A 37 17.55 5.66 16.51
CA GLN A 37 18.47 4.79 17.31
C GLN A 37 19.62 4.31 16.43
N LEU A 38 19.42 4.22 15.14
CA LEU A 38 20.50 3.76 14.22
C LEU A 38 21.74 4.64 14.37
N GLY B 1 21.66 3.44 19.27
CA GLY B 1 22.50 2.37 18.67
C GLY B 1 23.02 1.44 19.76
N LEU B 2 23.18 0.18 19.46
CA LEU B 2 23.68 -0.79 20.48
C LEU B 2 25.00 -1.42 20.03
N SER B 3 25.22 -1.53 18.75
CA SER B 3 26.50 -2.14 18.25
C SER B 3 26.72 -1.87 16.75
N LYS B 4 26.03 -0.89 16.19
CA LYS B 4 26.20 -0.58 14.73
C LYS B 4 26.11 -1.84 13.87
N GLU B 5 25.42 -2.84 14.35
CA GLU B 5 25.29 -4.11 13.57
C GLU B 5 24.01 -4.84 13.96
N GLU B 6 23.75 -4.96 15.24
CA GLU B 6 22.51 -5.66 15.69
C GLU B 6 21.31 -4.75 15.43
N LEU B 7 21.49 -3.47 15.60
CA LEU B 7 20.37 -2.52 15.35
C LEU B 7 20.17 -2.35 13.83
N ILE B 8 21.23 -2.55 13.07
CA ILE B 8 21.12 -2.41 11.59
C ILE B 8 20.26 -3.56 11.05
N GLN B 9 20.33 -4.71 11.67
CA GLN B 9 19.53 -5.88 11.21
C GLN B 9 18.05 -5.64 11.51
N ASN B 10 17.76 -4.91 12.55
CA ASN B 10 16.34 -4.63 12.91
C ASN B 10 15.70 -3.73 11.83
N MET B 11 16.48 -2.87 11.23
CA MET B 11 15.93 -1.98 10.17
C MET B 11 15.63 -2.80 8.91
N ASP B 12 16.39 -3.83 8.68
CA ASP B 12 16.15 -4.69 7.47
C ASP B 12 14.89 -5.53 7.67
N ARG B 13 14.59 -5.87 8.89
CA ARG B 13 13.37 -6.68 9.18
C ARG B 13 12.12 -5.82 9.05
N VAL B 14 12.19 -4.60 9.51
CA VAL B 14 11.01 -3.68 9.41
C VAL B 14 10.83 -3.25 7.96
N ASP B 15 11.91 -3.16 7.22
CA ASP B 15 11.81 -2.75 5.78
C ASP B 15 11.20 -3.88 4.97
N ARG B 16 11.41 -5.10 5.38
CA ARG B 16 10.83 -6.26 4.64
C ARG B 16 9.31 -6.25 4.76
N GLU B 17 8.80 -5.79 5.88
CA GLU B 17 7.32 -5.74 6.08
C GLU B 17 6.72 -4.61 5.25
N ILE B 18 7.43 -3.52 5.13
CA ILE B 18 6.92 -2.36 4.34
C ILE B 18 7.00 -2.69 2.84
N THR B 19 7.95 -3.51 2.46
CA THR B 19 8.09 -3.87 1.02
C THR B 19 6.99 -4.86 0.63
N MET B 20 6.57 -5.69 1.55
CA MET B 20 5.49 -6.68 1.24
C MET B 20 4.14 -5.96 1.19
N VAL B 21 3.93 -5.01 2.07
CA VAL B 21 2.64 -4.26 2.06
C VAL B 21 2.61 -3.31 0.86
N GLU B 22 3.75 -2.83 0.44
CA GLU B 22 3.81 -1.91 -0.73
C GLU B 22 3.55 -2.70 -2.02
N GLN B 23 3.91 -3.95 -2.05
CA GLN B 23 3.69 -4.78 -3.26
C GLN B 23 2.19 -5.06 -3.44
N GLN B 24 1.47 -5.11 -2.36
CA GLN B 24 0.00 -5.37 -2.45
C GLN B 24 -0.72 -4.13 -2.97
N ILE B 25 -0.23 -2.97 -2.61
CA ILE B 25 -0.88 -1.70 -3.07
C ILE B 25 -0.57 -1.47 -4.55
N SER B 26 0.58 -1.90 -4.99
CA SER B 26 0.96 -1.72 -6.43
C SER B 26 0.12 -2.68 -7.29
N LYS B 27 -0.16 -3.85 -6.78
CA LYS B 27 -0.97 -4.83 -7.55
C LYS B 27 -2.44 -4.42 -7.52
N LEU B 28 -2.86 -3.81 -6.43
CA LEU B 28 -4.28 -3.37 -6.33
C LEU B 28 -4.50 -2.17 -7.27
N LYS B 29 -3.48 -1.37 -7.47
CA LYS B 29 -3.61 -0.19 -8.37
C LYS B 29 -3.77 -0.66 -9.80
N LYS B 30 -2.94 -1.58 -10.23
CA LYS B 30 -3.04 -2.12 -11.62
C LYS B 30 -4.36 -2.88 -11.78
N LYS B 31 -4.82 -3.49 -10.72
CA LYS B 31 -6.10 -4.25 -10.79
C LYS B 31 -7.26 -3.27 -11.04
N GLN B 32 -7.16 -2.09 -10.50
CA GLN B 32 -8.24 -1.07 -10.71
C GLN B 32 -8.29 -0.67 -12.19
N GLN B 33 -7.16 -0.75 -12.87
CA GLN B 33 -7.13 -0.39 -14.32
C GLN B 33 -8.05 -1.34 -15.10
N GLN B 34 -8.03 -2.60 -14.76
CA GLN B 34 -8.89 -3.58 -15.47
C GLN B 34 -10.36 -3.23 -15.27
N LEU B 35 -10.69 -2.71 -14.11
CA LEU B 35 -12.11 -2.32 -13.84
C LEU B 35 -12.43 -1.00 -14.55
N GLU B 36 -11.44 -0.15 -14.71
CA GLU B 36 -11.67 1.15 -15.39
C GLU B 36 -11.69 0.94 -16.90
N GLU B 37 -10.94 -0.02 -17.38
CA GLU B 37 -10.91 -0.30 -18.85
C GLU B 37 -12.15 -1.10 -19.25
N GLU B 38 -12.67 -1.90 -18.34
CA GLU B 38 -13.88 -2.70 -18.66
C GLU B 38 -15.13 -1.82 -18.58
N ALA B 39 -15.09 -0.80 -17.76
CA ALA B 39 -16.27 0.12 -17.63
C ALA B 39 -16.31 1.09 -18.82
N ALA B 40 -15.17 1.40 -19.40
CA ALA B 40 -15.14 2.33 -20.56
C ALA B 40 -15.38 1.56 -21.87
N LYS B 41 -14.91 0.34 -21.93
CA LYS B 41 -15.09 -0.48 -23.17
C LYS B 41 -14.61 0.28 -24.42
N PRO B 42 -13.38 0.05 -24.81
CA PRO B 42 -12.82 0.75 -26.00
C PRO B 42 -13.46 0.19 -27.28
N LYS A 1 -22.97 -4.24 -17.84
CA LYS A 1 -23.72 -4.06 -19.12
C LYS A 1 -23.86 -2.57 -19.44
N LYS A 2 -24.16 -1.76 -18.46
CA LYS A 2 -24.32 -0.30 -18.70
C LYS A 2 -22.94 0.37 -18.73
N GLU A 3 -22.92 1.68 -18.78
CA GLU A 3 -21.61 2.41 -18.81
C GLU A 3 -21.40 3.18 -17.51
N MET A 4 -22.47 3.60 -16.88
CA MET A 4 -22.36 4.36 -15.60
C MET A 4 -22.30 3.39 -14.41
N GLU A 5 -22.91 2.24 -14.56
CA GLU A 5 -22.90 1.24 -13.43
C GLU A 5 -21.46 0.83 -13.10
N GLU A 6 -20.59 0.88 -14.08
CA GLU A 6 -19.15 0.50 -13.82
C GLU A 6 -18.46 1.55 -12.96
N ARG A 7 -18.91 2.78 -13.05
CA ARG A 7 -18.28 3.87 -12.23
C ARG A 7 -18.68 3.73 -10.76
N MET A 8 -19.85 3.19 -10.51
CA MET A 8 -20.32 3.02 -9.09
C MET A 8 -19.51 1.90 -8.43
N SER A 9 -19.15 0.89 -9.17
CA SER A 9 -18.36 -0.24 -8.58
C SER A 9 -16.96 0.25 -8.19
N LEU A 10 -16.46 1.23 -8.89
CA LEU A 10 -15.10 1.77 -8.56
C LEU A 10 -15.12 2.43 -7.18
N GLU A 11 -16.26 2.96 -6.79
CA GLU A 11 -16.35 3.61 -5.44
C GLU A 11 -16.10 2.59 -4.34
N GLU A 12 -16.65 1.42 -4.48
CA GLU A 12 -16.44 0.37 -3.44
C GLU A 12 -15.00 -0.16 -3.51
N THR A 13 -14.49 -0.28 -4.71
CA THR A 13 -13.08 -0.77 -4.87
C THR A 13 -12.11 0.33 -4.44
N LYS A 14 -12.50 1.57 -4.63
CA LYS A 14 -11.60 2.70 -4.23
C LYS A 14 -11.52 2.78 -2.72
N GLU A 15 -12.54 2.34 -2.02
CA GLU A 15 -12.51 2.40 -0.53
C GLU A 15 -11.48 1.41 0.02
N GLN A 16 -11.36 0.26 -0.59
CA GLN A 16 -10.37 -0.75 -0.12
C GLN A 16 -8.97 -0.32 -0.57
N ILE A 17 -8.86 0.26 -1.73
CA ILE A 17 -7.53 0.71 -2.24
C ILE A 17 -7.12 2.00 -1.51
N LEU A 18 -8.08 2.76 -1.04
CA LEU A 18 -7.76 4.02 -0.30
C LEU A 18 -7.26 3.69 1.11
N LYS A 19 -7.80 2.64 1.70
CA LYS A 19 -7.36 2.26 3.08
C LYS A 19 -5.94 1.70 3.03
N LEU A 20 -5.60 1.04 1.96
CA LEU A 20 -4.21 0.48 1.83
C LEU A 20 -3.20 1.62 1.76
N GLU A 21 -3.59 2.75 1.23
CA GLU A 21 -2.65 3.90 1.14
C GLU A 21 -2.24 4.35 2.54
N GLU A 22 -3.18 4.44 3.44
CA GLU A 22 -2.86 4.87 4.83
C GLU A 22 -2.04 3.79 5.51
N LYS A 23 -2.28 2.54 5.17
CA LYS A 23 -1.51 1.42 5.77
C LYS A 23 -0.05 1.49 5.32
N LEU A 24 0.17 1.91 4.10
CA LEU A 24 1.58 2.00 3.59
C LEU A 24 2.30 3.17 4.27
N LEU A 25 1.56 4.21 4.61
CA LEU A 25 2.18 5.38 5.29
C LEU A 25 2.53 5.01 6.73
N ALA A 26 1.68 4.25 7.38
CA ALA A 26 1.95 3.84 8.79
C ALA A 26 3.17 2.92 8.82
N LEU A 27 3.39 2.17 7.77
CA LEU A 27 4.57 1.25 7.73
C LEU A 27 5.86 2.06 7.61
N GLN A 28 5.88 3.02 6.71
CA GLN A 28 7.10 3.86 6.55
C GLN A 28 7.36 4.67 7.82
N GLU A 29 6.31 5.02 8.52
CA GLU A 29 6.47 5.79 9.78
C GLU A 29 7.20 4.93 10.84
N GLU A 30 7.03 3.64 10.75
CA GLU A 30 7.71 2.73 11.74
C GLU A 30 9.23 2.83 11.55
N LYS A 31 9.69 2.73 10.34
CA LYS A 31 11.17 2.82 10.08
C LYS A 31 11.68 4.20 10.51
N HIS A 32 10.84 5.20 10.41
CA HIS A 32 11.26 6.58 10.80
C HIS A 32 11.53 6.62 12.31
N GLN A 33 10.78 5.86 13.07
CA GLN A 33 11.00 5.85 14.55
C GLN A 33 12.32 5.14 14.87
N LEU A 34 12.64 4.11 14.13
CA LEU A 34 13.91 3.37 14.38
C LEU A 34 15.11 4.27 14.07
N PHE A 35 14.93 5.19 13.14
CA PHE A 35 16.05 6.11 12.78
C PHE A 35 16.37 7.03 13.96
N LEU A 36 15.39 7.34 14.77
CA LEU A 36 15.64 8.22 15.95
C LEU A 36 16.34 7.44 17.06
N GLN A 37 16.12 6.16 17.13
CA GLN A 37 16.78 5.33 18.18
C GLN A 37 18.07 4.68 17.64
N LEU A 38 18.43 4.93 16.41
CA LEU A 38 19.67 4.31 15.84
C LEU A 38 20.89 4.74 16.67
N GLY B 1 21.32 4.17 22.04
CA GLY B 1 21.19 3.00 21.12
C GLY B 1 21.56 1.73 21.88
N LEU B 2 22.31 0.85 21.26
CA LEU B 2 22.71 -0.42 21.93
C LEU B 2 24.12 -0.84 21.49
N SER B 3 24.26 -1.44 20.33
CA SER B 3 25.61 -1.87 19.86
C SER B 3 25.82 -1.46 18.39
N LYS B 4 25.05 -0.54 17.88
CA LYS B 4 25.20 -0.11 16.45
C LYS B 4 25.20 -1.33 15.52
N GLU B 5 24.57 -2.39 15.95
CA GLU B 5 24.52 -3.63 15.11
C GLU B 5 23.21 -4.36 15.38
N GLU B 6 22.86 -4.53 16.62
CA GLU B 6 21.59 -5.22 16.95
C GLU B 6 20.41 -4.37 16.49
N LEU B 7 20.56 -3.08 16.55
CA LEU B 7 19.46 -2.17 16.10
C LEU B 7 19.47 -2.10 14.57
N ILE B 8 20.63 -2.29 13.98
CA ILE B 8 20.72 -2.24 12.48
C ILE B 8 19.99 -3.46 11.90
N GLN B 9 19.98 -4.55 12.62
CA GLN B 9 19.29 -5.77 12.10
C GLN B 9 17.77 -5.57 12.17
N ASN B 10 17.30 -4.79 13.10
CA ASN B 10 15.84 -4.54 13.22
C ASN B 10 15.39 -3.58 12.11
N MET B 11 16.25 -2.68 11.73
CA MET B 11 15.89 -1.71 10.64
C MET B 11 15.81 -2.43 9.30
N ASP B 12 16.58 -3.48 9.13
CA ASP B 12 16.55 -4.24 7.84
C ASP B 12 15.26 -5.05 7.74
N ARG B 13 14.81 -5.57 8.85
CA ARG B 13 13.55 -6.38 8.83
C ARG B 13 12.33 -5.46 8.69
N VAL B 14 12.44 -4.26 9.20
CA VAL B 14 11.30 -3.29 9.09
C VAL B 14 11.22 -2.75 7.67
N ASP B 15 12.34 -2.64 7.00
CA ASP B 15 12.34 -2.11 5.60
C ASP B 15 11.81 -3.18 4.64
N ARG B 16 12.12 -4.43 4.90
CA ARG B 16 11.63 -5.53 4.03
C ARG B 16 10.13 -5.72 4.22
N GLU B 17 9.63 -5.40 5.39
CA GLU B 17 8.16 -5.56 5.66
C GLU B 17 7.38 -4.50 4.87
N ILE B 18 7.95 -3.34 4.69
CA ILE B 18 7.25 -2.28 3.91
C ILE B 18 7.18 -2.65 2.43
N THR B 19 8.16 -3.40 1.97
CA THR B 19 8.15 -3.81 0.53
C THR B 19 7.06 -4.84 0.28
N MET B 20 6.80 -5.69 1.25
CA MET B 20 5.72 -6.71 1.08
C MET B 20 4.35 -6.04 1.11
N VAL B 21 4.16 -5.13 2.03
CA VAL B 21 2.84 -4.41 2.11
C VAL B 21 2.71 -3.46 0.94
N GLU B 22 3.82 -2.91 0.48
CA GLU B 22 3.77 -1.97 -0.68
C GLU B 22 3.55 -2.75 -1.97
N GLN B 23 4.03 -3.97 -2.02
CA GLN B 23 3.85 -4.80 -3.25
C GLN B 23 2.39 -5.25 -3.36
N GLN B 24 1.73 -5.42 -2.25
CA GLN B 24 0.30 -5.87 -2.27
C GLN B 24 -0.57 -4.73 -2.79
N ILE B 25 -0.26 -3.51 -2.43
CA ILE B 25 -1.06 -2.35 -2.91
C ILE B 25 -0.81 -2.12 -4.41
N SER B 26 0.37 -2.43 -4.86
CA SER B 26 0.69 -2.25 -6.30
C SER B 26 -0.10 -3.26 -7.13
N LYS B 27 -0.32 -4.44 -6.61
CA LYS B 27 -1.10 -5.46 -7.35
C LYS B 27 -2.59 -5.10 -7.31
N LEU B 28 -3.03 -4.57 -6.20
CA LEU B 28 -4.47 -4.17 -6.09
C LEU B 28 -4.73 -2.95 -6.96
N LYS B 29 -3.74 -2.09 -7.10
CA LYS B 29 -3.91 -0.88 -7.95
C LYS B 29 -4.08 -1.29 -9.41
N LYS B 30 -3.33 -2.28 -9.85
CA LYS B 30 -3.45 -2.74 -11.26
C LYS B 30 -4.84 -3.33 -11.48
N LYS B 31 -5.41 -3.92 -10.46
CA LYS B 31 -6.78 -4.50 -10.58
C LYS B 31 -7.79 -3.39 -10.89
N GLN B 32 -7.59 -2.24 -10.30
CA GLN B 32 -8.52 -1.09 -10.56
C GLN B 32 -8.48 -0.71 -12.04
N GLN B 33 -7.34 -0.91 -12.67
CA GLN B 33 -7.22 -0.56 -14.12
C GLN B 33 -8.21 -1.39 -14.94
N GLN B 34 -8.29 -2.66 -14.65
CA GLN B 34 -9.23 -3.53 -15.40
C GLN B 34 -10.67 -3.08 -15.16
N LEU B 35 -10.98 -2.70 -13.94
CA LEU B 35 -12.37 -2.24 -13.63
C LEU B 35 -12.60 -0.87 -14.27
N GLU B 36 -11.62 -0.01 -14.22
CA GLU B 36 -11.78 1.34 -14.85
C GLU B 36 -11.74 1.22 -16.37
N GLU B 37 -11.02 0.25 -16.87
CA GLU B 37 -10.93 0.06 -18.34
C GLU B 37 -12.23 -0.55 -18.86
N GLU B 38 -12.88 -1.34 -18.04
CA GLU B 38 -14.17 -1.97 -18.47
C GLU B 38 -15.25 -0.90 -18.59
N ALA B 39 -15.16 0.13 -17.80
CA ALA B 39 -16.19 1.23 -17.86
C ALA B 39 -16.12 1.92 -19.22
N ALA B 40 -14.95 1.94 -19.82
CA ALA B 40 -14.82 2.60 -21.16
C ALA B 40 -14.55 1.54 -22.23
N LYS B 41 -15.04 0.33 -22.03
CA LYS B 41 -14.82 -0.75 -23.02
C LYS B 41 -16.12 -1.06 -23.77
N PRO B 42 -16.37 -0.34 -24.86
CA PRO B 42 -17.61 -0.56 -25.63
C PRO B 42 -17.52 -1.89 -26.40
N LYS A 1 -30.65 5.63 -18.62
CA LYS A 1 -30.31 5.14 -17.26
C LYS A 1 -29.11 4.19 -17.31
N LYS A 2 -28.07 4.57 -18.03
CA LYS A 2 -26.87 3.70 -18.12
C LYS A 2 -25.61 4.48 -17.73
N GLU A 3 -24.45 3.93 -17.97
CA GLU A 3 -23.17 4.62 -17.61
C GLU A 3 -23.18 5.05 -16.13
N MET A 4 -23.73 4.24 -15.26
CA MET A 4 -23.78 4.60 -13.81
C MET A 4 -23.37 3.40 -12.96
N GLU A 5 -23.85 2.23 -13.28
CA GLU A 5 -23.50 1.01 -12.49
C GLU A 5 -21.98 0.78 -12.54
N GLU A 6 -21.34 1.19 -13.59
CA GLU A 6 -19.86 1.00 -13.70
C GLU A 6 -19.14 2.03 -12.84
N ARG A 7 -19.70 3.20 -12.71
CA ARG A 7 -19.05 4.26 -11.88
C ARG A 7 -19.23 3.94 -10.40
N MET A 8 -20.27 3.23 -10.06
CA MET A 8 -20.51 2.88 -8.62
C MET A 8 -19.56 1.76 -8.20
N SER A 9 -19.16 0.92 -9.11
CA SER A 9 -18.23 -0.20 -8.76
C SER A 9 -16.82 0.34 -8.55
N LEU A 10 -16.47 1.42 -9.21
CA LEU A 10 -15.12 2.01 -9.04
C LEU A 10 -15.02 2.75 -7.70
N GLU A 11 -16.13 3.25 -7.21
CA GLU A 11 -16.11 3.98 -5.91
C GLU A 11 -15.99 2.99 -4.76
N GLU A 12 -16.55 1.81 -4.91
CA GLU A 12 -16.48 0.79 -3.83
C GLU A 12 -15.08 0.17 -3.80
N THR A 13 -14.50 -0.01 -4.96
CA THR A 13 -13.13 -0.60 -5.02
C THR A 13 -12.11 0.43 -4.53
N LYS A 14 -12.39 1.69 -4.72
CA LYS A 14 -11.44 2.75 -4.26
C LYS A 14 -11.41 2.77 -2.73
N GLU A 15 -12.48 2.39 -2.09
CA GLU A 15 -12.51 2.38 -0.60
C GLU A 15 -11.49 1.38 -0.06
N GLN A 16 -11.37 0.24 -0.69
CA GLN A 16 -10.38 -0.77 -0.23
C GLN A 16 -8.97 -0.33 -0.60
N ILE A 17 -8.83 0.32 -1.72
CA ILE A 17 -7.48 0.81 -2.16
C ILE A 17 -7.08 2.02 -1.31
N LEU A 18 -8.05 2.76 -0.82
CA LEU A 18 -7.73 3.96 0.02
C LEU A 18 -7.22 3.51 1.40
N LYS A 19 -7.71 2.39 1.88
CA LYS A 19 -7.26 1.89 3.22
C LYS A 19 -5.79 1.49 3.15
N LEU A 20 -5.34 1.04 2.01
CA LEU A 20 -3.90 0.63 1.87
C LEU A 20 -2.99 1.84 2.03
N GLU A 21 -3.48 3.01 1.68
CA GLU A 21 -2.64 4.24 1.83
C GLU A 21 -2.38 4.53 3.30
N GLU A 22 -3.34 4.26 4.14
CA GLU A 22 -3.15 4.50 5.60
C GLU A 22 -2.27 3.42 6.21
N LYS A 23 -2.37 2.22 5.69
CA LYS A 23 -1.53 1.10 6.22
C LYS A 23 -0.11 1.22 5.68
N LEU A 24 0.04 1.77 4.50
CA LEU A 24 1.41 1.94 3.92
C LEU A 24 2.09 3.15 4.54
N LEU A 25 1.33 4.14 4.93
CA LEU A 25 1.93 5.36 5.56
C LEU A 25 2.29 5.06 7.01
N ALA A 26 1.55 4.18 7.65
CA ALA A 26 1.85 3.84 9.08
C ALA A 26 3.07 2.92 9.13
N LEU A 27 3.28 2.14 8.10
CA LEU A 27 4.46 1.22 8.09
C LEU A 27 5.74 2.01 7.79
N GLN A 28 5.65 3.01 6.95
CA GLN A 28 6.86 3.83 6.62
C GLN A 28 7.21 4.73 7.82
N GLU A 29 6.22 5.13 8.57
CA GLU A 29 6.48 5.99 9.76
C GLU A 29 7.18 5.18 10.86
N GLU A 30 6.95 3.90 10.88
CA GLU A 30 7.61 3.04 11.93
C GLU A 30 9.11 2.96 11.66
N LYS A 31 9.50 2.85 10.42
CA LYS A 31 10.96 2.78 10.09
C LYS A 31 11.62 4.12 10.38
N HIS A 32 10.88 5.20 10.26
CA HIS A 32 11.47 6.55 10.54
C HIS A 32 11.74 6.70 12.03
N GLN A 33 10.96 6.04 12.86
CA GLN A 33 11.17 6.15 14.33
C GLN A 33 12.51 5.50 14.71
N LEU A 34 12.86 4.42 14.06
CA LEU A 34 14.15 3.73 14.36
C LEU A 34 15.32 4.69 14.15
N PHE A 35 15.23 5.53 13.14
CA PHE A 35 16.34 6.50 12.87
C PHE A 35 16.47 7.46 14.05
N LEU A 36 15.39 8.07 14.45
CA LEU A 36 15.44 9.01 15.61
C LEU A 36 15.87 8.26 16.86
N GLN A 37 15.59 6.97 16.93
CA GLN A 37 15.98 6.17 18.12
C GLN A 37 17.15 5.23 17.77
N LEU A 38 17.90 5.54 16.73
CA LEU A 38 19.05 4.67 16.34
C LEU A 38 20.03 4.51 17.51
N GLY B 1 21.29 5.14 21.84
CA GLY B 1 21.31 3.96 20.93
C GLY B 1 21.74 2.71 21.71
N LEU B 2 20.95 1.67 21.68
CA LEU B 2 21.30 0.41 22.43
C LEU B 2 22.75 -0.04 22.14
N SER B 3 23.06 -0.36 20.90
CA SER B 3 24.45 -0.79 20.58
C SER B 3 24.86 -0.39 19.16
N LYS B 4 24.11 0.49 18.53
CA LYS B 4 24.45 0.92 17.13
C LYS B 4 24.66 -0.30 16.22
N GLU B 5 24.06 -1.41 16.55
CA GLU B 5 24.22 -2.64 15.74
C GLU B 5 22.96 -3.50 15.85
N GLU B 6 22.47 -3.71 17.04
CA GLU B 6 21.25 -4.53 17.23
C GLU B 6 20.05 -3.81 16.60
N LEU B 7 19.97 -2.52 16.82
CA LEU B 7 18.85 -1.73 16.22
C LEU B 7 19.06 -1.61 14.71
N ILE B 8 20.29 -1.63 14.28
CA ILE B 8 20.58 -1.54 12.82
C ILE B 8 20.06 -2.80 12.12
N GLN B 9 20.08 -3.91 12.80
CA GLN B 9 19.57 -5.17 12.19
C GLN B 9 18.04 -5.15 12.15
N ASN B 10 17.43 -4.50 13.10
CA ASN B 10 15.94 -4.41 13.14
C ASN B 10 15.45 -3.49 12.01
N MET B 11 16.25 -2.52 11.65
CA MET B 11 15.83 -1.58 10.56
C MET B 11 15.80 -2.33 9.22
N ASP B 12 16.67 -3.29 9.05
CA ASP B 12 16.70 -4.08 7.78
C ASP B 12 15.48 -5.01 7.70
N ARG B 13 15.05 -5.52 8.83
CA ARG B 13 13.86 -6.42 8.84
C ARG B 13 12.59 -5.60 8.65
N VAL B 14 12.59 -4.37 9.09
CA VAL B 14 11.38 -3.51 8.94
C VAL B 14 11.25 -3.07 7.48
N ASP B 15 12.35 -2.92 6.79
CA ASP B 15 12.30 -2.49 5.36
C ASP B 15 11.76 -3.63 4.50
N ARG B 16 12.00 -4.85 4.88
CA ARG B 16 11.50 -6.01 4.09
C ARG B 16 9.99 -6.17 4.30
N GLU B 17 9.50 -5.77 5.45
CA GLU B 17 8.04 -5.90 5.73
C GLU B 17 7.27 -4.83 4.95
N ILE B 18 7.83 -3.65 4.83
CA ILE B 18 7.14 -2.56 4.09
C ILE B 18 7.16 -2.88 2.59
N THR B 19 8.17 -3.58 2.13
CA THR B 19 8.24 -3.93 0.69
C THR B 19 7.17 -4.97 0.35
N MET B 20 6.87 -5.84 1.28
CA MET B 20 5.83 -6.88 1.03
C MET B 20 4.45 -6.23 0.97
N VAL B 21 4.18 -5.34 1.90
CA VAL B 21 2.86 -4.64 1.91
C VAL B 21 2.75 -3.74 0.68
N GLU B 22 3.85 -3.22 0.21
CA GLU B 22 3.83 -2.33 -0.99
C GLU B 22 3.50 -3.15 -2.22
N GLN B 23 3.89 -4.41 -2.24
CA GLN B 23 3.61 -5.27 -3.43
C GLN B 23 2.11 -5.53 -3.53
N GLN B 24 1.45 -5.68 -2.40
CA GLN B 24 -0.02 -5.92 -2.42
C GLN B 24 -0.75 -4.68 -2.92
N ILE B 25 -0.30 -3.52 -2.53
CA ILE B 25 -0.97 -2.26 -2.99
C ILE B 25 -0.70 -2.04 -4.48
N SER B 26 0.48 -2.38 -4.92
CA SER B 26 0.81 -2.21 -6.37
C SER B 26 0.01 -3.20 -7.20
N LYS B 27 -0.26 -4.37 -6.66
CA LYS B 27 -1.05 -5.38 -7.42
C LYS B 27 -2.53 -5.00 -7.37
N LEU B 28 -2.96 -4.40 -6.28
CA LEU B 28 -4.39 -3.99 -6.17
C LEU B 28 -4.64 -2.78 -7.07
N LYS B 29 -3.65 -1.93 -7.21
CA LYS B 29 -3.80 -0.72 -8.08
C LYS B 29 -3.98 -1.17 -9.54
N LYS B 30 -3.27 -2.19 -9.94
CA LYS B 30 -3.41 -2.70 -11.34
C LYS B 30 -4.79 -3.31 -11.53
N LYS B 31 -5.33 -3.88 -10.48
CA LYS B 31 -6.69 -4.49 -10.57
C LYS B 31 -7.72 -3.40 -10.89
N GLN B 32 -7.54 -2.23 -10.34
CA GLN B 32 -8.50 -1.12 -10.61
C GLN B 32 -8.46 -0.76 -12.11
N GLN B 33 -7.33 -0.95 -12.73
CA GLN B 33 -7.22 -0.63 -14.20
C GLN B 33 -8.19 -1.50 -14.98
N GLN B 34 -8.29 -2.76 -14.63
CA GLN B 34 -9.23 -3.67 -15.35
C GLN B 34 -10.68 -3.18 -15.19
N LEU B 35 -11.02 -2.74 -14.01
CA LEU B 35 -12.41 -2.24 -13.78
C LEU B 35 -12.59 -0.88 -14.46
N GLU B 36 -11.53 -0.11 -14.55
CA GLU B 36 -11.61 1.23 -15.20
C GLU B 36 -11.62 1.06 -16.72
N GLU B 37 -10.98 0.03 -17.22
CA GLU B 37 -10.96 -0.20 -18.69
C GLU B 37 -12.30 -0.80 -19.14
N GLU B 38 -12.96 -1.52 -18.28
CA GLU B 38 -14.28 -2.13 -18.65
C GLU B 38 -15.37 -1.07 -18.59
N ALA B 39 -15.21 -0.08 -17.75
CA ALA B 39 -16.24 1.00 -17.64
C ALA B 39 -16.07 2.00 -18.79
N ALA B 40 -14.88 2.15 -19.29
CA ALA B 40 -14.65 3.10 -20.41
C ALA B 40 -14.63 2.36 -21.75
N LYS B 41 -14.30 1.08 -21.74
CA LYS B 41 -14.27 0.29 -23.01
C LYS B 41 -13.40 0.98 -24.07
N PRO B 42 -12.11 0.70 -24.04
CA PRO B 42 -11.18 1.31 -25.02
C PRO B 42 -11.38 0.70 -26.40
N LYS A 1 -29.64 2.98 -16.68
CA LYS A 1 -28.47 2.61 -17.53
C LYS A 1 -27.57 3.84 -17.78
N LYS A 2 -27.57 4.78 -16.87
CA LYS A 2 -26.74 6.01 -17.05
C LYS A 2 -25.25 5.63 -17.06
N GLU A 3 -24.40 6.56 -17.40
CA GLU A 3 -22.93 6.26 -17.43
C GLU A 3 -22.34 6.38 -16.03
N MET A 4 -22.91 7.21 -15.20
CA MET A 4 -22.39 7.38 -13.81
C MET A 4 -22.48 6.06 -13.04
N GLU A 5 -23.38 5.18 -13.43
CA GLU A 5 -23.51 3.87 -12.72
C GLU A 5 -22.20 3.10 -12.77
N GLU A 6 -21.50 3.15 -13.88
CA GLU A 6 -20.21 2.42 -14.00
C GLU A 6 -19.14 3.14 -13.18
N ARG A 7 -19.22 4.44 -13.12
CA ARG A 7 -18.22 5.22 -12.33
C ARG A 7 -18.47 5.04 -10.83
N MET A 8 -19.71 4.79 -10.47
CA MET A 8 -20.04 4.60 -9.02
C MET A 8 -19.50 3.25 -8.54
N SER A 9 -19.41 2.28 -9.42
CA SER A 9 -18.89 0.94 -9.03
C SER A 9 -17.39 1.04 -8.71
N LEU A 10 -16.71 1.92 -9.36
CA LEU A 10 -15.23 2.08 -9.10
C LEU A 10 -15.01 2.63 -7.69
N GLU A 11 -15.95 3.38 -7.18
CA GLU A 11 -15.80 3.96 -5.81
C GLU A 11 -15.81 2.83 -4.78
N GLU A 12 -16.51 1.76 -5.06
CA GLU A 12 -16.55 0.61 -4.10
C GLU A 12 -15.17 -0.04 -3.99
N THR A 13 -14.56 -0.34 -5.11
CA THR A 13 -13.21 -0.95 -5.08
C THR A 13 -12.19 0.05 -4.53
N LYS A 14 -12.42 1.31 -4.75
CA LYS A 14 -11.49 2.35 -4.22
C LYS A 14 -11.58 2.41 -2.70
N GLU A 15 -12.71 2.07 -2.15
CA GLU A 15 -12.87 2.10 -0.66
C GLU A 15 -11.94 1.06 -0.02
N GLN A 16 -11.81 -0.09 -0.63
CA GLN A 16 -10.91 -1.14 -0.06
C GLN A 16 -9.46 -0.73 -0.29
N ILE A 17 -9.15 -0.20 -1.43
CA ILE A 17 -7.76 0.24 -1.72
C ILE A 17 -7.41 1.42 -0.81
N LEU A 18 -8.40 2.17 -0.38
CA LEU A 18 -8.13 3.33 0.53
C LEU A 18 -7.55 2.83 1.85
N LYS A 19 -8.08 1.74 2.36
CA LYS A 19 -7.54 1.19 3.64
C LYS A 19 -6.10 0.71 3.44
N LEU A 20 -5.78 0.27 2.25
CA LEU A 20 -4.39 -0.20 1.96
C LEU A 20 -3.44 1.00 1.89
N GLU A 21 -3.93 2.14 1.50
CA GLU A 21 -3.06 3.35 1.40
C GLU A 21 -2.69 3.83 2.81
N GLU A 22 -3.60 3.69 3.75
CA GLU A 22 -3.30 4.12 5.14
C GLU A 22 -2.34 3.12 5.81
N LYS A 23 -2.40 1.89 5.41
CA LYS A 23 -1.50 0.86 6.00
C LYS A 23 -0.07 1.05 5.47
N LEU A 24 0.05 1.55 4.27
CA LEU A 24 1.41 1.76 3.68
C LEU A 24 2.06 2.99 4.32
N LEU A 25 1.26 3.96 4.68
CA LEU A 25 1.83 5.20 5.31
C LEU A 25 2.18 4.91 6.77
N ALA A 26 1.45 4.02 7.40
CA ALA A 26 1.74 3.68 8.82
C ALA A 26 2.98 2.79 8.90
N LEU A 27 3.25 2.03 7.88
CA LEU A 27 4.45 1.14 7.88
C LEU A 27 5.71 1.98 7.64
N GLN A 28 5.62 2.98 6.81
CA GLN A 28 6.81 3.85 6.53
C GLN A 28 7.12 4.70 7.76
N GLU A 29 6.11 5.04 8.53
CA GLU A 29 6.33 5.85 9.76
C GLU A 29 7.08 5.03 10.81
N GLU A 30 6.92 3.74 10.78
CA GLU A 30 7.62 2.88 11.78
C GLU A 30 9.12 2.89 11.52
N LYS A 31 9.52 2.86 10.27
CA LYS A 31 10.98 2.90 9.96
C LYS A 31 11.56 4.27 10.30
N HIS A 32 10.74 5.30 10.20
CA HIS A 32 11.23 6.68 10.52
C HIS A 32 11.53 6.78 12.02
N GLN A 33 10.83 6.01 12.83
CA GLN A 33 11.08 6.06 14.30
C GLN A 33 12.49 5.60 14.61
N LEU A 34 12.99 4.63 13.87
CA LEU A 34 14.37 4.13 14.12
C LEU A 34 15.39 5.21 13.75
N PHE A 35 15.09 6.02 12.77
CA PHE A 35 16.04 7.10 12.37
C PHE A 35 16.15 8.14 13.49
N LEU A 36 15.10 8.31 14.26
CA LEU A 36 15.15 9.31 15.37
C LEU A 36 16.15 8.86 16.43
N GLN A 37 16.34 7.57 16.58
CA GLN A 37 17.29 7.05 17.60
C GLN A 37 18.40 6.24 16.92
N LEU A 38 18.71 6.56 15.70
CA LEU A 38 19.79 5.81 14.97
C LEU A 38 21.12 5.94 15.71
N GLY B 1 20.90 5.06 19.51
CA GLY B 1 22.36 5.25 19.27
C GLY B 1 23.12 4.13 19.99
N LEU B 2 23.86 3.33 19.26
CA LEU B 2 24.64 2.22 19.89
C LEU B 2 26.01 2.07 19.21
N SER B 3 26.08 1.38 18.11
CA SER B 3 27.38 1.20 17.41
C SER B 3 27.26 1.55 15.92
N LYS B 4 26.25 2.30 15.55
CA LYS B 4 26.05 2.68 14.11
C LYS B 4 26.12 1.44 13.21
N GLU B 5 25.80 0.29 13.75
CA GLU B 5 25.84 -0.97 12.96
C GLU B 5 24.79 -1.94 13.46
N GLU B 6 24.69 -2.10 14.77
CA GLU B 6 23.67 -3.02 15.33
C GLU B 6 22.28 -2.43 15.09
N LEU B 7 22.16 -1.13 15.12
CA LEU B 7 20.85 -0.49 14.87
C LEU B 7 20.56 -0.48 13.37
N ILE B 8 21.60 -0.47 12.56
CA ILE B 8 21.41 -0.48 11.08
C ILE B 8 20.82 -1.82 10.66
N GLN B 9 21.15 -2.87 11.38
CA GLN B 9 20.61 -4.22 11.03
C GLN B 9 19.12 -4.29 11.37
N ASN B 10 18.70 -3.56 12.37
CA ASN B 10 17.26 -3.58 12.77
C ASN B 10 16.44 -2.77 11.76
N MET B 11 17.04 -1.76 11.18
CA MET B 11 16.30 -0.92 10.18
C MET B 11 16.12 -1.72 8.88
N ASP B 12 17.02 -2.62 8.60
CA ASP B 12 16.90 -3.43 7.35
C ASP B 12 15.73 -4.42 7.47
N ARG B 13 15.45 -4.85 8.68
CA ARG B 13 14.32 -5.82 8.88
C ARG B 13 12.98 -5.10 8.68
N VAL B 14 12.91 -3.87 9.10
CA VAL B 14 11.63 -3.10 8.94
C VAL B 14 11.35 -2.84 7.46
N ASP B 15 12.39 -2.73 6.67
CA ASP B 15 12.20 -2.50 5.21
C ASP B 15 11.59 -3.73 4.54
N ARG B 16 11.86 -4.90 5.07
CA ARG B 16 11.30 -6.15 4.48
C ARG B 16 9.80 -6.25 4.78
N GLU B 17 9.38 -5.70 5.90
CA GLU B 17 7.93 -5.76 6.26
C GLU B 17 7.13 -4.78 5.40
N ILE B 18 7.72 -3.65 5.09
CA ILE B 18 7.01 -2.64 4.25
C ILE B 18 6.92 -3.15 2.80
N THR B 19 7.90 -3.91 2.38
CA THR B 19 7.89 -4.45 0.99
C THR B 19 6.78 -5.49 0.85
N MET B 20 6.54 -6.25 1.90
CA MET B 20 5.46 -7.29 1.84
C MET B 20 4.09 -6.61 1.73
N VAL B 21 3.86 -5.58 2.51
CA VAL B 21 2.55 -4.87 2.43
C VAL B 21 2.45 -4.12 1.11
N GLU B 22 3.57 -3.69 0.57
CA GLU B 22 3.55 -2.96 -0.73
C GLU B 22 3.21 -3.93 -1.86
N GLN B 23 3.53 -5.18 -1.71
CA GLN B 23 3.22 -6.19 -2.77
C GLN B 23 1.71 -6.38 -2.88
N GLN B 24 1.01 -6.27 -1.79
CA GLN B 24 -0.47 -6.44 -1.82
C GLN B 24 -1.12 -5.17 -2.39
N ILE B 25 -0.54 -4.03 -2.12
CA ILE B 25 -1.11 -2.76 -2.64
C ILE B 25 -0.79 -2.61 -4.13
N SER B 26 0.30 -3.20 -4.57
CA SER B 26 0.67 -3.11 -6.01
C SER B 26 -0.26 -4.00 -6.83
N LYS B 27 -0.74 -5.08 -6.24
CA LYS B 27 -1.65 -5.99 -6.99
C LYS B 27 -3.05 -5.37 -7.07
N LEU B 28 -3.47 -4.70 -6.01
CA LEU B 28 -4.81 -4.05 -6.01
C LEU B 28 -4.80 -2.85 -6.96
N LYS B 29 -3.67 -2.21 -7.09
CA LYS B 29 -3.57 -1.03 -8.01
C LYS B 29 -3.73 -1.48 -9.46
N LYS B 30 -3.18 -2.63 -9.79
CA LYS B 30 -3.31 -3.15 -11.19
C LYS B 30 -4.75 -3.57 -11.45
N LYS B 31 -5.44 -4.01 -10.41
CA LYS B 31 -6.86 -4.44 -10.58
C LYS B 31 -7.73 -3.22 -10.92
N GLN B 32 -7.37 -2.08 -10.40
CA GLN B 32 -8.17 -0.84 -10.68
C GLN B 32 -8.06 -0.49 -12.17
N GLN B 33 -6.94 -0.81 -12.78
CA GLN B 33 -6.77 -0.51 -14.23
C GLN B 33 -7.81 -1.27 -15.06
N GLN B 34 -8.03 -2.51 -14.73
CA GLN B 34 -9.03 -3.32 -15.49
C GLN B 34 -10.43 -2.70 -15.34
N LEU B 35 -10.80 -2.36 -14.13
CA LEU B 35 -12.14 -1.73 -13.90
C LEU B 35 -12.16 -0.31 -14.49
N GLU B 36 -11.03 0.36 -14.44
CA GLU B 36 -10.97 1.75 -15.00
C GLU B 36 -10.90 1.69 -16.53
N GLU B 37 -10.33 0.64 -17.06
CA GLU B 37 -10.23 0.51 -18.55
C GLU B 37 -11.57 0.06 -19.12
N GLU B 38 -12.34 -0.68 -18.36
CA GLU B 38 -13.67 -1.15 -18.85
C GLU B 38 -14.69 -0.02 -18.74
N ALA B 39 -14.52 0.86 -17.79
CA ALA B 39 -15.48 1.99 -17.63
C ALA B 39 -15.15 3.11 -18.61
N ALA B 40 -13.90 3.22 -19.01
CA ALA B 40 -13.51 4.28 -19.97
C ALA B 40 -13.59 3.75 -21.42
N LYS B 41 -13.45 2.47 -21.59
CA LYS B 41 -13.51 1.87 -22.97
C LYS B 41 -12.53 2.58 -23.92
N PRO B 42 -11.29 2.15 -23.90
CA PRO B 42 -10.27 2.78 -24.79
C PRO B 42 -10.50 2.36 -26.24
N LYS A 1 -26.89 -3.24 -21.88
CA LYS A 1 -25.81 -2.21 -21.86
C LYS A 1 -26.04 -1.22 -20.71
N LYS A 2 -25.07 -0.39 -20.42
CA LYS A 2 -25.23 0.61 -19.31
C LYS A 2 -24.15 1.68 -19.42
N GLU A 3 -24.28 2.75 -18.67
CA GLU A 3 -23.27 3.84 -18.71
C GLU A 3 -23.26 4.60 -17.38
N MET A 4 -23.61 3.94 -16.31
CA MET A 4 -23.64 4.62 -14.97
C MET A 4 -23.49 3.58 -13.86
N GLU A 5 -24.19 2.49 -13.96
CA GLU A 5 -24.11 1.43 -12.91
C GLU A 5 -22.66 0.91 -12.81
N GLU A 6 -21.92 0.98 -13.88
CA GLU A 6 -20.50 0.49 -13.84
C GLU A 6 -19.63 1.46 -13.04
N ARG A 7 -19.99 2.72 -13.03
CA ARG A 7 -19.18 3.73 -12.26
C ARG A 7 -19.37 3.51 -10.76
N MET A 8 -20.51 2.99 -10.36
CA MET A 8 -20.75 2.75 -8.91
C MET A 8 -19.86 1.61 -8.41
N SER A 9 -19.51 0.70 -9.27
CA SER A 9 -18.64 -0.44 -8.85
C SER A 9 -17.21 0.06 -8.63
N LEU A 10 -16.81 1.08 -9.35
CA LEU A 10 -15.43 1.63 -9.19
C LEU A 10 -15.29 2.33 -7.84
N GLU A 11 -16.37 2.85 -7.33
CA GLU A 11 -16.32 3.57 -6.00
C GLU A 11 -16.07 2.57 -4.87
N GLU A 12 -16.53 1.34 -5.05
CA GLU A 12 -16.33 0.32 -3.99
C GLU A 12 -14.88 -0.16 -3.98
N THR A 13 -14.31 -0.33 -5.13
CA THR A 13 -12.88 -0.78 -5.22
C THR A 13 -11.95 0.35 -4.78
N LYS A 14 -12.37 1.58 -4.99
CA LYS A 14 -11.52 2.73 -4.58
C LYS A 14 -11.53 2.87 -3.05
N GLU A 15 -12.60 2.46 -2.42
CA GLU A 15 -12.67 2.55 -0.93
C GLU A 15 -11.71 1.57 -0.29
N GLN A 16 -11.53 0.42 -0.90
CA GLN A 16 -10.59 -0.60 -0.33
C GLN A 16 -9.15 -0.15 -0.55
N ILE A 17 -8.88 0.46 -1.67
CA ILE A 17 -7.50 0.94 -1.96
C ILE A 17 -7.16 2.10 -1.03
N LEU A 18 -8.15 2.83 -0.59
CA LEU A 18 -7.89 3.98 0.33
C LEU A 18 -7.39 3.47 1.68
N LYS A 19 -7.90 2.35 2.12
CA LYS A 19 -7.45 1.78 3.43
C LYS A 19 -6.02 1.27 3.31
N LEU A 20 -5.63 0.82 2.14
CA LEU A 20 -4.24 0.32 1.95
C LEU A 20 -3.24 1.49 2.00
N GLU A 21 -3.68 2.66 1.62
CA GLU A 21 -2.77 3.84 1.63
C GLU A 21 -2.45 4.23 3.08
N GLU A 22 -3.41 4.11 3.96
CA GLU A 22 -3.17 4.47 5.39
C GLU A 22 -2.28 3.41 6.05
N LYS A 23 -2.38 2.18 5.62
CA LYS A 23 -1.54 1.10 6.20
C LYS A 23 -0.11 1.22 5.69
N LEU A 24 0.05 1.64 4.45
CA LEU A 24 1.42 1.79 3.89
C LEU A 24 2.10 3.02 4.48
N LEU A 25 1.32 4.02 4.83
CA LEU A 25 1.90 5.26 5.42
C LEU A 25 2.31 4.99 6.86
N ALA A 26 1.55 4.18 7.56
CA ALA A 26 1.88 3.85 8.98
C ALA A 26 3.16 3.01 9.03
N LEU A 27 3.40 2.22 8.01
CA LEU A 27 4.62 1.36 7.98
C LEU A 27 5.87 2.25 7.80
N GLN A 28 5.80 3.22 6.93
CA GLN A 28 6.97 4.12 6.72
C GLN A 28 7.22 4.96 7.97
N GLU A 29 6.19 5.24 8.73
CA GLU A 29 6.36 6.04 9.97
C GLU A 29 7.13 5.22 11.01
N GLU A 30 6.98 3.92 10.99
CA GLU A 30 7.70 3.06 11.98
C GLU A 30 9.19 3.04 11.64
N LYS A 31 9.52 2.80 10.39
CA LYS A 31 10.96 2.78 10.00
C LYS A 31 11.58 4.16 10.20
N HIS A 32 10.78 5.19 10.09
CA HIS A 32 11.31 6.57 10.30
C HIS A 32 11.73 6.77 11.75
N GLN A 33 11.10 6.08 12.65
CA GLN A 33 11.47 6.21 14.10
C GLN A 33 12.89 5.70 14.32
N LEU A 34 13.25 4.61 13.67
CA LEU A 34 14.63 4.07 13.84
C LEU A 34 15.67 5.09 13.39
N PHE A 35 15.33 5.88 12.39
CA PHE A 35 16.29 6.91 11.90
C PHE A 35 16.56 7.94 13.00
N LEU A 36 15.53 8.42 13.63
CA LEU A 36 15.71 9.41 14.73
C LEU A 36 16.42 8.76 15.91
N GLN A 37 16.25 7.47 16.07
CA GLN A 37 16.91 6.74 17.19
C GLN A 37 18.14 5.97 16.70
N LEU A 38 18.60 6.25 15.50
CA LEU A 38 19.81 5.53 14.96
C LEU A 38 21.01 5.75 15.88
N GLY B 1 21.72 5.98 20.95
CA GLY B 1 22.10 4.90 19.99
C GLY B 1 22.62 3.68 20.76
N LEU B 2 23.33 2.81 20.10
CA LEU B 2 23.87 1.59 20.80
C LEU B 2 25.26 1.22 20.24
N SER B 3 25.33 0.77 19.02
CA SER B 3 26.66 0.39 18.44
C SER B 3 26.72 0.72 16.94
N LYS B 4 25.81 1.53 16.45
CA LYS B 4 25.81 1.88 14.99
C LYS B 4 25.86 0.61 14.13
N GLU B 5 25.40 -0.49 14.66
CA GLU B 5 25.42 -1.78 13.90
C GLU B 5 24.23 -2.63 14.33
N GLU B 6 24.00 -2.76 15.61
CA GLU B 6 22.85 -3.57 16.09
C GLU B 6 21.55 -2.91 15.67
N LEU B 7 21.51 -1.60 15.71
CA LEU B 7 20.28 -0.88 15.29
C LEU B 7 20.17 -0.90 13.77
N ILE B 8 21.29 -0.98 13.09
CA ILE B 8 21.27 -1.02 11.60
C ILE B 8 20.64 -2.35 11.14
N GLN B 9 20.79 -3.38 11.93
CA GLN B 9 20.20 -4.70 11.55
C GLN B 9 18.68 -4.67 11.77
N ASN B 10 18.23 -3.89 12.73
CA ASN B 10 16.76 -3.80 13.01
C ASN B 10 16.08 -2.98 11.91
N MET B 11 16.79 -2.05 11.34
CA MET B 11 16.19 -1.19 10.26
C MET B 11 16.03 -2.02 8.97
N ASP B 12 16.88 -2.99 8.77
CA ASP B 12 16.78 -3.84 7.54
C ASP B 12 15.62 -4.82 7.69
N ARG B 13 15.31 -5.22 8.89
CA ARG B 13 14.19 -6.19 9.11
C ARG B 13 12.84 -5.46 8.97
N VAL B 14 12.81 -4.20 9.34
CA VAL B 14 11.53 -3.43 9.24
C VAL B 14 11.27 -3.06 7.77
N ASP B 15 12.30 -2.92 7.00
CA ASP B 15 12.12 -2.58 5.55
C ASP B 15 11.61 -3.79 4.78
N ARG B 16 11.93 -4.98 5.23
CA ARG B 16 11.47 -6.21 4.53
C ARG B 16 9.97 -6.43 4.78
N GLU B 17 9.49 -6.02 5.92
CA GLU B 17 8.03 -6.19 6.23
C GLU B 17 7.21 -5.20 5.42
N ILE B 18 7.71 -4.00 5.25
CA ILE B 18 6.95 -2.97 4.46
C ILE B 18 6.92 -3.38 2.99
N THR B 19 7.91 -4.11 2.54
CA THR B 19 7.94 -4.56 1.11
C THR B 19 6.80 -5.55 0.86
N MET B 20 6.48 -6.36 1.83
CA MET B 20 5.38 -7.36 1.65
C MET B 20 4.04 -6.63 1.52
N VAL B 21 3.77 -5.70 2.40
CA VAL B 21 2.48 -4.94 2.32
C VAL B 21 2.44 -4.12 1.03
N GLU B 22 3.59 -3.71 0.54
CA GLU B 22 3.62 -2.91 -0.72
C GLU B 22 3.25 -3.78 -1.91
N GLN B 23 3.54 -5.06 -1.83
CA GLN B 23 3.20 -5.98 -2.97
C GLN B 23 1.69 -6.14 -3.08
N GLN B 24 0.99 -6.06 -1.98
CA GLN B 24 -0.50 -6.19 -2.02
C GLN B 24 -1.12 -4.94 -2.63
N ILE B 25 -0.61 -3.78 -2.27
CA ILE B 25 -1.17 -2.51 -2.83
C ILE B 25 -0.82 -2.39 -4.32
N SER B 26 0.28 -2.99 -4.72
CA SER B 26 0.67 -2.92 -6.16
C SER B 26 -0.23 -3.84 -7.00
N LYS B 27 -0.60 -4.97 -6.44
CA LYS B 27 -1.50 -5.90 -7.20
C LYS B 27 -2.93 -5.38 -7.17
N LEU B 28 -3.30 -4.70 -6.12
CA LEU B 28 -4.68 -4.14 -6.03
C LEU B 28 -4.80 -2.87 -6.88
N LYS B 29 -3.70 -2.23 -7.18
CA LYS B 29 -3.75 -0.99 -8.02
C LYS B 29 -3.83 -1.39 -9.50
N LYS B 30 -3.31 -2.54 -9.85
CA LYS B 30 -3.37 -2.99 -11.27
C LYS B 30 -4.77 -3.48 -11.61
N LYS B 31 -5.45 -4.10 -10.67
CA LYS B 31 -6.83 -4.59 -10.94
C LYS B 31 -7.79 -3.39 -11.11
N GLN B 32 -7.46 -2.27 -10.50
CA GLN B 32 -8.33 -1.07 -10.62
C GLN B 32 -8.24 -0.50 -12.05
N GLN B 33 -7.10 -0.67 -12.68
CA GLN B 33 -6.92 -0.16 -14.07
C GLN B 33 -7.90 -0.85 -15.00
N GLN B 34 -8.07 -2.14 -14.85
CA GLN B 34 -9.02 -2.89 -15.72
C GLN B 34 -10.44 -2.36 -15.50
N LEU B 35 -10.78 -2.06 -14.28
CA LEU B 35 -12.16 -1.52 -14.00
C LEU B 35 -12.24 -0.07 -14.45
N GLU B 36 -11.15 0.65 -14.36
CA GLU B 36 -11.15 2.08 -14.79
C GLU B 36 -11.07 2.16 -16.32
N GLU B 37 -10.43 1.20 -16.93
CA GLU B 37 -10.31 1.21 -18.42
C GLU B 37 -11.61 0.70 -19.05
N GLU B 38 -12.32 -0.15 -18.34
CA GLU B 38 -13.61 -0.69 -18.89
C GLU B 38 -14.72 0.34 -18.68
N ALA B 39 -14.61 1.15 -17.66
CA ALA B 39 -15.66 2.18 -17.40
C ALA B 39 -15.44 3.40 -18.30
N ALA B 40 -14.21 3.64 -18.68
CA ALA B 40 -13.91 4.81 -19.57
C ALA B 40 -13.93 4.38 -21.04
N LYS B 41 -13.65 3.13 -21.32
CA LYS B 41 -13.64 2.63 -22.73
C LYS B 41 -12.76 3.52 -23.62
N PRO B 42 -11.45 3.45 -23.40
CA PRO B 42 -10.52 4.26 -24.21
C PRO B 42 -10.41 3.71 -25.63
N LYS A 1 -27.33 1.62 -21.69
CA LYS A 1 -28.25 1.16 -20.60
C LYS A 1 -27.49 0.26 -19.63
N LYS A 2 -26.69 -0.65 -20.13
CA LYS A 2 -25.92 -1.56 -19.24
C LYS A 2 -24.60 -0.91 -18.84
N GLU A 3 -23.65 -1.69 -18.38
CA GLU A 3 -22.32 -1.14 -17.97
C GLU A 3 -22.49 0.01 -16.97
N MET A 4 -23.59 0.03 -16.25
CA MET A 4 -23.82 1.12 -15.26
C MET A 4 -23.58 0.60 -13.84
N GLU A 5 -23.92 -0.64 -13.59
CA GLU A 5 -23.70 -1.22 -12.23
C GLU A 5 -22.20 -1.39 -11.97
N GLU A 6 -21.43 -1.59 -13.01
CA GLU A 6 -19.96 -1.76 -12.83
C GLU A 6 -19.33 -0.43 -12.39
N ARG A 7 -19.92 0.67 -12.81
CA ARG A 7 -19.36 2.01 -12.42
C ARG A 7 -19.50 2.21 -10.91
N MET A 8 -20.59 1.77 -10.34
CA MET A 8 -20.79 1.92 -8.87
C MET A 8 -19.76 1.06 -8.12
N SER A 9 -19.36 -0.03 -8.70
CA SER A 9 -18.36 -0.91 -8.04
C SER A 9 -17.03 -0.16 -7.89
N LEU A 10 -16.75 0.75 -8.80
CA LEU A 10 -15.49 1.53 -8.72
C LEU A 10 -15.45 2.34 -7.43
N GLU A 11 -16.59 2.73 -6.93
CA GLU A 11 -16.64 3.53 -5.67
C GLU A 11 -16.24 2.65 -4.48
N GLU A 12 -16.81 1.49 -4.38
CA GLU A 12 -16.47 0.57 -3.25
C GLU A 12 -15.04 0.07 -3.41
N THR A 13 -14.58 -0.05 -4.63
CA THR A 13 -13.18 -0.53 -4.86
C THR A 13 -12.19 0.60 -4.54
N LYS A 14 -12.61 1.82 -4.73
CA LYS A 14 -11.70 2.98 -4.43
C LYS A 14 -11.54 3.14 -2.91
N GLU A 15 -12.51 2.71 -2.14
CA GLU A 15 -12.42 2.83 -0.66
C GLU A 15 -11.40 1.82 -0.12
N GLN A 16 -11.32 0.66 -0.71
CA GLN A 16 -10.35 -0.36 -0.24
C GLN A 16 -8.94 0.00 -0.70
N ILE A 17 -8.83 0.57 -1.86
CA ILE A 17 -7.48 0.97 -2.38
C ILE A 17 -7.01 2.24 -1.64
N LEU A 18 -7.93 3.04 -1.17
CA LEU A 18 -7.54 4.28 -0.44
C LEU A 18 -7.05 3.92 0.97
N LYS A 19 -7.62 2.91 1.56
CA LYS A 19 -7.17 2.49 2.93
C LYS A 19 -5.79 1.85 2.86
N LEU A 20 -5.52 1.15 1.77
CA LEU A 20 -4.19 0.49 1.62
C LEU A 20 -3.10 1.56 1.48
N GLU A 21 -3.42 2.67 0.88
CA GLU A 21 -2.41 3.76 0.71
C GLU A 21 -2.05 4.36 2.08
N GLU A 22 -3.02 4.47 2.94
CA GLU A 22 -2.75 5.03 4.30
C GLU A 22 -1.94 4.02 5.12
N LYS A 23 -2.15 2.75 4.87
CA LYS A 23 -1.39 1.70 5.62
C LYS A 23 0.09 1.74 5.22
N LEU A 24 0.36 2.02 3.97
CA LEU A 24 1.78 2.09 3.51
C LEU A 24 2.47 3.30 4.14
N LEU A 25 1.73 4.34 4.41
CA LEU A 25 2.33 5.55 5.04
C LEU A 25 2.61 5.30 6.51
N ALA A 26 1.72 4.60 7.17
CA ALA A 26 1.92 4.29 8.62
C ALA A 26 3.07 3.29 8.78
N LEU A 27 3.28 2.46 7.80
CA LEU A 27 4.39 1.46 7.87
C LEU A 27 5.74 2.16 7.71
N GLN A 28 5.80 3.15 6.85
CA GLN A 28 7.09 3.87 6.65
C GLN A 28 7.42 4.70 7.89
N GLU A 29 6.41 5.16 8.58
CA GLU A 29 6.65 5.97 9.82
C GLU A 29 7.26 5.09 10.91
N GLU A 30 6.97 3.81 10.88
CA GLU A 30 7.54 2.89 11.91
C GLU A 30 9.06 2.79 11.74
N LYS A 31 9.52 2.63 10.52
CA LYS A 31 10.99 2.53 10.29
C LYS A 31 11.66 3.85 10.64
N HIS A 32 10.96 4.94 10.49
CA HIS A 32 11.54 6.27 10.84
C HIS A 32 11.80 6.35 12.34
N GLN A 33 11.00 5.68 13.12
CA GLN A 33 11.19 5.70 14.60
C GLN A 33 12.52 5.04 14.96
N LEU A 34 12.92 4.06 14.19
CA LEU A 34 14.22 3.36 14.48
C LEU A 34 15.38 4.34 14.26
N PHE A 35 15.25 5.23 13.31
CA PHE A 35 16.35 6.22 13.04
C PHE A 35 16.58 7.08 14.29
N LEU A 36 15.54 7.37 15.01
CA LEU A 36 15.69 8.20 16.25
C LEU A 36 16.41 7.39 17.32
N GLN A 37 16.26 6.09 17.30
CA GLN A 37 16.94 5.23 18.31
C GLN A 37 18.27 4.69 17.76
N LEU A 38 18.49 4.76 16.46
CA LEU A 38 19.76 4.26 15.87
C LEU A 38 20.98 4.87 16.58
N GLY B 1 22.42 4.70 20.29
CA GLY B 1 22.53 3.41 19.56
C GLY B 1 23.07 2.33 20.49
N LEU B 2 22.29 1.30 20.73
CA LEU B 2 22.73 0.19 21.64
C LEU B 2 24.13 -0.34 21.26
N SER B 3 24.34 -0.68 20.02
CA SER B 3 25.69 -1.20 19.61
C SER B 3 25.97 -0.94 18.12
N LYS B 4 25.21 -0.07 17.49
CA LYS B 4 25.43 0.23 16.03
C LYS B 4 25.53 -1.07 15.22
N GLU B 5 24.90 -2.12 15.70
CA GLU B 5 24.95 -3.41 14.97
C GLU B 5 23.68 -4.20 15.25
N GLU B 6 23.29 -4.30 16.50
CA GLU B 6 22.05 -5.05 16.84
C GLU B 6 20.84 -4.20 16.45
N LEU B 7 20.98 -2.90 16.53
CA LEU B 7 19.84 -2.01 16.13
C LEU B 7 19.75 -1.95 14.61
N ILE B 8 20.86 -2.14 13.93
CA ILE B 8 20.84 -2.10 12.44
C ILE B 8 20.08 -3.31 11.90
N GLN B 9 20.12 -4.41 12.62
CA GLN B 9 19.39 -5.63 12.16
C GLN B 9 17.88 -5.42 12.28
N ASN B 10 17.46 -4.61 13.22
CA ASN B 10 15.99 -4.35 13.40
C ASN B 10 15.49 -3.41 12.31
N MET B 11 16.34 -2.54 11.82
CA MET B 11 15.93 -1.60 10.75
C MET B 11 15.84 -2.32 9.40
N ASP B 12 16.64 -3.35 9.23
CA ASP B 12 16.60 -4.12 7.94
C ASP B 12 15.37 -5.02 7.91
N ARG B 13 14.93 -5.49 9.04
CA ARG B 13 13.73 -6.38 9.08
C ARG B 13 12.45 -5.54 8.89
N VAL B 14 12.49 -4.29 9.29
CA VAL B 14 11.30 -3.41 9.14
C VAL B 14 11.17 -2.97 7.68
N ASP B 15 12.27 -2.83 6.99
CA ASP B 15 12.21 -2.41 5.55
C ASP B 15 11.73 -3.58 4.69
N ARG B 16 12.01 -4.79 5.10
CA ARG B 16 11.57 -5.97 4.32
C ARG B 16 10.05 -6.17 4.48
N GLU B 17 9.52 -5.77 5.60
CA GLU B 17 8.05 -5.92 5.83
C GLU B 17 7.28 -4.91 4.99
N ILE B 18 7.80 -3.71 4.88
CA ILE B 18 7.11 -2.67 4.05
C ILE B 18 7.13 -3.07 2.58
N THR B 19 8.12 -3.82 2.18
CA THR B 19 8.20 -4.26 0.75
C THR B 19 7.05 -5.23 0.43
N MET B 20 6.68 -6.04 1.38
CA MET B 20 5.56 -7.01 1.14
C MET B 20 4.23 -6.25 1.11
N VAL B 21 4.08 -5.26 1.94
CA VAL B 21 2.81 -4.48 1.97
C VAL B 21 2.74 -3.59 0.73
N GLU B 22 3.86 -3.15 0.23
CA GLU B 22 3.88 -2.29 -0.98
C GLU B 22 3.57 -3.12 -2.23
N GLN B 23 3.91 -4.38 -2.21
CA GLN B 23 3.63 -5.25 -3.38
C GLN B 23 2.14 -5.58 -3.46
N GLN B 24 1.47 -5.62 -2.33
CA GLN B 24 0.01 -5.92 -2.33
C GLN B 24 -0.77 -4.70 -2.82
N ILE B 25 -0.34 -3.53 -2.46
CA ILE B 25 -1.06 -2.28 -2.90
C ILE B 25 -0.80 -2.06 -4.39
N SER B 26 0.35 -2.46 -4.86
CA SER B 26 0.68 -2.27 -6.31
C SER B 26 -0.16 -3.23 -7.15
N LYS B 27 -0.41 -4.41 -6.65
CA LYS B 27 -1.24 -5.40 -7.40
C LYS B 27 -2.71 -4.99 -7.34
N LEU B 28 -3.14 -4.47 -6.21
CA LEU B 28 -4.56 -4.03 -6.08
C LEU B 28 -4.77 -2.75 -6.90
N LYS B 29 -3.75 -1.94 -7.04
CA LYS B 29 -3.88 -0.69 -7.82
C LYS B 29 -4.01 -1.02 -9.31
N LYS B 30 -3.25 -1.98 -9.78
CA LYS B 30 -3.34 -2.38 -11.22
C LYS B 30 -4.71 -3.01 -11.49
N LYS B 31 -5.26 -3.67 -10.51
CA LYS B 31 -6.60 -4.31 -10.67
C LYS B 31 -7.65 -3.22 -10.93
N GLN B 32 -7.49 -2.09 -10.28
CA GLN B 32 -8.47 -0.97 -10.48
C GLN B 32 -8.41 -0.51 -11.94
N GLN B 33 -7.27 -0.62 -12.56
CA GLN B 33 -7.14 -0.19 -13.99
C GLN B 33 -8.09 -1.00 -14.87
N GLN B 34 -8.18 -2.28 -14.62
CA GLN B 34 -9.10 -3.15 -15.43
C GLN B 34 -10.54 -2.68 -15.26
N LEU B 35 -10.97 -2.50 -14.03
CA LEU B 35 -12.37 -2.04 -13.78
C LEU B 35 -12.53 -0.60 -14.27
N GLU B 36 -11.47 0.17 -14.24
CA GLU B 36 -11.55 1.59 -14.70
C GLU B 36 -11.54 1.64 -16.23
N GLU B 37 -10.88 0.70 -16.85
CA GLU B 37 -10.83 0.67 -18.35
C GLU B 37 -12.15 0.10 -18.89
N GLU B 38 -12.73 -0.83 -18.18
CA GLU B 38 -14.02 -1.42 -18.65
C GLU B 38 -15.18 -0.46 -18.35
N ALA B 39 -15.03 0.36 -17.35
CA ALA B 39 -16.11 1.33 -17.00
C ALA B 39 -16.05 2.55 -17.93
N ALA B 40 -14.89 2.84 -18.48
CA ALA B 40 -14.77 4.00 -19.41
C ALA B 40 -15.14 3.59 -20.83
N LYS B 41 -14.95 2.34 -21.17
CA LYS B 41 -15.28 1.86 -22.54
C LYS B 41 -16.79 2.04 -22.81
N PRO B 42 -17.14 2.26 -24.05
CA PRO B 42 -18.57 2.45 -24.41
C PRO B 42 -19.32 1.11 -24.35
N LYS A 1 -29.06 -0.85 -16.43
CA LYS A 1 -27.62 -0.83 -16.86
C LYS A 1 -27.29 0.51 -17.49
N LYS A 2 -26.88 1.47 -16.70
CA LYS A 2 -26.54 2.82 -17.24
C LYS A 2 -25.02 2.94 -17.42
N GLU A 3 -24.57 4.01 -18.02
CA GLU A 3 -23.10 4.20 -18.23
C GLU A 3 -22.45 4.70 -16.93
N MET A 4 -23.19 5.41 -16.12
CA MET A 4 -22.63 5.93 -14.84
C MET A 4 -22.68 4.85 -13.75
N GLU A 5 -23.58 3.90 -13.88
CA GLU A 5 -23.69 2.82 -12.86
C GLU A 5 -22.37 2.06 -12.73
N GLU A 6 -21.60 2.02 -13.79
CA GLU A 6 -20.29 1.29 -13.75
C GLU A 6 -19.27 2.12 -12.97
N ARG A 7 -19.40 3.42 -12.99
CA ARG A 7 -18.44 4.30 -12.25
C ARG A 7 -18.70 4.19 -10.74
N MET A 8 -19.92 3.91 -10.36
CA MET A 8 -20.24 3.80 -8.91
C MET A 8 -19.62 2.52 -8.33
N SER A 9 -19.48 1.50 -9.15
CA SER A 9 -18.87 0.22 -8.66
C SER A 9 -17.39 0.44 -8.34
N LEU A 10 -16.75 1.35 -9.03
CA LEU A 10 -15.30 1.62 -8.77
C LEU A 10 -15.13 2.19 -7.36
N GLU A 11 -16.13 2.88 -6.87
CA GLU A 11 -16.03 3.47 -5.49
C GLU A 11 -15.91 2.36 -4.45
N GLU A 12 -16.51 1.23 -4.71
CA GLU A 12 -16.43 0.09 -3.74
C GLU A 12 -15.02 -0.48 -3.72
N THR A 13 -14.46 -0.73 -4.88
CA THR A 13 -13.08 -1.29 -4.94
C THR A 13 -12.09 -0.25 -4.43
N LYS A 14 -12.39 1.01 -4.61
CA LYS A 14 -11.47 2.08 -4.14
C LYS A 14 -11.47 2.12 -2.61
N GLU A 15 -12.56 1.71 -1.99
CA GLU A 15 -12.63 1.72 -0.51
C GLU A 15 -11.64 0.71 0.07
N GLN A 16 -11.46 -0.41 -0.59
CA GLN A 16 -10.50 -1.43 -0.09
C GLN A 16 -9.06 -0.98 -0.38
N ILE A 17 -8.87 -0.31 -1.49
CA ILE A 17 -7.50 0.18 -1.85
C ILE A 17 -7.13 1.36 -0.95
N LEU A 18 -8.12 2.09 -0.48
CA LEU A 18 -7.84 3.26 0.41
C LEU A 18 -7.38 2.77 1.78
N LYS A 19 -7.97 1.71 2.28
CA LYS A 19 -7.57 1.18 3.61
C LYS A 19 -6.13 0.66 3.54
N LEU A 20 -5.76 0.08 2.42
CA LEU A 20 -4.37 -0.44 2.28
C LEU A 20 -3.38 0.72 2.22
N GLU A 21 -3.81 1.86 1.75
CA GLU A 21 -2.90 3.04 1.67
C GLU A 21 -2.58 3.56 3.08
N GLU A 22 -3.56 3.55 3.94
CA GLU A 22 -3.32 4.04 5.34
C GLU A 22 -2.38 3.08 6.06
N LYS A 23 -2.57 1.80 5.87
CA LYS A 23 -1.69 0.80 6.52
C LYS A 23 -0.26 0.95 6.00
N LEU A 24 -0.11 1.28 4.74
CA LEU A 24 1.25 1.45 4.17
C LEU A 24 1.87 2.76 4.68
N LEU A 25 1.04 3.73 4.93
CA LEU A 25 1.56 5.05 5.44
C LEU A 25 2.04 4.88 6.88
N ALA A 26 1.39 4.04 7.64
CA ALA A 26 1.81 3.82 9.06
C ALA A 26 3.08 2.97 9.09
N LEU A 27 3.25 2.10 8.12
CA LEU A 27 4.47 1.25 8.06
C LEU A 27 5.66 2.07 7.58
N GLN A 28 5.43 2.96 6.64
CA GLN A 28 6.54 3.81 6.12
C GLN A 28 6.92 4.85 7.18
N GLU A 29 5.99 5.26 8.00
CA GLU A 29 6.30 6.26 9.06
C GLU A 29 7.17 5.62 10.13
N GLU A 30 7.03 4.33 10.33
CA GLU A 30 7.86 3.63 11.37
C GLU A 30 9.32 3.60 10.93
N LYS A 31 9.56 3.30 9.68
CA LYS A 31 10.97 3.26 9.17
C LYS A 31 11.58 4.67 9.24
N HIS A 32 10.76 5.68 9.10
CA HIS A 32 11.28 7.07 9.16
C HIS A 32 11.84 7.37 10.55
N GLN A 33 11.25 6.76 11.57
CA GLN A 33 11.76 6.98 12.95
C GLN A 33 13.09 6.24 13.15
N LEU A 34 13.21 5.09 12.54
CA LEU A 34 14.48 4.31 12.68
C LEU A 34 15.61 5.02 11.92
N PHE A 35 15.29 5.66 10.83
CA PHE A 35 16.33 6.39 10.04
C PHE A 35 16.85 7.59 10.84
N LEU A 36 15.99 8.20 11.62
CA LEU A 36 16.42 9.36 12.44
C LEU A 36 17.17 8.88 13.68
N GLN A 37 16.82 7.72 14.16
CA GLN A 37 17.51 7.17 15.37
C GLN A 37 18.75 6.35 14.98
N LEU A 38 18.94 6.10 13.70
CA LEU A 38 20.13 5.30 13.26
C LEU A 38 21.43 5.96 13.76
N GLY B 1 23.00 6.25 16.98
CA GLY B 1 22.02 5.18 17.35
C GLY B 1 22.44 4.53 18.67
N LEU B 2 22.52 3.23 18.70
CA LEU B 2 22.94 2.53 19.96
C LEU B 2 24.24 1.77 19.75
N SER B 3 24.49 1.29 18.56
CA SER B 3 25.76 0.53 18.29
C SER B 3 25.99 0.32 16.79
N LYS B 4 25.34 1.08 15.93
CA LYS B 4 25.52 0.91 14.45
C LYS B 4 25.42 -0.55 14.05
N GLU B 5 24.70 -1.34 14.81
CA GLU B 5 24.55 -2.78 14.49
C GLU B 5 23.21 -3.29 15.00
N GLU B 6 22.87 -2.97 16.24
CA GLU B 6 21.57 -3.42 16.79
C GLU B 6 20.43 -2.68 16.11
N LEU B 7 20.65 -1.42 15.80
CA LEU B 7 19.60 -0.62 15.11
C LEU B 7 19.54 -1.05 13.64
N ILE B 8 20.63 -1.52 13.10
CA ILE B 8 20.65 -1.98 11.68
C ILE B 8 19.80 -3.24 11.54
N GLN B 9 19.76 -4.05 12.57
CA GLN B 9 18.95 -5.30 12.51
C GLN B 9 17.46 -4.96 12.64
N ASN B 10 17.14 -3.91 13.35
CA ASN B 10 15.70 -3.52 13.51
C ASN B 10 15.20 -2.87 12.22
N MET B 11 16.05 -2.15 11.54
CA MET B 11 15.63 -1.48 10.27
C MET B 11 15.45 -2.55 9.17
N ASP B 12 16.15 -3.65 9.27
CA ASP B 12 16.02 -4.73 8.25
C ASP B 12 14.65 -5.40 8.36
N ARG B 13 14.11 -5.47 9.55
CA ARG B 13 12.77 -6.11 9.73
C ARG B 13 11.67 -5.14 9.32
N VAL B 14 11.90 -3.86 9.44
CA VAL B 14 10.89 -2.86 9.03
C VAL B 14 10.92 -2.69 7.52
N ASP B 15 12.04 -2.95 6.91
CA ASP B 15 12.14 -2.80 5.41
C ASP B 15 11.49 -4.00 4.73
N ARG B 16 11.67 -5.18 5.27
CA ARG B 16 11.06 -6.39 4.64
C ARG B 16 9.54 -6.40 4.89
N GLU B 17 9.08 -5.73 5.93
CA GLU B 17 7.62 -5.70 6.21
C GLU B 17 6.94 -4.65 5.32
N ILE B 18 7.61 -3.55 5.09
CA ILE B 18 7.02 -2.48 4.23
C ILE B 18 7.12 -2.89 2.77
N THR B 19 8.10 -3.70 2.43
CA THR B 19 8.26 -4.15 1.02
C THR B 19 7.22 -5.24 0.71
N MET B 20 6.85 -6.01 1.69
CA MET B 20 5.84 -7.08 1.45
C MET B 20 4.45 -6.46 1.36
N VAL B 21 4.18 -5.49 2.19
CA VAL B 21 2.83 -4.83 2.14
C VAL B 21 2.74 -3.95 0.90
N GLU B 22 3.85 -3.43 0.45
CA GLU B 22 3.84 -2.57 -0.78
C GLU B 22 3.62 -3.43 -2.02
N GLN B 23 4.03 -4.68 -1.97
CA GLN B 23 3.84 -5.57 -3.16
C GLN B 23 2.36 -5.93 -3.30
N GLN B 24 1.66 -6.07 -2.20
CA GLN B 24 0.22 -6.43 -2.27
C GLN B 24 -0.58 -5.21 -2.74
N ILE B 25 -0.24 -4.05 -2.26
CA ILE B 25 -0.97 -2.81 -2.68
C ILE B 25 -0.62 -2.48 -4.12
N SER B 26 0.57 -2.82 -4.55
CA SER B 26 0.98 -2.54 -5.96
C SER B 26 0.19 -3.44 -6.90
N LYS B 27 -0.10 -4.65 -6.48
CA LYS B 27 -0.88 -5.58 -7.36
C LYS B 27 -2.36 -5.18 -7.30
N LEU B 28 -2.82 -4.74 -6.16
CA LEU B 28 -4.25 -4.32 -6.03
C LEU B 28 -4.46 -2.99 -6.77
N LYS B 29 -3.43 -2.18 -6.83
CA LYS B 29 -3.56 -0.87 -7.55
C LYS B 29 -3.69 -1.11 -9.05
N LYS B 30 -2.98 -2.08 -9.57
CA LYS B 30 -3.07 -2.38 -11.03
C LYS B 30 -4.46 -2.93 -11.36
N LYS B 31 -5.06 -3.61 -10.42
CA LYS B 31 -6.43 -4.19 -10.65
C LYS B 31 -7.43 -3.04 -10.85
N GLN B 32 -7.25 -1.96 -10.12
CA GLN B 32 -8.19 -0.81 -10.27
C GLN B 32 -8.09 -0.23 -11.68
N GLN B 33 -6.94 -0.33 -12.29
CA GLN B 33 -6.77 0.21 -13.68
C GLN B 33 -7.70 -0.53 -14.64
N GLN B 34 -7.84 -1.83 -14.44
CA GLN B 34 -8.74 -2.63 -15.34
C GLN B 34 -10.17 -2.12 -15.22
N LEU B 35 -10.60 -1.82 -14.02
CA LEU B 35 -12.01 -1.32 -13.83
C LEU B 35 -12.10 0.12 -14.34
N GLU B 36 -11.03 0.87 -14.21
CA GLU B 36 -11.05 2.29 -14.69
C GLU B 36 -10.91 2.32 -16.21
N GLU B 37 -10.22 1.36 -16.77
CA GLU B 37 -10.04 1.32 -18.25
C GLU B 37 -11.32 0.80 -18.91
N GLU B 38 -12.07 -0.02 -18.21
CA GLU B 38 -13.33 -0.57 -18.79
C GLU B 38 -14.44 0.50 -18.74
N ALA B 39 -14.36 1.40 -17.79
CA ALA B 39 -15.40 2.46 -17.68
C ALA B 39 -15.13 3.56 -18.70
N ALA B 40 -13.89 3.77 -19.07
CA ALA B 40 -13.55 4.82 -20.06
C ALA B 40 -13.36 4.21 -21.45
N LYS B 41 -12.96 2.96 -21.51
CA LYS B 41 -12.76 2.27 -22.84
C LYS B 41 -11.84 3.11 -23.74
N PRO B 42 -10.55 2.82 -23.67
CA PRO B 42 -9.58 3.57 -24.51
C PRO B 42 -9.70 3.15 -25.98
N LYS A 1 -27.23 -0.47 -15.81
CA LYS A 1 -28.50 0.22 -16.21
C LYS A 1 -28.19 1.61 -16.76
N LYS A 2 -27.57 2.45 -15.96
CA LYS A 2 -27.24 3.83 -16.43
C LYS A 2 -25.75 3.92 -16.77
N GLU A 3 -25.32 5.01 -17.35
CA GLU A 3 -23.88 5.17 -17.71
C GLU A 3 -23.07 5.54 -16.47
N MET A 4 -23.68 6.20 -15.52
CA MET A 4 -22.95 6.60 -14.29
C MET A 4 -22.94 5.44 -13.28
N GLU A 5 -23.88 4.53 -13.38
CA GLU A 5 -23.93 3.38 -12.42
C GLU A 5 -22.63 2.58 -12.50
N GLU A 6 -22.02 2.54 -13.65
CA GLU A 6 -20.74 1.77 -13.79
C GLU A 6 -19.61 2.51 -13.07
N ARG A 7 -19.55 3.80 -13.24
CA ARG A 7 -18.48 4.59 -12.56
C ARG A 7 -18.68 4.54 -11.04
N MET A 8 -19.90 4.38 -10.60
CA MET A 8 -20.17 4.30 -9.13
C MET A 8 -19.59 3.02 -8.55
N SER A 9 -19.54 1.97 -9.34
CA SER A 9 -18.97 0.68 -8.83
C SER A 9 -17.48 0.82 -8.58
N LEU A 10 -16.83 1.69 -9.33
CA LEU A 10 -15.36 1.90 -9.12
C LEU A 10 -15.11 2.54 -7.76
N GLU A 11 -16.03 3.32 -7.28
CA GLU A 11 -15.86 3.98 -5.96
C GLU A 11 -15.78 2.93 -4.85
N GLU A 12 -16.45 1.82 -5.04
CA GLU A 12 -16.43 0.74 -4.01
C GLU A 12 -15.03 0.12 -3.94
N THR A 13 -14.50 -0.28 -5.06
CA THR A 13 -13.13 -0.89 -5.07
C THR A 13 -12.10 0.15 -4.61
N LYS A 14 -12.34 1.41 -4.90
CA LYS A 14 -11.40 2.47 -4.46
C LYS A 14 -11.41 2.59 -2.94
N GLU A 15 -12.52 2.28 -2.32
CA GLU A 15 -12.60 2.37 -0.83
C GLU A 15 -11.63 1.38 -0.20
N GLN A 16 -11.48 0.22 -0.79
CA GLN A 16 -10.53 -0.79 -0.23
C GLN A 16 -9.09 -0.35 -0.49
N ILE A 17 -8.85 0.26 -1.62
CA ILE A 17 -7.47 0.73 -1.93
C ILE A 17 -7.11 1.92 -1.04
N LEU A 18 -8.09 2.68 -0.62
CA LEU A 18 -7.82 3.85 0.27
C LEU A 18 -7.35 3.36 1.64
N LYS A 19 -7.93 2.29 2.13
CA LYS A 19 -7.51 1.76 3.46
C LYS A 19 -6.05 1.29 3.41
N LEU A 20 -5.66 0.70 2.31
CA LEU A 20 -4.25 0.23 2.18
C LEU A 20 -3.29 1.42 2.26
N GLU A 21 -3.73 2.58 1.84
CA GLU A 21 -2.85 3.78 1.89
C GLU A 21 -2.50 4.11 3.35
N GLU A 22 -3.47 4.04 4.22
CA GLU A 22 -3.21 4.34 5.67
C GLU A 22 -2.34 3.23 6.26
N LYS A 23 -2.53 2.02 5.82
CA LYS A 23 -1.71 0.88 6.35
C LYS A 23 -0.28 1.00 5.82
N LEU A 24 -0.12 1.43 4.59
CA LEU A 24 1.25 1.57 4.01
C LEU A 24 1.92 2.81 4.59
N LEU A 25 1.15 3.81 4.92
CA LEU A 25 1.73 5.06 5.50
C LEU A 25 2.09 4.81 6.97
N ALA A 26 1.34 3.98 7.64
CA ALA A 26 1.63 3.68 9.07
C ALA A 26 2.87 2.80 9.18
N LEU A 27 3.15 2.01 8.16
CA LEU A 27 4.36 1.13 8.21
C LEU A 27 5.60 1.95 7.87
N GLN A 28 5.45 3.01 7.12
CA GLN A 28 6.63 3.86 6.77
C GLN A 28 7.03 4.73 7.95
N GLU A 29 6.07 5.20 8.71
CA GLU A 29 6.40 6.05 9.90
C GLU A 29 7.08 5.19 10.97
N GLU A 30 6.84 3.90 10.96
CA GLU A 30 7.49 3.01 11.98
C GLU A 30 9.00 2.94 11.71
N LYS A 31 9.38 2.84 10.45
CA LYS A 31 10.84 2.79 10.12
C LYS A 31 11.48 4.15 10.43
N HIS A 32 10.72 5.20 10.29
CA HIS A 32 11.27 6.56 10.59
C HIS A 32 11.61 6.68 12.08
N GLN A 33 10.89 5.97 12.91
CA GLN A 33 11.16 6.02 14.38
C GLN A 33 12.58 5.52 14.66
N LEU A 34 13.03 4.55 13.90
CA LEU A 34 14.41 4.01 14.10
C LEU A 34 15.44 5.05 13.66
N PHE A 35 15.10 5.85 12.69
CA PHE A 35 16.06 6.90 12.21
C PHE A 35 16.24 7.98 13.27
N LEU A 36 15.22 8.22 14.05
CA LEU A 36 15.32 9.26 15.13
C LEU A 36 16.32 8.82 16.20
N GLN A 37 16.40 7.53 16.43
CA GLN A 37 17.35 7.01 17.45
C GLN A 37 18.41 6.12 16.79
N LEU A 38 18.73 6.39 15.55
CA LEU A 38 19.76 5.57 14.83
C LEU A 38 21.09 5.61 15.59
N GLY B 1 21.82 5.69 20.73
CA GLY B 1 22.17 4.67 19.69
C GLY B 1 22.92 3.51 20.36
N LEU B 2 23.63 2.74 19.58
CA LEU B 2 24.39 1.58 20.16
C LEU B 2 25.75 1.44 19.47
N SER B 3 25.80 0.79 18.33
CA SER B 3 27.10 0.62 17.61
C SER B 3 26.99 1.06 16.15
N LYS B 4 26.00 1.87 15.83
CA LYS B 4 25.82 2.32 14.40
C LYS B 4 25.83 1.12 13.44
N GLU B 5 25.46 -0.03 13.93
CA GLU B 5 25.45 -1.24 13.06
C GLU B 5 24.38 -2.22 13.55
N GLU B 6 24.33 -2.45 14.85
CA GLU B 6 23.30 -3.39 15.39
C GLU B 6 21.91 -2.78 15.22
N LEU B 7 21.82 -1.48 15.26
CA LEU B 7 20.49 -0.81 15.08
C LEU B 7 20.17 -0.72 13.60
N ILE B 8 21.17 -0.62 12.77
CA ILE B 8 20.95 -0.54 11.30
C ILE B 8 20.51 -1.92 10.80
N GLN B 9 20.99 -2.97 11.43
CA GLN B 9 20.60 -4.34 11.00
C GLN B 9 19.09 -4.52 11.24
N ASN B 10 18.58 -3.89 12.26
CA ASN B 10 17.12 -4.00 12.56
C ASN B 10 16.35 -3.15 11.54
N MET B 11 16.92 -2.08 11.09
CA MET B 11 16.24 -1.21 10.09
C MET B 11 16.07 -1.98 8.77
N ASP B 12 16.98 -2.89 8.49
CA ASP B 12 16.87 -3.69 7.23
C ASP B 12 15.72 -4.69 7.32
N ARG B 13 15.45 -5.17 8.50
CA ARG B 13 14.34 -6.15 8.69
C ARG B 13 13.00 -5.42 8.65
N VAL B 14 12.98 -4.18 9.07
CA VAL B 14 11.70 -3.39 9.06
C VAL B 14 11.37 -2.98 7.63
N ASP B 15 12.38 -2.80 6.80
CA ASP B 15 12.12 -2.40 5.38
C ASP B 15 11.56 -3.58 4.60
N ARG B 16 11.90 -4.78 4.99
CA ARG B 16 11.38 -5.99 4.27
C ARG B 16 9.89 -6.18 4.57
N GLU B 17 9.45 -5.76 5.72
CA GLU B 17 8.01 -5.91 6.09
C GLU B 17 7.16 -4.91 5.30
N ILE B 18 7.66 -3.72 5.11
CA ILE B 18 6.89 -2.69 4.34
C ILE B 18 6.82 -3.11 2.87
N THR B 19 7.81 -3.83 2.39
CA THR B 19 7.80 -4.27 0.97
C THR B 19 6.70 -5.31 0.75
N MET B 20 6.42 -6.11 1.76
CA MET B 20 5.35 -7.14 1.62
C MET B 20 3.98 -6.45 1.56
N VAL B 21 3.73 -5.54 2.46
CA VAL B 21 2.42 -4.82 2.46
C VAL B 21 2.35 -3.88 1.25
N GLU B 22 3.48 -3.35 0.86
CA GLU B 22 3.50 -2.43 -0.32
C GLU B 22 3.35 -3.25 -1.61
N GLN B 23 3.79 -4.48 -1.60
CA GLN B 23 3.67 -5.33 -2.82
C GLN B 23 2.21 -5.74 -3.03
N GLN B 24 1.46 -5.86 -1.95
CA GLN B 24 0.02 -6.25 -2.08
C GLN B 24 -0.78 -5.09 -2.66
N ILE B 25 -0.41 -3.88 -2.32
CA ILE B 25 -1.16 -2.69 -2.84
C ILE B 25 -0.86 -2.53 -4.33
N SER B 26 0.32 -2.91 -4.76
CA SER B 26 0.68 -2.79 -6.20
C SER B 26 -0.17 -3.76 -7.01
N LYS B 27 -0.39 -4.95 -6.51
CA LYS B 27 -1.22 -5.94 -7.24
C LYS B 27 -2.69 -5.52 -7.19
N LEU B 28 -3.10 -4.92 -6.09
CA LEU B 28 -4.51 -4.45 -5.95
C LEU B 28 -4.72 -3.15 -6.73
N LYS B 29 -3.66 -2.52 -7.19
CA LYS B 29 -3.81 -1.26 -7.96
C LYS B 29 -3.90 -1.59 -9.45
N LYS B 30 -3.28 -2.66 -9.85
CA LYS B 30 -3.33 -3.06 -11.29
C LYS B 30 -4.70 -3.66 -11.62
N LYS B 31 -5.32 -4.32 -10.67
CA LYS B 31 -6.66 -4.92 -10.94
C LYS B 31 -7.69 -3.79 -11.12
N GLN B 32 -7.45 -2.66 -10.50
CA GLN B 32 -8.40 -1.51 -10.64
C GLN B 32 -8.31 -0.95 -12.08
N GLN B 33 -7.16 -1.08 -12.69
CA GLN B 33 -6.99 -0.57 -14.09
C GLN B 33 -7.95 -1.31 -15.02
N GLN B 34 -8.08 -2.60 -14.84
CA GLN B 34 -9.01 -3.39 -15.71
C GLN B 34 -10.44 -2.89 -15.50
N LEU B 35 -10.79 -2.55 -14.28
CA LEU B 35 -12.17 -2.05 -14.02
C LEU B 35 -12.30 -0.60 -14.54
N GLU B 36 -11.21 0.13 -14.51
CA GLU B 36 -11.25 1.55 -15.00
C GLU B 36 -11.27 1.56 -16.53
N GLU B 37 -10.65 0.59 -17.15
CA GLU B 37 -10.63 0.53 -18.64
C GLU B 37 -11.99 0.06 -19.16
N GLU B 38 -12.65 -0.79 -18.39
CA GLU B 38 -13.99 -1.30 -18.82
C GLU B 38 -15.02 -0.16 -18.72
N ALA B 39 -14.84 0.73 -17.80
CA ALA B 39 -15.80 1.87 -17.65
C ALA B 39 -15.73 2.79 -18.87
N ALA B 40 -14.59 2.83 -19.51
CA ALA B 40 -14.45 3.70 -20.73
C ALA B 40 -14.16 2.84 -21.96
N LYS B 41 -14.67 1.63 -21.99
CA LYS B 41 -14.42 0.74 -23.16
C LYS B 41 -15.68 0.68 -24.05
N PRO B 42 -15.68 1.47 -25.11
CA PRO B 42 -16.84 1.49 -26.03
C PRO B 42 -16.90 0.19 -26.84
N LYS A 1 -27.98 -5.82 -14.71
CA LYS A 1 -26.94 -5.64 -15.77
C LYS A 1 -27.07 -4.27 -16.42
N LYS A 2 -26.01 -3.49 -16.41
CA LYS A 2 -26.07 -2.14 -17.03
C LYS A 2 -24.66 -1.61 -17.28
N GLU A 3 -24.51 -0.65 -18.14
CA GLU A 3 -23.15 -0.08 -18.43
C GLU A 3 -22.77 0.94 -17.37
N MET A 4 -23.74 1.59 -16.77
CA MET A 4 -23.43 2.61 -15.72
C MET A 4 -23.16 1.91 -14.38
N GLU A 5 -23.75 0.76 -14.17
CA GLU A 5 -23.54 0.03 -12.88
C GLU A 5 -22.05 -0.31 -12.70
N GLU A 6 -21.33 -0.46 -13.78
CA GLU A 6 -19.88 -0.78 -13.67
C GLU A 6 -19.11 0.41 -13.10
N ARG A 7 -19.59 1.60 -13.32
CA ARG A 7 -18.90 2.82 -12.79
C ARG A 7 -19.15 2.93 -11.28
N MET A 8 -20.27 2.46 -10.82
CA MET A 8 -20.58 2.54 -9.36
C MET A 8 -19.71 1.53 -8.59
N SER A 9 -19.37 0.44 -9.23
CA SER A 9 -18.52 -0.59 -8.55
C SER A 9 -17.10 -0.04 -8.35
N LEU A 10 -16.68 0.84 -9.21
CA LEU A 10 -15.30 1.42 -9.07
C LEU A 10 -15.22 2.30 -7.82
N GLU A 11 -16.32 2.88 -7.42
CA GLU A 11 -16.31 3.75 -6.21
C GLU A 11 -16.12 2.90 -4.95
N GLU A 12 -16.70 1.72 -4.93
CA GLU A 12 -16.55 0.84 -3.73
C GLU A 12 -15.14 0.23 -3.71
N THR A 13 -14.60 -0.04 -4.86
CA THR A 13 -13.22 -0.62 -4.91
C THR A 13 -12.20 0.46 -4.60
N LYS A 14 -12.49 1.69 -4.94
CA LYS A 14 -11.54 2.81 -4.66
C LYS A 14 -11.52 3.11 -3.16
N GLU A 15 -12.59 2.83 -2.47
CA GLU A 15 -12.63 3.09 -0.99
C GLU A 15 -11.75 2.08 -0.25
N GLN A 16 -11.72 0.85 -0.72
CA GLN A 16 -10.88 -0.19 -0.05
C GLN A 16 -9.40 0.09 -0.34
N ILE A 17 -9.09 0.49 -1.54
CA ILE A 17 -7.67 0.78 -1.89
C ILE A 17 -7.20 2.01 -1.11
N LEU A 18 -8.11 2.89 -0.77
CA LEU A 18 -7.72 4.12 0.01
C LEU A 18 -7.20 3.69 1.39
N LYS A 19 -7.84 2.73 2.01
CA LYS A 19 -7.37 2.27 3.35
C LYS A 19 -6.05 1.51 3.20
N LEU A 20 -5.85 0.88 2.06
CA LEU A 20 -4.59 0.12 1.83
C LEU A 20 -3.41 1.10 1.65
N GLU A 21 -3.69 2.28 1.16
CA GLU A 21 -2.59 3.29 0.98
C GLU A 21 -2.19 3.89 2.32
N GLU A 22 -3.14 4.05 3.21
CA GLU A 22 -2.83 4.62 4.56
C GLU A 22 -2.03 3.60 5.37
N LYS A 23 -2.27 2.33 5.15
CA LYS A 23 -1.53 1.27 5.90
C LYS A 23 -0.05 1.33 5.52
N LEU A 24 0.25 1.68 4.30
CA LEU A 24 1.68 1.75 3.86
C LEU A 24 2.35 2.97 4.50
N LEU A 25 1.59 3.99 4.79
CA LEU A 25 2.17 5.22 5.42
C LEU A 25 2.46 4.96 6.90
N ALA A 26 1.63 4.17 7.54
CA ALA A 26 1.86 3.87 8.98
C ALA A 26 3.04 2.92 9.13
N LEU A 27 3.26 2.06 8.17
CA LEU A 27 4.40 1.10 8.25
C LEU A 27 5.71 1.84 7.96
N GLN A 28 5.69 2.79 7.05
CA GLN A 28 6.92 3.56 6.73
C GLN A 28 7.25 4.51 7.88
N GLU A 29 6.24 4.97 8.58
CA GLU A 29 6.47 5.89 9.72
C GLU A 29 7.14 5.15 10.86
N GLU A 30 6.89 3.86 10.98
CA GLU A 30 7.52 3.06 12.07
C GLU A 30 9.03 2.96 11.84
N LYS A 31 9.45 2.68 10.62
CA LYS A 31 10.90 2.58 10.33
C LYS A 31 11.57 3.94 10.58
N HIS A 32 10.84 5.01 10.41
CA HIS A 32 11.42 6.36 10.65
C HIS A 32 11.82 6.50 12.11
N GLN A 33 11.11 5.87 13.00
CA GLN A 33 11.45 5.95 14.45
C GLN A 33 12.79 5.27 14.70
N LEU A 34 13.11 4.28 13.92
CA LEU A 34 14.42 3.57 14.10
C LEU A 34 15.57 4.50 13.73
N PHE A 35 15.35 5.37 12.77
CA PHE A 35 16.43 6.33 12.36
C PHE A 35 16.81 7.22 13.53
N LEU A 36 15.84 7.59 14.35
CA LEU A 36 16.14 8.46 15.52
C LEU A 36 16.85 7.64 16.61
N GLN A 37 16.57 6.35 16.67
CA GLN A 37 17.22 5.49 17.68
C GLN A 37 18.57 4.99 17.17
N LEU A 38 18.78 4.99 15.88
CA LEU A 38 20.08 4.51 15.31
C LEU A 38 21.25 5.28 15.92
N GLY B 1 22.53 4.02 21.34
CA GLY B 1 22.23 2.85 20.49
C GLY B 1 22.71 1.57 21.19
N LEU B 2 23.36 0.70 20.46
CA LEU B 2 23.85 -0.58 21.08
C LEU B 2 25.23 -0.95 20.53
N SER B 3 25.29 -1.60 19.38
CA SER B 3 26.61 -1.98 18.80
C SER B 3 26.73 -1.53 17.35
N LYS B 4 25.92 -0.58 16.92
CA LYS B 4 25.97 -0.10 15.51
C LYS B 4 25.92 -1.29 14.53
N GLU B 5 25.32 -2.38 14.96
CA GLU B 5 25.22 -3.57 14.08
C GLU B 5 23.94 -4.32 14.40
N GLU B 6 23.66 -4.54 15.66
CA GLU B 6 22.41 -5.26 16.04
C GLU B 6 21.20 -4.38 15.71
N LEU B 7 21.36 -3.08 15.82
CA LEU B 7 20.25 -2.15 15.49
C LEU B 7 20.14 -2.02 13.98
N ILE B 8 21.24 -2.17 13.29
CA ILE B 8 21.22 -2.07 11.80
C ILE B 8 20.40 -3.23 11.22
N GLN B 9 20.42 -4.36 11.89
CA GLN B 9 19.65 -5.54 11.41
C GLN B 9 18.15 -5.28 11.60
N ASN B 10 17.80 -4.52 12.61
CA ASN B 10 16.36 -4.22 12.86
C ASN B 10 15.83 -3.27 11.78
N MET B 11 16.60 -2.27 11.43
CA MET B 11 16.16 -1.31 10.39
C MET B 11 16.05 -2.02 9.04
N ASP B 12 16.90 -2.98 8.80
CA ASP B 12 16.86 -3.73 7.50
C ASP B 12 15.70 -4.72 7.53
N ARG B 13 15.36 -5.22 8.69
CA ARG B 13 14.23 -6.20 8.79
C ARG B 13 12.90 -5.45 8.71
N VAL B 14 12.87 -4.22 9.16
CA VAL B 14 11.60 -3.43 9.11
C VAL B 14 11.35 -2.96 7.67
N ASP B 15 12.40 -2.75 6.92
CA ASP B 15 12.23 -2.29 5.50
C ASP B 15 11.76 -3.45 4.63
N ARG B 16 12.12 -4.65 4.99
CA ARG B 16 11.68 -5.84 4.19
C ARG B 16 10.20 -6.12 4.43
N GLU B 17 9.71 -5.79 5.60
CA GLU B 17 8.27 -6.03 5.92
C GLU B 17 7.40 -5.02 5.15
N ILE B 18 7.85 -3.79 5.05
CA ILE B 18 7.07 -2.77 4.31
C ILE B 18 7.01 -3.12 2.83
N THR B 19 8.03 -3.77 2.33
CA THR B 19 8.05 -4.15 0.88
C THR B 19 6.95 -5.17 0.60
N MET B 20 6.69 -6.05 1.55
CA MET B 20 5.62 -7.07 1.34
C MET B 20 4.25 -6.38 1.31
N VAL B 21 3.97 -5.56 2.29
CA VAL B 21 2.67 -4.84 2.31
C VAL B 21 2.57 -3.91 1.09
N GLU B 22 3.69 -3.39 0.65
CA GLU B 22 3.69 -2.48 -0.53
C GLU B 22 3.27 -3.26 -1.78
N GLN B 23 3.65 -4.50 -1.86
CA GLN B 23 3.28 -5.32 -3.05
C GLN B 23 1.75 -5.48 -3.12
N GLN B 24 1.11 -5.48 -1.98
CA GLN B 24 -0.38 -5.63 -1.95
C GLN B 24 -1.04 -4.33 -2.45
N ILE B 25 -0.38 -3.22 -2.27
CA ILE B 25 -0.96 -1.92 -2.74
C ILE B 25 -0.84 -1.81 -4.26
N SER B 26 0.29 -2.20 -4.78
CA SER B 26 0.49 -2.15 -6.26
C SER B 26 -0.41 -3.17 -6.95
N LYS B 27 -0.71 -4.25 -6.26
CA LYS B 27 -1.59 -5.30 -6.87
C LYS B 27 -3.04 -4.81 -6.89
N LEU B 28 -3.49 -4.20 -5.81
CA LEU B 28 -4.88 -3.69 -5.77
C LEU B 28 -5.00 -2.46 -6.68
N LYS B 29 -3.93 -1.71 -6.80
CA LYS B 29 -3.97 -0.50 -7.68
C LYS B 29 -4.03 -0.95 -9.14
N LYS B 30 -3.34 -2.01 -9.48
CA LYS B 30 -3.37 -2.50 -10.89
C LYS B 30 -4.74 -3.09 -11.19
N LYS B 31 -5.37 -3.66 -10.19
CA LYS B 31 -6.73 -4.26 -10.39
C LYS B 31 -7.73 -3.14 -10.75
N GLN B 32 -7.53 -1.98 -10.19
CA GLN B 32 -8.45 -0.84 -10.50
C GLN B 32 -8.33 -0.47 -11.97
N GLN B 33 -7.17 -0.66 -12.55
CA GLN B 33 -6.98 -0.33 -13.99
C GLN B 33 -7.92 -1.18 -14.85
N GLN B 34 -8.03 -2.44 -14.54
CA GLN B 34 -8.92 -3.34 -15.33
C GLN B 34 -10.37 -2.86 -15.19
N LEU B 35 -10.76 -2.45 -14.02
CA LEU B 35 -12.17 -1.96 -13.81
C LEU B 35 -12.33 -0.59 -14.46
N GLU B 36 -11.28 0.20 -14.48
CA GLU B 36 -11.36 1.55 -15.10
C GLU B 36 -11.29 1.43 -16.62
N GLU B 37 -10.61 0.43 -17.11
CA GLU B 37 -10.50 0.23 -18.58
C GLU B 37 -11.80 -0.39 -19.12
N GLU B 38 -12.47 -1.15 -18.30
CA GLU B 38 -13.75 -1.79 -18.75
C GLU B 38 -14.88 -0.75 -18.76
N ALA B 39 -14.79 0.24 -17.90
CA ALA B 39 -15.84 1.30 -17.84
C ALA B 39 -15.69 2.25 -19.03
N ALA B 40 -14.48 2.42 -19.51
CA ALA B 40 -14.25 3.33 -20.67
C ALA B 40 -13.57 2.58 -21.82
N LYS B 41 -13.81 1.29 -21.91
CA LYS B 41 -13.17 0.49 -23.00
C LYS B 41 -13.63 1.01 -24.38
N PRO B 42 -12.73 1.00 -25.34
CA PRO B 42 -13.10 1.49 -26.69
C PRO B 42 -14.02 0.49 -27.40
N LYS A 1 -27.70 -0.24 -23.10
CA LYS A 1 -26.26 -0.11 -22.72
C LYS A 1 -26.13 0.25 -21.24
N LYS A 2 -25.28 -0.45 -20.52
CA LYS A 2 -25.10 -0.16 -19.08
C LYS A 2 -23.96 0.85 -18.88
N GLU A 3 -23.98 1.55 -17.77
CA GLU A 3 -22.90 2.56 -17.51
C GLU A 3 -22.97 3.05 -16.06
N MET A 4 -24.16 3.26 -15.55
CA MET A 4 -24.30 3.74 -14.14
C MET A 4 -23.92 2.63 -13.16
N GLU A 5 -24.10 1.40 -13.55
CA GLU A 5 -23.74 0.27 -12.64
C GLU A 5 -22.22 0.06 -12.61
N GLU A 6 -21.56 0.39 -13.69
CA GLU A 6 -20.07 0.23 -13.75
C GLU A 6 -19.40 1.35 -12.97
N ARG A 7 -20.02 2.51 -12.92
CA ARG A 7 -19.42 3.66 -12.17
C ARG A 7 -19.59 3.44 -10.66
N MET A 8 -20.61 2.73 -10.26
CA MET A 8 -20.84 2.47 -8.81
C MET A 8 -19.83 1.44 -8.30
N SER A 9 -19.40 0.55 -9.16
CA SER A 9 -18.42 -0.49 -8.73
C SER A 9 -17.04 0.14 -8.54
N LEU A 10 -16.75 1.20 -9.26
CA LEU A 10 -15.43 1.87 -9.12
C LEU A 10 -15.35 2.62 -7.78
N GLU A 11 -16.47 3.04 -7.27
CA GLU A 11 -16.46 3.78 -5.97
C GLU A 11 -16.18 2.82 -4.81
N GLU A 12 -16.66 1.60 -4.92
CA GLU A 12 -16.41 0.61 -3.83
C GLU A 12 -14.97 0.12 -3.89
N THR A 13 -14.42 0.02 -5.07
CA THR A 13 -13.01 -0.44 -5.22
C THR A 13 -12.05 0.68 -4.80
N LYS A 14 -12.45 1.91 -4.98
CA LYS A 14 -11.58 3.05 -4.58
C LYS A 14 -11.55 3.19 -3.07
N GLU A 15 -12.59 2.75 -2.40
CA GLU A 15 -12.62 2.86 -0.91
C GLU A 15 -11.67 1.83 -0.28
N GLN A 16 -11.51 0.70 -0.93
CA GLN A 16 -10.59 -0.34 -0.37
C GLN A 16 -9.14 0.07 -0.65
N ILE A 17 -8.89 0.68 -1.77
CA ILE A 17 -7.50 1.12 -2.09
C ILE A 17 -7.11 2.30 -1.20
N LEU A 18 -8.09 3.07 -0.76
CA LEU A 18 -7.77 4.23 0.12
C LEU A 18 -7.29 3.73 1.49
N LYS A 19 -7.85 2.65 1.97
CA LYS A 19 -7.42 2.10 3.28
C LYS A 19 -6.00 1.52 3.17
N LEU A 20 -5.65 1.03 2.01
CA LEU A 20 -4.28 0.46 1.81
C LEU A 20 -3.24 1.57 1.84
N GLU A 21 -3.62 2.76 1.44
CA GLU A 21 -2.65 3.90 1.46
C GLU A 21 -2.35 4.34 2.89
N GLU A 22 -3.33 4.21 3.76
CA GLU A 22 -3.11 4.61 5.19
C GLU A 22 -2.27 3.55 5.91
N LYS A 23 -2.39 2.32 5.49
CA LYS A 23 -1.60 1.24 6.14
C LYS A 23 -0.14 1.31 5.68
N LEU A 24 0.08 1.74 4.47
CA LEU A 24 1.49 1.86 3.95
C LEU A 24 2.17 3.07 4.58
N LEU A 25 1.41 4.09 4.88
CA LEU A 25 1.99 5.32 5.50
C LEU A 25 2.32 5.05 6.97
N ALA A 26 1.51 4.26 7.62
CA ALA A 26 1.78 3.95 9.06
C ALA A 26 2.97 2.99 9.16
N LEU A 27 3.17 2.17 8.18
CA LEU A 27 4.32 1.22 8.20
C LEU A 27 5.62 1.97 7.94
N GLN A 28 5.59 2.93 7.07
CA GLN A 28 6.83 3.73 6.78
C GLN A 28 7.17 4.61 7.98
N GLU A 29 6.18 5.04 8.70
CA GLU A 29 6.43 5.89 9.90
C GLU A 29 7.13 5.08 10.98
N GLU A 30 6.87 3.80 11.03
CA GLU A 30 7.52 2.92 12.06
C GLU A 30 9.03 2.86 11.79
N LYS A 31 9.42 2.64 10.56
CA LYS A 31 10.88 2.57 10.24
C LYS A 31 11.52 3.94 10.51
N HIS A 32 10.75 4.99 10.38
CA HIS A 32 11.31 6.36 10.63
C HIS A 32 11.72 6.49 12.10
N GLN A 33 11.04 5.80 12.98
CA GLN A 33 11.41 5.88 14.43
C GLN A 33 12.79 5.28 14.65
N LEU A 34 13.16 4.32 13.85
CA LEU A 34 14.51 3.68 14.00
C LEU A 34 15.59 4.69 13.61
N PHE A 35 15.30 5.55 12.65
CA PHE A 35 16.30 6.56 12.22
C PHE A 35 16.65 7.48 13.39
N LEU A 36 15.71 7.77 14.24
CA LEU A 36 15.98 8.65 15.41
C LEU A 36 16.99 7.98 16.35
N GLN A 37 17.00 6.67 16.36
CA GLN A 37 17.96 5.93 17.23
C GLN A 37 19.22 5.55 16.45
N LEU A 38 19.11 5.46 15.14
CA LEU A 38 20.29 5.09 14.30
C LEU A 38 21.50 5.99 14.62
N GLY B 1 23.45 4.91 19.16
CA GLY B 1 23.15 3.57 18.56
C GLY B 1 23.93 2.49 19.31
N LEU B 2 24.20 1.39 18.66
CA LEU B 2 24.96 0.28 19.33
C LEU B 2 26.35 0.19 18.72
N SER B 3 26.42 -0.10 17.44
CA SER B 3 27.72 -0.21 16.75
C SER B 3 27.55 0.10 15.26
N LYS B 4 26.69 1.05 14.95
CA LYS B 4 26.42 1.42 13.52
C LYS B 4 26.08 0.16 12.71
N GLU B 5 25.54 -0.84 13.35
CA GLU B 5 25.17 -2.09 12.63
C GLU B 5 24.03 -2.81 13.37
N GLU B 6 24.11 -2.90 14.67
CA GLU B 6 23.02 -3.60 15.42
C GLU B 6 21.69 -2.86 15.21
N LEU B 7 21.76 -1.56 15.00
CA LEU B 7 20.51 -0.77 14.75
C LEU B 7 20.15 -0.86 13.27
N ILE B 8 21.14 -1.01 12.42
CA ILE B 8 20.87 -1.11 10.96
C ILE B 8 20.34 -2.52 10.65
N GLN B 9 20.77 -3.50 11.41
CA GLN B 9 20.26 -4.88 11.18
C GLN B 9 18.77 -4.93 11.50
N ASN B 10 18.36 -4.16 12.48
CA ASN B 10 16.92 -4.12 12.84
C ASN B 10 16.18 -3.24 11.83
N MET B 11 16.84 -2.23 11.33
CA MET B 11 16.20 -1.33 10.32
C MET B 11 16.00 -2.09 9.01
N ASP B 12 16.86 -3.04 8.73
CA ASP B 12 16.72 -3.83 7.47
C ASP B 12 15.55 -4.83 7.60
N ARG B 13 15.24 -5.24 8.80
CA ARG B 13 14.12 -6.19 9.01
C ARG B 13 12.78 -5.46 8.87
N VAL B 14 12.69 -4.28 9.40
CA VAL B 14 11.41 -3.50 9.30
C VAL B 14 11.20 -3.03 7.86
N ASP B 15 12.26 -2.86 7.11
CA ASP B 15 12.12 -2.41 5.69
C ASP B 15 11.65 -3.58 4.82
N ARG B 16 12.00 -4.80 5.20
CA ARG B 16 11.57 -5.99 4.40
C ARG B 16 10.08 -6.24 4.60
N GLU B 17 9.55 -5.89 5.75
CA GLU B 17 8.10 -6.10 6.03
C GLU B 17 7.28 -5.11 5.22
N ILE B 18 7.75 -3.90 5.07
CA ILE B 18 7.00 -2.88 4.30
C ILE B 18 6.94 -3.30 2.83
N THR B 19 7.93 -4.02 2.36
CA THR B 19 7.94 -4.46 0.94
C THR B 19 6.77 -5.43 0.70
N MET B 20 6.40 -6.18 1.70
CA MET B 20 5.26 -7.13 1.54
C MET B 20 3.93 -6.37 1.49
N VAL B 21 3.78 -5.39 2.34
CA VAL B 21 2.52 -4.58 2.35
C VAL B 21 2.48 -3.69 1.12
N GLU B 22 3.63 -3.25 0.66
CA GLU B 22 3.68 -2.38 -0.56
C GLU B 22 3.42 -3.21 -1.81
N GLN B 23 3.78 -4.47 -1.77
CA GLN B 23 3.54 -5.35 -2.96
C GLN B 23 2.05 -5.67 -3.10
N GLN B 24 1.35 -5.71 -2.00
CA GLN B 24 -0.12 -6.00 -2.06
C GLN B 24 -0.87 -4.79 -2.62
N ILE B 25 -0.43 -3.60 -2.29
CA ILE B 25 -1.11 -2.38 -2.81
C ILE B 25 -0.81 -2.22 -4.31
N SER B 26 0.34 -2.66 -4.73
CA SER B 26 0.70 -2.55 -6.18
C SER B 26 -0.16 -3.52 -7.00
N LYS B 27 -0.42 -4.69 -6.46
CA LYS B 27 -1.26 -5.69 -7.19
C LYS B 27 -2.72 -5.21 -7.20
N LEU B 28 -3.16 -4.62 -6.13
CA LEU B 28 -4.57 -4.11 -6.08
C LEU B 28 -4.72 -2.82 -6.90
N LYS B 29 -3.62 -2.23 -7.31
CA LYS B 29 -3.70 -0.98 -8.13
C LYS B 29 -3.76 -1.35 -9.61
N LYS B 30 -3.18 -2.47 -9.97
CA LYS B 30 -3.21 -2.90 -11.39
C LYS B 30 -4.58 -3.49 -11.75
N LYS B 31 -5.23 -4.12 -10.79
CA LYS B 31 -6.58 -4.70 -11.06
C LYS B 31 -7.61 -3.57 -11.20
N GLN B 32 -7.37 -2.47 -10.54
CA GLN B 32 -8.33 -1.33 -10.63
C GLN B 32 -8.29 -0.73 -12.05
N GLN B 33 -7.16 -0.81 -12.70
CA GLN B 33 -7.05 -0.27 -14.08
C GLN B 33 -7.99 -1.04 -15.02
N GLN B 34 -8.02 -2.33 -14.90
CA GLN B 34 -8.92 -3.15 -15.77
C GLN B 34 -10.38 -2.76 -15.53
N LEU B 35 -10.74 -2.54 -14.28
CA LEU B 35 -12.15 -2.15 -13.97
C LEU B 35 -12.42 -0.73 -14.46
N GLU B 36 -11.47 0.15 -14.29
CA GLU B 36 -11.65 1.56 -14.75
C GLU B 36 -11.53 1.63 -16.28
N GLU B 37 -10.76 0.74 -16.86
CA GLU B 37 -10.59 0.73 -18.34
C GLU B 37 -11.79 0.05 -18.98
N GLU B 38 -12.41 -0.88 -18.29
CA GLU B 38 -13.60 -1.58 -18.86
C GLU B 38 -14.84 -0.68 -18.75
N ALA B 39 -14.86 0.20 -17.79
CA ALA B 39 -16.04 1.11 -17.63
C ALA B 39 -15.95 2.25 -18.65
N ALA B 40 -14.76 2.61 -19.05
CA ALA B 40 -14.61 3.72 -20.05
C ALA B 40 -14.75 3.17 -21.47
N LYS B 41 -14.36 1.95 -21.67
CA LYS B 41 -14.46 1.33 -23.04
C LYS B 41 -13.82 2.24 -24.11
N PRO B 42 -12.56 1.98 -24.41
CA PRO B 42 -11.87 2.80 -25.42
C PRO B 42 -12.36 2.45 -26.82
N LYS A 1 -24.36 -8.47 -12.63
CA LYS A 1 -25.47 -8.86 -13.54
C LYS A 1 -25.62 -7.83 -14.67
N LYS A 2 -25.66 -6.57 -14.33
CA LYS A 2 -25.80 -5.52 -15.37
C LYS A 2 -24.53 -4.68 -15.47
N GLU A 3 -24.48 -3.73 -16.37
CA GLU A 3 -23.27 -2.87 -16.51
C GLU A 3 -23.32 -1.72 -15.52
N MET A 4 -24.50 -1.28 -15.16
CA MET A 4 -24.62 -0.14 -14.20
C MET A 4 -24.12 -0.58 -12.81
N GLU A 5 -24.23 -1.83 -12.50
CA GLU A 5 -23.75 -2.33 -11.17
C GLU A 5 -22.22 -2.32 -11.12
N GLU A 6 -21.58 -2.46 -12.24
CA GLU A 6 -20.09 -2.45 -12.27
C GLU A 6 -19.56 -1.04 -12.00
N ARG A 7 -20.32 -0.04 -12.35
CA ARG A 7 -19.87 1.37 -12.12
C ARG A 7 -19.97 1.70 -10.63
N MET A 8 -21.02 1.28 -9.99
CA MET A 8 -21.18 1.57 -8.53
C MET A 8 -20.16 0.75 -7.73
N SER A 9 -19.81 -0.41 -8.22
CA SER A 9 -18.82 -1.26 -7.50
C SER A 9 -17.42 -0.63 -7.60
N LEU A 10 -17.17 0.10 -8.65
CA LEU A 10 -15.84 0.76 -8.81
C LEU A 10 -15.66 1.85 -7.76
N GLU A 11 -16.74 2.45 -7.32
CA GLU A 11 -16.64 3.53 -6.29
C GLU A 11 -16.25 2.92 -4.95
N GLU A 12 -16.73 1.75 -4.66
CA GLU A 12 -16.39 1.08 -3.36
C GLU A 12 -14.96 0.55 -3.42
N THR A 13 -14.51 0.17 -4.58
CA THR A 13 -13.11 -0.34 -4.72
C THR A 13 -12.12 0.81 -4.61
N LYS A 14 -12.52 1.99 -5.02
CA LYS A 14 -11.60 3.17 -4.95
C LYS A 14 -11.41 3.58 -3.48
N GLU A 15 -12.39 3.33 -2.65
CA GLU A 15 -12.26 3.70 -1.21
C GLU A 15 -11.24 2.79 -0.51
N GLN A 16 -11.16 1.56 -0.94
CA GLN A 16 -10.19 0.61 -0.31
C GLN A 16 -8.77 0.97 -0.73
N ILE A 17 -8.61 1.43 -1.95
CA ILE A 17 -7.24 1.80 -2.42
C ILE A 17 -6.76 3.04 -1.68
N LEU A 18 -7.67 3.87 -1.23
CA LEU A 18 -7.26 5.10 -0.49
C LEU A 18 -6.69 4.72 0.89
N LYS A 19 -7.34 3.81 1.57
CA LYS A 19 -6.84 3.38 2.91
C LYS A 19 -5.49 2.67 2.74
N LEU A 20 -5.29 2.02 1.62
CA LEU A 20 -3.99 1.31 1.39
C LEU A 20 -2.85 2.32 1.26
N GLU A 21 -3.16 3.51 0.80
CA GLU A 21 -2.09 4.55 0.65
C GLU A 21 -1.62 5.00 2.03
N GLU A 22 -2.54 5.26 2.93
CA GLU A 22 -2.15 5.70 4.30
C GLU A 22 -1.38 4.58 5.00
N LYS A 23 -1.69 3.35 4.67
CA LYS A 23 -0.98 2.20 5.30
C LYS A 23 0.51 2.22 4.91
N LEU A 24 0.80 2.63 3.70
CA LEU A 24 2.22 2.69 3.26
C LEU A 24 2.99 3.74 4.06
N LEU A 25 2.33 4.80 4.43
CA LEU A 25 3.00 5.87 5.24
C LEU A 25 3.20 5.37 6.67
N ALA A 26 2.25 4.65 7.19
CA ALA A 26 2.38 4.11 8.58
C ALA A 26 3.53 3.10 8.65
N LEU A 27 3.80 2.43 7.54
CA LEU A 27 4.90 1.42 7.53
C LEU A 27 6.26 2.13 7.65
N GLN A 28 6.44 3.21 6.93
CA GLN A 28 7.73 3.95 7.00
C GLN A 28 7.89 4.55 8.39
N GLU A 29 6.81 4.94 9.02
CA GLU A 29 6.89 5.53 10.39
C GLU A 29 7.38 4.47 11.38
N GLU A 30 7.10 3.22 11.10
CA GLU A 30 7.55 2.13 12.02
C GLU A 30 9.08 2.09 12.07
N LYS A 31 9.72 2.19 10.93
CA LYS A 31 11.22 2.16 10.90
C LYS A 31 11.77 3.41 11.61
N HIS A 32 11.04 4.49 11.57
CA HIS A 32 11.51 5.74 12.23
C HIS A 32 11.50 5.55 13.75
N GLN A 33 10.55 4.79 14.25
CA GLN A 33 10.49 4.56 15.73
C GLN A 33 11.67 3.71 16.17
N LEU A 34 11.94 2.64 15.45
CA LEU A 34 13.10 1.76 15.82
C LEU A 34 14.40 2.54 15.72
N PHE A 35 14.46 3.52 14.85
CA PHE A 35 15.70 4.34 14.69
C PHE A 35 15.94 5.15 15.97
N LEU A 36 14.89 5.58 16.63
CA LEU A 36 15.05 6.37 17.88
C LEU A 36 15.72 5.51 18.95
N GLN A 37 15.48 4.22 18.91
CA GLN A 37 16.11 3.31 19.92
C GLN A 37 17.51 2.90 19.48
N LEU A 38 17.85 3.06 18.21
CA LEU A 38 19.21 2.68 17.74
C LEU A 38 20.31 3.34 18.59
N GLY B 1 21.01 0.90 23.10
CA GLY B 1 20.65 -0.21 22.17
C GLY B 1 21.03 -1.55 22.80
N LEU B 2 21.31 -2.54 21.99
CA LEU B 2 21.71 -3.87 22.53
C LEU B 2 23.20 -4.10 22.30
N SER B 3 23.59 -4.12 21.05
CA SER B 3 25.03 -4.32 20.71
C SER B 3 25.33 -3.69 19.35
N LYS B 4 24.71 -2.57 19.07
CA LYS B 4 24.93 -1.88 17.75
C LYS B 4 24.69 -2.86 16.59
N GLU B 5 23.87 -3.87 16.82
CA GLU B 5 23.58 -4.86 15.74
C GLU B 5 22.20 -5.49 15.96
N GLU B 6 21.88 -5.85 17.18
CA GLU B 6 20.54 -6.47 17.43
C GLU B 6 19.44 -5.46 17.07
N LEU B 7 19.72 -4.19 17.19
CA LEU B 7 18.72 -3.15 16.84
C LEU B 7 18.78 -2.87 15.34
N ILE B 8 19.94 -3.04 14.75
CA ILE B 8 20.10 -2.80 13.28
C ILE B 8 19.54 -4.01 12.53
N GLN B 9 19.64 -5.18 13.12
CA GLN B 9 19.10 -6.40 12.45
C GLN B 9 17.57 -6.29 12.40
N ASN B 10 16.99 -5.69 13.41
CA ASN B 10 15.52 -5.52 13.44
C ASN B 10 15.13 -4.35 12.55
N MET B 11 15.99 -3.36 12.46
CA MET B 11 15.69 -2.18 11.59
C MET B 11 15.82 -2.59 10.11
N ASP B 12 16.66 -3.54 9.83
CA ASP B 12 16.83 -3.99 8.41
C ASP B 12 15.64 -4.86 8.00
N ARG B 13 15.10 -5.60 8.92
CA ARG B 13 13.92 -6.46 8.60
C ARG B 13 12.68 -5.60 8.39
N VAL B 14 12.62 -4.46 9.04
CA VAL B 14 11.44 -3.55 8.88
C VAL B 14 11.45 -2.95 7.48
N ASP B 15 12.61 -2.73 6.93
CA ASP B 15 12.69 -2.14 5.55
C ASP B 15 12.08 -3.11 4.54
N ARG B 16 12.28 -4.38 4.74
CA ARG B 16 11.70 -5.39 3.80
C ARG B 16 10.19 -5.44 3.96
N GLU B 17 9.70 -5.15 5.14
CA GLU B 17 8.22 -5.17 5.36
C GLU B 17 7.56 -4.01 4.62
N ILE B 18 8.25 -2.91 4.49
CA ILE B 18 7.67 -1.73 3.76
C ILE B 18 7.64 -2.02 2.26
N THR B 19 8.60 -2.76 1.78
CA THR B 19 8.63 -3.10 0.32
C THR B 19 7.52 -4.10 0.00
N MET B 20 7.22 -4.97 0.94
CA MET B 20 6.13 -5.98 0.70
C MET B 20 4.78 -5.28 0.70
N VAL B 21 4.57 -4.36 1.60
CA VAL B 21 3.27 -3.63 1.64
C VAL B 21 3.14 -2.74 0.39
N GLU B 22 4.23 -2.15 -0.03
CA GLU B 22 4.20 -1.29 -1.24
C GLU B 22 3.82 -2.11 -2.47
N GLN B 23 4.23 -3.36 -2.49
CA GLN B 23 3.89 -4.23 -3.66
C GLN B 23 2.39 -4.50 -3.70
N GLN B 24 1.75 -4.50 -2.55
CA GLN B 24 0.28 -4.73 -2.50
C GLN B 24 -0.48 -3.51 -3.03
N ILE B 25 0.14 -2.36 -3.01
CA ILE B 25 -0.55 -1.13 -3.51
C ILE B 25 -0.51 -1.10 -5.04
N SER B 26 0.60 -1.51 -5.61
CA SER B 26 0.72 -1.51 -7.09
C SER B 26 -0.13 -2.65 -7.68
N LYS B 27 -0.29 -3.71 -6.93
CA LYS B 27 -1.12 -4.85 -7.43
C LYS B 27 -2.60 -4.50 -7.34
N LEU B 28 -2.99 -3.78 -6.32
CA LEU B 28 -4.42 -3.38 -6.17
C LEU B 28 -4.78 -2.29 -7.18
N LYS B 29 -3.80 -1.57 -7.67
CA LYS B 29 -4.10 -0.50 -8.68
C LYS B 29 -4.27 -1.12 -10.06
N LYS B 30 -3.62 -2.24 -10.30
CA LYS B 30 -3.75 -2.92 -11.63
C LYS B 30 -5.12 -3.60 -11.73
N LYS B 31 -5.56 -4.21 -10.67
CA LYS B 31 -6.91 -4.88 -10.70
C LYS B 31 -8.00 -3.84 -10.91
N GLN B 32 -7.75 -2.61 -10.52
CA GLN B 32 -8.79 -1.54 -10.71
C GLN B 32 -8.91 -1.21 -12.19
N GLN B 33 -7.85 -1.36 -12.94
CA GLN B 33 -7.90 -1.07 -14.40
C GLN B 33 -8.88 -2.02 -15.08
N GLN B 34 -8.84 -3.28 -14.73
CA GLN B 34 -9.77 -4.27 -15.33
C GLN B 34 -11.22 -3.89 -15.00
N LEU B 35 -11.43 -3.28 -13.86
CA LEU B 35 -12.80 -2.86 -13.47
C LEU B 35 -13.19 -1.59 -14.23
N GLU B 36 -12.24 -0.70 -14.41
CA GLU B 36 -12.53 0.56 -15.16
C GLU B 36 -12.59 0.28 -16.66
N GLU B 37 -11.83 -0.69 -17.11
CA GLU B 37 -11.84 -1.04 -18.55
C GLU B 37 -13.08 -1.89 -18.87
N GLU B 38 -13.56 -2.64 -17.91
CA GLU B 38 -14.76 -3.48 -18.15
C GLU B 38 -16.02 -2.62 -18.09
N ALA B 39 -15.99 -1.54 -17.34
CA ALA B 39 -17.18 -0.65 -17.25
C ALA B 39 -17.27 0.25 -18.47
N ALA B 40 -16.15 0.55 -19.09
CA ALA B 40 -16.16 1.43 -20.30
C ALA B 40 -16.33 0.57 -21.55
N LYS B 41 -15.87 -0.65 -21.53
CA LYS B 41 -16.01 -1.54 -22.72
C LYS B 41 -17.49 -1.74 -23.07
N PRO B 42 -17.92 -1.19 -24.18
CA PRO B 42 -19.34 -1.34 -24.59
C PRO B 42 -19.61 -2.77 -25.07
N LYS A 1 -28.47 -7.04 -17.95
CA LYS A 1 -27.33 -6.36 -17.26
C LYS A 1 -26.86 -5.16 -18.08
N LYS A 2 -26.19 -4.23 -17.43
CA LYS A 2 -25.70 -3.02 -18.16
C LYS A 2 -24.26 -2.69 -17.75
N GLU A 3 -23.64 -1.76 -18.43
CA GLU A 3 -22.23 -1.39 -18.07
C GLU A 3 -22.22 -0.38 -16.92
N MET A 4 -23.26 0.42 -16.81
CA MET A 4 -23.31 1.43 -15.70
C MET A 4 -23.25 0.72 -14.34
N GLU A 5 -23.65 -0.52 -14.28
CA GLU A 5 -23.62 -1.26 -12.98
C GLU A 5 -22.17 -1.57 -12.59
N GLU A 6 -21.31 -1.73 -13.56
CA GLU A 6 -19.88 -2.03 -13.25
C GLU A 6 -19.18 -0.79 -12.69
N ARG A 7 -19.66 0.37 -13.06
CA ARG A 7 -19.03 1.64 -12.54
C ARG A 7 -19.36 1.82 -11.06
N MET A 8 -20.49 1.32 -10.63
CA MET A 8 -20.87 1.46 -9.19
C MET A 8 -19.95 0.61 -8.31
N SER A 9 -19.54 -0.53 -8.81
CA SER A 9 -18.63 -1.41 -8.01
C SER A 9 -17.25 -0.75 -7.88
N LEU A 10 -16.88 0.04 -8.87
CA LEU A 10 -15.55 0.72 -8.82
C LEU A 10 -15.53 1.75 -7.67
N GLU A 11 -16.68 2.31 -7.35
CA GLU A 11 -16.74 3.31 -6.25
C GLU A 11 -16.37 2.65 -4.93
N GLU A 12 -16.86 1.47 -4.68
CA GLU A 12 -16.53 0.76 -3.41
C GLU A 12 -15.08 0.28 -3.45
N THR A 13 -14.60 -0.03 -4.63
CA THR A 13 -13.18 -0.51 -4.75
C THR A 13 -12.22 0.68 -4.56
N LYS A 14 -12.65 1.87 -4.90
CA LYS A 14 -11.79 3.07 -4.74
C LYS A 14 -11.62 3.42 -3.25
N GLU A 15 -12.58 3.06 -2.45
CA GLU A 15 -12.49 3.39 -0.98
C GLU A 15 -11.50 2.44 -0.29
N GLN A 16 -11.38 1.24 -0.77
CA GLN A 16 -10.42 0.27 -0.15
C GLN A 16 -9.00 0.61 -0.57
N ILE A 17 -8.83 1.08 -1.78
CA ILE A 17 -7.46 1.45 -2.27
C ILE A 17 -6.99 2.73 -1.56
N LEU A 18 -7.91 3.55 -1.12
CA LEU A 18 -7.52 4.80 -0.41
C LEU A 18 -6.96 4.47 0.98
N LYS A 19 -7.56 3.53 1.66
CA LYS A 19 -7.05 3.15 3.01
C LYS A 19 -5.64 2.59 2.90
N LEU A 20 -5.33 1.97 1.79
CA LEU A 20 -3.97 1.39 1.61
C LEU A 20 -2.93 2.52 1.60
N GLU A 21 -3.32 3.69 1.18
CA GLU A 21 -2.36 4.84 1.16
C GLU A 21 -1.98 5.23 2.58
N GLU A 22 -2.93 5.20 3.49
CA GLU A 22 -2.63 5.56 4.90
C GLU A 22 -1.84 4.42 5.56
N LYS A 23 -2.06 3.21 5.11
CA LYS A 23 -1.32 2.05 5.70
C LYS A 23 0.14 2.07 5.23
N LEU A 24 0.39 2.60 4.07
CA LEU A 24 1.80 2.67 3.56
C LEU A 24 2.57 3.75 4.31
N LEU A 25 1.91 4.81 4.68
CA LEU A 25 2.60 5.91 5.43
C LEU A 25 2.86 5.46 6.87
N ALA A 26 1.97 4.67 7.41
CA ALA A 26 2.16 4.19 8.81
C ALA A 26 3.33 3.21 8.87
N LEU A 27 3.57 2.51 7.78
CA LEU A 27 4.70 1.53 7.77
C LEU A 27 6.04 2.27 7.81
N GLN A 28 6.16 3.34 7.06
CA GLN A 28 7.43 4.12 7.08
C GLN A 28 7.64 4.76 8.45
N GLU A 29 6.57 5.05 9.15
CA GLU A 29 6.70 5.66 10.50
C GLU A 29 7.30 4.65 11.49
N GLU A 30 7.08 3.38 11.25
CA GLU A 30 7.63 2.33 12.15
C GLU A 30 9.15 2.26 12.01
N LYS A 31 9.64 2.25 10.79
CA LYS A 31 11.12 2.19 10.57
C LYS A 31 11.78 3.44 11.14
N HIS A 32 11.07 4.54 11.15
CA HIS A 32 11.65 5.81 11.69
C HIS A 32 11.87 5.68 13.21
N GLN A 33 11.06 4.89 13.86
CA GLN A 33 11.21 4.71 15.34
C GLN A 33 12.54 4.03 15.65
N LEU A 34 12.96 3.11 14.81
CA LEU A 34 14.26 2.41 15.05
C LEU A 34 15.42 3.41 14.96
N PHE A 35 15.30 4.40 14.11
CA PHE A 35 16.40 5.41 13.98
C PHE A 35 16.52 6.23 15.27
N LEU A 36 15.45 6.35 16.02
CA LEU A 36 15.51 7.12 17.29
C LEU A 36 16.34 6.37 18.34
N GLN A 37 16.37 5.07 18.26
CA GLN A 37 17.16 4.27 19.24
C GLN A 37 18.28 3.50 18.54
N LEU A 38 18.74 3.99 17.42
CA LEU A 38 19.84 3.29 16.68
C LEU A 38 21.09 3.20 17.55
N GLY B 1 20.72 3.05 21.04
CA GLY B 1 21.45 2.00 20.28
C GLY B 1 21.87 0.89 21.24
N LEU B 2 22.50 -0.14 20.71
CA LEU B 2 22.96 -1.26 21.59
C LEU B 2 24.35 -1.75 21.16
N SER B 3 24.57 -1.95 19.88
CA SER B 3 25.90 -2.43 19.41
C SER B 3 26.18 -1.98 17.96
N LYS B 4 25.42 -1.05 17.43
CA LYS B 4 25.64 -0.58 16.03
C LYS B 4 25.75 -1.76 15.06
N GLU B 5 25.14 -2.87 15.40
CA GLU B 5 25.19 -4.06 14.51
C GLU B 5 23.96 -4.94 14.72
N GLU B 6 23.61 -5.19 15.96
CA GLU B 6 22.41 -6.03 16.23
C GLU B 6 21.16 -5.20 15.95
N LEU B 7 21.21 -3.93 16.26
CA LEU B 7 20.04 -3.05 15.98
C LEU B 7 19.94 -2.77 14.48
N ILE B 8 21.07 -2.80 13.80
CA ILE B 8 21.06 -2.56 12.32
C ILE B 8 20.35 -3.72 11.62
N GLN B 9 20.42 -4.90 12.18
CA GLN B 9 19.74 -6.07 11.55
C GLN B 9 18.23 -5.96 11.76
N ASN B 10 17.81 -5.33 12.82
CA ASN B 10 16.34 -5.17 13.07
C ASN B 10 15.74 -4.16 12.08
N MET B 11 16.51 -3.18 11.69
CA MET B 11 15.99 -2.16 10.73
C MET B 11 15.83 -2.78 9.34
N ASP B 12 16.64 -3.76 9.03
CA ASP B 12 16.54 -4.42 7.69
C ASP B 12 15.25 -5.24 7.62
N ARG B 13 14.81 -5.75 8.73
CA ARG B 13 13.54 -6.56 8.73
C ARG B 13 12.34 -5.64 8.49
N VAL B 14 12.31 -4.53 9.17
CA VAL B 14 11.18 -3.56 8.99
C VAL B 14 11.15 -3.07 7.54
N ASP B 15 12.29 -3.00 6.91
CA ASP B 15 12.33 -2.53 5.49
C ASP B 15 11.67 -3.57 4.57
N ARG B 16 11.75 -4.82 4.93
CA ARG B 16 11.11 -5.89 4.11
C ARG B 16 9.60 -5.84 4.28
N GLU B 17 9.14 -5.42 5.43
CA GLU B 17 7.66 -5.34 5.67
C GLU B 17 7.06 -4.19 4.86
N ILE B 18 7.81 -3.13 4.70
CA ILE B 18 7.30 -1.97 3.90
C ILE B 18 7.31 -2.32 2.41
N THR B 19 8.24 -3.15 2.00
CA THR B 19 8.31 -3.54 0.56
C THR B 19 7.16 -4.50 0.23
N MET B 20 6.80 -5.34 1.18
CA MET B 20 5.68 -6.31 0.93
C MET B 20 4.35 -5.55 0.90
N VAL B 21 4.20 -4.59 1.77
CA VAL B 21 2.92 -3.80 1.80
C VAL B 21 2.85 -2.91 0.56
N GLU B 22 3.98 -2.45 0.09
CA GLU B 22 3.98 -1.57 -1.13
C GLU B 22 3.62 -2.40 -2.37
N GLN B 23 3.96 -3.67 -2.35
CA GLN B 23 3.62 -4.53 -3.52
C GLN B 23 2.13 -4.84 -3.54
N GLN B 24 1.51 -4.88 -2.39
CA GLN B 24 0.04 -5.15 -2.33
C GLN B 24 -0.74 -3.94 -2.83
N ILE B 25 -0.27 -2.76 -2.52
CA ILE B 25 -0.98 -1.52 -2.99
C ILE B 25 -0.76 -1.34 -4.50
N SER B 26 0.37 -1.77 -4.99
CA SER B 26 0.65 -1.64 -6.45
C SER B 26 -0.17 -2.66 -7.23
N LYS B 27 -0.39 -3.81 -6.66
CA LYS B 27 -1.22 -4.86 -7.35
C LYS B 27 -2.68 -4.45 -7.32
N LEU B 28 -3.13 -3.89 -6.23
CA LEU B 28 -4.55 -3.45 -6.13
C LEU B 28 -4.79 -2.28 -7.09
N LYS B 29 -3.79 -1.47 -7.31
CA LYS B 29 -3.94 -0.32 -8.26
C LYS B 29 -4.13 -0.85 -9.67
N LYS B 30 -3.29 -1.78 -10.08
CA LYS B 30 -3.43 -2.36 -11.45
C LYS B 30 -4.76 -3.08 -11.56
N LYS B 31 -5.23 -3.65 -10.47
CA LYS B 31 -6.54 -4.36 -10.49
C LYS B 31 -7.66 -3.38 -10.84
N GLN B 32 -7.56 -2.16 -10.37
CA GLN B 32 -8.60 -1.15 -10.68
C GLN B 32 -8.63 -0.87 -12.18
N GLN B 33 -7.50 -1.01 -12.83
CA GLN B 33 -7.43 -0.77 -14.31
C GLN B 33 -8.35 -1.76 -15.02
N GLN B 34 -8.36 -2.98 -14.59
CA GLN B 34 -9.25 -4.00 -15.24
C GLN B 34 -10.71 -3.61 -15.04
N LEU B 35 -11.03 -3.07 -13.90
CA LEU B 35 -12.44 -2.65 -13.63
C LEU B 35 -12.75 -1.36 -14.40
N GLU B 36 -11.76 -0.53 -14.59
CA GLU B 36 -11.98 0.75 -15.34
C GLU B 36 -12.04 0.46 -16.84
N GLU B 37 -11.32 -0.54 -17.29
CA GLU B 37 -11.33 -0.89 -18.74
C GLU B 37 -12.64 -1.61 -19.09
N GLU B 38 -13.19 -2.33 -18.15
CA GLU B 38 -14.47 -3.06 -18.42
C GLU B 38 -15.63 -2.06 -18.49
N ALA B 39 -15.51 -0.96 -17.79
CA ALA B 39 -16.61 0.06 -17.81
C ALA B 39 -16.63 0.78 -19.17
N ALA B 40 -15.51 0.84 -19.84
CA ALA B 40 -15.45 1.51 -21.17
C ALA B 40 -15.06 0.51 -22.26
N LYS B 41 -15.35 -0.75 -22.07
CA LYS B 41 -14.99 -1.77 -23.10
C LYS B 41 -15.99 -1.71 -24.27
N PRO B 42 -15.53 -2.11 -25.44
CA PRO B 42 -16.41 -2.09 -26.63
C PRO B 42 -17.46 -3.21 -26.55
N LYS A 1 -29.52 -1.43 -15.10
CA LYS A 1 -28.13 -1.48 -15.65
C LYS A 1 -27.88 -0.29 -16.58
N LYS A 2 -27.14 0.69 -16.12
CA LYS A 2 -26.87 1.89 -16.97
C LYS A 2 -25.35 2.08 -17.11
N GLU A 3 -24.93 2.76 -18.16
CA GLU A 3 -23.46 2.99 -18.36
C GLU A 3 -22.88 3.77 -17.18
N MET A 4 -23.69 4.54 -16.49
CA MET A 4 -23.18 5.32 -15.33
C MET A 4 -23.17 4.44 -14.07
N GLU A 5 -24.05 3.48 -14.01
CA GLU A 5 -24.10 2.59 -12.81
C GLU A 5 -22.77 1.84 -12.64
N GLU A 6 -22.07 1.61 -13.73
CA GLU A 6 -20.77 0.89 -13.65
C GLU A 6 -19.70 1.80 -13.01
N ARG A 7 -19.83 3.09 -13.17
CA ARG A 7 -18.84 4.02 -12.57
C ARG A 7 -19.01 4.07 -11.05
N MET A 8 -20.21 3.85 -10.57
CA MET A 8 -20.46 3.88 -9.10
C MET A 8 -19.80 2.66 -8.44
N SER A 9 -19.70 1.57 -9.16
CA SER A 9 -19.07 0.34 -8.59
C SER A 9 -17.58 0.58 -8.37
N LEU A 10 -16.98 1.42 -9.18
CA LEU A 10 -15.52 1.69 -9.03
C LEU A 10 -15.25 2.43 -7.71
N GLU A 11 -16.21 3.19 -7.23
CA GLU A 11 -16.03 3.93 -5.96
C GLU A 11 -15.94 2.95 -4.78
N GLU A 12 -16.59 1.83 -4.89
CA GLU A 12 -16.54 0.82 -3.78
C GLU A 12 -15.15 0.20 -3.71
N THR A 13 -14.61 -0.20 -4.84
CA THR A 13 -13.26 -0.82 -4.85
C THR A 13 -12.22 0.20 -4.35
N LYS A 14 -12.45 1.46 -4.60
CA LYS A 14 -11.51 2.51 -4.14
C LYS A 14 -11.46 2.54 -2.61
N GLU A 15 -12.55 2.17 -1.98
CA GLU A 15 -12.58 2.18 -0.48
C GLU A 15 -11.54 1.19 0.07
N GLN A 16 -11.41 0.05 -0.55
CA GLN A 16 -10.41 -0.96 -0.08
C GLN A 16 -9.00 -0.51 -0.46
N ILE A 17 -8.88 0.19 -1.56
CA ILE A 17 -7.54 0.68 -2.00
C ILE A 17 -7.13 1.89 -1.17
N LEU A 18 -8.09 2.64 -0.67
CA LEU A 18 -7.76 3.83 0.17
C LEU A 18 -7.30 3.38 1.56
N LYS A 19 -7.84 2.29 2.06
CA LYS A 19 -7.43 1.80 3.41
C LYS A 19 -5.99 1.29 3.35
N LEU A 20 -5.58 0.76 2.23
CA LEU A 20 -4.18 0.25 2.10
C LEU A 20 -3.19 1.42 2.11
N GLU A 21 -3.62 2.57 1.64
CA GLU A 21 -2.71 3.75 1.63
C GLU A 21 -2.42 4.21 3.06
N GLU A 22 -3.37 4.07 3.94
CA GLU A 22 -3.15 4.49 5.35
C GLU A 22 -2.28 3.45 6.08
N LYS A 23 -2.42 2.21 5.71
CA LYS A 23 -1.60 1.14 6.36
C LYS A 23 -0.17 1.18 5.83
N LEU A 24 0.00 1.61 4.60
CA LEU A 24 1.37 1.70 4.02
C LEU A 24 2.10 2.93 4.57
N LEU A 25 1.36 3.97 4.87
CA LEU A 25 1.99 5.20 5.42
C LEU A 25 2.35 4.99 6.89
N ALA A 26 1.56 4.22 7.58
CA ALA A 26 1.85 3.96 9.03
C ALA A 26 3.04 3.01 9.16
N LEU A 27 3.23 2.15 8.19
CA LEU A 27 4.39 1.21 8.24
C LEU A 27 5.69 1.95 7.93
N GLN A 28 5.65 2.86 7.00
CA GLN A 28 6.89 3.63 6.66
C GLN A 28 7.23 4.59 7.80
N GLU A 29 6.25 5.06 8.51
CA GLU A 29 6.51 5.98 9.64
C GLU A 29 7.20 5.24 10.79
N GLU A 30 6.95 3.96 10.91
CA GLU A 30 7.59 3.16 12.00
C GLU A 30 9.10 3.05 11.74
N LYS A 31 9.49 2.80 10.50
CA LYS A 31 10.94 2.69 10.19
C LYS A 31 11.64 4.03 10.49
N HIS A 32 10.92 5.12 10.38
CA HIS A 32 11.53 6.46 10.66
C HIS A 32 11.97 6.53 12.13
N GLN A 33 11.27 5.85 13.00
CA GLN A 33 11.66 5.87 14.44
C GLN A 33 13.06 5.28 14.62
N LEU A 34 13.35 4.23 13.90
CA LEU A 34 14.70 3.59 14.02
C LEU A 34 15.79 4.60 13.63
N PHE A 35 15.52 5.44 12.66
CA PHE A 35 16.54 6.44 12.23
C PHE A 35 16.89 7.37 13.40
N LEU A 36 15.92 7.71 14.20
CA LEU A 36 16.18 8.60 15.37
C LEU A 36 16.85 7.80 16.48
N GLN A 37 16.58 6.53 16.55
CA GLN A 37 17.20 5.67 17.61
C GLN A 37 18.46 4.97 17.08
N LEU A 38 18.82 5.19 15.83
CA LEU A 38 20.03 4.52 15.27
C LEU A 38 21.28 4.92 16.08
N GLY B 1 21.13 4.82 20.42
CA GLY B 1 21.64 3.61 19.71
C GLY B 1 21.95 2.52 20.73
N LEU B 2 22.51 1.42 20.27
CA LEU B 2 22.85 0.31 21.22
C LEU B 2 24.21 -0.30 20.87
N SER B 3 24.44 -0.61 19.61
CA SER B 3 25.77 -1.21 19.22
C SER B 3 26.08 -0.95 17.74
N LYS B 4 25.38 -0.06 17.09
CA LYS B 4 25.64 0.24 15.64
C LYS B 4 25.73 -1.06 14.82
N GLU B 5 25.07 -2.10 15.28
CA GLU B 5 25.10 -3.38 14.54
C GLU B 5 23.81 -4.16 14.81
N GLU B 6 23.42 -4.27 16.06
CA GLU B 6 22.16 -5.00 16.38
C GLU B 6 20.97 -4.15 15.98
N LEU B 7 21.10 -2.85 16.10
CA LEU B 7 19.99 -1.94 15.69
C LEU B 7 19.93 -1.86 14.17
N ILE B 8 21.04 -2.07 13.51
CA ILE B 8 21.05 -2.01 12.02
C ILE B 8 20.27 -3.21 11.45
N GLN B 9 20.29 -4.32 12.16
CA GLN B 9 19.55 -5.53 11.67
C GLN B 9 18.03 -5.32 11.82
N ASN B 10 17.64 -4.53 12.79
CA ASN B 10 16.18 -4.27 13.01
C ASN B 10 15.65 -3.33 11.93
N MET B 11 16.49 -2.46 11.42
CA MET B 11 16.04 -1.51 10.36
C MET B 11 15.86 -2.25 9.03
N ASP B 12 16.62 -3.29 8.82
CA ASP B 12 16.50 -4.07 7.55
C ASP B 12 15.26 -4.97 7.61
N ARG B 13 14.89 -5.40 8.78
CA ARG B 13 13.69 -6.28 8.92
C ARG B 13 12.42 -5.44 8.85
N VAL B 14 12.49 -4.21 9.30
CA VAL B 14 11.30 -3.32 9.27
C VAL B 14 11.11 -2.78 7.85
N ASP B 15 12.19 -2.61 7.13
CA ASP B 15 12.09 -2.09 5.73
C ASP B 15 11.61 -3.20 4.80
N ARG B 16 11.92 -4.43 5.12
CA ARG B 16 11.48 -5.57 4.28
C ARG B 16 9.98 -5.82 4.46
N GLU B 17 9.47 -5.51 5.62
CA GLU B 17 8.01 -5.71 5.88
C GLU B 17 7.18 -4.69 5.09
N ILE B 18 7.72 -3.52 4.88
CA ILE B 18 6.99 -2.47 4.12
C ILE B 18 6.95 -2.84 2.63
N THR B 19 7.96 -3.54 2.17
CA THR B 19 8.00 -3.95 0.73
C THR B 19 6.92 -5.00 0.46
N MET B 20 6.63 -5.82 1.42
CA MET B 20 5.58 -6.87 1.23
C MET B 20 4.20 -6.22 1.20
N VAL B 21 3.94 -5.33 2.13
CA VAL B 21 2.61 -4.64 2.16
C VAL B 21 2.53 -3.66 0.99
N GLU B 22 3.64 -3.10 0.60
CA GLU B 22 3.65 -2.13 -0.54
C GLU B 22 3.48 -2.89 -1.87
N GLN B 23 3.93 -4.13 -1.91
CA GLN B 23 3.81 -4.93 -3.16
C GLN B 23 2.34 -5.34 -3.36
N GLN B 24 1.62 -5.51 -2.30
CA GLN B 24 0.17 -5.92 -2.42
C GLN B 24 -0.65 -4.73 -2.91
N ILE B 25 -0.32 -3.54 -2.48
CA ILE B 25 -1.08 -2.33 -2.93
C ILE B 25 -0.77 -2.05 -4.39
N SER B 26 0.43 -2.37 -4.83
CA SER B 26 0.80 -2.13 -6.25
C SER B 26 -0.01 -3.06 -7.16
N LYS B 27 -0.24 -4.26 -6.72
CA LYS B 27 -1.03 -5.22 -7.55
C LYS B 27 -2.51 -4.84 -7.47
N LEU B 28 -2.94 -4.32 -6.36
CA LEU B 28 -4.37 -3.91 -6.22
C LEU B 28 -4.63 -2.66 -7.07
N LYS B 29 -3.63 -1.82 -7.22
CA LYS B 29 -3.80 -0.59 -8.05
C LYS B 29 -3.95 -0.99 -9.52
N LYS B 30 -3.10 -1.87 -10.00
CA LYS B 30 -3.21 -2.31 -11.42
C LYS B 30 -4.53 -3.05 -11.62
N LYS B 31 -5.03 -3.69 -10.58
CA LYS B 31 -6.32 -4.42 -10.69
C LYS B 31 -7.44 -3.41 -11.01
N GLN B 32 -7.34 -2.23 -10.45
CA GLN B 32 -8.38 -1.19 -10.72
C GLN B 32 -8.35 -0.83 -12.20
N GLN B 33 -7.19 -0.91 -12.81
CA GLN B 33 -7.08 -0.58 -14.27
C GLN B 33 -8.00 -1.48 -15.08
N GLN B 34 -8.03 -2.75 -14.76
CA GLN B 34 -8.91 -3.70 -15.50
C GLN B 34 -10.38 -3.30 -15.32
N LEU B 35 -10.73 -2.87 -14.13
CA LEU B 35 -12.14 -2.44 -13.87
C LEU B 35 -12.38 -1.07 -14.51
N GLU B 36 -11.35 -0.27 -14.63
CA GLU B 36 -11.50 1.08 -15.25
C GLU B 36 -11.57 0.94 -16.77
N GLU B 37 -10.92 -0.04 -17.31
CA GLU B 37 -10.94 -0.23 -18.80
C GLU B 37 -12.27 -0.89 -19.21
N GLU B 38 -12.84 -1.68 -18.35
CA GLU B 38 -14.13 -2.35 -18.68
C GLU B 38 -15.28 -1.34 -18.56
N ALA B 39 -15.13 -0.35 -17.72
CA ALA B 39 -16.21 0.68 -17.56
C ALA B 39 -16.20 1.64 -18.75
N ALA B 40 -15.07 1.84 -19.37
CA ALA B 40 -14.99 2.76 -20.53
C ALA B 40 -15.47 2.05 -21.80
N LYS B 41 -15.21 0.77 -21.90
CA LYS B 41 -15.65 -0.01 -23.11
C LYS B 41 -15.19 0.68 -24.40
N PRO B 42 -14.04 0.28 -24.91
CA PRO B 42 -13.50 0.89 -26.15
C PRO B 42 -14.31 0.40 -27.36
N LYS A 1 -25.91 -5.80 -14.41
CA LYS A 1 -24.79 -4.85 -14.67
C LYS A 1 -25.26 -3.74 -15.61
N LYS A 2 -25.48 -2.56 -15.09
CA LYS A 2 -25.94 -1.42 -15.93
C LYS A 2 -24.74 -0.57 -16.36
N GLU A 3 -24.99 0.52 -17.04
CA GLU A 3 -23.87 1.41 -17.49
C GLU A 3 -23.41 2.31 -16.34
N MET A 4 -24.31 2.63 -15.44
CA MET A 4 -23.94 3.49 -14.28
C MET A 4 -23.42 2.64 -13.12
N GLU A 5 -23.88 1.42 -13.03
CA GLU A 5 -23.42 0.53 -11.92
C GLU A 5 -21.90 0.31 -12.01
N GLU A 6 -21.35 0.39 -13.18
CA GLU A 6 -19.86 0.20 -13.34
C GLU A 6 -19.11 1.35 -12.66
N ARG A 7 -19.64 2.54 -12.75
CA ARG A 7 -18.98 3.71 -12.11
C ARG A 7 -19.16 3.65 -10.59
N MET A 8 -20.26 3.10 -10.14
CA MET A 8 -20.51 2.98 -8.68
C MET A 8 -19.63 1.88 -8.09
N SER A 9 -19.32 0.87 -8.87
CA SER A 9 -18.46 -0.24 -8.37
C SER A 9 -17.03 0.25 -8.20
N LEU A 10 -16.62 1.21 -8.98
CA LEU A 10 -15.23 1.75 -8.86
C LEU A 10 -15.07 2.50 -7.55
N GLU A 11 -16.13 3.08 -7.05
CA GLU A 11 -16.04 3.81 -5.75
C GLU A 11 -15.93 2.84 -4.59
N GLU A 12 -16.55 1.69 -4.72
CA GLU A 12 -16.48 0.67 -3.62
C GLU A 12 -15.10 0.01 -3.61
N THR A 13 -14.56 -0.24 -4.79
CA THR A 13 -13.22 -0.88 -4.87
C THR A 13 -12.15 0.14 -4.45
N LYS A 14 -12.38 1.40 -4.74
CA LYS A 14 -11.39 2.45 -4.36
C LYS A 14 -11.36 2.58 -2.83
N GLU A 15 -12.45 2.30 -2.17
CA GLU A 15 -12.49 2.41 -0.68
C GLU A 15 -11.51 1.40 -0.07
N GLN A 16 -11.40 0.24 -0.67
CA GLN A 16 -10.45 -0.78 -0.13
C GLN A 16 -9.02 -0.40 -0.49
N ILE A 17 -8.84 0.20 -1.64
CA ILE A 17 -7.47 0.63 -2.06
C ILE A 17 -7.04 1.84 -1.23
N LEU A 18 -7.98 2.62 -0.78
CA LEU A 18 -7.64 3.82 0.05
C LEU A 18 -7.10 3.36 1.41
N LYS A 19 -7.72 2.35 1.99
CA LYS A 19 -7.25 1.85 3.31
C LYS A 19 -5.82 1.32 3.20
N LEU A 20 -5.49 0.78 2.05
CA LEU A 20 -4.11 0.24 1.84
C LEU A 20 -3.10 1.39 1.79
N GLU A 21 -3.53 2.54 1.32
CA GLU A 21 -2.60 3.71 1.24
C GLU A 21 -2.29 4.21 2.65
N GLU A 22 -3.24 4.11 3.54
CA GLU A 22 -3.00 4.57 4.95
C GLU A 22 -2.13 3.54 5.68
N LYS A 23 -2.27 2.28 5.32
CA LYS A 23 -1.45 1.22 5.96
C LYS A 23 0.01 1.34 5.51
N LEU A 24 0.22 1.81 4.31
CA LEU A 24 1.61 1.96 3.80
C LEU A 24 2.28 3.16 4.47
N LEU A 25 1.51 4.16 4.82
CA LEU A 25 2.09 5.36 5.49
C LEU A 25 2.45 5.01 6.94
N ALA A 26 1.64 4.22 7.58
CA ALA A 26 1.92 3.83 8.99
C ALA A 26 3.18 2.95 9.03
N LEU A 27 3.41 2.20 7.99
CA LEU A 27 4.62 1.32 7.96
C LEU A 27 5.87 2.18 7.80
N GLN A 28 5.84 3.12 6.89
CA GLN A 28 7.03 4.00 6.70
C GLN A 28 7.25 4.87 7.94
N GLU A 29 6.18 5.17 8.65
CA GLU A 29 6.31 6.00 9.88
C GLU A 29 7.03 5.21 10.97
N GLU A 30 6.88 3.91 10.96
CA GLU A 30 7.55 3.06 11.99
C GLU A 30 9.07 3.06 11.75
N LYS A 31 9.48 2.84 10.51
CA LYS A 31 10.93 2.83 10.19
C LYS A 31 11.54 4.21 10.50
N HIS A 32 10.75 5.24 10.37
CA HIS A 32 11.26 6.62 10.67
C HIS A 32 11.66 6.73 12.14
N GLN A 33 10.98 6.01 13.00
CA GLN A 33 11.33 6.04 14.45
C GLN A 33 12.71 5.42 14.68
N LEU A 34 13.07 4.45 13.87
CA LEU A 34 14.40 3.80 14.02
C LEU A 34 15.50 4.80 13.65
N PHE A 35 15.23 5.69 12.74
CA PHE A 35 16.25 6.69 12.33
C PHE A 35 16.62 7.58 13.52
N LEU A 36 15.66 7.87 14.36
CA LEU A 36 15.94 8.72 15.57
C LEU A 36 16.75 7.92 16.59
N GLN A 37 16.55 6.62 16.62
CA GLN A 37 17.30 5.76 17.58
C GLN A 37 18.63 5.29 16.97
N LEU A 38 18.75 5.36 15.66
CA LEU A 38 20.02 4.93 14.99
C LEU A 38 21.24 5.63 15.61
N GLY B 1 20.09 3.31 20.52
CA GLY B 1 21.50 3.14 20.10
C GLY B 1 22.17 2.07 20.97
N LEU B 2 22.57 0.98 20.37
CA LEU B 2 23.24 -0.12 21.15
C LEU B 2 24.71 -0.17 20.77
N SER B 3 25.00 -0.46 19.52
CA SER B 3 26.41 -0.54 19.06
C SER B 3 26.47 -0.25 17.57
N LYS B 4 25.63 0.65 17.10
CA LYS B 4 25.61 0.98 15.63
C LYS B 4 25.47 -0.31 14.80
N GLU B 5 24.89 -1.33 15.38
CA GLU B 5 24.72 -2.61 14.64
C GLU B 5 23.44 -3.30 15.11
N GLU B 6 23.20 -3.36 16.39
CA GLU B 6 21.96 -4.01 16.89
C GLU B 6 20.74 -3.22 16.41
N LEU B 7 20.90 -1.92 16.24
CA LEU B 7 19.78 -1.08 15.75
C LEU B 7 19.71 -1.19 14.23
N ILE B 8 20.82 -1.47 13.58
CA ILE B 8 20.84 -1.61 12.10
C ILE B 8 20.10 -2.88 11.71
N GLN B 9 20.15 -3.89 12.55
CA GLN B 9 19.45 -5.17 12.22
C GLN B 9 17.93 -4.98 12.32
N ASN B 10 17.50 -4.09 13.18
CA ASN B 10 16.03 -3.83 13.31
C ASN B 10 15.53 -2.98 12.14
N MET B 11 16.39 -2.16 11.60
CA MET B 11 15.99 -1.29 10.46
C MET B 11 15.91 -2.12 9.17
N ASP B 12 16.70 -3.17 9.10
CA ASP B 12 16.68 -4.04 7.87
C ASP B 12 15.44 -4.93 7.88
N ARG B 13 15.00 -5.33 9.05
CA ARG B 13 13.79 -6.20 9.14
C ARG B 13 12.53 -5.37 8.88
N VAL B 14 12.56 -4.11 9.23
CA VAL B 14 11.37 -3.24 9.00
C VAL B 14 11.24 -2.92 7.51
N ASP B 15 12.34 -2.89 6.80
CA ASP B 15 12.29 -2.60 5.34
C ASP B 15 11.66 -3.78 4.59
N ARG B 16 11.81 -4.96 5.10
CA ARG B 16 11.22 -6.16 4.43
C ARG B 16 9.71 -6.19 4.63
N GLU B 17 9.24 -5.64 5.72
CA GLU B 17 7.77 -5.64 5.99
C GLU B 17 7.09 -4.59 5.11
N ILE B 18 7.75 -3.49 4.87
CA ILE B 18 7.14 -2.42 4.02
C ILE B 18 7.14 -2.86 2.54
N THR B 19 8.09 -3.67 2.16
CA THR B 19 8.15 -4.14 0.75
C THR B 19 7.05 -5.18 0.51
N MET B 20 6.74 -5.97 1.51
CA MET B 20 5.66 -6.99 1.35
C MET B 20 4.30 -6.31 1.22
N VAL B 21 4.09 -5.27 1.98
CA VAL B 21 2.79 -4.54 1.91
C VAL B 21 2.69 -3.78 0.58
N GLU B 22 3.81 -3.37 0.05
CA GLU B 22 3.80 -2.63 -1.25
C GLU B 22 3.45 -3.58 -2.39
N GLN B 23 3.78 -4.85 -2.25
CA GLN B 23 3.47 -5.83 -3.33
C GLN B 23 1.96 -6.06 -3.40
N GLN B 24 1.29 -6.01 -2.29
CA GLN B 24 -0.19 -6.21 -2.29
C GLN B 24 -0.89 -4.97 -2.85
N ILE B 25 -0.39 -3.81 -2.51
CA ILE B 25 -1.01 -2.54 -3.02
C ILE B 25 -0.69 -2.37 -4.51
N SER B 26 0.44 -2.90 -4.95
CA SER B 26 0.81 -2.79 -6.39
C SER B 26 -0.07 -3.72 -7.22
N LYS B 27 -0.41 -4.86 -6.69
CA LYS B 27 -1.27 -5.81 -7.44
C LYS B 27 -2.73 -5.33 -7.39
N LEU B 28 -3.12 -4.70 -6.31
CA LEU B 28 -4.51 -4.19 -6.19
C LEU B 28 -4.67 -2.94 -7.07
N LYS B 29 -3.61 -2.20 -7.23
CA LYS B 29 -3.68 -0.97 -8.08
C LYS B 29 -3.87 -1.36 -9.55
N LYS B 30 -3.26 -2.44 -9.96
CA LYS B 30 -3.42 -2.90 -11.37
C LYS B 30 -4.86 -3.39 -11.60
N LYS B 31 -5.47 -3.92 -10.57
CA LYS B 31 -6.88 -4.41 -10.71
C LYS B 31 -7.81 -3.22 -10.98
N GLN B 32 -7.52 -2.10 -10.40
CA GLN B 32 -8.38 -0.89 -10.64
C GLN B 32 -8.32 -0.48 -12.11
N GLN B 33 -7.20 -0.73 -12.75
CA GLN B 33 -7.06 -0.38 -14.20
C GLN B 33 -8.09 -1.15 -15.02
N GLN B 34 -8.27 -2.41 -14.71
CA GLN B 34 -9.26 -3.23 -15.48
C GLN B 34 -10.67 -2.66 -15.30
N LEU B 35 -11.04 -2.32 -14.09
CA LEU B 35 -12.39 -1.74 -13.84
C LEU B 35 -12.46 -0.33 -14.43
N GLU B 36 -11.35 0.38 -14.42
CA GLU B 36 -11.34 1.77 -14.97
C GLU B 36 -11.31 1.71 -16.50
N GLU B 37 -10.74 0.67 -17.06
CA GLU B 37 -10.68 0.54 -18.53
C GLU B 37 -12.03 0.10 -19.09
N GLU B 38 -12.80 -0.63 -18.30
CA GLU B 38 -14.14 -1.09 -18.76
C GLU B 38 -15.14 0.06 -18.67
N ALA B 39 -14.95 0.96 -17.75
CA ALA B 39 -15.89 2.11 -17.60
C ALA B 39 -15.58 3.18 -18.65
N ALA B 40 -14.36 3.25 -19.09
CA ALA B 40 -13.99 4.27 -20.12
C ALA B 40 -14.29 3.76 -21.53
N LYS B 41 -14.37 2.45 -21.69
CA LYS B 41 -14.66 1.87 -23.04
C LYS B 41 -16.00 2.42 -23.58
N PRO B 42 -16.08 2.57 -24.88
CA PRO B 42 -17.34 3.10 -25.50
C PRO B 42 -18.43 2.04 -25.45
N LYS A 1 -25.07 -6.94 -18.29
CA LYS A 1 -23.76 -6.34 -18.64
C LYS A 1 -23.92 -4.84 -18.92
N LYS A 2 -24.41 -4.10 -17.96
CA LYS A 2 -24.59 -2.63 -18.15
C LYS A 2 -23.27 -1.90 -17.92
N GLU A 3 -23.22 -0.63 -18.23
CA GLU A 3 -21.97 0.15 -18.02
C GLU A 3 -22.05 0.98 -16.73
N MET A 4 -23.25 1.29 -16.29
CA MET A 4 -23.40 2.10 -15.04
C MET A 4 -23.09 1.22 -13.82
N GLU A 5 -23.39 -0.04 -13.89
CA GLU A 5 -23.11 -0.95 -12.74
C GLU A 5 -21.61 -1.04 -12.47
N GLU A 6 -20.80 -0.79 -13.47
CA GLU A 6 -19.32 -0.86 -13.28
C GLU A 6 -18.84 0.37 -12.49
N ARG A 7 -19.55 1.46 -12.61
CA ARG A 7 -19.14 2.70 -11.86
C ARG A 7 -19.39 2.51 -10.36
N MET A 8 -20.38 1.74 -10.00
CA MET A 8 -20.66 1.50 -8.56
C MET A 8 -19.58 0.60 -7.96
N SER A 9 -19.22 -0.44 -8.65
CA SER A 9 -18.16 -1.36 -8.14
C SER A 9 -16.82 -0.62 -8.07
N LEU A 10 -16.63 0.36 -8.92
CA LEU A 10 -15.35 1.13 -8.91
C LEU A 10 -15.26 1.99 -7.64
N GLU A 11 -16.39 2.40 -7.11
CA GLU A 11 -16.37 3.24 -5.88
C GLU A 11 -15.98 2.38 -4.66
N GLU A 12 -16.37 1.14 -4.67
CA GLU A 12 -16.04 0.24 -3.52
C GLU A 12 -14.57 -0.17 -3.59
N THR A 13 -14.03 -0.25 -4.79
CA THR A 13 -12.59 -0.64 -4.95
C THR A 13 -11.70 0.54 -4.57
N LYS A 14 -12.17 1.75 -4.77
CA LYS A 14 -11.35 2.94 -4.43
C LYS A 14 -11.30 3.13 -2.91
N GLU A 15 -12.30 2.66 -2.20
CA GLU A 15 -12.32 2.81 -0.72
C GLU A 15 -11.33 1.82 -0.09
N GLN A 16 -11.17 0.67 -0.68
CA GLN A 16 -10.22 -0.34 -0.11
C GLN A 16 -8.78 0.07 -0.44
N ILE A 17 -8.57 0.61 -1.61
CA ILE A 17 -7.20 1.06 -2.00
C ILE A 17 -6.82 2.32 -1.23
N LEU A 18 -7.79 3.10 -0.82
CA LEU A 18 -7.50 4.34 -0.04
C LEU A 18 -7.06 3.97 1.37
N LYS A 19 -7.65 2.95 1.94
CA LYS A 19 -7.27 2.53 3.33
C LYS A 19 -5.88 1.90 3.30
N LEU A 20 -5.53 1.26 2.21
CA LEU A 20 -4.18 0.62 2.12
C LEU A 20 -3.10 1.70 2.04
N GLU A 21 -3.42 2.85 1.47
CA GLU A 21 -2.42 3.95 1.37
C GLU A 21 -2.13 4.51 2.76
N GLU A 22 -3.10 4.49 3.63
CA GLU A 22 -2.88 5.02 5.01
C GLU A 22 -2.11 4.00 5.84
N LYS A 23 -2.31 2.74 5.58
CA LYS A 23 -1.58 1.67 6.33
C LYS A 23 -0.14 1.58 5.82
N LEU A 24 0.06 1.83 4.55
CA LEU A 24 1.45 1.77 3.99
C LEU A 24 2.24 3.01 4.42
N LEU A 25 1.55 4.11 4.62
CA LEU A 25 2.25 5.36 5.05
C LEU A 25 2.62 5.26 6.53
N ALA A 26 1.77 4.64 7.31
CA ALA A 26 2.07 4.49 8.77
C ALA A 26 3.21 3.50 8.97
N LEU A 27 3.32 2.53 8.09
CA LEU A 27 4.41 1.52 8.21
C LEU A 27 5.77 2.18 7.91
N GLN A 28 5.79 3.10 6.98
CA GLN A 28 7.07 3.79 6.65
C GLN A 28 7.44 4.76 7.77
N GLU A 29 6.45 5.28 8.46
CA GLU A 29 6.72 6.23 9.58
C GLU A 29 7.35 5.47 10.75
N GLU A 30 7.02 4.21 10.90
CA GLU A 30 7.58 3.40 12.02
C GLU A 30 9.09 3.20 11.80
N LYS A 31 9.49 2.91 10.58
CA LYS A 31 10.94 2.70 10.30
C LYS A 31 11.71 4.00 10.59
N HIS A 32 11.07 5.13 10.43
CA HIS A 32 11.75 6.43 10.70
C HIS A 32 12.15 6.51 12.18
N GLN A 33 11.39 5.89 13.04
CA GLN A 33 11.73 5.92 14.50
C GLN A 33 12.99 5.10 14.75
N LEU A 34 13.13 3.99 14.05
CA LEU A 34 14.35 3.14 14.24
C LEU A 34 15.59 3.92 13.82
N PHE A 35 15.44 4.81 12.86
CA PHE A 35 16.62 5.61 12.40
C PHE A 35 17.16 6.46 13.55
N LEU A 36 16.29 6.96 14.39
CA LEU A 36 16.74 7.78 15.54
C LEU A 36 17.64 6.97 16.46
N GLN A 37 17.44 5.67 16.50
CA GLN A 37 18.27 4.79 17.38
C GLN A 37 19.53 4.34 16.63
N LEU A 38 19.49 4.33 15.31
CA LEU A 38 20.69 3.90 14.52
C LEU A 38 21.92 4.71 14.91
N GLY B 1 23.80 3.34 19.54
CA GLY B 1 23.16 2.06 19.11
C GLY B 1 23.77 0.89 19.89
N LEU B 2 23.91 -0.24 19.26
CA LEU B 2 24.50 -1.43 19.96
C LEU B 2 25.90 -1.70 19.39
N SER B 3 25.97 -1.99 18.12
CA SER B 3 27.28 -2.27 17.47
C SER B 3 27.17 -1.98 15.97
N LYS B 4 26.40 -0.98 15.61
CA LYS B 4 26.22 -0.63 14.16
C LYS B 4 25.81 -1.88 13.38
N GLU B 5 25.18 -2.83 14.03
CA GLU B 5 24.74 -4.07 13.34
C GLU B 5 23.46 -4.60 13.99
N GLU B 6 23.42 -4.63 15.30
CA GLU B 6 22.19 -5.13 15.98
C GLU B 6 21.01 -4.20 15.65
N LEU B 7 21.30 -2.95 15.44
CA LEU B 7 20.21 -1.98 15.08
C LEU B 7 19.96 -2.07 13.58
N ILE B 8 20.97 -2.42 12.82
CA ILE B 8 20.80 -2.54 11.35
C ILE B 8 19.88 -3.74 11.05
N GLN B 9 19.93 -4.75 11.89
CA GLN B 9 19.05 -5.95 11.67
C GLN B 9 17.60 -5.58 11.93
N ASN B 10 17.35 -4.64 12.81
CA ASN B 10 15.96 -4.22 13.11
C ASN B 10 15.43 -3.32 11.99
N MET B 11 16.30 -2.54 11.39
CA MET B 11 15.86 -1.63 10.29
C MET B 11 15.65 -2.45 9.01
N ASP B 12 16.38 -3.53 8.85
CA ASP B 12 16.24 -4.38 7.64
C ASP B 12 14.97 -5.23 7.75
N ARG B 13 14.60 -5.59 8.96
CA ARG B 13 13.37 -6.42 9.15
C ARG B 13 12.13 -5.53 9.03
N VAL B 14 12.22 -4.31 9.44
CA VAL B 14 11.06 -3.38 9.34
C VAL B 14 10.91 -2.90 7.89
N ASP B 15 12.00 -2.80 7.18
CA ASP B 15 11.94 -2.35 5.76
C ASP B 15 11.41 -3.50 4.88
N ARG B 16 11.65 -4.72 5.27
CA ARG B 16 11.17 -5.88 4.47
C ARG B 16 9.65 -6.04 4.64
N GLU B 17 9.14 -5.64 5.78
CA GLU B 17 7.67 -5.75 6.02
C GLU B 17 6.93 -4.66 5.23
N ILE B 18 7.54 -3.51 5.09
CA ILE B 18 6.89 -2.40 4.33
C ILE B 18 6.87 -2.73 2.84
N THR B 19 7.86 -3.47 2.38
CA THR B 19 7.92 -3.83 0.93
C THR B 19 6.81 -4.84 0.60
N MET B 20 6.51 -5.72 1.54
CA MET B 20 5.43 -6.72 1.29
C MET B 20 4.08 -6.02 1.21
N VAL B 21 3.84 -5.07 2.07
CA VAL B 21 2.54 -4.33 2.04
C VAL B 21 2.48 -3.43 0.81
N GLU B 22 3.61 -2.95 0.37
CA GLU B 22 3.64 -2.07 -0.84
C GLU B 22 3.41 -2.91 -2.10
N GLN B 23 3.81 -4.15 -2.07
CA GLN B 23 3.61 -5.03 -3.28
C GLN B 23 2.13 -5.40 -3.41
N GLN B 24 1.42 -5.46 -2.31
CA GLN B 24 -0.03 -5.80 -2.37
C GLN B 24 -0.83 -4.61 -2.92
N ILE B 25 -0.45 -3.42 -2.53
CA ILE B 25 -1.18 -2.21 -3.04
C ILE B 25 -0.87 -2.01 -4.52
N SER B 26 0.31 -2.40 -4.95
CA SER B 26 0.68 -2.23 -6.38
C SER B 26 -0.12 -3.22 -7.24
N LYS B 27 -0.35 -4.40 -6.72
CA LYS B 27 -1.13 -5.42 -7.49
C LYS B 27 -2.61 -5.04 -7.47
N LEU B 28 -3.05 -4.44 -6.40
CA LEU B 28 -4.50 -4.03 -6.30
C LEU B 28 -4.74 -2.74 -7.11
N LYS B 29 -3.69 -2.05 -7.49
CA LYS B 29 -3.87 -0.80 -8.29
C LYS B 29 -3.92 -1.15 -9.77
N LYS B 30 -3.27 -2.22 -10.16
CA LYS B 30 -3.29 -2.63 -11.59
C LYS B 30 -4.63 -3.30 -11.93
N LYS B 31 -5.20 -4.03 -11.00
CA LYS B 31 -6.51 -4.69 -11.26
C LYS B 31 -7.61 -3.62 -11.36
N GLN B 32 -7.43 -2.51 -10.69
CA GLN B 32 -8.45 -1.42 -10.76
C GLN B 32 -8.45 -0.79 -12.15
N GLN B 33 -7.31 -0.81 -12.81
CA GLN B 33 -7.23 -0.23 -14.19
C GLN B 33 -8.17 -0.98 -15.12
N GLN B 34 -8.18 -2.30 -15.02
CA GLN B 34 -9.08 -3.11 -15.88
C GLN B 34 -10.54 -2.75 -15.60
N LEU B 35 -10.84 -2.43 -14.37
CA LEU B 35 -12.23 -2.04 -14.00
C LEU B 35 -12.50 -0.60 -14.44
N GLU B 36 -11.47 0.22 -14.41
CA GLU B 36 -11.64 1.65 -14.84
C GLU B 36 -11.66 1.73 -16.37
N GLU B 37 -10.93 0.85 -17.01
CA GLU B 37 -10.91 0.85 -18.51
C GLU B 37 -12.19 0.23 -19.04
N GLU B 38 -12.77 -0.69 -18.31
CA GLU B 38 -14.03 -1.35 -18.77
C GLU B 38 -15.20 -0.37 -18.61
N ALA B 39 -15.11 0.53 -17.67
CA ALA B 39 -16.22 1.51 -17.46
C ALA B 39 -16.23 2.54 -18.59
N ALA B 40 -15.11 2.78 -19.20
CA ALA B 40 -15.05 3.77 -20.32
C ALA B 40 -15.41 3.09 -21.64
N LYS B 41 -15.14 1.82 -21.76
CA LYS B 41 -15.47 1.09 -23.02
C LYS B 41 -16.99 1.14 -23.28
N PRO B 42 -17.38 1.87 -24.32
CA PRO B 42 -18.83 1.96 -24.64
C PRO B 42 -19.34 0.65 -25.23
N LYS A 1 -24.76 -4.45 -14.48
CA LYS A 1 -25.25 -4.93 -15.81
C LYS A 1 -25.49 -3.74 -16.74
N LYS A 2 -24.60 -2.79 -16.75
CA LYS A 2 -24.78 -1.59 -17.64
C LYS A 2 -23.47 -0.80 -17.74
N GLU A 3 -23.52 0.35 -18.35
CA GLU A 3 -22.27 1.18 -18.50
C GLU A 3 -22.12 2.11 -17.29
N MET A 4 -23.23 2.51 -16.71
CA MET A 4 -23.16 3.43 -15.53
C MET A 4 -23.01 2.62 -14.24
N GLU A 5 -23.52 1.42 -14.22
CA GLU A 5 -23.41 0.58 -12.99
C GLU A 5 -21.94 0.20 -12.73
N GLU A 6 -21.16 0.13 -13.77
CA GLU A 6 -19.71 -0.22 -13.60
C GLU A 6 -18.97 0.92 -12.91
N ARG A 7 -19.43 2.12 -13.08
CA ARG A 7 -18.75 3.29 -12.43
C ARG A 7 -19.07 3.33 -10.94
N MET A 8 -20.24 2.85 -10.57
CA MET A 8 -20.62 2.86 -9.12
C MET A 8 -19.86 1.75 -8.38
N SER A 9 -19.56 0.68 -9.06
CA SER A 9 -18.81 -0.44 -8.40
C SER A 9 -17.36 -0.03 -8.17
N LEU A 10 -16.85 0.84 -9.01
CA LEU A 10 -15.43 1.30 -8.84
C LEU A 10 -15.31 2.15 -7.57
N GLU A 11 -16.36 2.82 -7.20
CA GLU A 11 -16.33 3.67 -5.96
C GLU A 11 -16.11 2.79 -4.74
N GLU A 12 -16.67 1.62 -4.74
CA GLU A 12 -16.49 0.70 -3.57
C GLU A 12 -15.09 0.11 -3.57
N THR A 13 -14.55 -0.15 -4.74
CA THR A 13 -13.18 -0.71 -4.83
C THR A 13 -12.16 0.38 -4.46
N LYS A 14 -12.47 1.61 -4.75
CA LYS A 14 -11.53 2.72 -4.40
C LYS A 14 -11.43 2.87 -2.88
N GLU A 15 -12.49 2.53 -2.17
CA GLU A 15 -12.47 2.65 -0.69
C GLU A 15 -11.44 1.67 -0.09
N GLN A 16 -11.29 0.52 -0.70
CA GLN A 16 -10.30 -0.47 -0.19
C GLN A 16 -8.89 -0.06 -0.60
N ILE A 17 -8.77 0.57 -1.73
CA ILE A 17 -7.42 1.03 -2.21
C ILE A 17 -7.00 2.28 -1.44
N LEU A 18 -7.95 3.06 -1.01
CA LEU A 18 -7.62 4.30 -0.23
C LEU A 18 -7.18 3.92 1.19
N LYS A 19 -7.75 2.88 1.73
CA LYS A 19 -7.37 2.44 3.11
C LYS A 19 -5.93 1.93 3.10
N LEU A 20 -5.49 1.39 1.99
CA LEU A 20 -4.10 0.87 1.92
C LEU A 20 -3.09 2.03 2.05
N GLU A 21 -3.47 3.20 1.60
CA GLU A 21 -2.55 4.37 1.70
C GLU A 21 -2.28 4.70 3.17
N GLU A 22 -3.30 4.60 3.99
CA GLU A 22 -3.11 4.91 5.44
C GLU A 22 -2.34 3.78 6.11
N LYS A 23 -2.52 2.57 5.63
CA LYS A 23 -1.79 1.41 6.22
C LYS A 23 -0.34 1.42 5.76
N LEU A 24 -0.10 1.85 4.54
CA LEU A 24 1.30 1.90 4.02
C LEU A 24 2.05 3.08 4.66
N LEU A 25 1.33 4.12 4.97
CA LEU A 25 1.97 5.31 5.61
C LEU A 25 2.30 5.00 7.07
N ALA A 26 1.48 4.22 7.72
CA ALA A 26 1.74 3.86 9.15
C ALA A 26 2.95 2.94 9.23
N LEU A 27 3.16 2.13 8.22
CA LEU A 27 4.32 1.20 8.23
C LEU A 27 5.62 1.99 8.02
N GLN A 28 5.61 2.92 7.11
CA GLN A 28 6.83 3.74 6.85
C GLN A 28 7.12 4.63 8.06
N GLU A 29 6.09 5.01 8.77
CA GLU A 29 6.30 5.88 9.98
C GLU A 29 6.99 5.08 11.08
N GLU A 30 6.76 3.79 11.13
CA GLU A 30 7.40 2.95 12.18
C GLU A 30 8.91 2.85 11.91
N LYS A 31 9.28 2.60 10.68
CA LYS A 31 10.74 2.50 10.35
C LYS A 31 11.42 3.85 10.63
N HIS A 32 10.68 4.93 10.56
CA HIS A 32 11.27 6.27 10.84
C HIS A 32 11.75 6.33 12.28
N GLN A 33 11.12 5.60 13.16
CA GLN A 33 11.54 5.60 14.60
C GLN A 33 12.97 5.09 14.72
N LEU A 34 13.29 4.03 14.01
CA LEU A 34 14.68 3.47 14.07
C LEU A 34 15.66 4.51 13.50
N PHE A 35 15.23 5.27 12.54
CA PHE A 35 16.13 6.30 11.92
C PHE A 35 16.53 7.33 12.99
N LEU A 36 15.62 7.64 13.88
CA LEU A 36 15.94 8.63 14.96
C LEU A 36 17.09 8.10 15.83
N GLN A 37 17.23 6.81 15.92
CA GLN A 37 18.32 6.23 16.75
C GLN A 37 19.44 5.66 15.88
N LEU A 38 19.44 5.97 14.59
CA LEU A 38 20.51 5.44 13.70
C LEU A 38 21.89 5.90 14.19
N GLY B 1 22.45 5.98 17.39
CA GLY B 1 23.15 4.86 16.70
C GLY B 1 23.90 4.02 17.73
N LEU B 2 24.49 2.93 17.30
CA LEU B 2 25.23 2.05 18.25
C LEU B 2 26.53 1.53 17.59
N SER B 3 26.45 1.06 16.37
CA SER B 3 27.66 0.54 15.68
C SER B 3 27.54 0.64 14.16
N LYS B 4 26.58 1.39 13.65
CA LYS B 4 26.41 1.53 12.18
C LYS B 4 26.40 0.16 11.49
N GLU B 5 26.01 -0.87 12.21
CA GLU B 5 25.98 -2.23 11.61
C GLU B 5 24.91 -3.07 12.30
N GLU B 6 24.87 -3.04 13.62
CA GLU B 6 23.83 -3.81 14.35
C GLU B 6 22.49 -3.10 14.22
N LEU B 7 22.51 -1.80 14.19
CA LEU B 7 21.24 -1.02 14.03
C LEU B 7 20.82 -1.06 12.56
N ILE B 8 21.77 -1.17 11.66
CA ILE B 8 21.43 -1.23 10.21
C ILE B 8 20.74 -2.57 9.91
N GLN B 9 21.07 -3.60 10.65
CA GLN B 9 20.45 -4.93 10.41
C GLN B 9 19.01 -4.92 10.94
N ASN B 10 18.75 -4.16 11.97
CA ASN B 10 17.37 -4.11 12.53
C ASN B 10 16.47 -3.28 11.61
N MET B 11 17.02 -2.29 10.97
CA MET B 11 16.22 -1.44 10.04
C MET B 11 15.88 -2.23 8.78
N ASP B 12 16.73 -3.15 8.40
CA ASP B 12 16.47 -3.97 7.18
C ASP B 12 15.30 -4.93 7.42
N ARG B 13 15.12 -5.35 8.65
CA ARG B 13 14.00 -6.29 8.97
C ARG B 13 12.68 -5.54 8.92
N VAL B 14 12.67 -4.31 9.37
CA VAL B 14 11.41 -3.50 9.36
C VAL B 14 11.09 -3.08 7.92
N ASP B 15 12.10 -2.88 7.12
CA ASP B 15 11.87 -2.48 5.70
C ASP B 15 11.33 -3.66 4.90
N ARG B 16 11.68 -4.86 5.29
CA ARG B 16 11.20 -6.07 4.56
C ARG B 16 9.68 -6.25 4.81
N GLU B 17 9.22 -5.86 5.96
CA GLU B 17 7.76 -6.00 6.27
C GLU B 17 6.96 -4.96 5.48
N ILE B 18 7.52 -3.80 5.29
CA ILE B 18 6.80 -2.73 4.52
C ILE B 18 6.73 -3.13 3.05
N THR B 19 7.70 -3.86 2.58
CA THR B 19 7.70 -4.30 1.14
C THR B 19 6.53 -5.25 0.90
N MET B 20 6.15 -6.01 1.91
CA MET B 20 5.01 -6.96 1.73
C MET B 20 3.70 -6.18 1.57
N VAL B 21 3.44 -5.25 2.45
CA VAL B 21 2.18 -4.45 2.35
C VAL B 21 2.25 -3.55 1.11
N GLU B 22 3.44 -3.12 0.74
CA GLU B 22 3.58 -2.25 -0.46
C GLU B 22 3.43 -3.08 -1.74
N GLN B 23 3.76 -4.35 -1.67
CA GLN B 23 3.63 -5.23 -2.87
C GLN B 23 2.15 -5.55 -3.13
N GLN B 24 1.35 -5.58 -2.08
CA GLN B 24 -0.09 -5.88 -2.26
C GLN B 24 -0.81 -4.69 -2.87
N ILE B 25 -0.42 -3.50 -2.50
CA ILE B 25 -1.07 -2.27 -3.07
C ILE B 25 -0.71 -2.14 -4.55
N SER B 26 0.45 -2.59 -4.93
CA SER B 26 0.86 -2.51 -6.36
C SER B 26 -0.01 -3.44 -7.20
N LYS B 27 -0.29 -4.62 -6.70
CA LYS B 27 -1.15 -5.58 -7.45
C LYS B 27 -2.60 -5.11 -7.41
N LEU B 28 -2.99 -4.49 -6.33
CA LEU B 28 -4.40 -3.99 -6.22
C LEU B 28 -4.56 -2.76 -7.12
N LYS B 29 -3.52 -2.00 -7.31
CA LYS B 29 -3.60 -0.80 -8.19
C LYS B 29 -3.77 -1.23 -9.64
N LYS B 30 -3.04 -2.23 -10.07
CA LYS B 30 -3.17 -2.71 -11.48
C LYS B 30 -4.58 -3.27 -11.70
N LYS B 31 -5.16 -3.83 -10.67
CA LYS B 31 -6.54 -4.40 -10.80
C LYS B 31 -7.52 -3.27 -11.11
N GLN B 32 -7.31 -2.12 -10.53
CA GLN B 32 -8.22 -0.96 -10.78
C GLN B 32 -8.16 -0.57 -12.26
N GLN B 33 -7.04 -0.80 -12.89
CA GLN B 33 -6.91 -0.45 -14.35
C GLN B 33 -7.91 -1.28 -15.16
N GLN B 34 -8.00 -2.55 -14.88
CA GLN B 34 -8.95 -3.42 -15.64
C GLN B 34 -10.39 -2.95 -15.40
N LEU B 35 -10.69 -2.53 -14.19
CA LEU B 35 -12.07 -2.05 -13.88
C LEU B 35 -12.30 -0.68 -14.52
N GLU B 36 -11.27 0.14 -14.55
CA GLU B 36 -11.41 1.50 -15.16
C GLU B 36 -11.40 1.38 -16.69
N GLU B 37 -10.70 0.40 -17.20
CA GLU B 37 -10.64 0.21 -18.68
C GLU B 37 -11.92 -0.48 -19.16
N GLU B 38 -12.52 -1.29 -18.33
CA GLU B 38 -13.78 -1.98 -18.71
C GLU B 38 -14.97 -1.00 -18.65
N ALA B 39 -14.88 -0.02 -17.78
CA ALA B 39 -15.98 0.98 -17.66
C ALA B 39 -15.95 1.95 -18.84
N ALA B 40 -14.79 2.16 -19.42
CA ALA B 40 -14.69 3.10 -20.58
C ALA B 40 -15.01 2.38 -21.88
N LYS B 41 -14.81 1.08 -21.92
CA LYS B 41 -15.10 0.30 -23.18
C LYS B 41 -16.59 0.44 -23.54
N PRO B 42 -16.93 0.04 -24.75
CA PRO B 42 -18.34 0.14 -25.20
C PRO B 42 -19.19 -0.93 -24.50
N LYS A 1 -29.11 -5.98 -16.42
CA LYS A 1 -28.30 -5.30 -17.47
C LYS A 1 -26.86 -5.11 -17.00
N LYS A 2 -25.94 -5.89 -17.53
CA LYS A 2 -24.51 -5.76 -17.12
C LYS A 2 -23.98 -4.37 -17.49
N GLU A 3 -22.68 -4.20 -17.49
CA GLU A 3 -22.07 -2.88 -17.84
C GLU A 3 -22.67 -1.77 -16.99
N MET A 4 -23.12 -2.09 -15.80
CA MET A 4 -23.71 -1.05 -14.91
C MET A 4 -23.39 -1.37 -13.44
N GLU A 5 -23.69 -2.56 -13.01
CA GLU A 5 -23.40 -2.94 -11.59
C GLU A 5 -21.89 -2.86 -11.32
N GLU A 6 -21.09 -3.05 -12.35
CA GLU A 6 -19.61 -2.98 -12.16
C GLU A 6 -19.19 -1.53 -11.88
N ARG A 7 -19.93 -0.58 -12.40
CA ARG A 7 -19.58 0.85 -12.15
C ARG A 7 -19.76 1.19 -10.67
N MET A 8 -20.80 0.71 -10.07
CA MET A 8 -21.03 0.98 -8.61
C MET A 8 -20.02 0.19 -7.78
N SER A 9 -19.62 -0.96 -8.26
CA SER A 9 -18.62 -1.78 -7.51
C SER A 9 -17.25 -1.11 -7.58
N LEU A 10 -16.99 -0.38 -8.63
CA LEU A 10 -15.66 0.31 -8.75
C LEU A 10 -15.54 1.41 -7.69
N GLU A 11 -16.64 1.99 -7.29
CA GLU A 11 -16.60 3.06 -6.26
C GLU A 11 -16.14 2.49 -4.93
N GLU A 12 -16.59 1.31 -4.60
CA GLU A 12 -16.18 0.67 -3.31
C GLU A 12 -14.73 0.22 -3.39
N THR A 13 -14.27 -0.12 -4.57
CA THR A 13 -12.85 -0.56 -4.73
C THR A 13 -11.91 0.64 -4.61
N LYS A 14 -12.39 1.81 -4.98
CA LYS A 14 -11.52 3.02 -4.89
C LYS A 14 -11.33 3.42 -3.42
N GLU A 15 -12.27 3.08 -2.58
CA GLU A 15 -12.14 3.43 -1.12
C GLU A 15 -11.14 2.49 -0.44
N GLN A 16 -11.00 1.29 -0.94
CA GLN A 16 -10.05 0.32 -0.32
C GLN A 16 -8.62 0.67 -0.74
N ILE A 17 -8.46 1.16 -1.95
CA ILE A 17 -7.09 1.53 -2.43
C ILE A 17 -6.63 2.82 -1.73
N LEU A 18 -7.55 3.66 -1.35
CA LEU A 18 -7.17 4.93 -0.66
C LEU A 18 -6.73 4.63 0.76
N LYS A 19 -7.37 3.68 1.40
CA LYS A 19 -6.97 3.32 2.80
C LYS A 19 -5.54 2.79 2.81
N LEU A 20 -5.11 2.18 1.73
CA LEU A 20 -3.72 1.65 1.67
C LEU A 20 -2.72 2.78 1.81
N GLU A 21 -3.09 3.97 1.38
CA GLU A 21 -2.16 5.14 1.51
C GLU A 21 -1.86 5.41 2.98
N GLU A 22 -2.85 5.27 3.83
CA GLU A 22 -2.63 5.49 5.29
C GLU A 22 -1.90 4.29 5.88
N LYS A 23 -2.14 3.12 5.34
CA LYS A 23 -1.44 1.90 5.86
C LYS A 23 0.01 1.89 5.39
N LEU A 24 0.27 2.43 4.22
CA LEU A 24 1.67 2.46 3.70
C LEU A 24 2.45 3.55 4.42
N LEU A 25 1.79 4.61 4.82
CA LEU A 25 2.49 5.71 5.54
C LEU A 25 2.78 5.28 6.98
N ALA A 26 1.90 4.50 7.55
CA ALA A 26 2.12 4.02 8.95
C ALA A 26 3.29 3.04 8.99
N LEU A 27 3.48 2.30 7.93
CA LEU A 27 4.61 1.32 7.89
C LEU A 27 5.94 2.08 7.80
N GLN A 28 6.01 3.08 6.97
CA GLN A 28 7.27 3.87 6.84
C GLN A 28 7.55 4.62 8.14
N GLU A 29 6.51 4.98 8.84
CA GLU A 29 6.69 5.72 10.14
C GLU A 29 7.33 4.79 11.17
N GLU A 30 7.05 3.52 11.09
CA GLU A 30 7.63 2.55 12.06
C GLU A 30 9.15 2.48 11.88
N LYS A 31 9.59 2.41 10.64
CA LYS A 31 11.07 2.36 10.39
C LYS A 31 11.72 3.67 10.87
N HIS A 32 10.98 4.75 10.84
CA HIS A 32 11.54 6.06 11.29
C HIS A 32 11.85 6.01 12.79
N GLN A 33 11.13 5.21 13.52
CA GLN A 33 11.37 5.11 14.99
C GLN A 33 12.72 4.42 15.24
N LEU A 34 13.05 3.44 14.44
CA LEU A 34 14.34 2.73 14.61
C LEU A 34 15.51 3.70 14.39
N PHE A 35 15.30 4.71 13.57
CA PHE A 35 16.39 5.69 13.31
C PHE A 35 16.75 6.41 14.62
N LEU A 36 15.77 6.77 15.40
CA LEU A 36 16.04 7.45 16.69
C LEU A 36 16.69 6.47 17.67
N GLN A 37 16.36 5.20 17.54
CA GLN A 37 16.95 4.17 18.44
C GLN A 37 18.29 3.68 17.88
N LEU A 38 18.54 3.89 16.60
CA LEU A 38 19.84 3.43 16.00
C LEU A 38 21.03 3.99 16.78
N GLY B 1 19.58 1.69 21.01
CA GLY B 1 20.81 1.08 20.44
C GLY B 1 21.37 0.02 21.39
N LEU B 2 22.11 -0.92 20.88
CA LEU B 2 22.68 -1.99 21.75
C LEU B 2 24.18 -2.14 21.46
N SER B 3 24.51 -2.52 20.25
CA SER B 3 25.93 -2.69 19.86
C SER B 3 26.12 -2.26 18.40
N LYS B 4 25.41 -1.24 17.98
CA LYS B 4 25.51 -0.78 16.55
C LYS B 4 25.30 -1.96 15.60
N GLU B 5 24.59 -2.96 16.05
CA GLU B 5 24.33 -4.14 15.18
C GLU B 5 22.95 -4.72 15.49
N GLU B 6 22.61 -4.86 16.74
CA GLU B 6 21.27 -5.41 17.09
C GLU B 6 20.19 -4.44 16.61
N LEU B 7 20.49 -3.16 16.62
CA LEU B 7 19.51 -2.15 16.14
C LEU B 7 19.56 -2.09 14.62
N ILE B 8 20.69 -2.41 14.04
CA ILE B 8 20.81 -2.39 12.54
C ILE B 8 20.07 -3.59 11.96
N GLN B 9 20.02 -4.69 12.68
CA GLN B 9 19.33 -5.90 12.18
C GLN B 9 17.81 -5.69 12.23
N ASN B 10 17.35 -4.91 13.16
CA ASN B 10 15.88 -4.65 13.27
C ASN B 10 15.40 -3.74 12.14
N MET B 11 16.28 -2.91 11.62
CA MET B 11 15.89 -1.99 10.52
C MET B 11 15.76 -2.77 9.21
N ASP B 12 16.52 -3.83 9.07
CA ASP B 12 16.45 -4.64 7.81
C ASP B 12 15.19 -5.52 7.81
N ARG B 13 14.71 -5.89 8.97
CA ARG B 13 13.49 -6.73 9.05
C ARG B 13 12.24 -5.87 8.82
N VAL B 14 12.28 -4.65 9.28
CA VAL B 14 11.10 -3.74 9.07
C VAL B 14 11.04 -3.30 7.61
N ASP B 15 12.16 -3.23 6.96
CA ASP B 15 12.18 -2.81 5.53
C ASP B 15 11.53 -3.90 4.66
N ARG B 16 11.64 -5.14 5.08
CA ARG B 16 11.03 -6.25 4.30
C ARG B 16 9.50 -6.26 4.48
N GLU B 17 9.04 -5.77 5.61
CA GLU B 17 7.57 -5.74 5.86
C GLU B 17 6.91 -4.62 5.05
N ILE B 18 7.62 -3.53 4.87
CA ILE B 18 7.05 -2.38 4.09
C ILE B 18 7.00 -2.76 2.60
N THR B 19 7.89 -3.61 2.16
CA THR B 19 7.90 -4.02 0.73
C THR B 19 6.69 -4.91 0.44
N MET B 20 6.27 -5.69 1.40
CA MET B 20 5.09 -6.58 1.20
C MET B 20 3.81 -5.74 1.10
N VAL B 21 3.66 -4.79 1.98
CA VAL B 21 2.44 -3.91 1.95
C VAL B 21 2.51 -2.99 0.73
N GLU B 22 3.69 -2.63 0.32
CA GLU B 22 3.84 -1.73 -0.86
C GLU B 22 3.59 -2.53 -2.15
N GLN B 23 3.87 -3.81 -2.12
CA GLN B 23 3.65 -4.65 -3.34
C GLN B 23 2.14 -4.89 -3.54
N GLN B 24 1.39 -4.89 -2.47
CA GLN B 24 -0.08 -5.12 -2.59
C GLN B 24 -0.76 -3.88 -3.18
N ILE B 25 -0.27 -2.71 -2.82
CA ILE B 25 -0.88 -1.45 -3.36
C ILE B 25 -0.56 -1.32 -4.86
N SER B 26 0.56 -1.84 -5.28
CA SER B 26 0.93 -1.75 -6.72
C SER B 26 0.03 -2.68 -7.54
N LYS B 27 -0.26 -3.85 -7.03
CA LYS B 27 -1.14 -4.80 -7.77
C LYS B 27 -2.59 -4.31 -7.71
N LEU B 28 -2.95 -3.66 -6.64
CA LEU B 28 -4.34 -3.14 -6.51
C LEU B 28 -4.54 -1.96 -7.46
N LYS B 29 -3.49 -1.21 -7.71
CA LYS B 29 -3.59 -0.04 -8.65
C LYS B 29 -3.81 -0.56 -10.07
N LYS B 30 -3.03 -1.53 -10.49
CA LYS B 30 -3.21 -2.09 -11.86
C LYS B 30 -4.54 -2.83 -11.94
N LYS B 31 -4.96 -3.41 -10.84
CA LYS B 31 -6.27 -4.14 -10.83
C LYS B 31 -7.41 -3.16 -11.05
N GLN B 32 -7.26 -1.94 -10.57
CA GLN B 32 -8.33 -0.92 -10.75
C GLN B 32 -8.47 -0.59 -12.24
N GLN B 33 -7.39 -0.70 -12.99
CA GLN B 33 -7.46 -0.40 -14.45
C GLN B 33 -8.40 -1.38 -15.14
N GLN B 34 -8.33 -2.63 -14.78
CA GLN B 34 -9.23 -3.66 -15.41
C GLN B 34 -10.68 -3.31 -15.13
N LEU B 35 -10.99 -2.98 -13.90
CA LEU B 35 -12.39 -2.62 -13.55
C LEU B 35 -12.75 -1.25 -14.14
N GLU B 36 -11.78 -0.39 -14.27
CA GLU B 36 -12.04 0.96 -14.86
C GLU B 36 -12.12 0.86 -16.39
N GLU B 37 -11.41 -0.07 -16.96
CA GLU B 37 -11.45 -0.23 -18.44
C GLU B 37 -12.71 -0.99 -18.85
N GLU B 38 -13.19 -1.85 -17.99
CA GLU B 38 -14.44 -2.62 -18.30
C GLU B 38 -15.66 -1.71 -18.10
N ALA B 39 -15.57 -0.76 -17.21
CA ALA B 39 -16.72 0.17 -16.98
C ALA B 39 -16.86 1.12 -18.17
N ALA B 40 -15.77 1.43 -18.82
CA ALA B 40 -15.83 2.36 -19.99
C ALA B 40 -15.46 1.60 -21.28
N LYS B 41 -15.68 0.31 -21.30
CA LYS B 41 -15.34 -0.48 -22.52
C LYS B 41 -16.46 -0.35 -23.57
N PRO B 42 -16.10 -0.13 -24.82
CA PRO B 42 -17.12 0.01 -25.88
C PRO B 42 -17.75 -1.35 -26.21
N LYS A 1 -27.50 -2.85 -18.63
CA LYS A 1 -26.03 -2.64 -18.53
C LYS A 1 -25.64 -1.28 -19.12
N LYS A 2 -24.97 -0.46 -18.35
CA LYS A 2 -24.57 0.89 -18.84
C LYS A 2 -23.13 1.19 -18.44
N GLU A 3 -22.49 2.10 -19.12
CA GLU A 3 -21.07 2.46 -18.77
C GLU A 3 -21.01 3.11 -17.38
N MET A 4 -22.09 3.69 -16.94
CA MET A 4 -22.10 4.35 -15.59
C MET A 4 -22.17 3.30 -14.49
N GLU A 5 -22.77 2.17 -14.77
CA GLU A 5 -22.88 1.09 -13.74
C GLU A 5 -21.48 0.59 -13.34
N GLU A 6 -20.54 0.66 -14.25
CA GLU A 6 -19.16 0.20 -13.94
C GLU A 6 -18.48 1.18 -12.97
N ARG A 7 -18.86 2.43 -13.03
CA ARG A 7 -18.26 3.43 -12.11
C ARG A 7 -18.71 3.18 -10.67
N MET A 8 -19.87 2.63 -10.50
CA MET A 8 -20.37 2.34 -9.10
C MET A 8 -19.52 1.25 -8.46
N SER A 9 -19.10 0.29 -9.24
CA SER A 9 -18.26 -0.81 -8.67
C SER A 9 -16.87 -0.26 -8.31
N LEU A 10 -16.42 0.74 -9.02
CA LEU A 10 -15.08 1.33 -8.72
C LEU A 10 -15.12 2.06 -7.37
N GLU A 11 -16.26 2.55 -6.98
CA GLU A 11 -16.38 3.27 -5.68
C GLU A 11 -16.15 2.29 -4.52
N GLU A 12 -16.66 1.09 -4.66
CA GLU A 12 -16.47 0.08 -3.58
C GLU A 12 -15.03 -0.43 -3.59
N THR A 13 -14.45 -0.56 -4.76
CA THR A 13 -13.04 -1.04 -4.85
C THR A 13 -12.10 0.08 -4.41
N LYS A 14 -12.48 1.31 -4.65
CA LYS A 14 -11.61 2.46 -4.24
C LYS A 14 -11.61 2.59 -2.72
N GLU A 15 -12.65 2.15 -2.06
CA GLU A 15 -12.70 2.25 -0.57
C GLU A 15 -11.70 1.29 0.06
N GLN A 16 -11.49 0.15 -0.55
CA GLN A 16 -10.51 -0.82 0.02
C GLN A 16 -9.08 -0.36 -0.31
N ILE A 17 -8.90 0.21 -1.47
CA ILE A 17 -7.54 0.70 -1.85
C ILE A 17 -7.21 1.96 -1.04
N LEU A 18 -8.21 2.69 -0.62
CA LEU A 18 -7.96 3.93 0.18
C LEU A 18 -7.46 3.55 1.57
N LYS A 19 -7.97 2.49 2.14
CA LYS A 19 -7.52 2.06 3.50
C LYS A 19 -6.07 1.58 3.42
N LEU A 20 -5.72 0.90 2.36
CA LEU A 20 -4.32 0.40 2.22
C LEU A 20 -3.35 1.58 2.13
N GLU A 21 -3.81 2.69 1.61
CA GLU A 21 -2.92 3.89 1.49
C GLU A 21 -2.54 4.39 2.89
N GLU A 22 -3.47 4.34 3.80
CA GLU A 22 -3.17 4.81 5.20
C GLU A 22 -2.30 3.77 5.89
N LYS A 23 -2.48 2.52 5.56
CA LYS A 23 -1.66 1.43 6.18
C LYS A 23 -0.22 1.54 5.68
N LEU A 24 -0.05 1.89 4.43
CA LEU A 24 1.33 2.02 3.87
C LEU A 24 2.03 3.24 4.48
N LEU A 25 1.26 4.25 4.83
CA LEU A 25 1.86 5.47 5.44
C LEU A 25 2.31 5.17 6.88
N ALA A 26 1.53 4.39 7.58
CA ALA A 26 1.89 4.04 8.99
C ALA A 26 3.15 3.17 9.01
N LEU A 27 3.35 2.40 7.97
CA LEU A 27 4.57 1.52 7.91
C LEU A 27 5.81 2.38 7.68
N GLN A 28 5.74 3.34 6.80
CA GLN A 28 6.91 4.22 6.54
C GLN A 28 7.21 5.07 7.77
N GLU A 29 6.20 5.38 8.55
CA GLU A 29 6.43 6.19 9.78
C GLU A 29 7.21 5.38 10.81
N GLU A 30 7.04 4.08 10.80
CA GLU A 30 7.77 3.22 11.78
C GLU A 30 9.26 3.18 11.42
N LYS A 31 9.57 2.94 10.17
CA LYS A 31 11.01 2.91 9.75
C LYS A 31 11.63 4.30 9.96
N HIS A 32 10.85 5.34 9.84
CA HIS A 32 11.38 6.72 10.03
C HIS A 32 11.81 6.90 11.48
N GLN A 33 11.11 6.29 12.40
CA GLN A 33 11.48 6.42 13.85
C GLN A 33 12.82 5.74 14.09
N LEU A 34 13.06 4.62 13.44
CA LEU A 34 14.35 3.89 13.62
C LEU A 34 15.52 4.77 13.17
N PHE A 35 15.32 5.51 12.10
CA PHE A 35 16.42 6.40 11.59
C PHE A 35 16.78 7.44 12.65
N LEU A 36 15.79 8.00 13.31
CA LEU A 36 16.07 9.01 14.36
C LEU A 36 16.75 8.33 15.56
N GLN A 37 16.45 7.08 15.78
CA GLN A 37 17.08 6.34 16.92
C GLN A 37 18.41 5.69 16.48
N LEU A 38 18.65 5.59 15.19
CA LEU A 38 19.92 4.96 14.70
C LEU A 38 21.14 5.66 15.33
N GLY B 1 22.80 5.13 18.62
CA GLY B 1 22.88 3.75 18.09
C GLY B 1 23.39 2.81 19.18
N LEU B 2 22.56 1.89 19.60
CA LEU B 2 22.96 0.91 20.66
C LEU B 2 24.31 0.24 20.34
N SER B 3 24.50 -0.22 19.13
CA SER B 3 25.79 -0.87 18.76
C SER B 3 26.10 -0.70 17.27
N LYS B 4 25.44 0.21 16.59
CA LYS B 4 25.69 0.43 15.13
C LYS B 4 25.64 -0.89 14.36
N GLU B 5 24.91 -1.86 14.87
CA GLU B 5 24.81 -3.17 14.18
C GLU B 5 23.49 -3.84 14.54
N GLU B 6 23.14 -3.87 15.79
CA GLU B 6 21.85 -4.50 16.20
C GLU B 6 20.69 -3.59 15.81
N LEU B 7 20.91 -2.30 15.80
CA LEU B 7 19.84 -1.35 15.41
C LEU B 7 19.71 -1.31 13.89
N ILE B 8 20.79 -1.56 13.19
CA ILE B 8 20.74 -1.55 11.69
C ILE B 8 20.08 -2.84 11.22
N GLN B 9 20.32 -3.93 11.92
CA GLN B 9 19.69 -5.23 11.53
C GLN B 9 18.17 -5.11 11.68
N ASN B 10 17.73 -4.32 12.63
CA ASN B 10 16.28 -4.13 12.84
C ASN B 10 15.72 -3.22 11.75
N MET B 11 16.50 -2.27 11.32
CA MET B 11 16.03 -1.34 10.24
C MET B 11 15.91 -2.10 8.92
N ASP B 12 16.75 -3.09 8.72
CA ASP B 12 16.68 -3.87 7.46
C ASP B 12 15.52 -4.86 7.52
N ARG B 13 15.18 -5.31 8.70
CA ARG B 13 14.03 -6.27 8.84
C ARG B 13 12.71 -5.52 8.68
N VAL B 14 12.69 -4.26 9.06
CA VAL B 14 11.43 -3.46 8.93
C VAL B 14 11.16 -3.16 7.46
N ASP B 15 12.19 -3.06 6.66
CA ASP B 15 12.00 -2.75 5.21
C ASP B 15 11.40 -3.98 4.51
N ARG B 16 11.72 -5.15 4.97
CA ARG B 16 11.16 -6.38 4.34
C ARG B 16 9.68 -6.53 4.68
N GLU B 17 9.28 -6.04 5.84
CA GLU B 17 7.85 -6.15 6.25
C GLU B 17 7.01 -5.15 5.45
N ILE B 18 7.52 -3.96 5.25
CA ILE B 18 6.77 -2.94 4.47
C ILE B 18 6.68 -3.37 3.00
N THR B 19 7.66 -4.12 2.54
CA THR B 19 7.63 -4.60 1.12
C THR B 19 6.48 -5.58 0.93
N MET B 20 6.14 -6.32 1.95
CA MET B 20 5.00 -7.30 1.83
C MET B 20 3.69 -6.53 1.66
N VAL B 21 3.43 -5.58 2.52
CA VAL B 21 2.17 -4.78 2.42
C VAL B 21 2.18 -3.97 1.13
N GLU B 22 3.34 -3.59 0.67
CA GLU B 22 3.43 -2.80 -0.60
C GLU B 22 3.11 -3.69 -1.80
N GLN B 23 3.38 -4.97 -1.69
CA GLN B 23 3.09 -5.90 -2.82
C GLN B 23 1.58 -6.06 -2.98
N GLN B 24 0.85 -5.94 -1.91
CA GLN B 24 -0.64 -6.08 -1.98
C GLN B 24 -1.24 -4.79 -2.56
N ILE B 25 -0.68 -3.66 -2.21
CA ILE B 25 -1.21 -2.37 -2.75
C ILE B 25 -0.81 -2.21 -4.22
N SER B 26 0.30 -2.81 -4.60
CA SER B 26 0.75 -2.70 -6.03
C SER B 26 -0.15 -3.59 -6.90
N LYS B 27 -0.59 -4.70 -6.38
CA LYS B 27 -1.48 -5.60 -7.17
C LYS B 27 -2.87 -5.00 -7.25
N LEU B 28 -3.32 -4.39 -6.18
CA LEU B 28 -4.68 -3.76 -6.19
C LEU B 28 -4.67 -2.53 -7.12
N LYS B 29 -3.54 -1.88 -7.23
CA LYS B 29 -3.45 -0.68 -8.12
C LYS B 29 -3.59 -1.12 -9.58
N LYS B 30 -2.94 -2.19 -9.95
CA LYS B 30 -3.05 -2.68 -11.36
C LYS B 30 -4.47 -3.20 -11.61
N LYS B 31 -5.07 -3.77 -10.61
CA LYS B 31 -6.47 -4.29 -10.77
C LYS B 31 -7.40 -3.11 -11.04
N GLN B 32 -7.10 -1.97 -10.48
CA GLN B 32 -7.95 -0.77 -10.71
C GLN B 32 -7.87 -0.36 -12.18
N GLN B 33 -6.76 -0.61 -12.81
CA GLN B 33 -6.60 -0.26 -14.25
C GLN B 33 -7.65 -0.99 -15.09
N GLN B 34 -7.87 -2.25 -14.80
CA GLN B 34 -8.89 -3.04 -15.56
C GLN B 34 -10.27 -2.41 -15.37
N LEU B 35 -10.61 -2.08 -14.15
CA LEU B 35 -11.93 -1.45 -13.88
C LEU B 35 -11.93 -0.01 -14.38
N GLU B 36 -10.78 0.63 -14.36
CA GLU B 36 -10.69 2.04 -14.84
C GLU B 36 -10.69 2.06 -16.38
N GLU B 37 -10.19 1.01 -17.00
CA GLU B 37 -10.15 0.96 -18.48
C GLU B 37 -11.54 0.65 -19.03
N GLU B 38 -12.34 -0.07 -18.28
CA GLU B 38 -13.72 -0.41 -18.75
C GLU B 38 -14.65 0.80 -18.56
N ALA B 39 -14.37 1.62 -17.58
CA ALA B 39 -15.23 2.82 -17.35
C ALA B 39 -14.86 3.93 -18.32
N ALA B 40 -13.63 3.96 -18.78
CA ALA B 40 -13.21 5.02 -19.73
C ALA B 40 -13.44 4.56 -21.17
N LYS B 41 -13.41 3.27 -21.40
CA LYS B 41 -13.62 2.76 -22.78
C LYS B 41 -15.09 2.93 -23.20
N PRO B 42 -15.32 3.08 -24.49
CA PRO B 42 -16.71 3.26 -24.98
C PRO B 42 -17.50 1.95 -24.88
N LYS A 1 -30.46 -3.71 -12.19
CA LYS A 1 -29.13 -4.31 -12.45
C LYS A 1 -28.64 -3.93 -13.85
N LYS A 2 -28.72 -2.67 -14.20
CA LYS A 2 -28.26 -2.24 -15.55
C LYS A 2 -26.75 -1.97 -15.53
N GLU A 3 -26.24 -1.37 -16.58
CA GLU A 3 -24.77 -1.09 -16.63
C GLU A 3 -24.41 -0.02 -15.59
N MET A 4 -25.32 0.85 -15.28
CA MET A 4 -25.04 1.92 -14.27
C MET A 4 -24.71 1.29 -12.91
N GLU A 5 -25.25 0.13 -12.65
CA GLU A 5 -24.98 -0.54 -11.33
C GLU A 5 -23.53 -1.06 -11.30
N GLU A 6 -22.97 -1.38 -12.43
CA GLU A 6 -21.57 -1.89 -12.47
C GLU A 6 -20.59 -0.75 -12.18
N ARG A 7 -20.92 0.45 -12.60
CA ARG A 7 -20.02 1.60 -12.34
C ARG A 7 -19.99 1.93 -10.84
N MET A 8 -21.07 1.66 -10.16
CA MET A 8 -21.11 1.94 -8.69
C MET A 8 -20.13 1.03 -7.96
N SER A 9 -19.91 -0.15 -8.48
CA SER A 9 -18.96 -1.10 -7.82
C SER A 9 -17.55 -0.50 -7.80
N LEU A 10 -17.24 0.31 -8.78
CA LEU A 10 -15.88 0.94 -8.84
C LEU A 10 -15.67 1.83 -7.61
N GLU A 11 -16.73 2.38 -7.07
CA GLU A 11 -16.60 3.25 -5.87
C GLU A 11 -16.22 2.41 -4.65
N GLU A 12 -16.70 1.20 -4.59
CA GLU A 12 -16.38 0.31 -3.43
C GLU A 12 -14.94 -0.18 -3.54
N THR A 13 -14.48 -0.41 -4.74
CA THR A 13 -13.08 -0.90 -4.93
C THR A 13 -12.10 0.25 -4.67
N LYS A 14 -12.51 1.47 -4.94
CA LYS A 14 -11.62 2.63 -4.71
C LYS A 14 -11.45 2.88 -3.21
N GLU A 15 -12.44 2.51 -2.43
CA GLU A 15 -12.36 2.72 -0.95
C GLU A 15 -11.32 1.77 -0.35
N GLN A 16 -11.13 0.63 -0.94
CA GLN A 16 -10.13 -0.35 -0.41
C GLN A 16 -8.72 0.12 -0.76
N ILE A 17 -8.56 0.68 -1.92
CA ILE A 17 -7.20 1.17 -2.34
C ILE A 17 -6.82 2.41 -1.51
N LEU A 18 -7.80 3.15 -1.06
CA LEU A 18 -7.51 4.37 -0.24
C LEU A 18 -6.96 3.95 1.13
N LYS A 19 -7.45 2.86 1.66
CA LYS A 19 -6.96 2.39 3.00
C LYS A 19 -5.50 1.94 2.89
N LEU A 20 -5.10 1.47 1.73
CA LEU A 20 -3.70 1.00 1.54
C LEU A 20 -2.74 2.19 1.60
N GLU A 21 -3.18 3.34 1.16
CA GLU A 21 -2.29 4.55 1.19
C GLU A 21 -1.99 4.94 2.64
N GLU A 22 -2.96 4.80 3.51
CA GLU A 22 -2.73 5.17 4.94
C GLU A 22 -1.87 4.09 5.62
N LYS A 23 -1.97 2.87 5.14
CA LYS A 23 -1.17 1.77 5.76
C LYS A 23 0.28 1.86 5.27
N LEU A 24 0.49 2.36 4.09
CA LEU A 24 1.88 2.48 3.56
C LEU A 24 2.60 3.66 4.21
N LEU A 25 1.85 4.68 4.57
CA LEU A 25 2.48 5.88 5.21
C LEU A 25 2.72 5.58 6.68
N ALA A 26 1.90 4.77 7.29
CA ALA A 26 2.09 4.43 8.73
C ALA A 26 3.22 3.41 8.88
N LEU A 27 3.44 2.60 7.87
CA LEU A 27 4.53 1.60 7.94
C LEU A 27 5.89 2.28 7.74
N GLN A 28 5.93 3.30 6.92
CA GLN A 28 7.22 4.02 6.69
C GLN A 28 7.58 4.83 7.92
N GLU A 29 6.59 5.31 8.64
CA GLU A 29 6.86 6.11 9.87
C GLU A 29 7.48 5.21 10.94
N GLU A 30 7.16 3.94 10.93
CA GLU A 30 7.73 3.00 11.94
C GLU A 30 9.24 2.87 11.73
N LYS A 31 9.67 2.71 10.51
CA LYS A 31 11.13 2.58 10.23
C LYS A 31 11.86 3.87 10.65
N HIS A 32 11.18 4.99 10.58
CA HIS A 32 11.81 6.28 10.97
C HIS A 32 12.12 6.27 12.47
N GLN A 33 11.24 5.70 13.26
CA GLN A 33 11.48 5.65 14.74
C GLN A 33 12.70 4.78 15.02
N LEU A 34 12.77 3.62 14.41
CA LEU A 34 13.93 2.72 14.63
C LEU A 34 15.22 3.41 14.18
N PHE A 35 15.12 4.29 13.21
CA PHE A 35 16.34 5.01 12.72
C PHE A 35 16.89 5.89 13.85
N LEU A 36 16.02 6.46 14.64
CA LEU A 36 16.48 7.33 15.77
C LEU A 36 17.08 6.45 16.87
N GLN A 37 16.60 5.24 17.00
CA GLN A 37 17.14 4.31 18.04
C GLN A 37 18.50 3.76 17.62
N LEU A 38 18.81 3.83 16.34
CA LEU A 38 20.13 3.30 15.86
C LEU A 38 21.29 3.92 16.65
N GLY B 1 20.85 2.73 20.72
CA GLY B 1 21.19 1.42 20.08
C GLY B 1 21.67 0.43 21.14
N LEU B 2 22.27 -0.65 20.72
CA LEU B 2 22.77 -1.68 21.70
C LEU B 2 24.25 -1.95 21.42
N SER B 3 24.54 -2.48 20.27
CA SER B 3 25.95 -2.78 19.89
C SER B 3 26.16 -2.52 18.41
N LYS B 4 25.52 -1.49 17.87
CA LYS B 4 25.65 -1.17 16.42
C LYS B 4 25.34 -2.42 15.58
N GLU B 5 24.56 -3.33 16.12
CA GLU B 5 24.21 -4.56 15.38
C GLU B 5 22.79 -5.00 15.73
N GLU B 6 22.45 -4.99 17.01
CA GLU B 6 21.08 -5.40 17.40
C GLU B 6 20.06 -4.42 16.83
N LEU B 7 20.45 -3.17 16.73
CA LEU B 7 19.53 -2.14 16.15
C LEU B 7 19.55 -2.25 14.62
N ILE B 8 20.64 -2.73 14.08
CA ILE B 8 20.73 -2.88 12.59
C ILE B 8 19.82 -4.02 12.13
N GLN B 9 19.61 -5.00 12.97
CA GLN B 9 18.72 -6.14 12.59
C GLN B 9 17.25 -5.71 12.65
N ASN B 10 16.94 -4.76 13.49
CA ASN B 10 15.53 -4.29 13.60
C ASN B 10 15.18 -3.38 12.42
N MET B 11 16.16 -2.68 11.89
CA MET B 11 15.90 -1.77 10.73
C MET B 11 15.75 -2.60 9.45
N ASP B 12 16.42 -3.72 9.38
CA ASP B 12 16.33 -4.58 8.15
C ASP B 12 15.01 -5.34 8.16
N ARG B 13 14.49 -5.65 9.31
CA ARG B 13 13.20 -6.39 9.39
C ARG B 13 12.03 -5.45 9.09
N VAL B 14 12.19 -4.19 9.40
CA VAL B 14 11.09 -3.21 9.13
C VAL B 14 11.04 -2.88 7.63
N ASP B 15 12.17 -2.94 6.97
CA ASP B 15 12.20 -2.64 5.51
C ASP B 15 11.59 -3.80 4.71
N ARG B 16 11.67 -4.99 5.23
CA ARG B 16 11.09 -6.17 4.51
C ARG B 16 9.57 -6.17 4.64
N GLU B 17 9.05 -5.62 5.71
CA GLU B 17 7.57 -5.57 5.89
C GLU B 17 6.97 -4.47 5.03
N ILE B 18 7.67 -3.38 4.87
CA ILE B 18 7.14 -2.27 4.02
C ILE B 18 7.25 -2.65 2.55
N THR B 19 8.21 -3.48 2.21
CA THR B 19 8.36 -3.90 0.78
C THR B 19 7.25 -4.88 0.41
N MET B 20 6.81 -5.68 1.35
CA MET B 20 5.72 -6.67 1.07
C MET B 20 4.38 -5.94 1.03
N VAL B 21 4.21 -4.96 1.88
CA VAL B 21 2.93 -4.19 1.89
C VAL B 21 2.89 -3.23 0.70
N GLU B 22 4.03 -2.76 0.28
CA GLU B 22 4.09 -1.84 -0.89
C GLU B 22 3.86 -2.61 -2.19
N GLN B 23 4.24 -3.87 -2.21
CA GLN B 23 4.05 -4.69 -3.43
C GLN B 23 2.57 -5.05 -3.59
N GLN B 24 1.86 -5.16 -2.50
CA GLN B 24 0.40 -5.50 -2.57
C GLN B 24 -0.38 -4.31 -3.13
N ILE B 25 0.03 -3.11 -2.79
CA ILE B 25 -0.69 -1.90 -3.30
C ILE B 25 -0.47 -1.76 -4.80
N SER B 26 0.70 -2.07 -5.27
CA SER B 26 0.99 -1.97 -6.73
C SER B 26 0.17 -3.01 -7.48
N LYS B 27 -0.03 -4.16 -6.88
CA LYS B 27 -0.83 -5.23 -7.54
C LYS B 27 -2.31 -4.87 -7.45
N LEU B 28 -2.72 -4.29 -6.35
CA LEU B 28 -4.15 -3.89 -6.19
C LEU B 28 -4.46 -2.64 -7.02
N LYS B 29 -3.46 -1.94 -7.48
CA LYS B 29 -3.70 -0.72 -8.32
C LYS B 29 -3.85 -1.13 -9.79
N LYS B 30 -3.20 -2.20 -10.18
CA LYS B 30 -3.30 -2.66 -11.59
C LYS B 30 -4.64 -3.36 -11.81
N LYS B 31 -5.13 -4.08 -10.81
CA LYS B 31 -6.44 -4.76 -10.98
C LYS B 31 -7.57 -3.72 -11.03
N GLN B 32 -7.37 -2.59 -10.40
CA GLN B 32 -8.42 -1.52 -10.42
C GLN B 32 -8.46 -0.90 -11.82
N GLN B 33 -7.34 -0.88 -12.49
CA GLN B 33 -7.31 -0.29 -13.87
C GLN B 33 -8.21 -1.08 -14.80
N GLN B 34 -8.28 -2.38 -14.61
CA GLN B 34 -9.17 -3.22 -15.47
C GLN B 34 -10.61 -2.75 -15.31
N LEU B 35 -11.02 -2.51 -14.09
CA LEU B 35 -12.40 -2.00 -13.86
C LEU B 35 -12.53 -0.59 -14.41
N GLU B 36 -11.43 0.14 -14.44
CA GLU B 36 -11.46 1.53 -14.98
C GLU B 36 -11.76 1.50 -16.48
N GLU B 37 -11.30 0.48 -17.16
CA GLU B 37 -11.55 0.38 -18.63
C GLU B 37 -13.00 -0.04 -18.88
N GLU B 38 -13.57 -0.80 -17.99
CA GLU B 38 -14.99 -1.25 -18.17
C GLU B 38 -15.95 -0.11 -17.80
N ALA B 39 -15.55 0.73 -16.87
CA ALA B 39 -16.42 1.86 -16.46
C ALA B 39 -16.30 3.01 -17.47
N ALA B 40 -15.17 3.12 -18.12
CA ALA B 40 -15.00 4.22 -19.12
C ALA B 40 -15.30 3.70 -20.53
N LYS B 41 -15.14 2.42 -20.76
CA LYS B 41 -15.43 1.84 -22.12
C LYS B 41 -14.66 2.62 -23.21
N PRO B 42 -13.34 2.47 -23.22
CA PRO B 42 -12.52 3.17 -24.23
C PRO B 42 -12.70 2.52 -25.61
N LYS A 1 -29.42 -1.20 -14.12
CA LYS A 1 -29.16 -2.54 -14.72
C LYS A 1 -27.72 -2.62 -15.22
N LYS A 2 -27.41 -1.95 -16.30
CA LYS A 2 -26.02 -1.98 -16.84
C LYS A 2 -25.52 -0.55 -17.11
N GLU A 3 -24.30 -0.41 -17.56
CA GLU A 3 -23.73 0.95 -17.85
C GLU A 3 -23.91 1.89 -16.65
N MET A 4 -24.00 1.34 -15.46
CA MET A 4 -24.17 2.19 -14.25
C MET A 4 -23.77 1.41 -12.99
N GLU A 5 -24.19 0.18 -12.90
CA GLU A 5 -23.83 -0.66 -11.71
C GLU A 5 -22.33 -0.96 -11.71
N GLU A 6 -21.72 -1.00 -12.88
CA GLU A 6 -20.25 -1.28 -12.95
C GLU A 6 -19.46 -0.05 -12.52
N ARG A 7 -20.00 1.12 -12.75
CA ARG A 7 -19.29 2.37 -12.35
C ARG A 7 -19.34 2.56 -10.83
N MET A 8 -20.39 2.08 -10.21
CA MET A 8 -20.51 2.21 -8.72
C MET A 8 -19.51 1.27 -8.04
N SER A 9 -19.21 0.17 -8.66
CA SER A 9 -18.23 -0.80 -8.07
C SER A 9 -16.84 -0.18 -8.03
N LEU A 10 -16.55 0.70 -8.97
CA LEU A 10 -15.19 1.35 -8.99
C LEU A 10 -15.02 2.22 -7.75
N GLU A 11 -16.10 2.77 -7.24
CA GLU A 11 -16.00 3.63 -6.02
C GLU A 11 -15.80 2.76 -4.78
N GLU A 12 -16.36 1.58 -4.79
CA GLU A 12 -16.20 0.68 -3.61
C GLU A 12 -14.81 0.06 -3.62
N THR A 13 -14.28 -0.21 -4.79
CA THR A 13 -12.92 -0.81 -4.88
C THR A 13 -11.87 0.27 -4.58
N LYS A 14 -12.14 1.49 -4.97
CA LYS A 14 -11.18 2.60 -4.70
C LYS A 14 -11.14 2.91 -3.20
N GLU A 15 -12.23 2.65 -2.51
CA GLU A 15 -12.26 2.92 -1.04
C GLU A 15 -11.31 1.96 -0.32
N GLN A 16 -11.18 0.75 -0.81
CA GLN A 16 -10.26 -0.23 -0.15
C GLN A 16 -8.81 0.11 -0.52
N ILE A 17 -8.60 0.64 -1.70
CA ILE A 17 -7.23 1.01 -2.12
C ILE A 17 -6.77 2.26 -1.36
N LEU A 18 -7.71 3.10 -0.97
CA LEU A 18 -7.34 4.33 -0.22
C LEU A 18 -6.83 3.96 1.17
N LYS A 19 -7.44 2.98 1.79
CA LYS A 19 -7.00 2.56 3.15
C LYS A 19 -5.56 2.05 3.10
N LEU A 20 -5.16 1.48 1.99
CA LEU A 20 -3.76 0.97 1.85
C LEU A 20 -2.77 2.12 1.93
N GLU A 21 -3.15 3.29 1.44
CA GLU A 21 -2.24 4.46 1.49
C GLU A 21 -1.92 4.81 2.95
N GLU A 22 -2.91 4.73 3.80
CA GLU A 22 -2.68 5.05 5.25
C GLU A 22 -1.86 3.92 5.89
N LYS A 23 -2.05 2.71 5.43
CA LYS A 23 -1.30 1.57 6.00
C LYS A 23 0.16 1.63 5.54
N LEU A 24 0.39 2.10 4.35
CA LEU A 24 1.79 2.21 3.83
C LEU A 24 2.49 3.39 4.48
N LEU A 25 1.75 4.43 4.79
CA LEU A 25 2.36 5.62 5.44
C LEU A 25 2.61 5.33 6.92
N ALA A 26 1.74 4.56 7.53
CA ALA A 26 1.92 4.21 8.96
C ALA A 26 3.07 3.21 9.12
N LEU A 27 3.29 2.40 8.12
CA LEU A 27 4.40 1.39 8.20
C LEU A 27 5.74 2.09 7.99
N GLN A 28 5.78 3.08 7.13
CA GLN A 28 7.07 3.81 6.89
C GLN A 28 7.35 4.77 8.05
N GLU A 29 6.33 5.16 8.77
CA GLU A 29 6.55 6.09 9.93
C GLU A 29 7.01 5.27 11.15
N GLU A 30 6.65 4.02 11.21
CA GLU A 30 7.07 3.16 12.36
C GLU A 30 8.54 2.76 12.20
N LYS A 31 8.96 2.42 11.01
CA LYS A 31 10.38 2.03 10.80
C LYS A 31 11.28 3.26 10.98
N HIS A 32 10.74 4.44 10.78
CA HIS A 32 11.55 5.68 10.95
C HIS A 32 11.93 5.83 12.43
N GLN A 33 11.08 5.36 13.32
CA GLN A 33 11.38 5.47 14.78
C GLN A 33 12.64 4.66 15.10
N LEU A 34 12.87 3.59 14.37
CA LEU A 34 14.07 2.75 14.62
C LEU A 34 15.33 3.53 14.23
N PHE A 35 15.24 4.34 13.20
CA PHE A 35 16.43 5.14 12.76
C PHE A 35 16.85 6.10 13.88
N LEU A 36 15.91 6.63 14.59
CA LEU A 36 16.24 7.57 15.71
C LEU A 36 17.04 6.83 16.79
N GLN A 37 16.80 5.55 16.95
CA GLN A 37 17.53 4.77 17.97
C GLN A 37 18.91 4.33 17.46
N LEU A 38 19.15 4.45 16.16
CA LEU A 38 20.48 4.04 15.59
C LEU A 38 21.63 4.73 16.35
N GLY B 1 22.50 3.14 20.70
CA GLY B 1 22.78 1.98 19.80
C GLY B 1 23.20 0.77 20.64
N LEU B 2 23.49 -0.33 19.99
CA LEU B 2 23.92 -1.56 20.75
C LEU B 2 25.34 -1.94 20.32
N SER B 3 25.49 -2.28 19.06
CA SER B 3 26.82 -2.66 18.54
C SER B 3 26.90 -2.36 17.05
N LYS B 4 26.23 -1.31 16.61
CA LYS B 4 26.23 -0.95 15.16
C LYS B 4 25.85 -2.17 14.31
N GLU B 5 25.11 -3.07 14.89
CA GLU B 5 24.68 -4.29 14.14
C GLU B 5 23.32 -4.78 14.63
N GLU B 6 23.10 -4.79 15.92
CA GLU B 6 21.78 -5.25 16.44
C GLU B 6 20.67 -4.34 15.93
N LEU B 7 20.92 -3.05 15.90
CA LEU B 7 19.91 -2.09 15.37
C LEU B 7 19.90 -2.17 13.85
N ILE B 8 21.02 -2.52 13.26
CA ILE B 8 21.09 -2.63 11.77
C ILE B 8 20.23 -3.81 11.32
N GLN B 9 20.12 -4.83 12.14
CA GLN B 9 19.30 -6.01 11.77
C GLN B 9 17.81 -5.67 11.92
N ASN B 10 17.48 -4.84 12.86
CA ASN B 10 16.05 -4.43 13.05
C ASN B 10 15.62 -3.48 11.94
N MET B 11 16.53 -2.64 11.50
CA MET B 11 16.20 -1.69 10.41
C MET B 11 15.96 -2.44 9.10
N ASP B 12 16.60 -3.57 8.93
CA ASP B 12 16.41 -4.37 7.68
C ASP B 12 15.07 -5.13 7.74
N ARG B 13 14.59 -5.40 8.92
CA ARG B 13 13.29 -6.14 9.06
C ARG B 13 12.12 -5.18 8.80
N VAL B 14 12.28 -3.93 9.14
CA VAL B 14 11.17 -2.95 8.91
C VAL B 14 11.10 -2.56 7.44
N ASP B 15 12.19 -2.67 6.73
CA ASP B 15 12.18 -2.31 5.28
C ASP B 15 11.65 -3.48 4.45
N ARG B 16 11.84 -4.68 4.92
CA ARG B 16 11.33 -5.87 4.17
C ARG B 16 9.83 -6.02 4.39
N GLU B 17 9.34 -5.56 5.52
CA GLU B 17 7.88 -5.67 5.80
C GLU B 17 7.11 -4.61 5.03
N ILE B 18 7.70 -3.45 4.86
CA ILE B 18 7.01 -2.37 4.10
C ILE B 18 7.04 -2.68 2.60
N THR B 19 8.01 -3.43 2.16
CA THR B 19 8.09 -3.79 0.71
C THR B 19 7.00 -4.80 0.38
N MET B 20 6.63 -5.63 1.33
CA MET B 20 5.56 -6.63 1.08
C MET B 20 4.20 -5.93 1.06
N VAL B 21 3.97 -5.05 2.00
CA VAL B 21 2.67 -4.31 2.05
C VAL B 21 2.62 -3.30 0.89
N GLU B 22 3.76 -2.77 0.52
CA GLU B 22 3.80 -1.79 -0.61
C GLU B 22 3.58 -2.52 -1.93
N GLN B 23 3.97 -3.76 -2.01
CA GLN B 23 3.78 -4.53 -3.27
C GLN B 23 2.30 -4.85 -3.47
N GLN B 24 1.59 -5.05 -2.39
CA GLN B 24 0.13 -5.39 -2.50
C GLN B 24 -0.64 -4.16 -2.99
N ILE B 25 -0.16 -2.98 -2.69
CA ILE B 25 -0.87 -1.74 -3.14
C ILE B 25 -0.63 -1.54 -4.64
N SER B 26 0.50 -1.98 -5.13
CA SER B 26 0.80 -1.82 -6.59
C SER B 26 -0.09 -2.78 -7.39
N LYS B 27 -0.27 -3.98 -6.90
CA LYS B 27 -1.12 -4.97 -7.62
C LYS B 27 -2.60 -4.54 -7.50
N LEU B 28 -2.94 -3.89 -6.42
CA LEU B 28 -4.35 -3.43 -6.23
C LEU B 28 -4.64 -2.28 -7.21
N LYS B 29 -3.67 -1.42 -7.42
CA LYS B 29 -3.88 -0.27 -8.35
C LYS B 29 -4.10 -0.81 -9.77
N LYS B 30 -3.33 -1.79 -10.16
CA LYS B 30 -3.51 -2.38 -11.52
C LYS B 30 -4.87 -3.07 -11.61
N LYS B 31 -5.36 -3.59 -10.51
CA LYS B 31 -6.69 -4.27 -10.52
C LYS B 31 -7.77 -3.24 -10.84
N GLN B 32 -7.59 -2.02 -10.41
CA GLN B 32 -8.60 -0.96 -10.70
C GLN B 32 -8.65 -0.70 -12.21
N GLN B 33 -7.54 -0.87 -12.87
CA GLN B 33 -7.51 -0.65 -14.36
C GLN B 33 -8.49 -1.60 -15.05
N GLN B 34 -8.54 -2.82 -14.59
CA GLN B 34 -9.48 -3.82 -15.21
C GLN B 34 -10.92 -3.34 -15.03
N LEU B 35 -11.24 -2.79 -13.89
CA LEU B 35 -12.63 -2.29 -13.65
C LEU B 35 -12.86 -1.01 -14.45
N GLU B 36 -11.83 -0.23 -14.65
CA GLU B 36 -11.98 1.03 -15.43
C GLU B 36 -12.03 0.71 -16.92
N GLU B 37 -11.30 -0.30 -17.34
CA GLU B 37 -11.32 -0.68 -18.79
C GLU B 37 -12.59 -1.47 -19.09
N GLU B 38 -13.10 -2.18 -18.13
CA GLU B 38 -14.36 -2.96 -18.35
C GLU B 38 -15.57 -2.02 -18.32
N ALA B 39 -15.47 -0.94 -17.60
CA ALA B 39 -16.61 0.03 -17.54
C ALA B 39 -16.67 0.87 -18.82
N ALA B 40 -15.57 1.02 -19.50
CA ALA B 40 -15.55 1.84 -20.75
C ALA B 40 -15.97 0.97 -21.94
N LYS B 41 -15.71 -0.32 -21.87
CA LYS B 41 -16.09 -1.23 -22.98
C LYS B 41 -17.62 -1.22 -23.19
N PRO B 42 -18.07 -1.75 -24.31
CA PRO B 42 -19.52 -1.79 -24.60
C PRO B 42 -20.22 -2.83 -23.71
N LYS A 1 -24.82 -1.30 -17.47
CA LYS A 1 -25.11 -1.02 -18.91
C LYS A 1 -24.84 0.46 -19.22
N LYS A 2 -25.50 1.35 -18.52
CA LYS A 2 -25.28 2.80 -18.76
C LYS A 2 -23.83 3.19 -18.48
N GLU A 3 -23.43 4.38 -18.85
CA GLU A 3 -22.03 4.82 -18.60
C GLU A 3 -21.89 5.48 -17.22
N MET A 4 -22.89 5.36 -16.38
CA MET A 4 -22.82 5.99 -15.03
C MET A 4 -22.87 4.92 -13.94
N GLU A 5 -23.55 3.82 -14.19
CA GLU A 5 -23.64 2.73 -13.18
C GLU A 5 -22.26 2.09 -12.96
N GLU A 6 -21.54 1.86 -14.03
CA GLU A 6 -20.19 1.24 -13.90
C GLU A 6 -19.27 2.15 -13.09
N ARG A 7 -19.50 3.44 -13.11
CA ARG A 7 -18.64 4.38 -12.34
C ARG A 7 -18.88 4.22 -10.84
N MET A 8 -20.06 3.77 -10.46
CA MET A 8 -20.35 3.58 -9.01
C MET A 8 -19.57 2.38 -8.47
N SER A 9 -19.29 1.42 -9.31
CA SER A 9 -18.53 0.22 -8.85
C SER A 9 -17.07 0.60 -8.56
N LEU A 10 -16.57 1.59 -9.24
CA LEU A 10 -15.16 2.03 -9.02
C LEU A 10 -15.02 2.67 -7.65
N GLU A 11 -16.07 3.26 -7.15
CA GLU A 11 -16.01 3.92 -5.80
C GLU A 11 -15.90 2.86 -4.70
N GLU A 12 -16.46 1.70 -4.93
CA GLU A 12 -16.38 0.62 -3.91
C GLU A 12 -14.97 0.03 -3.87
N THR A 13 -14.39 -0.19 -5.01
CA THR A 13 -13.01 -0.75 -5.05
C THR A 13 -12.02 0.28 -4.50
N LYS A 14 -12.32 1.55 -4.68
CA LYS A 14 -11.41 2.60 -4.16
C LYS A 14 -11.41 2.60 -2.63
N GLU A 15 -12.49 2.15 -2.03
CA GLU A 15 -12.56 2.12 -0.53
C GLU A 15 -11.56 1.10 0.00
N GLN A 16 -11.44 -0.03 -0.65
CA GLN A 16 -10.47 -1.07 -0.18
C GLN A 16 -9.04 -0.62 -0.50
N ILE A 17 -8.86 0.01 -1.63
CA ILE A 17 -7.49 0.50 -2.01
C ILE A 17 -7.13 1.70 -1.14
N LEU A 18 -8.11 2.45 -0.69
CA LEU A 18 -7.82 3.63 0.16
C LEU A 18 -7.33 3.18 1.54
N LYS A 19 -7.85 2.08 2.04
CA LYS A 19 -7.42 1.57 3.37
C LYS A 19 -5.93 1.21 3.32
N LEU A 20 -5.47 0.69 2.22
CA LEU A 20 -4.03 0.32 2.09
C LEU A 20 -3.16 1.57 2.22
N GLU A 21 -3.68 2.71 1.84
CA GLU A 21 -2.89 3.98 1.93
C GLU A 21 -2.56 4.28 3.40
N GLU A 22 -3.50 4.07 4.27
CA GLU A 22 -3.26 4.33 5.72
C GLU A 22 -2.33 3.25 6.29
N LYS A 23 -2.43 2.06 5.77
CA LYS A 23 -1.57 0.95 6.27
C LYS A 23 -0.15 1.10 5.68
N LEU A 24 -0.06 1.60 4.48
CA LEU A 24 1.29 1.79 3.85
C LEU A 24 1.97 3.01 4.46
N LEU A 25 1.19 3.98 4.89
CA LEU A 25 1.79 5.21 5.50
C LEU A 25 2.24 4.90 6.92
N ALA A 26 1.52 4.05 7.61
CA ALA A 26 1.92 3.69 9.01
C ALA A 26 3.17 2.81 8.98
N LEU A 27 3.35 2.06 7.93
CA LEU A 27 4.56 1.18 7.83
C LEU A 27 5.80 2.03 7.57
N GLN A 28 5.68 3.04 6.75
CA GLN A 28 6.85 3.92 6.46
C GLN A 28 7.18 4.76 7.70
N GLU A 29 6.19 5.07 8.49
CA GLU A 29 6.44 5.87 9.73
C GLU A 29 7.23 5.04 10.73
N GLU A 30 7.06 3.74 10.71
CA GLU A 30 7.79 2.86 11.67
C GLU A 30 9.30 2.92 11.37
N LYS A 31 9.67 2.90 10.11
CA LYS A 31 11.12 2.97 9.76
C LYS A 31 11.69 4.35 10.13
N HIS A 32 10.86 5.36 10.09
CA HIS A 32 11.34 6.73 10.45
C HIS A 32 11.66 6.79 11.94
N GLN A 33 10.96 6.04 12.74
CA GLN A 33 11.22 6.04 14.22
C GLN A 33 12.59 5.42 14.50
N LEU A 34 12.95 4.42 13.73
CA LEU A 34 14.28 3.77 13.94
C LEU A 34 15.41 4.77 13.67
N PHE A 35 15.19 5.68 12.77
CA PHE A 35 16.24 6.70 12.46
C PHE A 35 16.54 7.53 13.70
N LEU A 36 15.52 7.86 14.46
CA LEU A 36 15.73 8.66 15.71
C LEU A 36 16.37 7.78 16.78
N GLN A 37 16.08 6.51 16.77
CA GLN A 37 16.67 5.57 17.77
C GLN A 37 18.04 5.05 17.30
N LEU A 38 18.35 5.19 16.03
CA LEU A 38 19.66 4.70 15.51
C LEU A 38 20.82 5.31 16.32
N GLY B 1 21.16 5.08 19.86
CA GLY B 1 21.46 3.73 19.30
C GLY B 1 21.79 2.76 20.44
N LEU B 2 22.34 1.62 20.13
CA LEU B 2 22.68 0.63 21.18
C LEU B 2 24.05 -0.02 20.90
N SER B 3 24.29 -0.40 19.67
CA SER B 3 25.60 -1.05 19.34
C SER B 3 25.96 -0.84 17.86
N LYS B 4 25.30 0.08 17.18
CA LYS B 4 25.60 0.33 15.73
C LYS B 4 25.62 -0.98 14.94
N GLU B 5 24.90 -1.97 15.40
CA GLU B 5 24.88 -3.28 14.69
C GLU B 5 23.56 -4.00 14.96
N GLU B 6 23.15 -4.05 16.20
CA GLU B 6 21.86 -4.73 16.53
C GLU B 6 20.70 -3.85 16.08
N LEU B 7 20.85 -2.56 16.21
CA LEU B 7 19.77 -1.62 15.77
C LEU B 7 19.77 -1.54 14.24
N ILE B 8 20.92 -1.75 13.63
CA ILE B 8 20.99 -1.71 12.14
C ILE B 8 20.24 -2.90 11.55
N GLN B 9 20.27 -4.02 12.23
CA GLN B 9 19.56 -5.22 11.74
C GLN B 9 18.04 -5.02 11.86
N ASN B 10 17.63 -4.25 12.83
CA ASN B 10 16.17 -4.00 13.02
C ASN B 10 15.65 -3.11 11.89
N MET B 11 16.42 -2.11 11.52
CA MET B 11 15.99 -1.20 10.42
C MET B 11 15.84 -1.99 9.11
N ASP B 12 16.67 -2.99 8.94
CA ASP B 12 16.59 -3.81 7.69
C ASP B 12 15.35 -4.70 7.73
N ARG B 13 14.91 -5.08 8.91
CA ARG B 13 13.70 -5.95 9.03
C ARG B 13 12.45 -5.14 8.72
N VAL B 14 12.45 -3.87 9.07
CA VAL B 14 11.26 -3.01 8.79
C VAL B 14 11.14 -2.74 7.29
N ASP B 15 12.26 -2.71 6.61
CA ASP B 15 12.23 -2.46 5.13
C ASP B 15 11.61 -3.66 4.41
N ARG B 16 11.79 -4.84 4.96
CA ARG B 16 11.20 -6.06 4.32
C ARG B 16 9.70 -6.12 4.59
N GLU B 17 9.26 -5.56 5.68
CA GLU B 17 7.81 -5.58 6.00
C GLU B 17 7.06 -4.55 5.14
N ILE B 18 7.70 -3.45 4.85
CA ILE B 18 7.04 -2.41 4.00
C ILE B 18 7.01 -2.86 2.54
N THR B 19 7.98 -3.65 2.14
CA THR B 19 8.00 -4.16 0.74
C THR B 19 6.91 -5.21 0.54
N MET B 20 6.59 -5.93 1.58
CA MET B 20 5.52 -6.97 1.47
C MET B 20 4.15 -6.31 1.40
N VAL B 21 3.92 -5.34 2.24
CA VAL B 21 2.61 -4.62 2.23
C VAL B 21 2.52 -3.74 0.99
N GLU B 22 3.64 -3.24 0.53
CA GLU B 22 3.65 -2.38 -0.69
C GLU B 22 3.44 -3.24 -1.93
N GLN B 23 3.86 -4.48 -1.88
CA GLN B 23 3.69 -5.39 -3.06
C GLN B 23 2.21 -5.74 -3.22
N GLN B 24 1.49 -5.80 -2.13
CA GLN B 24 0.03 -6.12 -2.21
C GLN B 24 -0.74 -4.95 -2.81
N ILE B 25 -0.33 -3.75 -2.49
CA ILE B 25 -1.02 -2.54 -3.05
C ILE B 25 -0.71 -2.41 -4.54
N SER B 26 0.46 -2.83 -4.94
CA SER B 26 0.83 -2.75 -6.38
C SER B 26 -0.02 -3.72 -7.20
N LYS B 27 -0.31 -4.87 -6.65
CA LYS B 27 -1.14 -5.86 -7.37
C LYS B 27 -2.62 -5.41 -7.32
N LEU B 28 -3.02 -4.83 -6.23
CA LEU B 28 -4.42 -4.34 -6.11
C LEU B 28 -4.60 -3.10 -6.99
N LYS B 29 -3.55 -2.32 -7.14
CA LYS B 29 -3.66 -1.11 -8.00
C LYS B 29 -3.84 -1.51 -9.45
N LYS B 30 -3.15 -2.54 -9.89
CA LYS B 30 -3.30 -3.01 -11.29
C LYS B 30 -4.74 -3.49 -11.53
N LYS B 31 -5.35 -4.02 -10.50
CA LYS B 31 -6.77 -4.49 -10.64
C LYS B 31 -7.67 -3.31 -10.95
N GLN B 32 -7.40 -2.17 -10.37
CA GLN B 32 -8.23 -0.96 -10.64
C GLN B 32 -8.14 -0.59 -12.12
N GLN B 33 -7.03 -0.89 -12.74
CA GLN B 33 -6.87 -0.57 -14.19
C GLN B 33 -7.92 -1.32 -15.01
N GLN B 34 -8.08 -2.58 -14.75
CA GLN B 34 -9.09 -3.39 -15.50
C GLN B 34 -10.50 -2.85 -15.22
N LEU B 35 -10.78 -2.50 -13.99
CA LEU B 35 -12.12 -1.96 -13.65
C LEU B 35 -12.28 -0.55 -14.23
N GLU B 36 -11.21 0.19 -14.29
CA GLU B 36 -11.29 1.57 -14.85
C GLU B 36 -11.38 1.51 -16.37
N GLU B 37 -10.76 0.53 -16.98
CA GLU B 37 -10.82 0.40 -18.46
C GLU B 37 -12.19 -0.13 -18.88
N GLU B 38 -12.81 -0.91 -18.03
CA GLU B 38 -14.17 -1.45 -18.37
C GLU B 38 -15.19 -0.32 -18.33
N ALA B 39 -14.97 0.67 -17.49
CA ALA B 39 -15.91 1.82 -17.41
C ALA B 39 -15.96 2.55 -18.75
N ALA B 40 -14.87 2.54 -19.47
CA ALA B 40 -14.83 3.23 -20.80
C ALA B 40 -14.87 2.21 -21.94
N LYS B 41 -15.42 1.04 -21.68
CA LYS B 41 -15.48 0.00 -22.75
C LYS B 41 -16.92 -0.55 -22.86
N PRO B 42 -17.80 0.23 -23.43
CA PRO B 42 -19.21 -0.21 -23.59
C PRO B 42 -19.32 -1.28 -24.67
N LYS A 1 -25.42 0.84 -16.36
CA LYS A 1 -25.95 0.92 -17.74
C LYS A 1 -25.22 2.02 -18.53
N LYS A 2 -25.16 3.21 -17.99
CA LYS A 2 -24.45 4.32 -18.69
C LYS A 2 -23.00 4.42 -18.22
N GLU A 3 -22.32 5.48 -18.57
CA GLU A 3 -20.90 5.64 -18.15
C GLU A 3 -20.83 6.18 -16.72
N MET A 4 -21.84 6.92 -16.31
CA MET A 4 -21.84 7.49 -14.92
C MET A 4 -22.05 6.37 -13.89
N GLU A 5 -22.74 5.33 -14.28
CA GLU A 5 -22.99 4.20 -13.34
C GLU A 5 -21.71 3.36 -13.16
N GLU A 6 -20.89 3.31 -14.18
CA GLU A 6 -19.62 2.52 -14.08
C GLU A 6 -18.61 3.26 -13.22
N ARG A 7 -18.69 4.57 -13.18
CA ARG A 7 -17.73 5.36 -12.35
C ARG A 7 -18.07 5.22 -10.86
N MET A 8 -19.34 5.00 -10.56
CA MET A 8 -19.75 4.85 -9.14
C MET A 8 -19.25 3.50 -8.59
N SER A 9 -19.14 2.51 -9.45
CA SER A 9 -18.65 1.18 -8.98
C SER A 9 -17.18 1.27 -8.58
N LEU A 10 -16.44 2.15 -9.22
CA LEU A 10 -14.99 2.30 -8.87
C LEU A 10 -14.84 2.82 -7.44
N GLU A 11 -15.80 3.57 -6.97
CA GLU A 11 -15.73 4.11 -5.58
C GLU A 11 -15.73 2.96 -4.58
N GLU A 12 -16.41 1.89 -4.88
CA GLU A 12 -16.46 0.72 -3.95
C GLU A 12 -15.08 0.09 -3.86
N THR A 13 -14.50 -0.25 -4.98
CA THR A 13 -13.14 -0.88 -4.97
C THR A 13 -12.13 0.10 -4.37
N LYS A 14 -12.35 1.38 -4.56
CA LYS A 14 -11.41 2.39 -3.99
C LYS A 14 -11.46 2.35 -2.47
N GLU A 15 -12.59 1.96 -1.92
CA GLU A 15 -12.72 1.90 -0.43
C GLU A 15 -11.72 0.88 0.13
N GLN A 16 -11.59 -0.25 -0.51
CA GLN A 16 -10.63 -1.28 -0.02
C GLN A 16 -9.21 -0.86 -0.38
N ILE A 17 -9.04 -0.18 -1.48
CA ILE A 17 -7.69 0.29 -1.89
C ILE A 17 -7.29 1.50 -1.04
N LEU A 18 -8.26 2.23 -0.54
CA LEU A 18 -7.95 3.43 0.30
C LEU A 18 -7.44 2.97 1.68
N LYS A 19 -7.96 1.87 2.17
CA LYS A 19 -7.50 1.37 3.50
C LYS A 19 -6.04 0.93 3.42
N LEU A 20 -5.64 0.35 2.32
CA LEU A 20 -4.22 -0.09 2.16
C LEU A 20 -3.30 1.12 2.16
N GLU A 21 -3.79 2.26 1.70
CA GLU A 21 -2.94 3.48 1.68
C GLU A 21 -2.61 3.93 3.10
N GLU A 22 -3.53 3.73 4.02
CA GLU A 22 -3.28 4.13 5.43
C GLU A 22 -2.36 3.10 6.10
N LYS A 23 -2.46 1.87 5.69
CA LYS A 23 -1.60 0.80 6.28
C LYS A 23 -0.18 0.92 5.72
N LEU A 24 -0.05 1.38 4.50
CA LEU A 24 1.29 1.53 3.88
C LEU A 24 1.99 2.76 4.45
N LEU A 25 1.22 3.77 4.78
CA LEU A 25 1.82 5.02 5.35
C LEU A 25 2.24 4.76 6.80
N ALA A 26 1.48 3.96 7.50
CA ALA A 26 1.82 3.66 8.93
C ALA A 26 3.08 2.80 8.98
N LEU A 27 3.31 2.00 7.98
CA LEU A 27 4.52 1.13 7.96
C LEU A 27 5.76 2.00 7.73
N GLN A 28 5.68 2.92 6.80
CA GLN A 28 6.85 3.81 6.52
C GLN A 28 7.10 4.71 7.73
N GLU A 29 6.06 5.05 8.44
CA GLU A 29 6.22 5.93 9.65
C GLU A 29 6.99 5.17 10.74
N GLU A 30 6.84 3.87 10.78
CA GLU A 30 7.55 3.07 11.82
C GLU A 30 9.06 3.14 11.58
N LYS A 31 9.49 3.01 10.35
CA LYS A 31 10.96 3.09 10.05
C LYS A 31 11.49 4.47 10.41
N HIS A 32 10.66 5.48 10.26
CA HIS A 32 11.11 6.87 10.59
C HIS A 32 11.43 6.95 12.09
N GLN A 33 10.75 6.19 12.90
CA GLN A 33 11.02 6.22 14.37
C GLN A 33 12.38 5.58 14.66
N LEU A 34 12.73 4.55 13.93
CA LEU A 34 14.05 3.88 14.14
C LEU A 34 15.19 4.85 13.81
N PHE A 35 14.96 5.74 12.89
CA PHE A 35 16.02 6.74 12.51
C PHE A 35 16.36 7.61 13.72
N LEU A 36 15.38 7.93 14.52
CA LEU A 36 15.63 8.78 15.72
C LEU A 36 16.34 7.97 16.79
N GLN A 37 16.11 6.67 16.81
CA GLN A 37 16.78 5.81 17.83
C GLN A 37 18.16 5.36 17.33
N LEU A 38 18.36 5.35 16.03
CA LEU A 38 19.68 4.93 15.47
C LEU A 38 20.81 5.78 16.06
N GLY B 1 21.80 5.28 19.71
CA GLY B 1 21.68 3.88 19.20
C GLY B 1 22.04 2.91 20.31
N LEU B 2 22.60 1.77 19.97
CA LEU B 2 22.96 0.76 21.01
C LEU B 2 24.30 0.09 20.66
N SER B 3 24.50 -0.26 19.42
CA SER B 3 25.80 -0.90 19.02
C SER B 3 26.11 -0.64 17.53
N LYS B 4 25.46 0.32 16.92
CA LYS B 4 25.73 0.63 15.48
C LYS B 4 25.67 -0.65 14.63
N GLU B 5 24.93 -1.62 15.07
CA GLU B 5 24.82 -2.89 14.29
C GLU B 5 23.50 -3.60 14.61
N GLU B 6 23.16 -3.70 15.86
CA GLU B 6 21.89 -4.39 16.24
C GLU B 6 20.71 -3.47 15.90
N LEU B 7 20.91 -2.18 15.98
CA LEU B 7 19.82 -1.23 15.65
C LEU B 7 19.70 -1.08 14.13
N ILE B 8 20.79 -1.24 13.42
CA ILE B 8 20.76 -1.14 11.94
C ILE B 8 20.13 -2.41 11.37
N GLN B 9 20.38 -3.53 12.02
CA GLN B 9 19.79 -4.82 11.54
C GLN B 9 18.27 -4.74 11.69
N ASN B 10 17.80 -4.04 12.69
CA ASN B 10 16.34 -3.90 12.90
C ASN B 10 15.78 -2.91 11.87
N MET B 11 16.56 -1.92 11.51
CA MET B 11 16.09 -0.91 10.51
C MET B 11 16.02 -1.57 9.13
N ASP B 12 16.93 -2.46 8.84
CA ASP B 12 16.92 -3.15 7.52
C ASP B 12 15.76 -4.16 7.47
N ARG B 13 15.42 -4.72 8.59
CA ARG B 13 14.30 -5.70 8.63
C ARG B 13 12.96 -4.99 8.43
N VAL B 14 12.87 -3.75 8.84
CA VAL B 14 11.60 -2.99 8.67
C VAL B 14 11.37 -2.69 7.19
N ASP B 15 12.43 -2.55 6.43
CA ASP B 15 12.30 -2.26 4.97
C ASP B 15 11.71 -3.47 4.26
N ARG B 16 11.99 -4.65 4.75
CA ARG B 16 11.45 -5.89 4.11
C ARG B 16 9.96 -6.03 4.42
N GLU B 17 9.53 -5.52 5.55
CA GLU B 17 8.09 -5.62 5.91
C GLU B 17 7.28 -4.62 5.08
N ILE B 18 7.82 -3.46 4.84
CA ILE B 18 7.09 -2.44 4.03
C ILE B 18 7.06 -2.87 2.56
N THR B 19 8.05 -3.60 2.13
CA THR B 19 8.09 -4.07 0.71
C THR B 19 7.04 -5.16 0.51
N MET B 20 6.78 -5.95 1.51
CA MET B 20 5.76 -7.03 1.39
C MET B 20 4.35 -6.42 1.33
N VAL B 21 4.10 -5.45 2.17
CA VAL B 21 2.75 -4.80 2.17
C VAL B 21 2.59 -3.97 0.90
N GLU B 22 3.66 -3.43 0.40
CA GLU B 22 3.58 -2.60 -0.85
C GLU B 22 3.33 -3.52 -2.06
N GLN B 23 3.81 -4.74 -1.99
CA GLN B 23 3.60 -5.69 -3.13
C GLN B 23 2.12 -6.06 -3.22
N GLN B 24 1.43 -6.08 -2.11
CA GLN B 24 -0.02 -6.43 -2.13
C GLN B 24 -0.83 -5.25 -2.66
N ILE B 25 -0.41 -4.05 -2.36
CA ILE B 25 -1.15 -2.85 -2.85
C ILE B 25 -0.89 -2.68 -4.35
N SER B 26 0.27 -3.06 -4.80
CA SER B 26 0.60 -2.93 -6.24
C SER B 26 -0.23 -3.93 -7.05
N LYS B 27 -0.45 -5.10 -6.49
CA LYS B 27 -1.28 -6.12 -7.20
C LYS B 27 -2.75 -5.72 -7.14
N LEU B 28 -3.17 -5.17 -6.03
CA LEU B 28 -4.59 -4.74 -5.88
C LEU B 28 -4.84 -3.50 -6.75
N LYS B 29 -3.82 -2.68 -6.92
CA LYS B 29 -3.98 -1.45 -7.76
C LYS B 29 -4.16 -1.85 -9.23
N LYS B 30 -3.47 -2.88 -9.66
CA LYS B 30 -3.60 -3.33 -11.09
C LYS B 30 -5.04 -3.78 -11.35
N LYS B 31 -5.69 -4.29 -10.34
CA LYS B 31 -7.11 -4.75 -10.52
C LYS B 31 -7.99 -3.55 -10.89
N GLN B 32 -7.74 -2.43 -10.28
CA GLN B 32 -8.55 -1.21 -10.59
C GLN B 32 -8.36 -0.82 -12.06
N GLN B 33 -7.20 -1.13 -12.61
CA GLN B 33 -6.94 -0.79 -14.05
C GLN B 33 -7.93 -1.52 -14.95
N GLN B 34 -8.25 -2.74 -14.60
CA GLN B 34 -9.23 -3.52 -15.43
C GLN B 34 -10.62 -2.90 -15.31
N LEU B 35 -10.98 -2.46 -14.12
CA LEU B 35 -12.32 -1.83 -13.93
C LEU B 35 -12.32 -0.43 -14.55
N GLU B 36 -11.19 0.23 -14.54
CA GLU B 36 -11.11 1.60 -15.12
C GLU B 36 -11.06 1.52 -16.65
N GLU B 37 -10.52 0.45 -17.17
CA GLU B 37 -10.45 0.28 -18.66
C GLU B 37 -11.83 -0.10 -19.20
N GLU B 38 -12.62 -0.79 -18.41
CA GLU B 38 -13.99 -1.19 -18.88
C GLU B 38 -14.94 0.01 -18.85
N ALA B 39 -14.68 0.96 -17.98
CA ALA B 39 -15.56 2.16 -17.91
C ALA B 39 -15.25 3.13 -19.05
N ALA B 40 -14.05 3.08 -19.57
CA ALA B 40 -13.67 4.00 -20.68
C ALA B 40 -13.98 3.33 -22.03
N LYS B 41 -13.96 2.02 -22.08
CA LYS B 41 -14.26 1.31 -23.35
C LYS B 41 -15.77 1.28 -23.61
N PRO B 42 -16.15 1.07 -24.85
CA PRO B 42 -17.60 1.03 -25.19
C PRO B 42 -18.22 -0.28 -24.69
N LYS A 1 -30.52 3.95 -17.76
CA LYS A 1 -29.37 4.84 -17.42
C LYS A 1 -28.08 4.02 -17.31
N LYS A 2 -27.35 3.91 -18.38
CA LYS A 2 -26.07 3.13 -18.34
C LYS A 2 -24.88 4.07 -18.17
N GLU A 3 -23.68 3.54 -18.23
CA GLU A 3 -22.45 4.39 -18.08
C GLU A 3 -22.53 5.23 -16.80
N MET A 4 -23.25 4.75 -15.81
CA MET A 4 -23.36 5.51 -14.53
C MET A 4 -23.41 4.53 -13.35
N GLU A 5 -24.21 3.51 -13.46
CA GLU A 5 -24.31 2.51 -12.34
C GLU A 5 -22.99 1.75 -12.20
N GLU A 6 -22.27 1.59 -13.27
CA GLU A 6 -20.96 0.87 -13.21
C GLU A 6 -19.91 1.75 -12.53
N ARG A 7 -20.06 3.05 -12.65
CA ARG A 7 -19.07 3.97 -12.01
C ARG A 7 -19.25 3.96 -10.49
N MET A 8 -20.45 3.71 -10.02
CA MET A 8 -20.69 3.68 -8.55
C MET A 8 -20.01 2.46 -7.93
N SER A 9 -19.99 1.36 -8.64
CA SER A 9 -19.33 0.13 -8.11
C SER A 9 -17.84 0.37 -7.92
N LEU A 10 -17.27 1.21 -8.73
CA LEU A 10 -15.80 1.51 -8.59
C LEU A 10 -15.52 2.16 -7.23
N GLU A 11 -16.47 2.87 -6.69
CA GLU A 11 -16.28 3.53 -5.37
C GLU A 11 -16.02 2.47 -4.30
N GLU A 12 -16.62 1.32 -4.43
CA GLU A 12 -16.41 0.24 -3.42
C GLU A 12 -14.97 -0.28 -3.50
N THR A 13 -14.52 -0.58 -4.69
CA THR A 13 -13.13 -1.09 -4.86
C THR A 13 -12.13 0.00 -4.42
N LYS A 14 -12.48 1.24 -4.64
CA LYS A 14 -11.57 2.35 -4.23
C LYS A 14 -11.42 2.37 -2.71
N GLU A 15 -12.43 1.93 -2.00
CA GLU A 15 -12.35 1.92 -0.51
C GLU A 15 -11.24 0.99 -0.05
N GLN A 16 -11.05 -0.11 -0.73
CA GLN A 16 -9.96 -1.06 -0.34
C GLN A 16 -8.61 -0.48 -0.76
N ILE A 17 -8.56 0.18 -1.87
CA ILE A 17 -7.28 0.78 -2.33
C ILE A 17 -6.92 1.99 -1.47
N LEU A 18 -7.92 2.64 -0.92
CA LEU A 18 -7.66 3.83 -0.05
C LEU A 18 -7.09 3.37 1.30
N LYS A 19 -7.63 2.30 1.83
CA LYS A 19 -7.12 1.79 3.14
C LYS A 19 -5.72 1.22 2.97
N LEU A 20 -5.43 0.68 1.82
CA LEU A 20 -4.08 0.10 1.56
C LEU A 20 -3.06 1.24 1.47
N GLU A 21 -3.45 2.36 0.90
CA GLU A 21 -2.51 3.51 0.76
C GLU A 21 -2.14 4.03 2.16
N GLU A 22 -3.07 3.96 3.09
CA GLU A 22 -2.77 4.44 4.47
C GLU A 22 -1.87 3.43 5.18
N LYS A 23 -2.01 2.18 4.85
CA LYS A 23 -1.16 1.13 5.48
C LYS A 23 0.29 1.29 5.02
N LEU A 24 0.49 1.77 3.82
CA LEU A 24 1.88 1.96 3.31
C LEU A 24 2.53 3.16 4.01
N LEU A 25 1.75 4.15 4.33
CA LEU A 25 2.32 5.36 5.03
C LEU A 25 2.61 5.00 6.48
N ALA A 26 1.78 4.19 7.09
CA ALA A 26 2.00 3.80 8.50
C ALA A 26 3.23 2.88 8.60
N LEU A 27 3.48 2.13 7.57
CA LEU A 27 4.67 1.22 7.58
C LEU A 27 5.95 2.03 7.43
N GLN A 28 5.96 2.98 6.52
CA GLN A 28 7.17 3.83 6.33
C GLN A 28 7.37 4.73 7.55
N GLU A 29 6.30 5.10 8.20
CA GLU A 29 6.41 5.96 9.41
C GLU A 29 7.06 5.18 10.55
N GLU A 30 6.86 3.88 10.56
CA GLU A 30 7.47 3.04 11.65
C GLU A 30 8.99 3.03 11.50
N LYS A 31 9.49 2.83 10.30
CA LYS A 31 10.96 2.82 10.09
C LYS A 31 11.55 4.18 10.45
N HIS A 32 10.77 5.23 10.27
CA HIS A 32 11.26 6.60 10.60
C HIS A 32 11.53 6.71 12.10
N GLN A 33 10.81 5.96 12.90
CA GLN A 33 11.02 6.01 14.37
C GLN A 33 12.38 5.40 14.73
N LEU A 34 12.74 4.34 14.06
CA LEU A 34 14.06 3.69 14.34
C LEU A 34 15.20 4.66 14.04
N PHE A 35 15.01 5.54 13.08
CA PHE A 35 16.07 6.53 12.75
C PHE A 35 16.36 7.42 13.96
N LEU A 36 15.33 7.82 14.66
CA LEU A 36 15.53 8.68 15.86
C LEU A 36 16.13 7.84 16.99
N GLN A 37 15.81 6.58 17.03
CA GLN A 37 16.35 5.69 18.09
C GLN A 37 17.72 5.12 17.67
N LEU A 38 18.06 5.23 16.41
CA LEU A 38 19.39 4.69 15.94
C LEU A 38 20.53 5.27 16.78
N GLY B 1 20.97 5.20 20.84
CA GLY B 1 21.01 3.86 20.22
C GLY B 1 21.31 2.80 21.29
N LEU B 2 21.88 1.68 20.91
CA LEU B 2 22.18 0.61 21.90
C LEU B 2 23.55 -0.02 21.60
N SER B 3 23.81 -0.34 20.36
CA SER B 3 25.13 -0.97 20.00
C SER B 3 25.48 -0.75 18.52
N LYS B 4 24.79 0.12 17.82
CA LYS B 4 25.09 0.37 16.37
C LYS B 4 25.21 -0.95 15.60
N GLU B 5 24.54 -1.97 16.06
CA GLU B 5 24.59 -3.29 15.37
C GLU B 5 23.31 -4.07 15.64
N GLU B 6 22.90 -4.14 16.88
CA GLU B 6 21.64 -4.86 17.21
C GLU B 6 20.44 -4.02 16.76
N LEU B 7 20.57 -2.73 16.85
CA LEU B 7 19.46 -1.82 16.41
C LEU B 7 19.42 -1.78 14.89
N ILE B 8 20.55 -1.99 14.25
CA ILE B 8 20.59 -1.97 12.75
C ILE B 8 19.83 -3.20 12.22
N GLN B 9 19.85 -4.27 12.94
CA GLN B 9 19.14 -5.51 12.49
C GLN B 9 17.62 -5.27 12.54
N ASN B 10 17.18 -4.44 13.45
CA ASN B 10 15.72 -4.15 13.56
C ASN B 10 15.28 -3.23 12.41
N MET B 11 16.17 -2.41 11.93
CA MET B 11 15.82 -1.48 10.82
C MET B 11 15.76 -2.24 9.49
N ASP B 12 16.47 -3.35 9.40
CA ASP B 12 16.45 -4.15 8.14
C ASP B 12 15.21 -5.04 8.11
N ARG B 13 14.71 -5.41 9.27
CA ARG B 13 13.51 -6.29 9.32
C ARG B 13 12.25 -5.46 9.08
N VAL B 14 12.21 -4.25 9.60
CA VAL B 14 11.01 -3.39 9.39
C VAL B 14 11.00 -2.86 7.94
N ASP B 15 12.15 -2.77 7.32
CA ASP B 15 12.20 -2.27 5.91
C ASP B 15 11.69 -3.37 4.97
N ARG B 16 11.86 -4.61 5.33
CA ARG B 16 11.38 -5.73 4.46
C ARG B 16 9.85 -5.81 4.54
N GLU B 17 9.29 -5.43 5.67
CA GLU B 17 7.80 -5.48 5.81
C GLU B 17 7.16 -4.42 4.91
N ILE B 18 7.84 -3.33 4.69
CA ILE B 18 7.27 -2.26 3.82
C ILE B 18 7.26 -2.73 2.36
N THR B 19 8.20 -3.55 2.00
CA THR B 19 8.25 -4.07 0.59
C THR B 19 7.11 -5.06 0.37
N MET B 20 6.80 -5.87 1.36
CA MET B 20 5.70 -6.85 1.21
C MET B 20 4.36 -6.12 1.12
N VAL B 21 4.19 -5.08 1.90
CA VAL B 21 2.92 -4.31 1.85
C VAL B 21 2.84 -3.50 0.55
N GLU B 22 3.97 -3.09 0.04
CA GLU B 22 3.99 -2.31 -1.23
C GLU B 22 3.67 -3.23 -2.41
N GLN B 23 4.01 -4.50 -2.30
CA GLN B 23 3.73 -5.45 -3.41
C GLN B 23 2.22 -5.74 -3.49
N GLN B 24 1.56 -5.74 -2.36
CA GLN B 24 0.09 -6.01 -2.36
C GLN B 24 -0.66 -4.80 -2.92
N ILE B 25 -0.22 -3.61 -2.59
CA ILE B 25 -0.91 -2.39 -3.11
C ILE B 25 -0.61 -2.24 -4.60
N SER B 26 0.55 -2.67 -5.03
CA SER B 26 0.89 -2.57 -6.47
C SER B 26 0.00 -3.51 -7.28
N LYS B 27 -0.32 -4.65 -6.71
CA LYS B 27 -1.21 -5.61 -7.42
C LYS B 27 -2.66 -5.14 -7.32
N LEU B 28 -3.00 -4.50 -6.23
CA LEU B 28 -4.39 -3.99 -6.05
C LEU B 28 -4.58 -2.75 -6.92
N LYS B 29 -3.52 -1.98 -7.10
CA LYS B 29 -3.62 -0.76 -7.96
C LYS B 29 -3.81 -1.16 -9.42
N LYS B 30 -3.12 -2.17 -9.86
CA LYS B 30 -3.27 -2.64 -11.27
C LYS B 30 -4.68 -3.20 -11.47
N LYS B 31 -5.25 -3.77 -10.43
CA LYS B 31 -6.62 -4.33 -10.53
C LYS B 31 -7.61 -3.20 -10.82
N GLN B 32 -7.38 -2.05 -10.25
CA GLN B 32 -8.29 -0.89 -10.48
C GLN B 32 -8.26 -0.50 -11.97
N GLN B 33 -7.14 -0.72 -12.61
CA GLN B 33 -7.04 -0.37 -14.06
C GLN B 33 -8.05 -1.18 -14.87
N GLN B 34 -8.18 -2.44 -14.56
CA GLN B 34 -9.16 -3.30 -15.29
C GLN B 34 -10.58 -2.78 -15.07
N LEU B 35 -10.90 -2.40 -13.86
CA LEU B 35 -12.27 -1.87 -13.58
C LEU B 35 -12.40 -0.47 -14.16
N GLU B 36 -11.31 0.26 -14.23
CA GLU B 36 -11.35 1.65 -14.79
C GLU B 36 -11.41 1.58 -16.31
N GLU B 37 -10.80 0.57 -16.89
CA GLU B 37 -10.81 0.42 -18.37
C GLU B 37 -12.16 -0.10 -18.85
N GLU B 38 -12.83 -0.87 -18.01
CA GLU B 38 -14.17 -1.42 -18.41
C GLU B 38 -15.24 -0.34 -18.24
N ALA B 39 -15.03 0.57 -17.33
CA ALA B 39 -16.03 1.66 -17.10
C ALA B 39 -15.88 2.74 -18.17
N ALA B 40 -14.71 2.88 -18.74
CA ALA B 40 -14.49 3.92 -19.80
C ALA B 40 -14.92 3.38 -21.16
N LYS B 41 -14.91 2.08 -21.34
CA LYS B 41 -15.32 1.48 -22.65
C LYS B 41 -16.75 1.91 -23.00
N PRO B 42 -16.89 2.75 -24.02
CA PRO B 42 -18.24 3.22 -24.43
C PRO B 42 -19.01 2.09 -25.11
N LYS A 1 -32.18 -2.45 -15.27
CA LYS A 1 -31.11 -2.17 -16.27
C LYS A 1 -29.80 -2.82 -15.84
N LYS A 2 -29.15 -3.52 -16.75
CA LYS A 2 -27.87 -4.20 -16.40
C LYS A 2 -26.69 -3.26 -16.67
N GLU A 3 -25.48 -3.77 -16.61
CA GLU A 3 -24.28 -2.91 -16.86
C GLU A 3 -24.29 -1.67 -15.96
N MET A 4 -24.92 -1.77 -14.82
CA MET A 4 -24.97 -0.60 -13.89
C MET A 4 -24.50 -1.00 -12.50
N GLU A 5 -24.91 -2.14 -12.03
CA GLU A 5 -24.48 -2.62 -10.68
C GLU A 5 -22.96 -2.83 -10.65
N GLU A 6 -22.37 -3.12 -11.77
CA GLU A 6 -20.89 -3.35 -11.81
C GLU A 6 -20.16 -2.01 -11.62
N ARG A 7 -20.77 -0.93 -12.03
CA ARG A 7 -20.11 0.40 -11.88
C ARG A 7 -20.05 0.80 -10.40
N MET A 8 -21.03 0.39 -9.63
CA MET A 8 -21.04 0.73 -8.18
C MET A 8 -19.88 0.03 -7.46
N SER A 9 -19.49 -1.11 -7.96
CA SER A 9 -18.35 -1.85 -7.32
C SER A 9 -17.05 -1.05 -7.47
N LEU A 10 -16.95 -0.27 -8.51
CA LEU A 10 -15.71 0.56 -8.71
C LEU A 10 -15.58 1.59 -7.59
N GLU A 11 -16.68 2.02 -7.03
CA GLU A 11 -16.61 3.02 -5.92
C GLU A 11 -16.13 2.36 -4.63
N GLU A 12 -16.56 1.13 -4.40
CA GLU A 12 -16.14 0.43 -3.16
C GLU A 12 -14.68 -0.03 -3.28
N THR A 13 -14.24 -0.31 -4.48
CA THR A 13 -12.83 -0.75 -4.69
C THR A 13 -11.89 0.47 -4.56
N LYS A 14 -12.38 1.64 -4.89
CA LYS A 14 -11.53 2.86 -4.78
C LYS A 14 -11.32 3.24 -3.31
N GLU A 15 -12.25 2.87 -2.46
CA GLU A 15 -12.10 3.22 -1.01
C GLU A 15 -11.04 2.33 -0.36
N GLN A 16 -10.90 1.12 -0.83
CA GLN A 16 -9.87 0.20 -0.24
C GLN A 16 -8.49 0.60 -0.72
N ILE A 17 -8.38 1.09 -1.93
CA ILE A 17 -7.05 1.52 -2.47
C ILE A 17 -6.62 2.84 -1.82
N LEU A 18 -7.56 3.63 -1.38
CA LEU A 18 -7.21 4.92 -0.73
C LEU A 18 -6.70 4.65 0.69
N LYS A 19 -7.29 3.69 1.36
CA LYS A 19 -6.84 3.35 2.74
C LYS A 19 -5.38 2.87 2.70
N LEU A 20 -4.98 2.26 1.62
CA LEU A 20 -3.58 1.77 1.49
C LEU A 20 -2.60 2.94 1.61
N GLU A 21 -3.02 4.12 1.19
CA GLU A 21 -2.12 5.30 1.28
C GLU A 21 -1.77 5.58 2.75
N GLU A 22 -2.72 5.41 3.63
CA GLU A 22 -2.45 5.64 5.07
C GLU A 22 -1.67 4.46 5.64
N LYS A 23 -1.91 3.29 5.12
CA LYS A 23 -1.18 2.07 5.60
C LYS A 23 0.25 2.08 5.07
N LEU A 24 0.45 2.62 3.90
CA LEU A 24 1.83 2.67 3.32
C LEU A 24 2.64 3.75 4.02
N LEU A 25 1.99 4.83 4.42
CA LEU A 25 2.72 5.93 5.12
C LEU A 25 3.01 5.50 6.55
N ALA A 26 2.12 4.76 7.15
CA ALA A 26 2.33 4.29 8.55
C ALA A 26 3.48 3.28 8.58
N LEU A 27 3.66 2.55 7.50
CA LEU A 27 4.77 1.54 7.47
C LEU A 27 6.12 2.25 7.44
N GLN A 28 6.24 3.29 6.65
CA GLN A 28 7.54 4.04 6.59
C GLN A 28 7.79 4.73 7.93
N GLU A 29 6.75 5.13 8.61
CA GLU A 29 6.91 5.80 9.93
C GLU A 29 7.45 4.81 10.96
N GLU A 30 7.16 3.54 10.78
CA GLU A 30 7.66 2.52 11.75
C GLU A 30 9.19 2.42 11.66
N LYS A 31 9.72 2.41 10.46
CA LYS A 31 11.20 2.32 10.31
C LYS A 31 11.87 3.54 10.94
N HIS A 32 11.19 4.66 10.95
CA HIS A 32 11.78 5.89 11.57
C HIS A 32 11.97 5.68 13.07
N GLN A 33 11.04 5.01 13.70
CA GLN A 33 11.17 4.75 15.17
C GLN A 33 12.37 3.86 15.44
N LEU A 34 12.72 3.02 14.49
CA LEU A 34 13.89 2.11 14.68
C LEU A 34 15.18 2.94 14.77
N PHE A 35 15.22 4.06 14.08
CA PHE A 35 16.45 4.91 14.13
C PHE A 35 16.63 5.49 15.53
N LEU A 36 15.58 5.99 16.11
CA LEU A 36 15.69 6.58 17.49
C LEU A 36 16.11 5.50 18.48
N GLN A 37 15.70 4.28 18.24
CA GLN A 37 16.07 3.16 19.16
C GLN A 37 17.42 2.57 18.75
N LEU A 38 17.82 2.75 17.51
CA LEU A 38 19.13 2.19 17.05
C LEU A 38 20.28 2.69 17.94
N GLY B 1 19.51 1.93 22.72
CA GLY B 1 19.62 0.65 21.96
C GLY B 1 19.63 -0.52 22.96
N LEU B 2 20.18 -1.64 22.56
CA LEU B 2 20.22 -2.83 23.47
C LEU B 2 21.57 -3.55 23.33
N SER B 3 22.04 -3.76 22.14
CA SER B 3 23.35 -4.47 21.96
C SER B 3 24.02 -4.07 20.64
N LYS B 4 23.59 -3.00 20.02
CA LYS B 4 24.21 -2.55 18.72
C LYS B 4 24.30 -3.72 17.72
N GLU B 5 23.44 -4.69 17.86
CA GLU B 5 23.48 -5.86 16.93
C GLU B 5 22.08 -6.47 16.81
N GLU B 6 21.41 -6.67 17.92
CA GLU B 6 20.05 -7.26 17.87
C GLU B 6 19.07 -6.20 17.37
N LEU B 7 19.29 -4.96 17.73
CA LEU B 7 18.40 -3.86 17.27
C LEU B 7 18.71 -3.55 15.79
N ILE B 8 19.93 -3.80 15.37
CA ILE B 8 20.29 -3.53 13.95
C ILE B 8 19.57 -4.51 13.05
N GLN B 9 19.33 -5.71 13.53
CA GLN B 9 18.60 -6.72 12.70
C GLN B 9 17.12 -6.36 12.60
N ASN B 10 16.61 -5.69 13.59
CA ASN B 10 15.17 -5.29 13.57
C ASN B 10 14.94 -4.18 12.53
N MET B 11 15.94 -3.38 12.29
CA MET B 11 15.80 -2.27 11.29
C MET B 11 15.71 -2.86 9.88
N ASP B 12 16.36 -3.98 9.66
CA ASP B 12 16.31 -4.63 8.31
C ASP B 12 14.97 -5.33 8.12
N ARG B 13 14.39 -5.82 9.18
CA ARG B 13 13.07 -6.53 9.08
C ARG B 13 11.96 -5.49 8.88
N VAL B 14 12.14 -4.31 9.41
CA VAL B 14 11.11 -3.25 9.24
C VAL B 14 11.10 -2.74 7.80
N ASP B 15 12.24 -2.78 7.15
CA ASP B 15 12.30 -2.31 5.72
C ASP B 15 11.74 -3.38 4.78
N ARG B 16 11.73 -4.62 5.20
CA ARG B 16 11.19 -5.71 4.34
C ARG B 16 9.66 -5.72 4.45
N GLU B 17 9.12 -5.28 5.57
CA GLU B 17 7.64 -5.25 5.74
C GLU B 17 7.04 -4.13 4.89
N ILE B 18 7.79 -3.08 4.66
CA ILE B 18 7.28 -1.95 3.83
C ILE B 18 7.25 -2.36 2.36
N THR B 19 8.14 -3.22 1.96
CA THR B 19 8.18 -3.67 0.53
C THR B 19 7.00 -4.60 0.25
N MET B 20 6.56 -5.33 1.24
CA MET B 20 5.40 -6.25 1.04
C MET B 20 4.11 -5.45 0.94
N VAL B 21 3.96 -4.45 1.76
CA VAL B 21 2.71 -3.61 1.71
C VAL B 21 2.71 -2.77 0.44
N GLU B 22 3.87 -2.40 -0.03
CA GLU B 22 3.96 -1.57 -1.28
C GLU B 22 3.63 -2.43 -2.50
N GLN B 23 3.91 -3.71 -2.42
CA GLN B 23 3.61 -4.62 -3.58
C GLN B 23 2.10 -4.84 -3.70
N GLN B 24 1.39 -4.76 -2.60
CA GLN B 24 -0.08 -4.97 -2.64
C GLN B 24 -0.77 -3.72 -3.22
N ILE B 25 -0.20 -2.57 -3.00
CA ILE B 25 -0.81 -1.31 -3.54
C ILE B 25 -0.54 -1.19 -5.04
N SER B 26 0.58 -1.71 -5.48
CA SER B 26 0.91 -1.65 -6.94
C SER B 26 0.04 -2.65 -7.71
N LYS B 27 -0.32 -3.74 -7.07
CA LYS B 27 -1.18 -4.75 -7.75
C LYS B 27 -2.62 -4.25 -7.78
N LEU B 28 -3.03 -3.56 -6.74
CA LEU B 28 -4.42 -3.02 -6.71
C LEU B 28 -4.56 -1.90 -7.74
N LYS B 29 -3.52 -1.13 -7.94
CA LYS B 29 -3.57 -0.03 -8.93
C LYS B 29 -3.77 -0.62 -10.33
N LYS B 30 -3.04 -1.66 -10.65
CA LYS B 30 -3.19 -2.30 -11.99
C LYS B 30 -4.53 -3.05 -12.03
N LYS B 31 -4.96 -3.55 -10.90
CA LYS B 31 -6.26 -4.28 -10.85
C LYS B 31 -7.41 -3.28 -11.06
N GLN B 32 -7.26 -2.09 -10.55
CA GLN B 32 -8.32 -1.06 -10.73
C GLN B 32 -8.49 -0.72 -12.20
N GLN B 33 -7.42 -0.83 -12.96
CA GLN B 33 -7.50 -0.53 -14.42
C GLN B 33 -8.48 -1.49 -15.10
N GLN B 34 -8.42 -2.74 -14.76
CA GLN B 34 -9.36 -3.73 -15.37
C GLN B 34 -10.80 -3.38 -15.03
N LEU B 35 -11.03 -2.92 -13.82
CA LEU B 35 -12.43 -2.54 -13.41
C LEU B 35 -12.80 -1.20 -14.06
N GLU B 36 -11.83 -0.36 -14.29
CA GLU B 36 -12.12 0.97 -14.92
C GLU B 36 -12.31 0.79 -16.43
N GLU B 37 -11.66 -0.19 -17.01
CA GLU B 37 -11.80 -0.43 -18.48
C GLU B 37 -13.11 -1.17 -18.76
N GLU B 38 -13.56 -1.97 -17.83
CA GLU B 38 -14.85 -2.71 -18.03
C GLU B 38 -16.04 -1.78 -17.79
N ALA B 39 -15.86 -0.78 -16.96
CA ALA B 39 -16.97 0.17 -16.67
C ALA B 39 -17.11 1.19 -17.81
N ALA B 40 -16.05 1.41 -18.55
CA ALA B 40 -16.12 2.39 -19.68
C ALA B 40 -16.67 1.71 -20.94
N LYS B 41 -16.50 0.41 -21.04
CA LYS B 41 -17.01 -0.32 -22.25
C LYS B 41 -18.54 -0.13 -22.37
N PRO B 42 -19.02 -0.17 -23.59
CA PRO B 42 -20.49 0.01 -23.82
C PRO B 42 -21.25 -1.25 -23.39
N LYS A 1 -29.95 5.66 -17.81
CA LYS A 1 -28.75 5.41 -18.67
C LYS A 1 -28.12 4.06 -18.32
N LYS A 2 -27.11 3.66 -19.06
CA LYS A 2 -26.45 2.34 -18.78
C LYS A 2 -25.00 2.57 -18.35
N GLU A 3 -24.21 1.53 -18.34
CA GLU A 3 -22.77 1.67 -17.93
C GLU A 3 -22.65 2.34 -16.55
N MET A 4 -23.67 2.23 -15.74
CA MET A 4 -23.62 2.86 -14.38
C MET A 4 -23.14 1.84 -13.35
N GLU A 5 -23.39 0.57 -13.58
CA GLU A 5 -22.95 -0.47 -12.61
C GLU A 5 -21.42 -0.46 -12.49
N GLU A 6 -20.73 -0.03 -13.52
CA GLU A 6 -19.23 0.01 -13.46
C GLU A 6 -18.78 1.19 -12.59
N ARG A 7 -19.56 2.24 -12.54
CA ARG A 7 -19.17 3.42 -11.72
C ARG A 7 -19.42 3.13 -10.24
N MET A 8 -20.42 2.33 -9.94
CA MET A 8 -20.71 1.99 -8.51
C MET A 8 -19.68 0.98 -7.99
N SER A 9 -19.17 0.15 -8.86
CA SER A 9 -18.16 -0.86 -8.43
C SER A 9 -16.81 -0.18 -8.21
N LEU A 10 -16.55 0.88 -8.94
CA LEU A 10 -15.25 1.60 -8.77
C LEU A 10 -15.25 2.39 -7.46
N GLU A 11 -16.40 2.82 -7.01
CA GLU A 11 -16.47 3.59 -5.74
C GLU A 11 -16.24 2.66 -4.55
N GLU A 12 -16.68 1.44 -4.65
CA GLU A 12 -16.48 0.47 -3.53
C GLU A 12 -15.03 -0.03 -3.55
N THR A 13 -14.46 -0.14 -4.71
CA THR A 13 -13.04 -0.60 -4.81
C THR A 13 -12.10 0.53 -4.37
N LYS A 14 -12.50 1.75 -4.59
CA LYS A 14 -11.64 2.90 -4.18
C LYS A 14 -11.61 3.01 -2.65
N GLU A 15 -12.64 2.56 -1.99
CA GLU A 15 -12.67 2.63 -0.49
C GLU A 15 -11.66 1.66 0.09
N GLN A 16 -11.52 0.50 -0.50
CA GLN A 16 -10.55 -0.50 0.02
C GLN A 16 -9.12 -0.05 -0.30
N ILE A 17 -8.91 0.47 -1.48
CA ILE A 17 -7.56 0.96 -1.87
C ILE A 17 -7.19 2.19 -1.02
N LEU A 18 -8.18 2.92 -0.59
CA LEU A 18 -7.89 4.13 0.25
C LEU A 18 -7.31 3.70 1.60
N LYS A 19 -7.80 2.62 2.15
CA LYS A 19 -7.26 2.14 3.46
C LYS A 19 -5.87 1.54 3.25
N LEU A 20 -5.64 0.97 2.09
CA LEU A 20 -4.31 0.36 1.81
C LEU A 20 -3.27 1.46 1.61
N GLU A 21 -3.67 2.57 1.05
CA GLU A 21 -2.71 3.71 0.84
C GLU A 21 -2.30 4.29 2.19
N GLU A 22 -3.18 4.25 3.16
CA GLU A 22 -2.85 4.80 4.51
C GLU A 22 -1.93 3.82 5.24
N LYS A 23 -2.06 2.54 4.97
CA LYS A 23 -1.19 1.53 5.64
C LYS A 23 0.23 1.62 5.09
N LEU A 24 0.37 2.03 3.86
CA LEU A 24 1.74 2.14 3.26
C LEU A 24 2.49 3.32 3.89
N LEU A 25 1.78 4.37 4.20
CA LEU A 25 2.45 5.56 4.83
C LEU A 25 2.75 5.25 6.30
N ALA A 26 1.91 4.47 6.94
CA ALA A 26 2.15 4.12 8.37
C ALA A 26 3.30 3.11 8.47
N LEU A 27 3.48 2.30 7.45
CA LEU A 27 4.58 1.30 7.48
C LEU A 27 5.93 2.02 7.30
N GLN A 28 5.97 3.01 6.44
CA GLN A 28 7.25 3.76 6.23
C GLN A 28 7.54 4.63 7.44
N GLU A 29 6.50 5.11 8.09
CA GLU A 29 6.70 5.95 9.31
C GLU A 29 7.27 5.10 10.44
N GLU A 30 6.96 3.83 10.45
CA GLU A 30 7.48 2.93 11.52
C GLU A 30 9.01 2.86 11.43
N LYS A 31 9.54 2.74 10.24
CA LYS A 31 11.02 2.68 10.08
C LYS A 31 11.63 4.02 10.50
N HIS A 32 10.92 5.10 10.27
CA HIS A 32 11.44 6.44 10.66
C HIS A 32 11.60 6.52 12.17
N GLN A 33 10.77 5.82 12.91
CA GLN A 33 10.88 5.83 14.39
C GLN A 33 12.12 5.06 14.83
N LEU A 34 12.46 4.02 14.11
CA LEU A 34 13.67 3.22 14.48
C LEU A 34 14.92 4.08 14.29
N PHE A 35 14.88 5.01 13.36
CA PHE A 35 16.07 5.90 13.14
C PHE A 35 16.36 6.71 14.40
N LEU A 36 15.33 7.18 15.05
CA LEU A 36 15.53 7.98 16.31
C LEU A 36 16.20 7.11 17.37
N GLN A 37 15.94 5.83 17.34
CA GLN A 37 16.56 4.91 18.34
C GLN A 37 17.97 4.49 17.89
N LEU A 38 18.28 4.66 16.62
CA LEU A 38 19.64 4.27 16.12
C LEU A 38 20.74 4.94 16.96
N GLY B 1 20.42 4.21 20.68
CA GLY B 1 21.02 2.98 20.09
C GLY B 1 21.30 1.96 21.19
N LEU B 2 21.90 0.85 20.84
CA LEU B 2 22.20 -0.20 21.87
C LEU B 2 23.59 -0.80 21.62
N SER B 3 23.92 -1.10 20.39
CA SER B 3 25.26 -1.70 20.08
C SER B 3 25.70 -1.38 18.65
N LYS B 4 25.06 -0.42 18.00
CA LYS B 4 25.43 -0.08 16.58
C LYS B 4 25.52 -1.33 15.71
N GLU B 5 24.79 -2.35 16.07
CA GLU B 5 24.83 -3.61 15.27
C GLU B 5 23.49 -4.36 15.40
N GLU B 6 23.00 -4.49 16.61
CA GLU B 6 21.70 -5.19 16.80
C GLU B 6 20.57 -4.29 16.32
N LEU B 7 20.69 -3.02 16.54
CA LEU B 7 19.63 -2.07 16.07
C LEU B 7 19.73 -1.91 14.55
N ILE B 8 20.91 -2.07 14.00
CA ILE B 8 21.08 -1.96 12.52
C ILE B 8 20.33 -3.09 11.84
N GLN B 9 20.31 -4.25 12.46
CA GLN B 9 19.59 -5.41 11.85
C GLN B 9 18.08 -5.19 11.98
N ASN B 10 17.66 -4.47 12.98
CA ASN B 10 16.19 -4.20 13.15
C ASN B 10 15.70 -3.24 12.07
N MET B 11 16.49 -2.24 11.75
CA MET B 11 16.08 -1.26 10.70
C MET B 11 15.93 -1.98 9.36
N ASP B 12 16.72 -3.01 9.15
CA ASP B 12 16.63 -3.77 7.86
C ASP B 12 15.38 -4.65 7.86
N ARG B 13 14.94 -5.08 9.02
CA ARG B 13 13.72 -5.93 9.09
C ARG B 13 12.47 -5.10 8.84
N VAL B 14 12.49 -3.84 9.21
CA VAL B 14 11.30 -2.97 8.98
C VAL B 14 11.17 -2.65 7.49
N ASP B 15 12.28 -2.61 6.78
CA ASP B 15 12.23 -2.31 5.32
C ASP B 15 11.65 -3.51 4.56
N ARG B 16 11.87 -4.69 5.07
CA ARG B 16 11.33 -5.92 4.39
C ARG B 16 9.82 -6.02 4.62
N GLU B 17 9.35 -5.50 5.72
CA GLU B 17 7.88 -5.57 6.02
C GLU B 17 7.13 -4.57 5.14
N ILE B 18 7.75 -3.46 4.82
CA ILE B 18 7.08 -2.44 3.96
C ILE B 18 6.99 -2.95 2.53
N THR B 19 7.93 -3.78 2.13
CA THR B 19 7.90 -4.33 0.74
C THR B 19 6.72 -5.30 0.58
N MET B 20 6.40 -6.02 1.63
CA MET B 20 5.26 -6.98 1.56
C MET B 20 3.94 -6.22 1.43
N VAL B 21 3.76 -5.19 2.23
CA VAL B 21 2.50 -4.39 2.15
C VAL B 21 2.46 -3.61 0.83
N GLU B 22 3.61 -3.25 0.32
CA GLU B 22 3.66 -2.49 -0.97
C GLU B 22 3.35 -3.43 -2.14
N GLN B 23 3.67 -4.70 -1.99
CA GLN B 23 3.39 -5.67 -3.09
C GLN B 23 1.88 -5.94 -3.18
N GLN B 24 1.19 -5.86 -2.06
CA GLN B 24 -0.27 -6.10 -2.07
C GLN B 24 -0.99 -4.89 -2.69
N ILE B 25 -0.54 -3.71 -2.37
CA ILE B 25 -1.18 -2.49 -2.94
C ILE B 25 -0.86 -2.38 -4.44
N SER B 26 0.28 -2.89 -4.84
CA SER B 26 0.66 -2.84 -6.28
C SER B 26 -0.24 -3.78 -7.08
N LYS B 27 -0.62 -4.90 -6.50
CA LYS B 27 -1.50 -5.85 -7.21
C LYS B 27 -2.94 -5.32 -7.23
N LEU B 28 -3.35 -4.67 -6.18
CA LEU B 28 -4.74 -4.11 -6.14
C LEU B 28 -4.81 -2.83 -6.97
N LYS B 29 -3.70 -2.20 -7.25
CA LYS B 29 -3.71 -0.96 -8.07
C LYS B 29 -3.71 -1.33 -9.55
N LYS B 30 -3.13 -2.47 -9.88
CA LYS B 30 -3.09 -2.90 -11.31
C LYS B 30 -4.45 -3.48 -11.71
N LYS B 31 -5.10 -4.18 -10.80
CA LYS B 31 -6.44 -4.76 -11.12
C LYS B 31 -7.47 -3.64 -11.21
N GLN B 32 -7.26 -2.56 -10.49
CA GLN B 32 -8.23 -1.42 -10.55
C GLN B 32 -8.16 -0.76 -11.91
N GLN B 33 -7.02 -0.82 -12.56
CA GLN B 33 -6.88 -0.19 -13.91
C GLN B 33 -7.83 -0.88 -14.89
N GLN B 34 -7.86 -2.19 -14.88
CA GLN B 34 -8.77 -2.94 -15.79
C GLN B 34 -10.22 -2.57 -15.50
N LEU B 35 -10.54 -2.36 -14.24
CA LEU B 35 -11.93 -1.99 -13.87
C LEU B 35 -12.18 -0.52 -14.18
N GLU B 36 -11.16 0.29 -14.07
CA GLU B 36 -11.31 1.74 -14.38
C GLU B 36 -11.28 1.95 -15.89
N GLU B 37 -10.55 1.13 -16.60
CA GLU B 37 -10.48 1.27 -18.08
C GLU B 37 -11.74 0.68 -18.72
N GLU B 38 -12.34 -0.28 -18.08
CA GLU B 38 -13.59 -0.89 -18.63
C GLU B 38 -14.77 0.05 -18.40
N ALA B 39 -14.72 0.84 -17.36
CA ALA B 39 -15.82 1.79 -17.07
C ALA B 39 -15.81 2.95 -18.06
N ALA B 40 -14.66 3.25 -18.63
CA ALA B 40 -14.58 4.38 -19.60
C ALA B 40 -14.86 3.87 -21.02
N LYS B 41 -14.57 2.61 -21.28
CA LYS B 41 -14.82 2.04 -22.63
C LYS B 41 -16.26 1.50 -22.72
N PRO B 42 -16.81 1.53 -23.91
CA PRO B 42 -18.21 1.04 -24.11
C PRO B 42 -18.24 -0.49 -24.02
N LYS A 1 -25.57 -7.08 -16.95
CA LYS A 1 -24.25 -6.44 -17.23
C LYS A 1 -24.46 -5.07 -17.88
N LYS A 2 -24.72 -4.06 -17.09
CA LYS A 2 -24.94 -2.70 -17.66
C LYS A 2 -23.64 -1.89 -17.60
N GLU A 3 -23.69 -0.63 -17.96
CA GLU A 3 -22.46 0.22 -17.94
C GLU A 3 -22.47 1.12 -16.70
N MET A 4 -23.63 1.46 -16.22
CA MET A 4 -23.72 2.35 -15.01
C MET A 4 -23.48 1.53 -13.74
N GLU A 5 -23.82 0.26 -13.77
CA GLU A 5 -23.62 -0.60 -12.57
C GLU A 5 -22.12 -0.83 -12.33
N GLU A 6 -21.33 -0.80 -13.37
CA GLU A 6 -19.86 -1.01 -13.20
C GLU A 6 -19.23 0.21 -12.52
N ARG A 7 -19.81 1.37 -12.69
CA ARG A 7 -19.24 2.59 -12.04
C ARG A 7 -19.45 2.54 -10.53
N MET A 8 -20.52 1.91 -10.09
CA MET A 8 -20.80 1.81 -8.63
C MET A 8 -19.83 0.82 -7.99
N SER A 9 -19.40 -0.17 -8.72
CA SER A 9 -18.45 -1.18 -8.16
C SER A 9 -17.07 -0.54 -7.97
N LEU A 10 -16.74 0.43 -8.77
CA LEU A 10 -15.42 1.11 -8.65
C LEU A 10 -15.36 1.91 -7.35
N GLU A 11 -16.49 2.39 -6.89
CA GLU A 11 -16.50 3.19 -5.61
C GLU A 11 -16.15 2.28 -4.43
N GLU A 12 -16.65 1.07 -4.43
CA GLU A 12 -16.35 0.14 -3.31
C GLU A 12 -14.91 -0.35 -3.41
N THR A 13 -14.40 -0.45 -4.62
CA THR A 13 -12.99 -0.91 -4.81
C THR A 13 -12.03 0.20 -4.41
N LYS A 14 -12.44 1.43 -4.57
CA LYS A 14 -11.55 2.58 -4.20
C LYS A 14 -11.42 2.67 -2.66
N GLU A 15 -12.43 2.23 -1.95
CA GLU A 15 -12.37 2.28 -0.46
C GLU A 15 -11.35 1.27 0.06
N GLN A 16 -11.21 0.16 -0.61
CA GLN A 16 -10.22 -0.86 -0.15
C GLN A 16 -8.81 -0.43 -0.52
N ILE A 17 -8.67 0.23 -1.64
CA ILE A 17 -7.32 0.70 -2.08
C ILE A 17 -6.90 1.92 -1.24
N LEU A 18 -7.86 2.67 -0.75
CA LEU A 18 -7.52 3.86 0.09
C LEU A 18 -7.05 3.41 1.48
N LYS A 19 -7.55 2.29 1.93
CA LYS A 19 -7.14 1.78 3.28
C LYS A 19 -5.72 1.21 3.22
N LEU A 20 -5.40 0.52 2.15
CA LEU A 20 -4.04 -0.06 2.01
C LEU A 20 -3.01 1.05 1.77
N GLU A 21 -3.44 2.16 1.20
CA GLU A 21 -2.49 3.29 0.96
C GLU A 21 -2.15 3.95 2.29
N GLU A 22 -3.08 3.99 3.21
CA GLU A 22 -2.81 4.61 4.54
C GLU A 22 -1.91 3.70 5.36
N LYS A 23 -2.02 2.41 5.16
CA LYS A 23 -1.18 1.45 5.91
C LYS A 23 0.27 1.52 5.43
N LEU A 24 0.46 1.70 4.14
CA LEU A 24 1.85 1.79 3.60
C LEU A 24 2.53 3.07 4.11
N LEU A 25 1.75 4.10 4.33
CA LEU A 25 2.35 5.38 4.83
C LEU A 25 2.66 5.26 6.32
N ALA A 26 1.85 4.53 7.04
CA ALA A 26 2.11 4.35 8.50
C ALA A 26 3.28 3.39 8.72
N LEU A 27 3.49 2.49 7.80
CA LEU A 27 4.63 1.53 7.94
C LEU A 27 5.95 2.23 7.62
N GLN A 28 5.94 3.13 6.67
CA GLN A 28 7.20 3.85 6.30
C GLN A 28 7.55 4.86 7.40
N GLU A 29 6.55 5.36 8.09
CA GLU A 29 6.81 6.35 9.18
C GLU A 29 7.43 5.65 10.38
N GLU A 30 7.13 4.38 10.56
CA GLU A 30 7.70 3.62 11.71
C GLU A 30 9.19 3.37 11.49
N LYS A 31 9.58 3.04 10.29
CA LYS A 31 11.03 2.79 9.99
C LYS A 31 11.82 4.10 10.18
N HIS A 32 11.19 5.21 9.94
CA HIS A 32 11.89 6.52 10.10
C HIS A 32 12.27 6.73 11.57
N GLN A 33 11.46 6.25 12.47
CA GLN A 33 11.76 6.40 13.92
C GLN A 33 12.98 5.54 14.30
N LEU A 34 13.17 4.44 13.61
CA LEU A 34 14.33 3.56 13.91
C LEU A 34 15.63 4.27 13.55
N PHE A 35 15.63 5.03 12.48
CA PHE A 35 16.87 5.76 12.06
C PHE A 35 17.29 6.74 13.16
N LEU A 36 16.35 7.30 13.85
CA LEU A 36 16.67 8.26 14.95
C LEU A 36 17.12 7.49 16.20
N GLN A 37 16.63 6.30 16.37
CA GLN A 37 17.01 5.48 17.57
C GLN A 37 18.27 4.65 17.26
N LEU A 38 18.56 4.42 16.00
CA LEU A 38 19.77 3.61 15.63
C LEU A 38 21.03 4.21 16.27
N GLY B 1 20.76 3.61 20.18
CA GLY B 1 19.85 2.44 20.05
C GLY B 1 19.88 1.61 21.33
N LEU B 2 20.39 0.40 21.24
CA LEU B 2 20.46 -0.47 22.45
C LEU B 2 21.74 -1.31 22.45
N SER B 3 22.13 -1.84 21.31
CA SER B 3 23.37 -2.66 21.25
C SER B 3 23.99 -2.62 19.85
N LYS B 4 23.61 -1.66 19.03
CA LYS B 4 24.17 -1.58 17.64
C LYS B 4 24.08 -2.93 16.92
N GLU B 5 23.13 -3.74 17.31
CA GLU B 5 22.97 -5.08 16.67
C GLU B 5 21.51 -5.53 16.74
N GLU B 6 20.91 -5.41 17.88
CA GLU B 6 19.48 -5.82 18.00
C GLU B 6 18.58 -4.78 17.33
N LEU B 7 19.01 -3.53 17.34
CA LEU B 7 18.21 -2.46 16.68
C LEU B 7 18.42 -2.51 15.17
N ILE B 8 19.58 -2.95 14.74
CA ILE B 8 19.86 -3.04 13.28
C ILE B 8 19.08 -4.22 12.71
N GLN B 9 18.91 -5.26 13.49
CA GLN B 9 18.14 -6.44 13.01
C GLN B 9 16.67 -6.06 12.87
N ASN B 10 16.21 -5.16 13.72
CA ASN B 10 14.79 -4.71 13.65
C ASN B 10 14.61 -3.81 12.43
N MET B 11 15.58 -2.97 12.15
CA MET B 11 15.48 -2.07 10.98
C MET B 11 15.45 -2.88 9.69
N ASP B 12 16.10 -4.02 9.69
CA ASP B 12 16.12 -4.89 8.47
C ASP B 12 14.81 -5.66 8.37
N ARG B 13 14.22 -5.98 9.48
CA ARG B 13 12.92 -6.73 9.46
C ARG B 13 11.77 -5.78 9.15
N VAL B 14 11.90 -4.53 9.52
CA VAL B 14 10.84 -3.54 9.23
C VAL B 14 10.89 -3.14 7.76
N ASP B 15 12.05 -3.17 7.17
CA ASP B 15 12.18 -2.79 5.72
C ASP B 15 11.60 -3.90 4.84
N ARG B 16 11.69 -5.12 5.30
CA ARG B 16 11.14 -6.25 4.49
C ARG B 16 9.61 -6.27 4.58
N GLU B 17 9.07 -5.79 5.67
CA GLU B 17 7.58 -5.76 5.82
C GLU B 17 7.00 -4.62 4.99
N ILE B 18 7.69 -3.52 4.91
CA ILE B 18 7.18 -2.36 4.10
C ILE B 18 7.28 -2.70 2.61
N THR B 19 8.25 -3.50 2.24
CA THR B 19 8.41 -3.87 0.81
C THR B 19 7.29 -4.84 0.40
N MET B 20 6.93 -5.75 1.26
CA MET B 20 5.84 -6.71 0.94
C MET B 20 4.49 -5.98 0.97
N VAL B 21 4.32 -5.07 1.89
CA VAL B 21 3.04 -4.31 1.97
C VAL B 21 2.98 -3.32 0.81
N GLU B 22 4.10 -2.77 0.43
CA GLU B 22 4.13 -1.79 -0.70
C GLU B 22 3.72 -2.51 -1.99
N GLN B 23 4.07 -3.77 -2.12
CA GLN B 23 3.70 -4.53 -3.35
C GLN B 23 2.17 -4.72 -3.40
N GLN B 24 1.53 -4.72 -2.27
CA GLN B 24 0.04 -4.89 -2.25
C GLN B 24 -0.66 -3.60 -2.69
N ILE B 25 -0.01 -2.47 -2.51
CA ILE B 25 -0.65 -1.18 -2.93
C ILE B 25 -0.48 -0.99 -4.43
N SER B 26 0.63 -1.42 -4.97
CA SER B 26 0.87 -1.28 -6.44
C SER B 26 0.06 -2.33 -7.20
N LYS B 27 -0.18 -3.45 -6.57
CA LYS B 27 -0.97 -4.53 -7.25
C LYS B 27 -2.46 -4.17 -7.21
N LEU B 28 -2.90 -3.50 -6.18
CA LEU B 28 -4.33 -3.11 -6.09
C LEU B 28 -4.61 -1.95 -7.04
N LYS B 29 -3.63 -1.12 -7.28
CA LYS B 29 -3.83 0.03 -8.22
C LYS B 29 -3.95 -0.48 -9.65
N LYS B 30 -3.23 -1.52 -9.98
CA LYS B 30 -3.31 -2.08 -11.36
C LYS B 30 -4.66 -2.78 -11.57
N LYS B 31 -5.20 -3.33 -10.52
CA LYS B 31 -6.53 -4.02 -10.64
C LYS B 31 -7.62 -2.98 -10.91
N GLN B 32 -7.45 -1.79 -10.40
CA GLN B 32 -8.46 -0.72 -10.63
C GLN B 32 -8.49 -0.34 -12.11
N GLN B 33 -7.36 -0.44 -12.77
CA GLN B 33 -7.30 -0.10 -14.22
C GLN B 33 -8.21 -1.03 -15.02
N GLN B 34 -8.22 -2.28 -14.67
CA GLN B 34 -9.10 -3.25 -15.41
C GLN B 34 -10.56 -2.87 -15.22
N LEU B 35 -10.94 -2.44 -14.04
CA LEU B 35 -12.35 -2.03 -13.79
C LEU B 35 -12.61 -0.69 -14.46
N GLU B 36 -11.62 0.17 -14.52
CA GLU B 36 -11.81 1.50 -15.16
C GLU B 36 -11.79 1.34 -16.69
N GLU B 37 -11.07 0.36 -17.18
CA GLU B 37 -11.01 0.14 -18.65
C GLU B 37 -12.29 -0.55 -19.13
N GLU B 38 -12.90 -1.34 -18.28
CA GLU B 38 -14.15 -2.05 -18.68
C GLU B 38 -15.34 -1.07 -18.63
N ALA B 39 -15.27 -0.08 -17.78
CA ALA B 39 -16.39 0.91 -17.68
C ALA B 39 -16.29 1.94 -18.82
N ALA B 40 -15.10 2.17 -19.33
CA ALA B 40 -14.94 3.15 -20.44
C ALA B 40 -15.11 2.46 -21.79
N LYS B 41 -14.82 1.19 -21.86
CA LYS B 41 -14.96 0.45 -23.15
C LYS B 41 -16.45 0.23 -23.47
N PRO B 42 -16.77 0.21 -24.75
CA PRO B 42 -18.19 -0.01 -25.15
C PRO B 42 -18.60 -1.46 -24.91
N LYS A 1 -26.42 -1.42 -19.73
CA LYS A 1 -25.33 -1.22 -20.74
C LYS A 1 -24.94 0.27 -20.81
N LYS A 2 -24.15 0.72 -19.87
CA LYS A 2 -23.73 2.15 -19.88
C LYS A 2 -22.30 2.29 -19.36
N GLU A 3 -21.69 3.43 -19.57
CA GLU A 3 -20.28 3.63 -19.11
C GLU A 3 -20.27 4.28 -17.72
N MET A 4 -21.29 5.04 -17.40
CA MET A 4 -21.34 5.70 -16.06
C MET A 4 -21.67 4.68 -14.96
N GLU A 5 -22.38 3.64 -15.31
CA GLU A 5 -22.74 2.59 -14.30
C GLU A 5 -21.49 1.88 -13.82
N GLU A 6 -20.53 1.70 -14.69
CA GLU A 6 -19.27 1.00 -14.29
C GLU A 6 -18.49 1.86 -13.30
N ARG A 7 -18.62 3.16 -13.40
CA ARG A 7 -17.89 4.07 -12.46
C ARG A 7 -18.42 3.88 -11.04
N MET A 8 -19.68 3.52 -10.90
CA MET A 8 -20.26 3.31 -9.55
C MET A 8 -19.55 2.15 -8.84
N SER A 9 -19.31 1.08 -9.56
CA SER A 9 -18.63 -0.09 -8.95
C SER A 9 -17.17 0.27 -8.63
N LEU A 10 -16.59 1.15 -9.41
CA LEU A 10 -15.18 1.56 -9.16
C LEU A 10 -15.10 2.38 -7.86
N GLU A 11 -16.15 3.06 -7.53
CA GLU A 11 -16.15 3.89 -6.27
C GLU A 11 -16.03 2.96 -5.05
N GLU A 12 -16.58 1.78 -5.14
CA GLU A 12 -16.50 0.83 -3.98
C GLU A 12 -15.10 0.23 -3.91
N THR A 13 -14.51 -0.03 -5.05
CA THR A 13 -13.13 -0.62 -5.07
C THR A 13 -12.12 0.45 -4.66
N LYS A 14 -12.41 1.70 -4.97
CA LYS A 14 -11.47 2.80 -4.59
C LYS A 14 -11.49 3.00 -3.07
N GLU A 15 -12.58 2.68 -2.43
CA GLU A 15 -12.65 2.85 -0.95
C GLU A 15 -11.70 1.87 -0.26
N GLN A 16 -11.59 0.68 -0.78
CA GLN A 16 -10.67 -0.32 -0.17
C GLN A 16 -9.22 0.07 -0.44
N ILE A 17 -8.96 0.53 -1.64
CA ILE A 17 -7.57 0.95 -2.00
C ILE A 17 -7.19 2.20 -1.22
N LEU A 18 -8.17 3.00 -0.83
CA LEU A 18 -7.88 4.24 -0.06
C LEU A 18 -7.38 3.87 1.34
N LYS A 19 -7.95 2.84 1.92
CA LYS A 19 -7.50 2.41 3.29
C LYS A 19 -6.07 1.86 3.23
N LEU A 20 -5.72 1.25 2.13
CA LEU A 20 -4.34 0.69 2.00
C LEU A 20 -3.31 1.82 1.94
N GLU A 21 -3.71 2.96 1.41
CA GLU A 21 -2.76 4.11 1.32
C GLU A 21 -2.48 4.68 2.72
N GLU A 22 -3.45 4.58 3.60
CA GLU A 22 -3.24 5.10 4.99
C GLU A 22 -2.42 4.10 5.80
N LYS A 23 -2.56 2.83 5.50
CA LYS A 23 -1.77 1.80 6.23
C LYS A 23 -0.32 1.82 5.77
N LEU A 24 -0.08 2.20 4.54
CA LEU A 24 1.32 2.25 4.01
C LEU A 24 2.06 3.42 4.64
N LEU A 25 1.36 4.51 4.89
CA LEU A 25 2.03 5.70 5.51
C LEU A 25 2.25 5.43 7.00
N ALA A 26 1.34 4.75 7.62
CA ALA A 26 1.50 4.43 9.08
C ALA A 26 2.64 3.43 9.25
N LEU A 27 2.89 2.63 8.26
CA LEU A 27 4.00 1.63 8.34
C LEU A 27 5.35 2.35 8.35
N GLN A 28 5.55 3.27 7.44
CA GLN A 28 6.85 4.02 7.40
C GLN A 28 7.05 4.82 8.68
N GLU A 29 5.97 5.19 9.35
CA GLU A 29 6.09 5.97 10.61
C GLU A 29 6.60 5.08 11.73
N GLU A 30 6.29 3.81 11.69
CA GLU A 30 6.77 2.88 12.75
C GLU A 30 8.25 2.56 12.53
N LYS A 31 8.62 2.24 11.32
CA LYS A 31 10.06 1.94 11.04
C LYS A 31 10.87 3.23 11.24
N HIS A 32 10.23 4.37 11.12
CA HIS A 32 10.96 5.66 11.33
C HIS A 32 11.49 5.69 12.78
N GLN A 33 10.84 5.00 13.68
CA GLN A 33 11.31 4.98 15.10
C GLN A 33 12.76 4.44 15.16
N LEU A 34 13.06 3.46 14.35
CA LEU A 34 14.45 2.90 14.35
C LEU A 34 15.40 3.94 13.78
N PHE A 35 14.94 4.72 12.83
CA PHE A 35 15.81 5.78 12.23
C PHE A 35 16.22 6.79 13.30
N LEU A 36 15.39 6.99 14.30
CA LEU A 36 15.73 7.95 15.39
C LEU A 36 16.87 7.39 16.24
N GLN A 37 16.98 6.08 16.32
CA GLN A 37 18.07 5.46 17.14
C GLN A 37 19.29 5.13 16.27
N LEU A 38 19.19 5.27 14.96
CA LEU A 38 20.35 4.95 14.06
C LEU A 38 21.58 5.78 14.48
N GLY B 1 24.49 4.51 16.49
CA GLY B 1 23.51 3.98 17.49
C GLY B 1 24.23 3.02 18.45
N LEU B 2 23.58 1.95 18.80
CA LEU B 2 24.19 0.95 19.74
C LEU B 2 25.60 0.52 19.26
N SER B 3 25.76 0.21 18.00
CA SER B 3 27.10 -0.21 17.49
C SER B 3 27.25 0.10 16.00
N LYS B 4 26.41 0.94 15.45
CA LYS B 4 26.50 1.28 14.00
C LYS B 4 26.61 0.02 13.13
N GLU B 5 26.09 -1.08 13.62
CA GLU B 5 26.15 -2.35 12.84
C GLU B 5 24.97 -3.24 13.21
N GLU B 6 24.70 -3.39 14.49
CA GLU B 6 23.54 -4.24 14.90
C GLU B 6 22.24 -3.48 14.65
N LEU B 7 22.28 -2.18 14.77
CA LEU B 7 21.06 -1.37 14.51
C LEU B 7 20.86 -1.21 13.00
N ILE B 8 21.93 -1.26 12.25
CA ILE B 8 21.82 -1.13 10.76
C ILE B 8 21.20 -2.40 10.18
N GLN B 9 21.47 -3.53 10.81
CA GLN B 9 20.89 -4.80 10.31
C GLN B 9 19.38 -4.81 10.53
N ASN B 10 18.92 -4.17 11.58
CA ASN B 10 17.46 -4.12 11.85
C ASN B 10 16.76 -3.37 10.72
N MET B 11 17.30 -2.25 10.33
CA MET B 11 16.69 -1.44 9.22
C MET B 11 16.46 -2.31 7.98
N ASP B 12 17.31 -3.28 7.77
CA ASP B 12 17.15 -4.16 6.57
C ASP B 12 15.92 -5.04 6.75
N ARG B 13 15.83 -5.74 7.85
CA ARG B 13 14.63 -6.60 8.10
C ARG B 13 13.39 -5.73 8.28
N VAL B 14 13.56 -4.53 8.77
CA VAL B 14 12.40 -3.63 8.98
C VAL B 14 11.96 -3.02 7.64
N ASP B 15 12.90 -2.81 6.74
CA ASP B 15 12.54 -2.23 5.41
C ASP B 15 11.87 -3.30 4.55
N ARG B 16 12.24 -4.53 4.74
CA ARG B 16 11.62 -5.64 3.95
C ARG B 16 10.16 -5.82 4.38
N GLU B 17 9.83 -5.45 5.59
CA GLU B 17 8.42 -5.60 6.07
C GLU B 17 7.50 -4.64 5.33
N ILE B 18 7.92 -3.43 5.13
CA ILE B 18 7.06 -2.45 4.39
C ILE B 18 6.91 -2.90 2.94
N THR B 19 7.90 -3.58 2.41
CA THR B 19 7.82 -4.06 0.99
C THR B 19 6.66 -5.05 0.86
N MET B 20 6.38 -5.80 1.89
CA MET B 20 5.26 -6.78 1.83
C MET B 20 3.93 -6.04 1.76
N VAL B 21 3.70 -5.12 2.66
CA VAL B 21 2.42 -4.35 2.64
C VAL B 21 2.39 -3.43 1.41
N GLU B 22 3.53 -2.98 0.98
CA GLU B 22 3.58 -2.09 -0.23
C GLU B 22 3.38 -2.93 -1.49
N GLN B 23 3.76 -4.18 -1.45
CA GLN B 23 3.60 -5.06 -2.65
C GLN B 23 2.13 -5.45 -2.81
N GLN B 24 1.39 -5.48 -1.74
CA GLN B 24 -0.06 -5.86 -1.83
C GLN B 24 -0.86 -4.69 -2.41
N ILE B 25 -0.46 -3.47 -2.14
CA ILE B 25 -1.19 -2.30 -2.68
C ILE B 25 -0.90 -2.16 -4.17
N SER B 26 0.28 -2.56 -4.59
CA SER B 26 0.63 -2.46 -6.04
C SER B 26 -0.22 -3.45 -6.84
N LYS B 27 -0.56 -4.56 -6.24
CA LYS B 27 -1.40 -5.56 -6.95
C LYS B 27 -2.86 -5.10 -6.95
N LEU B 28 -3.28 -4.44 -5.91
CA LEU B 28 -4.69 -3.94 -5.86
C LEU B 28 -4.84 -2.75 -6.83
N LYS B 29 -3.79 -1.99 -7.01
CA LYS B 29 -3.85 -0.83 -7.95
C LYS B 29 -4.03 -1.34 -9.37
N LYS B 30 -3.34 -2.41 -9.73
CA LYS B 30 -3.48 -2.97 -11.10
C LYS B 30 -4.89 -3.55 -11.27
N LYS B 31 -5.48 -4.02 -10.20
CA LYS B 31 -6.86 -4.58 -10.27
C LYS B 31 -7.83 -3.47 -10.68
N GLN B 32 -7.61 -2.28 -10.20
CA GLN B 32 -8.50 -1.14 -10.58
C GLN B 32 -8.43 -0.89 -12.09
N GLN B 33 -7.28 -1.16 -12.67
CA GLN B 33 -7.12 -0.95 -14.14
C GLN B 33 -8.11 -1.83 -14.91
N GLN B 34 -8.32 -3.03 -14.44
CA GLN B 34 -9.27 -3.96 -15.12
C GLN B 34 -10.68 -3.36 -15.10
N LEU B 35 -11.06 -2.75 -14.01
CA LEU B 35 -12.41 -2.13 -13.93
C LEU B 35 -12.46 -0.86 -14.77
N GLU B 36 -11.35 -0.18 -14.90
CA GLU B 36 -11.31 1.06 -15.72
C GLU B 36 -11.28 0.70 -17.21
N GLU B 37 -10.69 -0.42 -17.54
CA GLU B 37 -10.63 -0.85 -18.97
C GLU B 37 -11.99 -1.37 -19.42
N GLU B 38 -12.76 -1.91 -18.52
CA GLU B 38 -14.11 -2.43 -18.89
C GLU B 38 -15.10 -1.28 -19.08
N ALA B 39 -14.87 -0.18 -18.41
CA ALA B 39 -15.79 0.99 -18.56
C ALA B 39 -15.50 1.74 -19.86
N ALA B 40 -14.29 1.67 -20.33
CA ALA B 40 -13.92 2.37 -21.61
C ALA B 40 -14.13 1.43 -22.80
N LYS B 41 -14.01 0.15 -22.59
CA LYS B 41 -14.18 -0.83 -23.71
C LYS B 41 -15.68 -0.94 -24.07
N PRO B 42 -15.96 -1.24 -25.32
CA PRO B 42 -17.37 -1.38 -25.77
C PRO B 42 -17.97 -2.68 -25.22
N LYS A 1 -28.62 4.58 -18.13
CA LYS A 1 -28.76 3.10 -18.22
C LYS A 1 -27.38 2.45 -18.33
N LYS A 2 -26.54 2.97 -19.19
CA LYS A 2 -25.17 2.39 -19.37
C LYS A 2 -24.11 3.48 -19.21
N GLU A 3 -22.85 3.12 -19.31
CA GLU A 3 -21.75 4.13 -19.17
C GLU A 3 -21.90 4.92 -17.87
N MET A 4 -22.49 4.34 -16.86
CA MET A 4 -22.68 5.06 -15.57
C MET A 4 -22.61 4.07 -14.39
N GLU A 5 -23.30 2.96 -14.52
CA GLU A 5 -23.29 1.94 -13.42
C GLU A 5 -21.87 1.41 -13.20
N GLU A 6 -21.05 1.43 -14.22
CA GLU A 6 -19.66 0.92 -14.07
C GLU A 6 -18.82 1.90 -13.26
N ARG A 7 -19.16 3.16 -13.30
CA ARG A 7 -18.38 4.19 -12.53
C ARG A 7 -18.71 4.07 -11.04
N MET A 8 -19.90 3.64 -10.72
CA MET A 8 -20.29 3.52 -9.28
C MET A 8 -19.59 2.31 -8.65
N SER A 9 -19.32 1.29 -9.44
CA SER A 9 -18.62 0.09 -8.90
C SER A 9 -17.17 0.42 -8.57
N LEU A 10 -16.60 1.37 -9.27
CA LEU A 10 -15.18 1.75 -8.99
C LEU A 10 -15.08 2.42 -7.62
N GLU A 11 -16.13 3.05 -7.17
CA GLU A 11 -16.10 3.72 -5.84
C GLU A 11 -15.98 2.67 -4.73
N GLU A 12 -16.50 1.49 -4.96
CA GLU A 12 -16.41 0.42 -3.92
C GLU A 12 -14.98 -0.11 -3.83
N THR A 13 -14.36 -0.35 -4.96
CA THR A 13 -12.96 -0.85 -4.95
C THR A 13 -12.04 0.22 -4.36
N LYS A 14 -12.37 1.48 -4.54
CA LYS A 14 -11.52 2.57 -3.98
C LYS A 14 -11.55 2.52 -2.46
N GLU A 15 -12.62 2.04 -1.88
CA GLU A 15 -12.71 1.97 -0.39
C GLU A 15 -11.66 1.00 0.15
N GLN A 16 -11.52 -0.15 -0.47
CA GLN A 16 -10.51 -1.13 0.00
C GLN A 16 -9.10 -0.62 -0.30
N ILE A 17 -8.93 0.00 -1.44
CA ILE A 17 -7.58 0.54 -1.81
C ILE A 17 -7.27 1.75 -0.93
N LEU A 18 -8.28 2.44 -0.45
CA LEU A 18 -8.04 3.63 0.41
C LEU A 18 -7.53 3.19 1.79
N LYS A 19 -8.00 2.06 2.28
CA LYS A 19 -7.54 1.58 3.61
C LYS A 19 -6.07 1.19 3.55
N LEU A 20 -5.64 0.64 2.44
CA LEU A 20 -4.20 0.24 2.30
C LEU A 20 -3.31 1.49 2.34
N GLU A 21 -3.83 2.61 1.91
CA GLU A 21 -3.02 3.86 1.90
C GLU A 21 -2.69 4.28 3.34
N GLU A 22 -3.63 4.11 4.24
CA GLU A 22 -3.39 4.49 5.66
C GLU A 22 -2.49 3.45 6.33
N LYS A 23 -2.57 2.22 5.89
CA LYS A 23 -1.72 1.14 6.48
C LYS A 23 -0.30 1.25 5.91
N LEU A 24 -0.18 1.71 4.69
CA LEU A 24 1.17 1.84 4.07
C LEU A 24 1.86 3.09 4.59
N LEU A 25 1.09 4.10 4.92
CA LEU A 25 1.69 5.37 5.44
C LEU A 25 2.08 5.17 6.91
N ALA A 26 1.37 4.34 7.62
CA ALA A 26 1.70 4.08 9.06
C ALA A 26 2.93 3.20 9.16
N LEU A 27 3.16 2.36 8.18
CA LEU A 27 4.37 1.47 8.23
C LEU A 27 5.62 2.27 7.87
N GLN A 28 5.51 3.21 6.97
CA GLN A 28 6.69 4.03 6.58
C GLN A 28 7.01 5.04 7.68
N GLU A 29 6.02 5.44 8.45
CA GLU A 29 6.26 6.42 9.54
C GLU A 29 6.92 5.71 10.73
N GLU A 30 6.67 4.43 10.88
CA GLU A 30 7.29 3.68 12.01
C GLU A 30 8.77 3.44 11.72
N LYS A 31 9.11 3.08 10.50
CA LYS A 31 10.53 2.84 10.17
C LYS A 31 11.32 4.15 10.28
N HIS A 32 10.65 5.26 10.10
CA HIS A 32 11.35 6.58 10.20
C HIS A 32 11.86 6.77 11.63
N GLN A 33 11.20 6.20 12.60
CA GLN A 33 11.65 6.34 14.01
C GLN A 33 13.02 5.67 14.19
N LEU A 34 13.26 4.59 13.49
CA LEU A 34 14.59 3.91 13.61
C LEU A 34 15.69 4.81 13.05
N PHE A 35 15.37 5.59 12.05
CA PHE A 35 16.40 6.51 11.45
C PHE A 35 16.86 7.53 12.50
N LEU A 36 16.01 7.86 13.43
CA LEU A 36 16.39 8.85 14.48
C LEU A 36 17.31 8.19 15.51
N GLN A 37 17.17 6.91 15.70
CA GLN A 37 18.04 6.19 16.69
C GLN A 37 19.33 5.72 16.02
N LEU A 38 19.29 5.50 14.73
CA LEU A 38 20.53 5.04 14.01
C LEU A 38 21.64 6.08 14.16
N GLY B 1 22.67 5.32 18.26
CA GLY B 1 22.33 3.89 17.95
C GLY B 1 22.71 3.00 19.13
N LEU B 2 23.22 1.83 18.85
CA LEU B 2 23.61 0.90 19.96
C LEU B 2 24.92 0.17 19.60
N SER B 3 25.05 -0.30 18.38
CA SER B 3 26.30 -1.02 17.99
C SER B 3 26.54 -0.90 16.48
N LYS B 4 25.91 0.04 15.82
CA LYS B 4 26.11 0.22 14.34
C LYS B 4 25.95 -1.11 13.60
N GLU B 5 25.19 -2.02 14.16
CA GLU B 5 24.99 -3.34 13.49
C GLU B 5 23.65 -3.95 13.93
N GLU B 6 23.37 -3.92 15.20
CA GLU B 6 22.07 -4.51 15.68
C GLU B 6 20.93 -3.57 15.32
N LEU B 7 21.20 -2.29 15.27
CA LEU B 7 20.14 -1.31 14.91
C LEU B 7 19.94 -1.29 13.39
N ILE B 8 21.00 -1.58 12.65
CA ILE B 8 20.89 -1.60 11.16
C ILE B 8 20.20 -2.91 10.74
N GLN B 9 20.46 -3.97 11.47
CA GLN B 9 19.81 -5.27 11.13
C GLN B 9 18.30 -5.14 11.35
N ASN B 10 17.91 -4.36 12.33
CA ASN B 10 16.46 -4.16 12.59
C ASN B 10 15.88 -3.22 11.54
N MET B 11 16.64 -2.25 11.12
CA MET B 11 16.16 -1.30 10.07
C MET B 11 16.00 -2.03 8.74
N ASP B 12 16.82 -3.03 8.50
CA ASP B 12 16.73 -3.80 7.22
C ASP B 12 15.52 -4.72 7.26
N ARG B 13 15.22 -5.25 8.42
CA ARG B 13 14.03 -6.15 8.55
C ARG B 13 12.74 -5.35 8.37
N VAL B 14 12.77 -4.10 8.73
CA VAL B 14 11.54 -3.24 8.58
C VAL B 14 11.23 -3.05 7.09
N ASP B 15 12.24 -3.02 6.27
CA ASP B 15 12.01 -2.84 4.81
C ASP B 15 11.27 -4.04 4.24
N ARG B 16 11.66 -5.22 4.64
CA ARG B 16 10.97 -6.46 4.13
C ARG B 16 9.51 -6.45 4.55
N GLU B 17 9.22 -5.91 5.71
CA GLU B 17 7.81 -5.87 6.20
C GLU B 17 7.01 -4.86 5.37
N ILE B 18 7.56 -3.69 5.17
CA ILE B 18 6.85 -2.65 4.36
C ILE B 18 6.80 -3.09 2.89
N THR B 19 7.78 -3.85 2.46
CA THR B 19 7.79 -4.33 1.04
C THR B 19 6.68 -5.37 0.85
N MET B 20 6.38 -6.13 1.88
CA MET B 20 5.31 -7.15 1.76
C MET B 20 3.95 -6.47 1.67
N VAL B 21 3.69 -5.53 2.55
CA VAL B 21 2.39 -4.81 2.52
C VAL B 21 2.34 -3.89 1.29
N GLU B 22 3.48 -3.40 0.88
CA GLU B 22 3.52 -2.51 -0.32
C GLU B 22 3.32 -3.35 -1.59
N GLN B 23 3.74 -4.59 -1.56
CA GLN B 23 3.58 -5.47 -2.75
C GLN B 23 2.10 -5.82 -2.95
N GLN B 24 1.35 -5.88 -1.87
CA GLN B 24 -0.09 -6.20 -1.98
C GLN B 24 -0.85 -5.00 -2.56
N ILE B 25 -0.45 -3.81 -2.18
CA ILE B 25 -1.13 -2.59 -2.71
C ILE B 25 -0.80 -2.42 -4.20
N SER B 26 0.37 -2.86 -4.61
CA SER B 26 0.76 -2.74 -6.03
C SER B 26 -0.12 -3.66 -6.89
N LYS B 27 -0.37 -4.86 -6.41
CA LYS B 27 -1.24 -5.81 -7.17
C LYS B 27 -2.69 -5.31 -7.15
N LEU B 28 -3.10 -4.74 -6.05
CA LEU B 28 -4.50 -4.23 -5.96
C LEU B 28 -4.65 -2.98 -6.84
N LYS B 29 -3.59 -2.22 -7.00
CA LYS B 29 -3.65 -1.01 -7.86
C LYS B 29 -3.79 -1.42 -9.33
N LYS B 30 -3.08 -2.44 -9.73
CA LYS B 30 -3.18 -2.90 -11.16
C LYS B 30 -4.60 -3.39 -11.43
N LYS B 31 -5.25 -3.93 -10.44
CA LYS B 31 -6.66 -4.42 -10.62
C LYS B 31 -7.56 -3.22 -10.97
N GLN B 32 -7.31 -2.09 -10.37
CA GLN B 32 -8.13 -0.88 -10.67
C GLN B 32 -7.98 -0.50 -12.14
N GLN B 33 -6.84 -0.79 -12.72
CA GLN B 33 -6.62 -0.45 -14.15
C GLN B 33 -7.63 -1.21 -15.03
N GLN B 34 -7.84 -2.46 -14.74
CA GLN B 34 -8.82 -3.27 -15.54
C GLN B 34 -10.21 -2.68 -15.39
N LEU B 35 -10.60 -2.35 -14.19
CA LEU B 35 -11.96 -1.76 -13.96
C LEU B 35 -12.00 -0.34 -14.50
N GLU B 36 -10.90 0.36 -14.46
CA GLU B 36 -10.85 1.75 -14.98
C GLU B 36 -10.78 1.73 -16.52
N GLU B 37 -10.18 0.72 -17.08
CA GLU B 37 -10.08 0.63 -18.57
C GLU B 37 -11.41 0.15 -19.14
N GLU B 38 -12.17 -0.62 -18.40
CA GLU B 38 -13.49 -1.10 -18.90
C GLU B 38 -14.53 0.01 -18.80
N ALA B 39 -14.36 0.91 -17.85
CA ALA B 39 -15.33 2.03 -17.70
C ALA B 39 -15.07 3.12 -18.73
N ALA B 40 -13.86 3.21 -19.22
CA ALA B 40 -13.53 4.25 -20.23
C ALA B 40 -13.85 3.74 -21.64
N LYS B 41 -13.79 2.45 -21.83
CA LYS B 41 -14.10 1.88 -23.18
C LYS B 41 -15.58 2.11 -23.53
N PRO B 42 -15.88 2.11 -24.82
CA PRO B 42 -17.28 2.33 -25.25
C PRO B 42 -18.13 1.09 -24.96
#